data_3W9T
#
_entry.id   3W9T
#
_cell.length_a   219.800
_cell.length_b   228.650
_cell.length_c   133.020
_cell.angle_alpha   90.00
_cell.angle_beta   127.13
_cell.angle_gamma   90.00
#
_symmetry.space_group_name_H-M   'C 1 2 1'
#
loop_
_entity.id
_entity.type
_entity.pdbx_description
1 polymer 'Hemolytic lectin CEL-III'
2 branched beta-D-galactopyranose-(1-4)-beta-D-fructofuranose
3 non-polymer 'CALCIUM ION'
4 non-polymer 'MAGNESIUM ION'
5 water water
#
_entity_poly.entity_id   1
_entity_poly.type   'polypeptide(L)'
_entity_poly.pdbx_seq_one_letter_code
;(PCA)VLCTNPLDIGELRSFKSKQCVDIVGNQGSGNIATYDCDGLSDQQIIICGDGTIRNEARNYCFTPDGSGNANVMSS
PCTLYPEIPSSQRWRQGRRKTFTDNGGIEQVATEIINLASGKCLDIEGSDGTGDIGVYDCQNLDDQYFYVRSRGPELFYG
RLRNEKSDLCLDVEGSDGKGNVLMYSCEDNLDQWFRYYENGEIVNAKSGMCLDVEGSDGSGNVGIYRCDDLRDQMWSRPN
AYCNGDYCSFLNKESNKCLDVSGDQGTGDVGTWQCDGLPDQRFKWVFDDWEVPTATWNMVGCDQNGKVSQQISNTISFSS
TVTAGVAVEVSSTIEKGVIFAKATVSVKVTASLSKAWTNSQSGTTAITYTCDNYDSDEEFTRGCMWQLAIETTEVKSGDL
LVWNPQIVKCTRSNTAPGCAPFTKCANEDCTFCTDI
;
_entity_poly.pdbx_strand_id   A,C,G,B,F,E,D
#
# COMPACT_ATOMS: atom_id res chain seq x y z
N VAL A 2 5.61 1.37 62.50
CA VAL A 2 4.71 2.20 63.29
C VAL A 2 3.38 1.51 63.44
N LEU A 3 3.05 0.68 62.45
CA LEU A 3 1.81 -0.04 62.44
C LEU A 3 1.84 -1.16 63.47
N CYS A 4 0.66 -1.73 63.73
CA CYS A 4 0.58 -2.94 64.50
C CYS A 4 0.83 -4.07 63.52
N THR A 5 2.08 -4.52 63.42
CA THR A 5 2.42 -5.54 62.44
C THR A 5 2.18 -6.95 62.96
N ASN A 6 1.86 -7.03 64.25
CA ASN A 6 1.52 -8.30 64.86
C ASN A 6 0.28 -8.21 65.71
N PRO A 7 -0.90 -8.25 65.07
CA PRO A 7 -2.15 -8.17 65.79
C PRO A 7 -2.56 -9.53 66.39
N LEU A 8 -3.05 -9.52 67.63
CA LEU A 8 -3.63 -10.73 68.22
C LEU A 8 -5.00 -10.95 67.63
N ASP A 9 -5.77 -9.87 67.57
CA ASP A 9 -7.16 -9.95 67.15
C ASP A 9 -7.62 -8.66 66.50
N ILE A 10 -8.47 -8.77 65.49
CA ILE A 10 -9.07 -7.62 64.83
C ILE A 10 -10.56 -7.83 64.65
N GLY A 11 -11.36 -6.84 65.05
CA GLY A 11 -12.79 -6.88 64.84
C GLY A 11 -13.48 -5.80 65.65
N GLU A 12 -14.80 -5.96 65.77
CA GLU A 12 -15.58 -5.04 66.57
C GLU A 12 -15.40 -5.41 68.03
N LEU A 13 -15.12 -4.42 68.85
CA LEU A 13 -15.02 -4.66 70.29
C LEU A 13 -16.35 -4.34 70.94
N ARG A 14 -17.09 -5.37 71.31
CA ARG A 14 -18.41 -5.16 71.90
C ARG A 14 -18.41 -5.31 73.42
N SER A 15 -19.33 -4.62 74.06
CA SER A 15 -19.54 -4.73 75.51
C SER A 15 -20.35 -5.97 75.81
N PHE A 16 -19.90 -6.72 76.80
CA PHE A 16 -20.62 -7.92 77.24
C PHE A 16 -22.04 -7.60 77.73
N LYS A 17 -22.22 -6.46 78.40
CA LYS A 17 -23.53 -6.05 78.89
C LYS A 17 -24.49 -5.67 77.76
N SER A 18 -24.11 -4.69 76.94
CA SER A 18 -25.02 -4.06 75.98
C SER A 18 -24.93 -4.61 74.57
N LYS A 19 -23.92 -5.44 74.30
CA LYS A 19 -23.63 -5.93 72.93
C LYS A 19 -23.39 -4.80 71.90
N GLN A 20 -23.04 -3.62 72.42
CA GLN A 20 -22.78 -2.42 71.62
C GLN A 20 -21.29 -2.25 71.31
N CYS A 21 -21.01 -1.65 70.16
CA CYS A 21 -19.64 -1.39 69.73
C CYS A 21 -18.95 -0.31 70.54
N VAL A 22 -17.70 -0.56 70.91
CA VAL A 22 -16.79 0.46 71.39
C VAL A 22 -16.47 1.29 70.13
N ASP A 23 -16.67 2.59 70.24
CA ASP A 23 -16.64 3.48 69.07
C ASP A 23 -15.83 4.74 69.33
N ILE A 24 -15.23 5.22 68.25
CA ILE A 24 -14.61 6.52 68.21
C ILE A 24 -15.56 7.50 67.49
N VAL A 25 -15.75 8.66 68.10
CA VAL A 25 -16.54 9.74 67.50
C VAL A 25 -16.06 10.00 66.07
N GLY A 26 -17.00 10.18 65.17
CA GLY A 26 -16.68 10.43 63.76
C GLY A 26 -16.32 9.13 63.07
N ASN A 27 -15.58 9.24 61.97
CA ASN A 27 -15.16 8.06 61.25
C ASN A 27 -13.67 8.10 60.94
N GLN A 28 -13.00 9.10 61.49
CA GLN A 28 -11.58 9.34 61.29
C GLN A 28 -10.74 8.38 62.12
N GLY A 29 -11.29 7.93 63.25
CA GLY A 29 -10.55 7.04 64.14
C GLY A 29 -9.72 7.78 65.17
N SER A 30 -9.98 9.08 65.30
CA SER A 30 -9.39 9.90 66.37
C SER A 30 -10.51 10.65 67.09
N GLY A 31 -10.39 10.77 68.41
CA GLY A 31 -11.40 11.45 69.20
C GLY A 31 -11.79 10.65 70.41
N ASN A 32 -12.91 11.01 71.02
CA ASN A 32 -13.38 10.34 72.24
C ASN A 32 -13.88 8.92 72.00
N ILE A 33 -13.66 8.05 72.99
CA ILE A 33 -14.07 6.65 72.90
C ILE A 33 -15.31 6.41 73.76
N ALA A 34 -16.35 5.86 73.14
CA ALA A 34 -17.63 5.66 73.81
C ALA A 34 -18.40 4.62 73.03
N THR A 35 -19.39 3.99 73.66
CA THR A 35 -20.19 3.00 72.95
C THR A 35 -21.09 3.67 71.92
N TYR A 36 -21.50 2.90 70.90
CA TYR A 36 -22.40 3.38 69.85
C TYR A 36 -22.91 2.20 69.00
N ASP A 37 -23.99 2.44 68.25
CA ASP A 37 -24.49 1.47 67.28
C ASP A 37 -23.34 0.96 66.41
N CYS A 38 -23.35 -0.32 66.08
CA CYS A 38 -22.33 -0.87 65.20
C CYS A 38 -22.58 -0.46 63.75
N ASP A 39 -21.85 0.57 63.28
CA ASP A 39 -22.08 1.13 61.93
C ASP A 39 -21.22 0.57 60.80
N GLY A 40 -20.42 -0.45 61.09
CA GLY A 40 -19.63 -1.14 60.06
C GLY A 40 -18.54 -0.33 59.35
N LEU A 41 -18.22 0.84 59.88
CA LEU A 41 -17.08 1.62 59.38
C LEU A 41 -15.79 1.18 60.04
N SER A 42 -14.69 1.35 59.29
CA SER A 42 -13.40 0.84 59.70
C SER A 42 -12.89 1.38 61.03
N ASP A 43 -13.44 2.48 61.53
CA ASP A 43 -12.98 2.99 62.83
C ASP A 43 -13.47 2.12 63.96
N GLN A 44 -14.44 1.25 63.67
CA GLN A 44 -14.98 0.32 64.67
C GLN A 44 -14.32 -1.05 64.60
N GLN A 45 -13.47 -1.23 63.58
CA GLN A 45 -12.57 -2.38 63.49
C GLN A 45 -11.38 -2.14 64.41
N ILE A 46 -11.51 -2.65 65.63
CA ILE A 46 -10.52 -2.47 66.67
C ILE A 46 -9.41 -3.50 66.53
N ILE A 47 -8.16 -3.04 66.68
CA ILE A 47 -6.99 -3.92 66.65
C ILE A 47 -6.47 -4.14 68.07
N ILE A 48 -6.59 -5.38 68.53
CA ILE A 48 -5.94 -5.82 69.75
C ILE A 48 -4.55 -6.22 69.35
N CYS A 49 -3.60 -5.34 69.66
CA CYS A 49 -2.24 -5.45 69.16
C CYS A 49 -1.33 -6.30 70.04
N GLY A 50 -0.49 -7.09 69.39
CA GLY A 50 0.51 -7.94 70.05
C GLY A 50 1.41 -7.22 71.03
N ASP A 51 1.70 -5.95 70.75
CA ASP A 51 2.53 -5.16 71.65
C ASP A 51 1.74 -4.63 72.85
N GLY A 52 0.46 -4.97 72.92
CA GLY A 52 -0.40 -4.56 74.04
C GLY A 52 -1.17 -3.26 73.91
N THR A 53 -1.00 -2.56 72.78
CA THR A 53 -1.78 -1.35 72.52
C THR A 53 -3.11 -1.75 71.91
N ILE A 54 -4.09 -0.86 71.99
CA ILE A 54 -5.34 -1.08 71.27
C ILE A 54 -5.49 0.02 70.22
N ARG A 55 -5.71 -0.41 68.98
CA ARG A 55 -5.78 0.50 67.83
C ARG A 55 -7.01 0.22 66.97
N ASN A 56 -7.08 0.84 65.80
CA ASN A 56 -8.24 0.68 64.91
C ASN A 56 -7.89 0.81 63.43
N GLU A 57 -8.73 0.24 62.56
CA GLU A 57 -8.40 0.17 61.14
C GLU A 57 -8.44 1.52 60.41
N ALA A 58 -9.09 2.52 61.00
CA ALA A 58 -9.17 3.83 60.36
C ALA A 58 -7.91 4.70 60.53
N ARG A 59 -7.17 4.50 61.62
CA ARG A 59 -6.07 5.40 61.93
C ARG A 59 -5.12 4.77 62.92
N ASN A 60 -3.82 4.98 62.71
CA ASN A 60 -2.78 4.43 63.59
C ASN A 60 -2.71 5.11 64.95
N TYR A 61 -3.81 5.01 65.70
CA TYR A 61 -3.98 5.70 66.98
C TYR A 61 -4.30 4.74 68.14
N CYS A 62 -3.89 5.15 69.34
CA CYS A 62 -3.94 4.26 70.50
C CYS A 62 -5.05 4.60 71.47
N PHE A 63 -5.65 3.56 72.04
CA PHE A 63 -6.56 3.72 73.18
C PHE A 63 -5.71 4.30 74.29
N THR A 64 -6.02 5.53 74.68
CA THR A 64 -5.21 6.29 75.64
C THR A 64 -6.06 6.88 76.76
N PRO A 65 -5.67 6.60 78.03
CA PRO A 65 -6.34 7.22 79.19
C PRO A 65 -5.95 8.69 79.26
N ASP A 66 -6.95 9.54 79.43
CA ASP A 66 -6.78 10.99 79.35
C ASP A 66 -6.34 11.58 80.69
N GLY A 67 -5.42 10.90 81.38
CA GLY A 67 -4.97 11.29 82.72
C GLY A 67 -4.31 10.16 83.51
N SER A 68 -4.25 10.30 84.82
CA SER A 68 -3.54 9.31 85.66
C SER A 68 -4.42 8.62 86.71
N GLY A 69 -5.57 9.23 87.02
CA GLY A 69 -6.50 8.64 87.96
C GLY A 69 -7.55 7.83 87.21
N ASN A 70 -8.79 8.00 87.64
CA ASN A 70 -9.93 7.46 86.91
C ASN A 70 -10.30 8.44 85.80
N ALA A 71 -9.63 8.32 84.66
CA ALA A 71 -9.80 9.28 83.59
C ALA A 71 -10.56 8.72 82.40
N ASN A 72 -11.02 9.64 81.55
CA ASN A 72 -11.67 9.34 80.28
C ASN A 72 -10.68 8.69 79.31
N VAL A 73 -11.17 7.85 78.40
CA VAL A 73 -10.33 7.19 77.40
C VAL A 73 -10.58 7.75 76.00
N MET A 74 -9.53 8.33 75.41
CA MET A 74 -9.59 8.90 74.08
C MET A 74 -8.75 8.05 73.13
N SER A 75 -8.92 8.28 71.83
CA SER A 75 -8.09 7.66 70.80
C SER A 75 -7.15 8.73 70.25
N SER A 76 -5.88 8.67 70.64
CA SER A 76 -4.91 9.70 70.28
C SER A 76 -3.57 9.08 69.84
N PRO A 77 -2.59 9.92 69.44
CA PRO A 77 -1.31 9.40 68.95
C PRO A 77 -0.67 8.38 69.87
N CYS A 78 -0.12 7.32 69.29
CA CYS A 78 0.64 6.34 70.03
C CYS A 78 2.03 6.89 70.28
N THR A 79 2.44 6.93 71.55
CA THR A 79 3.83 7.19 71.88
C THR A 79 4.61 5.92 71.56
N LEU A 80 5.42 5.95 70.51
CA LEU A 80 6.07 4.72 70.00
C LEU A 80 7.58 4.73 70.19
N TYR A 81 8.09 5.92 70.50
CA TYR A 81 9.51 6.16 70.71
C TYR A 81 9.69 6.97 72.00
N PRO A 82 10.67 6.58 72.85
CA PRO A 82 11.67 5.51 72.66
C PRO A 82 11.07 4.11 72.70
N GLU A 83 9.92 4.00 73.36
CA GLU A 83 9.15 2.77 73.44
C GLU A 83 7.74 3.11 73.90
N ILE A 84 6.80 2.21 73.65
CA ILE A 84 5.42 2.38 74.07
C ILE A 84 5.35 2.39 75.59
N PRO A 85 4.83 3.49 76.20
CA PRO A 85 4.74 3.57 77.65
C PRO A 85 3.68 2.61 78.19
N SER A 86 3.68 2.42 79.51
CA SER A 86 2.75 1.51 80.15
C SER A 86 1.33 2.05 80.16
N SER A 87 1.21 3.38 80.17
CA SER A 87 -0.10 4.03 80.15
C SER A 87 -0.93 3.66 78.91
N GLN A 88 -0.27 3.34 77.80
CA GLN A 88 -0.97 2.95 76.55
C GLN A 88 -1.03 1.44 76.30
N ARG A 89 -0.51 0.66 77.24
CA ARG A 89 -0.55 -0.80 77.16
C ARG A 89 -1.70 -1.35 78.01
N TRP A 90 -2.29 -2.46 77.55
CA TRP A 90 -3.45 -3.09 78.21
C TRP A 90 -3.26 -4.60 78.25
N ARG A 91 -4.02 -5.27 79.13
CA ARG A 91 -4.00 -6.75 79.21
C ARG A 91 -5.36 -7.36 79.52
N GLN A 92 -5.52 -8.65 79.23
CA GLN A 92 -6.71 -9.41 79.63
C GLN A 92 -6.70 -9.68 81.13
N GLY A 93 -7.85 -9.47 81.75
CA GLY A 93 -8.06 -9.86 83.14
C GLY A 93 -8.84 -11.15 83.15
N ARG A 94 -9.84 -11.23 84.00
CA ARG A 94 -10.69 -12.41 84.09
C ARG A 94 -11.57 -12.48 82.86
N ARG A 95 -11.98 -13.70 82.51
CA ARG A 95 -12.68 -13.91 81.26
C ARG A 95 -13.96 -14.71 81.40
N LYS A 96 -15.07 -14.09 80.99
CA LYS A 96 -16.34 -14.78 80.78
C LYS A 96 -16.37 -15.32 79.36
N THR A 97 -16.84 -16.55 79.19
CA THR A 97 -16.86 -17.18 77.87
C THR A 97 -18.26 -17.73 77.54
N PHE A 98 -18.80 -17.32 76.39
CA PHE A 98 -20.19 -17.61 76.04
C PHE A 98 -20.40 -17.92 74.56
N THR A 99 -21.62 -18.34 74.21
CA THR A 99 -21.95 -18.64 72.82
C THR A 99 -23.06 -17.71 72.35
N ASP A 100 -22.81 -16.92 71.30
CA ASP A 100 -23.82 -15.98 70.82
C ASP A 100 -24.85 -16.64 69.91
N ASN A 101 -25.81 -15.85 69.44
CA ASN A 101 -26.88 -16.36 68.58
C ASN A 101 -26.38 -16.87 67.21
N GLY A 102 -25.17 -16.46 66.85
CA GLY A 102 -24.53 -16.95 65.64
C GLY A 102 -24.03 -18.37 65.80
N GLY A 103 -23.95 -18.84 67.04
CA GLY A 103 -23.43 -20.17 67.36
C GLY A 103 -21.92 -20.17 67.44
N ILE A 104 -21.34 -18.98 67.64
CA ILE A 104 -19.89 -18.79 67.66
C ILE A 104 -19.48 -18.50 69.09
N GLU A 105 -18.41 -19.14 69.54
CA GLU A 105 -17.94 -18.96 70.90
C GLU A 105 -17.15 -17.67 71.02
N GLN A 106 -17.58 -16.81 71.92
CA GLN A 106 -16.91 -15.53 72.15
C GLN A 106 -16.27 -15.57 73.53
N VAL A 107 -15.23 -14.76 73.72
CA VAL A 107 -14.58 -14.67 75.00
C VAL A 107 -14.49 -13.22 75.47
N ALA A 108 -15.38 -12.82 76.37
CA ALA A 108 -15.35 -11.50 76.94
C ALA A 108 -14.37 -11.46 78.10
N THR A 109 -13.58 -10.38 78.19
CA THR A 109 -12.64 -10.24 79.30
C THR A 109 -12.55 -8.80 79.80
N GLU A 110 -11.95 -8.62 80.97
CA GLU A 110 -11.62 -7.28 81.46
C GLU A 110 -10.45 -6.79 80.66
N ILE A 111 -10.42 -5.49 80.38
CA ILE A 111 -9.27 -4.93 79.70
C ILE A 111 -8.57 -3.98 80.66
N ILE A 112 -7.45 -4.44 81.22
CA ILE A 112 -6.74 -3.74 82.29
C ILE A 112 -5.56 -2.91 81.79
N ASN A 113 -5.57 -1.62 82.13
CA ASN A 113 -4.44 -0.75 81.87
C ASN A 113 -3.20 -1.18 82.63
N LEU A 114 -2.02 -1.02 82.04
CA LEU A 114 -0.79 -1.52 82.64
C LEU A 114 -0.11 -0.50 83.53
N ALA A 115 -0.46 0.77 83.39
CA ALA A 115 0.13 1.78 84.25
C ALA A 115 -0.69 1.91 85.52
N SER A 116 -1.97 2.23 85.39
CA SER A 116 -2.81 2.42 86.56
C SER A 116 -3.35 1.10 87.16
N GLY A 117 -3.26 0.01 86.40
CA GLY A 117 -3.81 -1.29 86.81
C GLY A 117 -5.32 -1.29 86.86
N LYS A 118 -5.94 -0.28 86.27
CA LYS A 118 -7.39 -0.11 86.24
C LYS A 118 -8.09 -0.80 85.06
N CYS A 119 -9.42 -0.73 85.03
CA CYS A 119 -10.21 -1.48 84.06
C CYS A 119 -10.88 -0.56 83.04
N LEU A 120 -10.92 -0.99 81.77
CA LEU A 120 -11.69 -0.30 80.75
C LEU A 120 -13.15 -0.42 81.16
N ASP A 121 -13.85 0.71 81.08
CA ASP A 121 -15.13 0.86 81.76
C ASP A 121 -16.09 1.82 81.08
N ILE A 122 -17.37 1.48 81.11
CA ILE A 122 -18.44 2.39 80.73
C ILE A 122 -19.19 2.90 81.97
N GLU A 123 -19.68 4.13 81.90
CA GLU A 123 -20.30 4.81 83.04
C GLU A 123 -21.46 4.01 83.67
N GLY A 124 -21.30 3.73 84.96
CA GLY A 124 -22.31 3.02 85.72
C GLY A 124 -22.28 1.55 85.42
N SER A 125 -23.48 0.97 85.28
CA SER A 125 -23.62 -0.45 84.96
C SER A 125 -24.33 -0.71 83.62
N ASP A 126 -23.78 -0.05 82.60
CA ASP A 126 -24.27 0.07 81.25
C ASP A 126 -25.34 1.11 81.09
N GLY A 127 -24.87 2.35 81.21
CA GLY A 127 -25.38 3.55 80.61
C GLY A 127 -26.06 3.37 79.27
N THR A 128 -25.34 3.31 78.14
CA THR A 128 -23.88 3.04 77.98
C THR A 128 -23.00 4.30 78.21
N GLY A 129 -22.41 4.87 77.15
CA GLY A 129 -21.69 6.14 77.18
C GLY A 129 -20.19 6.08 77.28
N ASP A 130 -19.66 6.80 78.27
CA ASP A 130 -18.25 7.11 78.34
C ASP A 130 -17.34 5.93 78.73
N ILE A 131 -16.22 5.83 78.05
CA ILE A 131 -15.29 4.73 78.25
C ILE A 131 -14.02 5.27 78.98
N GLY A 132 -13.62 4.71 80.16
CA GLY A 132 -12.35 5.06 80.89
C GLY A 132 -11.73 3.89 81.67
N VAL A 133 -10.77 4.17 82.55
CA VAL A 133 -10.26 3.13 83.47
C VAL A 133 -10.91 3.19 84.87
N TYR A 134 -10.79 2.09 85.63
CA TYR A 134 -11.32 2.01 87.00
C TYR A 134 -10.77 0.80 87.75
N ASP A 135 -11.17 0.63 89.02
CA ASP A 135 -10.81 -0.57 89.79
C ASP A 135 -11.60 -1.76 89.28
N CYS A 136 -10.95 -2.91 89.23
CA CYS A 136 -11.58 -4.12 88.72
C CYS A 136 -12.47 -4.77 89.77
N GLN A 137 -13.78 -4.75 89.49
CA GLN A 137 -14.78 -5.22 90.45
C GLN A 137 -15.82 -6.19 89.83
N ASN A 138 -15.37 -6.97 88.85
CA ASN A 138 -16.10 -8.13 88.32
C ASN A 138 -17.54 -7.95 87.88
N LEU A 139 -17.98 -6.72 87.68
CA LEU A 139 -19.27 -6.47 87.05
C LEU A 139 -19.19 -6.78 85.56
N ASP A 140 -20.29 -7.27 85.00
CA ASP A 140 -20.32 -7.75 83.61
C ASP A 140 -20.18 -6.63 82.55
N ASP A 141 -19.97 -5.39 83.00
CA ASP A 141 -19.74 -4.25 82.09
C ASP A 141 -18.25 -3.88 81.95
N GLN A 142 -17.41 -4.46 82.80
CA GLN A 142 -15.96 -4.36 82.69
C GLN A 142 -15.42 -5.54 81.86
N TYR A 143 -16.33 -6.26 81.21
CA TYR A 143 -16.00 -7.40 80.38
C TYR A 143 -16.29 -7.10 78.91
N PHE A 144 -15.31 -7.37 78.05
CA PHE A 144 -15.41 -7.08 76.61
C PHE A 144 -14.97 -8.28 75.80
N TYR A 145 -15.56 -8.43 74.62
CA TYR A 145 -15.13 -9.47 73.71
C TYR A 145 -15.00 -8.93 72.28
N VAL A 146 -14.04 -9.45 71.52
CA VAL A 146 -13.93 -9.13 70.10
C VAL A 146 -14.83 -10.13 69.40
N ARG A 147 -15.88 -9.64 68.76
CA ARG A 147 -16.89 -10.51 68.18
C ARG A 147 -16.36 -11.31 66.99
N SER A 148 -16.39 -12.62 67.11
CA SER A 148 -16.02 -13.48 66.01
C SER A 148 -17.25 -13.90 65.24
N ARG A 149 -17.09 -14.15 63.96
CA ARG A 149 -18.18 -14.59 63.11
C ARG A 149 -17.96 -16.02 62.64
N GLY A 150 -16.86 -16.61 63.12
CA GLY A 150 -16.38 -17.87 62.59
C GLY A 150 -15.75 -17.54 61.27
N PRO A 151 -15.27 -18.56 60.51
CA PRO A 151 -14.75 -18.25 59.18
C PRO A 151 -15.82 -17.72 58.26
N GLU A 152 -15.33 -16.76 57.48
CA GLU A 152 -15.48 -16.62 56.05
C GLU A 152 -15.70 -17.90 55.25
N LEU A 153 -16.90 -18.04 54.69
CA LEU A 153 -17.28 -19.17 53.86
C LEU A 153 -17.29 -18.78 52.38
N PHE A 154 -17.66 -17.53 52.09
CA PHE A 154 -17.71 -17.02 50.71
C PHE A 154 -17.49 -15.52 50.67
N TYR A 155 -16.96 -15.07 49.54
CA TYR A 155 -16.86 -13.66 49.27
C TYR A 155 -17.12 -13.46 47.80
N GLY A 156 -18.26 -12.86 47.46
CA GLY A 156 -18.64 -12.66 46.07
C GLY A 156 -19.94 -11.90 45.88
N ARG A 157 -20.44 -11.90 44.65
CA ARG A 157 -21.76 -11.37 44.39
C ARG A 157 -22.70 -12.54 44.31
N LEU A 158 -23.99 -12.23 44.28
CA LEU A 158 -25.01 -13.26 44.20
C LEU A 158 -25.87 -13.06 42.95
N ARG A 159 -25.65 -13.93 41.98
CA ARG A 159 -26.37 -13.91 40.70
C ARG A 159 -27.60 -14.82 40.76
N ASN A 160 -28.73 -14.30 40.31
CA ASN A 160 -30.00 -14.99 40.41
C ASN A 160 -30.17 -16.04 39.32
N GLU A 161 -30.66 -17.23 39.70
CA GLU A 161 -30.82 -18.32 38.73
C GLU A 161 -31.86 -18.03 37.66
N LYS A 162 -32.90 -17.30 38.03
CA LYS A 162 -33.99 -17.07 37.10
C LYS A 162 -33.71 -15.96 36.09
N SER A 163 -33.01 -14.91 36.52
CA SER A 163 -32.88 -13.71 35.70
C SER A 163 -31.45 -13.33 35.39
N ASP A 164 -30.50 -13.97 36.07
CA ASP A 164 -29.09 -13.63 35.95
C ASP A 164 -28.83 -12.19 36.39
N LEU A 165 -29.75 -11.62 37.18
CA LEU A 165 -29.51 -10.31 37.80
C LEU A 165 -28.76 -10.48 39.10
N CYS A 166 -28.14 -9.42 39.60
CA CYS A 166 -27.33 -9.54 40.81
C CYS A 166 -28.06 -9.00 42.01
N LEU A 167 -27.86 -9.63 43.16
CA LEU A 167 -28.41 -9.16 44.44
C LEU A 167 -27.76 -7.80 44.65
N ASP A 168 -28.58 -6.76 44.74
CA ASP A 168 -28.08 -5.38 44.69
C ASP A 168 -28.64 -4.48 45.78
N VAL A 169 -27.82 -3.53 46.23
CA VAL A 169 -28.28 -2.49 47.16
C VAL A 169 -28.50 -1.18 46.40
N GLU A 170 -29.54 -0.44 46.77
CA GLU A 170 -29.86 0.83 46.13
C GLU A 170 -28.76 1.87 46.32
N GLY A 171 -28.49 2.64 45.27
CA GLY A 171 -27.34 3.54 45.24
C GLY A 171 -26.04 2.77 45.15
N SER A 172 -25.01 3.28 45.83
CA SER A 172 -23.73 2.59 45.93
C SER A 172 -23.06 2.82 47.28
N ASP A 173 -23.85 3.32 48.22
CA ASP A 173 -23.43 3.50 49.60
C ASP A 173 -23.31 2.13 50.29
N GLY A 174 -24.11 1.16 49.83
CA GLY A 174 -24.20 -0.14 50.48
C GLY A 174 -25.25 -0.13 51.58
N LYS A 175 -26.01 0.95 51.66
CA LYS A 175 -27.04 1.13 52.67
C LYS A 175 -28.42 1.20 52.02
N GLY A 176 -29.43 0.74 52.74
CA GLY A 176 -30.79 0.86 52.29
C GLY A 176 -31.36 -0.43 51.74
N ASN A 177 -32.28 -0.27 50.79
CA ASN A 177 -33.07 -1.38 50.26
C ASN A 177 -32.23 -2.39 49.51
N VAL A 178 -32.63 -3.65 49.53
CA VAL A 178 -31.99 -4.64 48.70
C VAL A 178 -32.99 -5.08 47.63
N LEU A 179 -32.53 -5.08 46.38
CA LEU A 179 -33.36 -5.44 45.26
C LEU A 179 -32.54 -6.15 44.20
N MET A 180 -33.23 -6.68 43.19
CA MET A 180 -32.56 -7.24 42.03
C MET A 180 -32.24 -6.13 41.04
N TYR A 181 -31.02 -6.17 40.48
CA TYR A 181 -30.59 -5.19 39.51
C TYR A 181 -29.45 -5.74 38.65
N SER A 182 -29.11 -5.04 37.58
CA SER A 182 -28.00 -5.45 36.70
C SER A 182 -26.68 -5.60 37.44
N CYS A 183 -25.91 -6.63 37.06
CA CYS A 183 -24.60 -6.83 37.67
C CYS A 183 -23.67 -5.68 37.30
N GLU A 184 -23.23 -4.95 38.32
CA GLU A 184 -22.30 -3.87 38.13
C GLU A 184 -21.08 -4.21 38.95
N ASP A 185 -19.90 -3.87 38.44
CA ASP A 185 -18.66 -4.24 39.12
C ASP A 185 -18.33 -3.25 40.24
N ASN A 186 -19.30 -3.00 41.12
CA ASN A 186 -19.12 -2.16 42.30
C ASN A 186 -19.04 -2.97 43.57
N LEU A 187 -18.41 -2.39 44.57
CA LEU A 187 -18.22 -3.04 45.86
C LEU A 187 -19.55 -3.23 46.60
N ASP A 188 -20.59 -2.52 46.19
CA ASP A 188 -21.87 -2.57 46.90
C ASP A 188 -22.67 -3.81 46.56
N GLN A 189 -22.18 -4.63 45.66
CA GLN A 189 -22.88 -5.87 45.29
C GLN A 189 -22.14 -7.13 45.73
N TRP A 190 -20.98 -6.91 46.37
CA TRP A 190 -20.18 -7.96 46.99
C TRP A 190 -20.53 -8.14 48.45
N PHE A 191 -20.61 -9.41 48.87
CA PHE A 191 -20.98 -9.78 50.23
C PHE A 191 -20.01 -10.83 50.73
N ARG A 192 -19.82 -10.83 52.05
CA ARG A 192 -19.07 -11.87 52.75
C ARG A 192 -20.02 -12.70 53.59
N TYR A 193 -19.95 -14.01 53.44
CA TYR A 193 -20.83 -14.92 54.17
C TYR A 193 -20.05 -15.63 55.24
N TYR A 194 -20.47 -15.52 56.49
CA TYR A 194 -19.71 -16.15 57.59
C TYR A 194 -20.37 -17.39 58.21
N GLU A 195 -19.56 -18.17 58.92
CA GLU A 195 -20.02 -19.35 59.67
C GLU A 195 -21.24 -19.05 60.54
N ASN A 196 -21.27 -17.87 61.17
CA ASN A 196 -22.38 -17.48 62.02
C ASN A 196 -23.68 -17.19 61.27
N GLY A 197 -23.64 -17.25 59.95
CA GLY A 197 -24.82 -17.07 59.13
C GLY A 197 -25.04 -15.67 58.56
N GLU A 198 -24.19 -14.72 58.96
CA GLU A 198 -24.36 -13.34 58.53
C GLU A 198 -23.83 -13.11 57.12
N ILE A 199 -24.59 -12.34 56.34
CA ILE A 199 -24.16 -11.92 55.02
C ILE A 199 -23.86 -10.43 55.13
N VAL A 200 -22.58 -10.08 55.05
CA VAL A 200 -22.15 -8.70 55.31
C VAL A 200 -21.78 -8.04 54.01
N ASN A 201 -22.37 -6.88 53.77
CA ASN A 201 -22.09 -6.09 52.56
C ASN A 201 -20.68 -5.50 52.56
N ALA A 202 -19.95 -5.72 51.46
CA ALA A 202 -18.54 -5.35 51.35
C ALA A 202 -18.30 -3.85 51.31
N LYS A 203 -19.30 -3.07 50.88
CA LYS A 203 -19.17 -1.62 50.80
C LYS A 203 -19.46 -0.93 52.13
N SER A 204 -20.61 -1.25 52.73
CA SER A 204 -21.08 -0.61 53.95
C SER A 204 -20.64 -1.32 55.24
N GLY A 205 -20.25 -2.58 55.15
CA GLY A 205 -19.85 -3.36 56.31
C GLY A 205 -21.00 -3.73 57.23
N MET A 206 -22.23 -3.63 56.72
CA MET A 206 -23.44 -3.96 57.48
C MET A 206 -24.15 -5.23 56.97
N CYS A 207 -25.14 -5.71 57.72
CA CYS A 207 -25.75 -7.01 57.48
C CYS A 207 -26.95 -7.02 56.54
N LEU A 208 -27.10 -8.11 55.79
CA LEU A 208 -28.33 -8.39 55.07
C LEU A 208 -29.39 -8.71 56.11
N ASP A 209 -30.40 -7.85 56.18
CA ASP A 209 -31.39 -7.84 57.26
C ASP A 209 -32.81 -7.81 56.73
N VAL A 210 -33.70 -8.44 57.50
CA VAL A 210 -35.15 -8.41 57.27
C VAL A 210 -35.81 -7.40 58.20
N GLU A 211 -36.83 -6.71 57.68
CA GLU A 211 -37.64 -5.74 58.43
C GLU A 211 -38.19 -6.35 59.73
N GLY A 212 -38.15 -5.58 60.81
CA GLY A 212 -38.66 -6.03 62.11
C GLY A 212 -37.77 -7.11 62.69
N SER A 213 -38.37 -8.13 63.31
CA SER A 213 -37.63 -9.21 63.95
C SER A 213 -38.13 -10.62 63.62
N ASP A 214 -39.30 -10.70 63.01
CA ASP A 214 -39.97 -11.96 62.70
C ASP A 214 -39.23 -12.80 61.65
N GLY A 215 -38.50 -12.11 60.78
CA GLY A 215 -37.86 -12.76 59.66
C GLY A 215 -38.78 -12.78 58.45
N SER A 216 -39.84 -11.99 58.51
CA SER A 216 -40.78 -11.80 57.38
C SER A 216 -40.92 -10.33 57.00
N GLY A 217 -40.76 -10.05 55.71
CA GLY A 217 -40.92 -8.70 55.19
C GLY A 217 -39.86 -8.31 54.17
N ASN A 218 -39.61 -7.00 54.06
CA ASN A 218 -38.64 -6.47 53.12
C ASN A 218 -37.21 -6.66 53.59
N VAL A 219 -36.28 -6.82 52.65
CA VAL A 219 -34.88 -7.05 52.99
C VAL A 219 -34.07 -5.84 52.61
N GLY A 220 -33.11 -5.49 53.48
CA GLY A 220 -32.25 -4.36 53.21
C GLY A 220 -30.97 -4.54 53.97
N ILE A 221 -30.14 -3.49 53.99
CA ILE A 221 -28.92 -3.52 54.78
C ILE A 221 -29.16 -2.74 56.06
N TYR A 222 -28.71 -3.29 57.19
CA TYR A 222 -28.93 -2.68 58.50
C TYR A 222 -27.82 -3.13 59.45
N ARG A 223 -27.64 -2.41 60.56
CA ARG A 223 -26.62 -2.76 61.56
C ARG A 223 -26.68 -4.24 61.97
N CYS A 224 -25.52 -4.84 62.23
CA CYS A 224 -25.47 -6.23 62.67
C CYS A 224 -25.67 -6.36 64.17
N ASP A 225 -26.90 -6.63 64.59
CA ASP A 225 -27.21 -6.68 66.02
C ASP A 225 -27.36 -8.12 66.53
N ASP A 226 -26.49 -9.01 66.04
CA ASP A 226 -26.44 -10.42 66.48
C ASP A 226 -27.81 -11.11 66.65
N LEU A 227 -28.83 -10.66 65.92
CA LEU A 227 -30.14 -11.28 65.95
C LEU A 227 -30.25 -12.41 64.93
N ARG A 228 -31.14 -13.35 65.18
CA ARG A 228 -31.27 -14.53 64.36
C ARG A 228 -31.94 -14.23 63.02
N ASP A 229 -32.62 -13.09 62.93
CA ASP A 229 -33.32 -12.70 61.71
C ASP A 229 -32.35 -12.09 60.70
N GLN A 230 -31.10 -11.91 61.12
CA GLN A 230 -30.00 -11.45 60.25
C GLN A 230 -29.05 -12.59 59.96
N MET A 231 -29.51 -13.81 60.19
CA MET A 231 -28.70 -15.00 59.94
C MET A 231 -29.37 -15.95 58.98
N TRP A 232 -28.55 -16.50 58.10
CA TRP A 232 -29.07 -17.24 56.97
C TRP A 232 -28.29 -18.53 56.85
N SER A 233 -28.99 -19.58 56.47
CA SER A 233 -28.34 -20.85 56.19
C SER A 233 -28.50 -21.14 54.72
N ARG A 234 -27.70 -22.06 54.22
CA ARG A 234 -27.66 -22.35 52.82
C ARG A 234 -27.91 -23.84 52.68
N PRO A 235 -29.15 -24.32 52.95
CA PRO A 235 -29.46 -25.76 52.95
C PRO A 235 -29.28 -26.40 51.59
N ASN A 236 -28.49 -27.47 51.57
CA ASN A 236 -28.18 -28.21 50.34
C ASN A 236 -29.43 -28.70 49.63
N ALA A 237 -30.50 -28.85 50.39
CA ALA A 237 -31.78 -29.33 49.87
C ALA A 237 -32.41 -28.38 48.84
N TYR A 238 -32.19 -27.07 49.01
CA TYR A 238 -32.78 -26.08 48.12
C TYR A 238 -31.84 -25.57 47.02
N CYS A 239 -30.73 -26.28 46.82
CA CYS A 239 -29.77 -25.92 45.80
C CYS A 239 -30.07 -26.60 44.48
N ASN A 240 -29.59 -26.01 43.39
CA ASN A 240 -29.60 -26.62 42.09
C ASN A 240 -28.24 -26.30 41.52
N GLY A 241 -27.30 -27.23 41.64
CA GLY A 241 -25.91 -26.95 41.30
C GLY A 241 -25.34 -25.93 42.26
N ASP A 242 -24.76 -24.85 41.73
CA ASP A 242 -24.17 -23.78 42.54
C ASP A 242 -25.14 -22.64 42.89
N TYR A 243 -26.39 -22.77 42.44
CA TYR A 243 -27.42 -21.81 42.78
C TYR A 243 -28.17 -22.29 44.01
N CYS A 244 -28.19 -21.48 45.07
CA CYS A 244 -28.76 -21.92 46.35
C CYS A 244 -29.66 -20.89 46.99
N SER A 245 -30.61 -21.38 47.79
CA SER A 245 -31.52 -20.52 48.54
C SER A 245 -30.91 -20.16 49.87
N PHE A 246 -31.28 -18.99 50.38
CA PHE A 246 -30.84 -18.54 51.68
C PHE A 246 -32.00 -18.54 52.64
N LEU A 247 -31.88 -19.39 53.66
CA LEU A 247 -32.95 -19.64 54.60
C LEU A 247 -32.74 -18.82 55.86
N ASN A 248 -33.69 -17.94 56.18
CA ASN A 248 -33.60 -17.11 57.36
C ASN A 248 -33.73 -17.94 58.62
N LYS A 249 -32.83 -17.75 59.58
CA LYS A 249 -32.84 -18.55 60.81
C LYS A 249 -34.01 -18.29 61.74
N GLU A 250 -34.56 -17.07 61.68
CA GLU A 250 -35.66 -16.68 62.56
C GLU A 250 -37.02 -17.12 62.07
N SER A 251 -37.18 -17.33 60.75
CA SER A 251 -38.51 -17.58 60.22
C SER A 251 -38.62 -18.81 59.32
N ASN A 252 -37.50 -19.50 59.13
CA ASN A 252 -37.41 -20.56 58.13
C ASN A 252 -38.00 -20.17 56.77
N LYS A 253 -37.92 -18.89 56.45
CA LYS A 253 -38.37 -18.40 55.16
C LYS A 253 -37.17 -18.09 54.28
N CYS A 254 -37.36 -18.23 52.97
CA CYS A 254 -36.32 -18.00 51.97
C CYS A 254 -36.15 -16.55 51.56
N LEU A 255 -34.91 -16.20 51.22
CA LEU A 255 -34.60 -14.94 50.56
C LEU A 255 -35.26 -15.07 49.19
N ASP A 256 -36.08 -14.08 48.85
CA ASP A 256 -36.99 -14.20 47.71
C ASP A 256 -37.11 -12.91 46.92
N VAL A 257 -37.43 -13.07 45.63
CA VAL A 257 -37.71 -11.95 44.75
C VAL A 257 -39.21 -11.97 44.45
N SER A 258 -39.82 -10.80 44.45
CA SER A 258 -41.25 -10.69 44.20
C SER A 258 -41.56 -11.17 42.79
N GLY A 259 -42.72 -11.79 42.63
CA GLY A 259 -43.11 -12.42 41.37
C GLY A 259 -42.36 -13.70 41.12
N ASP A 260 -42.47 -14.20 39.88
CA ASP A 260 -41.83 -15.43 39.47
C ASP A 260 -40.56 -15.18 38.62
N GLN A 261 -40.38 -13.95 38.13
CA GLN A 261 -39.37 -13.66 37.10
C GLN A 261 -38.02 -13.20 37.64
N GLY A 262 -37.88 -13.16 38.96
CA GLY A 262 -36.62 -12.80 39.58
C GLY A 262 -36.08 -11.43 39.21
N THR A 263 -36.97 -10.46 39.07
CA THR A 263 -36.59 -9.10 38.64
C THR A 263 -36.92 -7.96 39.63
N GLY A 264 -37.91 -8.17 40.50
CA GLY A 264 -38.37 -7.10 41.41
C GLY A 264 -37.59 -6.76 42.68
N ASP A 265 -38.34 -6.52 43.77
CA ASP A 265 -37.78 -6.19 45.07
C ASP A 265 -37.43 -7.49 45.81
N VAL A 266 -36.57 -7.40 46.82
CA VAL A 266 -36.14 -8.57 47.58
C VAL A 266 -36.65 -8.55 49.03
N GLY A 267 -37.39 -9.60 49.38
CA GLY A 267 -37.84 -9.80 50.76
C GLY A 267 -37.67 -11.26 51.11
N THR A 268 -38.40 -11.70 52.13
CA THR A 268 -38.48 -13.13 52.49
C THR A 268 -39.84 -13.66 52.16
N TRP A 269 -39.94 -14.97 51.98
CA TRP A 269 -41.18 -15.62 51.58
C TRP A 269 -41.04 -17.10 51.82
N GLN A 270 -42.14 -17.85 51.74
CA GLN A 270 -42.09 -19.29 51.87
C GLN A 270 -41.14 -19.91 50.84
N CYS A 271 -40.26 -20.80 51.29
CA CYS A 271 -39.40 -21.52 50.36
C CYS A 271 -40.25 -22.34 49.38
N ASP A 272 -40.27 -21.93 48.12
CA ASP A 272 -41.12 -22.58 47.13
C ASP A 272 -40.34 -23.46 46.14
N GLY A 273 -39.01 -23.46 46.26
CA GLY A 273 -38.12 -24.26 45.39
C GLY A 273 -38.06 -23.80 43.95
N LEU A 274 -38.24 -22.51 43.73
CA LEU A 274 -38.29 -21.91 42.38
C LEU A 274 -37.00 -21.14 42.04
N PRO A 275 -36.65 -21.09 40.74
CA PRO A 275 -35.36 -20.52 40.34
C PRO A 275 -35.13 -19.12 40.89
N ASP A 276 -36.18 -18.32 41.05
CA ASP A 276 -36.00 -16.95 41.47
C ASP A 276 -35.57 -16.82 42.92
N GLN A 277 -35.51 -17.94 43.63
CA GLN A 277 -35.11 -17.94 45.04
C GLN A 277 -33.71 -18.52 45.20
N ARG A 278 -33.01 -18.71 44.08
CA ARG A 278 -31.69 -19.34 44.09
C ARG A 278 -30.59 -18.42 43.56
N PHE A 279 -29.48 -18.36 44.31
CA PHE A 279 -28.39 -17.46 43.98
C PHE A 279 -27.06 -18.20 43.88
N LYS A 280 -26.26 -17.82 42.89
CA LYS A 280 -24.91 -18.34 42.75
C LYS A 280 -23.88 -17.33 43.22
N TRP A 281 -22.91 -17.81 43.99
CA TRP A 281 -21.77 -17.01 44.35
C TRP A 281 -20.92 -16.84 43.09
N VAL A 282 -20.69 -15.61 42.68
CA VAL A 282 -19.88 -15.38 41.49
C VAL A 282 -18.68 -14.49 41.80
N PHE A 283 -17.58 -14.76 41.12
CA PHE A 283 -16.32 -14.09 41.46
C PHE A 283 -15.74 -13.26 40.33
N ASP A 284 -16.44 -13.19 39.21
CA ASP A 284 -16.00 -12.41 38.06
C ASP A 284 -16.19 -10.92 38.22
N ASP A 285 -15.65 -10.16 37.27
CA ASP A 285 -15.88 -8.72 37.24
C ASP A 285 -16.89 -8.29 36.18
N TRP A 286 -17.70 -9.22 35.70
CA TRP A 286 -18.58 -8.96 34.57
C TRP A 286 -19.58 -7.84 34.84
N GLU A 287 -19.96 -7.13 33.78
CA GLU A 287 -21.05 -6.15 33.81
C GLU A 287 -22.02 -6.50 32.67
N VAL A 288 -23.20 -5.88 32.66
CA VAL A 288 -24.16 -6.14 31.57
C VAL A 288 -23.90 -5.25 30.34
N PRO A 289 -24.37 -5.67 29.16
CA PRO A 289 -24.23 -4.87 27.94
C PRO A 289 -25.08 -3.60 27.95
N THR A 290 -24.43 -2.44 28.03
CA THR A 290 -25.09 -1.14 28.12
C THR A 290 -25.20 -0.46 26.75
N ALA A 291 -24.05 -0.30 26.11
CA ALA A 291 -23.86 0.56 24.93
C ALA A 291 -24.68 0.09 23.74
N THR A 292 -25.06 1.03 22.88
CA THR A 292 -25.67 0.66 21.61
C THR A 292 -24.75 1.14 20.46
N TRP A 293 -24.65 0.30 19.43
CA TRP A 293 -23.76 0.55 18.30
C TRP A 293 -24.52 0.64 17.00
N ASN A 294 -24.09 1.53 16.11
CA ASN A 294 -24.61 1.57 14.77
C ASN A 294 -23.72 0.83 13.81
N MET A 295 -24.33 0.02 12.94
CA MET A 295 -23.56 -0.71 11.94
C MET A 295 -23.17 0.25 10.83
N VAL A 296 -21.91 0.24 10.41
CA VAL A 296 -21.52 1.08 9.29
C VAL A 296 -21.31 0.34 7.99
N GLY A 297 -20.88 -0.91 8.06
CA GLY A 297 -20.69 -1.73 6.87
C GLY A 297 -20.46 -3.18 7.26
N CYS A 298 -20.91 -4.09 6.42
CA CYS A 298 -20.56 -5.50 6.57
C CYS A 298 -19.97 -6.07 5.30
N ASP A 299 -18.89 -6.82 5.46
CA ASP A 299 -18.35 -7.62 4.38
C ASP A 299 -18.35 -9.08 4.79
N GLN A 300 -19.03 -9.91 4.01
CA GLN A 300 -19.12 -11.31 4.31
C GLN A 300 -17.83 -11.99 3.89
N ASN A 301 -17.08 -11.34 3.02
CA ASN A 301 -15.98 -12.01 2.37
C ASN A 301 -14.65 -11.27 2.34
N GLY A 302 -14.48 -10.32 3.25
CA GLY A 302 -13.21 -9.68 3.38
C GLY A 302 -13.20 -8.53 4.33
N LYS A 303 -12.23 -7.64 4.12
CA LYS A 303 -11.99 -6.48 4.95
C LYS A 303 -13.08 -5.45 4.84
N VAL A 304 -13.20 -4.64 5.90
CA VAL A 304 -13.98 -3.39 5.91
C VAL A 304 -13.13 -2.31 6.60
N SER A 305 -13.01 -1.14 6.00
CA SER A 305 -12.38 0.01 6.68
C SER A 305 -13.16 1.26 6.38
N GLN A 306 -12.95 2.30 7.19
CA GLN A 306 -13.58 3.58 6.92
C GLN A 306 -12.65 4.76 7.11
N GLN A 307 -12.97 5.85 6.41
CA GLN A 307 -12.26 7.07 6.59
C GLN A 307 -13.31 8.17 6.81
N ILE A 308 -13.14 8.91 7.90
CA ILE A 308 -14.01 10.02 8.27
C ILE A 308 -13.26 11.38 8.16
N SER A 309 -13.84 12.32 7.43
CA SER A 309 -13.19 13.56 7.11
C SER A 309 -14.05 14.78 7.45
N ASN A 310 -13.42 15.84 7.95
CA ASN A 310 -14.07 17.14 8.14
C ASN A 310 -13.24 18.25 7.56
N THR A 311 -13.87 19.11 6.77
CA THR A 311 -13.19 20.26 6.22
C THR A 311 -13.86 21.54 6.71
N ILE A 312 -13.05 22.54 7.01
CA ILE A 312 -13.54 23.89 7.28
C ILE A 312 -12.76 24.84 6.38
N SER A 313 -13.45 25.73 5.68
CA SER A 313 -12.76 26.74 4.84
C SER A 313 -13.33 28.14 4.92
N PHE A 314 -12.46 29.13 4.77
CA PHE A 314 -12.83 30.54 4.74
C PHE A 314 -12.29 31.12 3.46
N SER A 315 -13.14 31.88 2.78
CA SER A 315 -12.72 32.54 1.57
C SER A 315 -13.22 34.00 1.54
N SER A 316 -12.53 34.87 0.80
CA SER A 316 -13.07 36.20 0.52
C SER A 316 -12.67 36.72 -0.83
N THR A 317 -13.59 37.42 -1.50
CA THR A 317 -13.33 38.01 -2.82
C THR A 317 -13.51 39.52 -2.79
N VAL A 318 -12.65 40.24 -3.50
CA VAL A 318 -12.79 41.68 -3.66
C VAL A 318 -12.93 41.97 -5.15
N THR A 319 -14.01 42.63 -5.54
CA THR A 319 -14.24 42.95 -6.95
C THR A 319 -14.31 44.46 -7.23
N ALA A 320 -13.53 44.89 -8.21
CA ALA A 320 -13.55 46.27 -8.64
C ALA A 320 -13.91 46.35 -10.12
N GLY A 321 -14.98 47.09 -10.45
CA GLY A 321 -15.41 47.22 -11.85
C GLY A 321 -15.64 48.64 -12.32
N VAL A 322 -15.54 48.86 -13.63
CA VAL A 322 -15.87 50.15 -14.26
C VAL A 322 -16.65 49.96 -15.57
N ALA A 323 -17.64 50.82 -15.81
CA ALA A 323 -18.48 50.69 -16.99
C ALA A 323 -18.68 52.03 -17.70
N VAL A 324 -18.74 51.96 -19.03
CA VAL A 324 -18.97 53.13 -19.88
C VAL A 324 -20.17 52.86 -20.79
N GLU A 325 -21.23 53.67 -20.62
CA GLU A 325 -22.46 53.54 -21.42
C GLU A 325 -22.62 54.78 -22.31
N VAL A 326 -22.72 54.55 -23.61
CA VAL A 326 -22.82 55.65 -24.57
C VAL A 326 -24.09 55.49 -25.43
N SER A 327 -25.21 56.00 -24.94
CA SER A 327 -26.49 55.83 -25.63
C SER A 327 -26.93 57.08 -26.42
N SER A 328 -27.94 56.91 -27.27
CA SER A 328 -28.57 58.02 -27.98
C SER A 328 -29.96 57.62 -28.43
N THR A 329 -30.82 58.61 -28.64
CA THR A 329 -32.19 58.35 -29.10
C THR A 329 -32.75 59.40 -30.07
N ILE A 330 -33.50 58.93 -31.05
CA ILE A 330 -34.18 59.77 -32.04
C ILE A 330 -35.69 59.58 -31.91
N GLU A 331 -36.40 60.66 -31.54
CA GLU A 331 -37.83 60.62 -31.27
C GLU A 331 -38.58 61.74 -32.00
N LYS A 332 -39.46 61.38 -32.93
CA LYS A 332 -40.29 62.36 -33.63
C LYS A 332 -41.77 62.21 -33.31
N GLY A 333 -42.35 63.31 -32.83
CA GLY A 333 -43.64 63.30 -32.15
C GLY A 333 -44.39 64.63 -32.14
N VAL A 334 -45.17 64.85 -33.18
CA VAL A 334 -46.01 66.03 -33.34
C VAL A 334 -47.40 65.58 -33.85
N ILE A 335 -48.46 66.12 -33.26
CA ILE A 335 -49.86 65.69 -33.52
C ILE A 335 -50.04 64.16 -33.53
N PHE A 336 -49.73 63.60 -32.36
CA PHE A 336 -50.57 62.69 -31.57
C PHE A 336 -49.94 61.36 -31.18
N ALA A 337 -49.36 60.67 -32.15
CA ALA A 337 -48.62 59.44 -31.93
C ALA A 337 -47.11 59.69 -32.02
N LYS A 338 -46.39 59.36 -30.96
CA LYS A 338 -44.93 59.54 -30.90
C LYS A 338 -44.16 58.21 -31.05
N ALA A 339 -43.01 58.26 -31.72
CA ALA A 339 -42.21 57.06 -31.98
C ALA A 339 -40.69 57.30 -31.90
N THR A 340 -40.02 56.53 -31.04
CA THR A 340 -38.57 56.62 -30.83
C THR A 340 -37.81 55.32 -31.13
N VAL A 341 -36.51 55.47 -31.39
CA VAL A 341 -35.59 54.37 -31.66
C VAL A 341 -34.29 54.69 -30.91
N SER A 342 -33.88 53.79 -29.99
CA SER A 342 -32.68 53.99 -29.15
C SER A 342 -31.55 53.00 -29.45
N VAL A 343 -30.32 53.50 -29.45
CA VAL A 343 -29.14 52.64 -29.57
C VAL A 343 -28.15 52.94 -28.45
N LYS A 344 -27.93 51.93 -27.61
CA LYS A 344 -27.06 52.02 -26.44
C LYS A 344 -25.86 51.10 -26.62
N VAL A 345 -24.67 51.59 -26.26
CA VAL A 345 -23.46 50.76 -26.27
C VAL A 345 -22.74 50.81 -24.91
N THR A 346 -22.58 49.64 -24.29
CA THR A 346 -21.94 49.54 -22.99
C THR A 346 -20.63 48.74 -23.09
N ALA A 347 -19.65 49.11 -22.28
CA ALA A 347 -18.38 48.38 -22.21
C ALA A 347 -17.92 48.32 -20.75
N SER A 348 -17.72 47.10 -20.24
CA SER A 348 -17.30 46.94 -18.83
C SER A 348 -15.97 46.21 -18.68
N LEU A 349 -15.33 46.45 -17.55
CA LEU A 349 -14.05 45.86 -17.21
C LEU A 349 -13.94 45.72 -15.68
N SER A 350 -13.96 44.50 -15.18
CA SER A 350 -13.82 44.27 -13.75
C SER A 350 -12.60 43.42 -13.42
N LYS A 351 -12.22 43.41 -12.14
CA LYS A 351 -11.17 42.52 -11.68
C LYS A 351 -11.41 42.06 -10.25
N ALA A 352 -11.50 40.73 -10.07
CA ALA A 352 -11.76 40.14 -8.76
C ALA A 352 -10.50 39.50 -8.19
N TRP A 353 -10.32 39.60 -6.88
CA TRP A 353 -9.20 38.93 -6.19
C TRP A 353 -9.79 38.05 -5.12
N THR A 354 -9.59 36.74 -5.23
CA THR A 354 -10.04 35.82 -4.18
C THR A 354 -8.87 35.19 -3.47
N ASN A 355 -8.94 35.10 -2.15
CA ASN A 355 -8.07 34.17 -1.47
C ASN A 355 -8.76 33.39 -0.36
N SER A 356 -8.32 32.15 -0.19
CA SER A 356 -9.03 31.22 0.68
C SER A 356 -8.09 30.29 1.38
N GLN A 357 -8.54 29.75 2.49
CA GLN A 357 -7.77 28.74 3.15
C GLN A 357 -8.67 27.71 3.81
N SER A 358 -8.29 26.45 3.72
CA SER A 358 -9.10 25.42 4.33
C SER A 358 -8.21 24.49 5.10
N GLY A 359 -8.83 23.74 5.96
CA GLY A 359 -8.15 22.72 6.73
C GLY A 359 -9.01 21.49 6.77
N THR A 360 -8.39 20.34 6.62
CA THR A 360 -9.18 19.13 6.76
C THR A 360 -8.51 18.04 7.61
N THR A 361 -9.31 17.32 8.37
CA THR A 361 -8.80 16.16 9.13
C THR A 361 -9.45 14.90 8.58
N ALA A 362 -8.71 13.80 8.60
CA ALA A 362 -9.23 12.54 8.09
C ALA A 362 -8.75 11.37 8.92
N ILE A 363 -9.66 10.73 9.64
CA ILE A 363 -9.28 9.59 10.47
C ILE A 363 -9.70 8.31 9.77
N THR A 364 -8.80 7.34 9.70
CA THR A 364 -9.18 6.09 9.08
C THR A 364 -9.04 4.90 10.04
N TYR A 365 -10.03 4.01 10.02
CA TYR A 365 -10.11 2.83 10.90
C TYR A 365 -10.14 1.58 10.05
N THR A 366 -9.41 0.54 10.44
CA THR A 366 -9.49 -0.75 9.72
C THR A 366 -9.87 -1.91 10.66
N CYS A 367 -10.66 -2.86 10.17
CA CYS A 367 -11.02 -4.02 11.01
C CYS A 367 -9.95 -5.09 10.84
N ASP A 368 -9.20 -5.37 11.90
CA ASP A 368 -8.05 -6.27 11.83
C ASP A 368 -8.25 -7.56 12.61
N ASN A 369 -9.00 -7.48 13.69
CA ASN A 369 -9.16 -8.64 14.56
C ASN A 369 -10.50 -8.63 15.25
N TYR A 370 -10.99 -9.79 15.65
CA TYR A 370 -12.18 -9.85 16.50
C TYR A 370 -11.77 -9.72 17.97
N ASP A 371 -12.73 -9.54 18.87
CA ASP A 371 -12.40 -9.51 20.32
C ASP A 371 -11.63 -10.72 20.83
N SER A 372 -11.86 -11.87 20.18
CA SER A 372 -11.16 -13.11 20.48
C SER A 372 -9.70 -13.07 20.07
N ASP A 373 -9.31 -12.03 19.33
CA ASP A 373 -7.93 -11.84 18.88
C ASP A 373 -7.54 -12.60 17.60
N GLU A 374 -8.48 -13.29 16.97
CA GLU A 374 -8.22 -13.90 15.67
C GLU A 374 -8.24 -12.81 14.60
N GLU A 375 -7.62 -13.08 13.46
CA GLU A 375 -7.62 -12.14 12.35
C GLU A 375 -9.03 -11.96 11.79
N PHE A 376 -9.38 -10.74 11.43
CA PHE A 376 -10.67 -10.40 10.82
C PHE A 376 -10.59 -10.72 9.35
N THR A 377 -11.46 -11.61 8.89
CA THR A 377 -11.50 -11.96 7.48
C THR A 377 -12.91 -11.76 6.92
N ARG A 378 -13.81 -11.31 7.78
CA ARG A 378 -15.16 -10.98 7.42
C ARG A 378 -15.87 -10.49 8.67
N GLY A 379 -17.04 -9.89 8.46
CA GLY A 379 -17.85 -9.35 9.51
C GLY A 379 -18.23 -7.91 9.28
N CYS A 380 -18.45 -7.18 10.37
CA CYS A 380 -19.09 -5.88 10.32
C CYS A 380 -18.36 -4.88 11.15
N MET A 381 -18.42 -3.64 10.70
CA MET A 381 -17.78 -2.58 11.46
C MET A 381 -18.84 -1.77 12.16
N TRP A 382 -18.60 -1.43 13.44
CA TRP A 382 -19.60 -0.74 14.25
C TRP A 382 -19.08 0.57 14.80
N GLN A 383 -19.99 1.50 14.99
CA GLN A 383 -19.68 2.80 15.52
C GLN A 383 -20.53 3.10 16.76
N LEU A 384 -19.88 3.52 17.85
CA LEU A 384 -20.61 3.81 19.09
C LEU A 384 -21.66 4.88 18.88
N ALA A 385 -22.86 4.65 19.38
CA ALA A 385 -23.97 5.55 19.11
C ALA A 385 -23.93 6.93 19.81
N ILE A 386 -23.20 7.05 20.92
CA ILE A 386 -23.17 8.34 21.63
C ILE A 386 -22.48 9.41 20.79
N GLU A 387 -23.14 10.54 20.63
CA GLU A 387 -22.56 11.73 19.97
C GLU A 387 -21.48 12.26 20.89
N THR A 388 -20.48 12.90 20.33
CA THR A 388 -19.25 13.09 21.08
C THR A 388 -18.63 14.47 20.96
N THR A 389 -17.85 14.83 21.97
CA THR A 389 -17.29 16.17 22.08
C THR A 389 -16.22 16.45 20.99
N GLU A 390 -16.52 17.41 20.12
CA GLU A 390 -15.64 17.76 19.01
C GLU A 390 -14.29 18.29 19.47
N VAL A 391 -13.25 17.89 18.76
CA VAL A 391 -11.93 18.44 19.02
C VAL A 391 -11.61 19.48 17.93
N LYS A 392 -11.05 20.61 18.36
CA LYS A 392 -10.63 21.65 17.45
C LYS A 392 -9.14 21.93 17.59
N SER A 393 -8.53 22.43 16.52
CA SER A 393 -7.14 22.89 16.57
C SER A 393 -6.99 24.13 15.69
N GLY A 394 -7.04 25.31 16.32
CA GLY A 394 -7.12 26.54 15.57
C GLY A 394 -8.46 26.67 14.87
N ASP A 395 -8.50 27.46 13.82
CA ASP A 395 -9.76 27.85 13.20
C ASP A 395 -10.31 26.88 12.19
N LEU A 396 -9.44 26.07 11.56
CA LEU A 396 -9.92 25.28 10.43
C LEU A 396 -9.70 23.75 10.47
N LEU A 397 -9.30 23.27 11.63
CA LEU A 397 -9.18 21.85 11.88
C LEU A 397 -10.21 21.40 12.93
N VAL A 398 -11.05 20.46 12.55
CA VAL A 398 -12.01 19.86 13.49
C VAL A 398 -12.10 18.34 13.35
N TRP A 399 -12.22 17.66 14.48
CA TRP A 399 -12.45 16.22 14.49
C TRP A 399 -13.75 16.00 15.19
N ASN A 400 -14.53 15.00 14.79
CA ASN A 400 -15.39 14.41 15.81
C ASN A 400 -15.16 12.94 15.99
N PRO A 401 -14.51 12.61 17.12
CA PRO A 401 -14.01 11.28 17.49
C PRO A 401 -15.08 10.20 17.43
N GLN A 402 -14.72 9.04 16.89
CA GLN A 402 -15.63 7.94 16.88
C GLN A 402 -14.97 6.83 17.65
N ILE A 403 -15.79 5.97 18.25
CA ILE A 403 -15.28 4.70 18.74
C ILE A 403 -15.87 3.59 17.90
N VAL A 404 -14.97 2.85 17.24
CA VAL A 404 -15.30 1.80 16.29
C VAL A 404 -15.02 0.40 16.87
N LYS A 405 -15.81 -0.58 16.45
CA LYS A 405 -15.69 -1.97 16.88
C LYS A 405 -15.91 -2.87 15.67
N CYS A 406 -15.34 -4.08 15.66
CA CYS A 406 -15.58 -5.01 14.55
C CYS A 406 -16.00 -6.37 15.07
N THR A 407 -16.97 -6.99 14.43
CA THR A 407 -17.50 -8.28 14.89
C THR A 407 -17.48 -9.35 13.80
N ARG A 408 -17.66 -10.61 14.21
CA ARG A 408 -17.62 -11.78 13.32
C ARG A 408 -18.79 -11.84 12.34
N SER A 409 -19.93 -11.27 12.74
CA SER A 409 -21.17 -11.34 11.98
C SER A 409 -21.98 -10.07 12.20
N ASN A 410 -23.21 -10.03 11.72
CA ASN A 410 -23.96 -8.78 11.75
C ASN A 410 -24.98 -8.66 12.88
N THR A 411 -24.82 -9.49 13.91
CA THR A 411 -25.69 -9.36 15.07
C THR A 411 -25.10 -8.27 15.96
N ALA A 412 -25.94 -7.31 16.36
CA ALA A 412 -25.48 -6.09 17.01
C ALA A 412 -24.86 -6.36 18.36
N PRO A 413 -23.69 -5.76 18.62
CA PRO A 413 -23.06 -5.89 19.93
C PRO A 413 -23.66 -4.91 20.91
N GLY A 414 -23.45 -5.14 22.21
CA GLY A 414 -24.02 -4.31 23.26
C GLY A 414 -22.95 -3.96 24.28
N CYS A 415 -21.84 -4.69 24.26
CA CYS A 415 -20.75 -4.45 25.19
C CYS A 415 -20.16 -3.05 25.09
N ALA A 416 -19.65 -2.55 26.20
CA ALA A 416 -19.08 -1.22 26.28
C ALA A 416 -17.78 -1.16 25.51
N PRO A 417 -17.38 0.05 25.07
CA PRO A 417 -16.08 0.20 24.47
C PRO A 417 -15.02 -0.51 25.32
N PHE A 418 -14.11 -1.19 24.66
CA PHE A 418 -13.01 -1.88 25.30
C PHE A 418 -13.44 -2.94 26.27
N THR A 419 -14.53 -3.57 25.87
CA THR A 419 -15.24 -4.57 26.65
C THR A 419 -15.70 -5.65 25.68
N LYS A 420 -15.56 -6.90 26.13
CA LYS A 420 -15.65 -8.10 25.33
C LYS A 420 -16.73 -8.97 25.91
N CYS A 421 -17.35 -9.84 25.11
CA CYS A 421 -18.28 -10.86 25.64
C CYS A 421 -17.53 -11.75 26.60
N ALA A 422 -18.18 -12.02 27.73
CA ALA A 422 -17.59 -12.85 28.78
C ALA A 422 -18.11 -14.27 28.75
N ASN A 423 -19.30 -14.44 28.19
CA ASN A 423 -19.96 -15.74 28.12
C ASN A 423 -20.48 -16.04 26.72
N GLU A 424 -20.71 -17.32 26.46
CA GLU A 424 -21.10 -17.84 25.13
C GLU A 424 -22.19 -17.04 24.40
N ASP A 425 -23.26 -16.66 25.10
CA ASP A 425 -24.32 -15.90 24.45
C ASP A 425 -24.28 -14.39 24.76
N CYS A 426 -23.14 -13.93 25.24
CA CYS A 426 -22.86 -12.50 25.37
C CYS A 426 -23.89 -11.65 26.15
N THR A 427 -24.23 -12.12 27.35
CA THR A 427 -25.11 -11.38 28.24
C THR A 427 -24.29 -10.66 29.31
N PHE A 428 -22.99 -10.95 29.34
CA PHE A 428 -22.08 -10.29 30.23
C PHE A 428 -20.83 -9.87 29.49
N CYS A 429 -20.24 -8.78 29.94
CA CYS A 429 -19.11 -8.17 29.28
C CYS A 429 -17.95 -8.02 30.27
N THR A 430 -16.74 -8.31 29.82
CA THR A 430 -15.56 -8.16 30.65
C THR A 430 -14.52 -7.27 29.95
N ASP A 431 -13.58 -6.73 30.72
CA ASP A 431 -12.59 -5.80 30.18
C ASP A 431 -11.74 -6.55 29.18
N ILE A 432 -11.41 -5.88 28.07
CA ILE A 432 -10.76 -6.55 26.94
C ILE A 432 -9.28 -6.80 27.25
N VAL B 2 -39.64 -48.32 -3.47
CA VAL B 2 -40.89 -48.21 -4.23
C VAL B 2 -40.61 -48.38 -5.70
N LEU B 3 -39.40 -48.00 -6.10
CA LEU B 3 -38.99 -48.10 -7.48
C LEU B 3 -38.72 -49.54 -7.85
N CYS B 4 -38.60 -49.78 -9.16
CA CYS B 4 -38.11 -51.05 -9.62
C CYS B 4 -36.59 -50.98 -9.56
N THR B 5 -36.02 -51.45 -8.46
CA THR B 5 -34.57 -51.33 -8.27
C THR B 5 -33.81 -52.46 -8.92
N ASN B 6 -34.56 -53.46 -9.42
CA ASN B 6 -33.96 -54.58 -10.13
C ASN B 6 -34.71 -54.94 -11.40
N PRO B 7 -34.47 -54.16 -12.46
CA PRO B 7 -35.14 -54.38 -13.73
C PRO B 7 -34.48 -55.53 -14.52
N LEU B 8 -35.29 -56.37 -15.16
CA LEU B 8 -34.77 -57.39 -16.08
C LEU B 8 -34.43 -56.73 -17.40
N ASP B 9 -35.34 -55.87 -17.86
CA ASP B 9 -35.21 -55.27 -19.16
C ASP B 9 -35.91 -53.91 -19.21
N ILE B 10 -35.30 -52.96 -19.91
CA ILE B 10 -35.89 -51.65 -20.12
C ILE B 10 -35.81 -51.27 -21.60
N GLY B 11 -36.94 -50.81 -22.15
CA GLY B 11 -36.98 -50.36 -23.53
C GLY B 11 -38.39 -50.22 -24.02
N GLU B 12 -38.54 -50.13 -25.34
CA GLU B 12 -39.85 -50.02 -25.96
C GLU B 12 -40.42 -51.42 -26.03
N LEU B 13 -41.67 -51.58 -25.61
CA LEU B 13 -42.32 -52.86 -25.70
C LEU B 13 -43.13 -52.88 -26.97
N ARG B 14 -42.64 -53.58 -27.99
CA ARG B 14 -43.34 -53.61 -29.27
C ARG B 14 -44.14 -54.90 -29.47
N SER B 15 -45.21 -54.79 -30.26
CA SER B 15 -46.01 -55.95 -30.66
C SER B 15 -45.31 -56.68 -31.80
N PHE B 16 -45.26 -58.00 -31.69
CA PHE B 16 -44.66 -58.85 -32.71
C PHE B 16 -45.40 -58.72 -34.05
N LYS B 17 -46.72 -58.55 -33.99
CA LYS B 17 -47.54 -58.41 -35.21
C LYS B 17 -47.27 -57.08 -35.90
N SER B 18 -47.52 -55.98 -35.21
CA SER B 18 -47.55 -54.64 -35.82
C SER B 18 -46.24 -53.84 -35.74
N LYS B 19 -45.29 -54.33 -34.93
CA LYS B 19 -44.04 -53.61 -34.62
C LYS B 19 -44.29 -52.23 -33.98
N GLN B 20 -45.48 -52.06 -33.42
CA GLN B 20 -45.91 -50.80 -32.78
C GLN B 20 -45.65 -50.82 -31.27
N CYS B 21 -45.38 -49.63 -30.72
CA CYS B 21 -45.16 -49.48 -29.28
C CYS B 21 -46.43 -49.71 -28.46
N VAL B 22 -46.28 -50.43 -27.36
CA VAL B 22 -47.24 -50.43 -26.28
C VAL B 22 -47.10 -49.06 -25.63
N ASP B 23 -48.23 -48.37 -25.51
CA ASP B 23 -48.23 -46.95 -25.13
C ASP B 23 -49.27 -46.60 -24.07
N ILE B 24 -48.90 -45.64 -23.24
CA ILE B 24 -49.81 -45.03 -22.29
C ILE B 24 -50.26 -43.68 -22.87
N VAL B 25 -51.57 -43.47 -22.85
CA VAL B 25 -52.17 -42.19 -23.26
C VAL B 25 -51.46 -41.03 -22.57
N GLY B 26 -51.20 -39.96 -23.32
CA GLY B 26 -50.50 -38.81 -22.80
C GLY B 26 -49.02 -39.10 -22.70
N ASN B 27 -48.33 -38.34 -21.88
CA ASN B 27 -46.90 -38.54 -21.66
C ASN B 27 -46.55 -38.61 -20.18
N GLN B 28 -47.59 -38.63 -19.35
CA GLN B 28 -47.48 -38.70 -17.89
C GLN B 28 -47.13 -40.12 -17.41
N GLY B 29 -47.49 -41.13 -18.20
CA GLY B 29 -47.24 -42.50 -17.82
C GLY B 29 -48.33 -43.08 -16.92
N SER B 30 -49.47 -42.40 -16.88
CA SER B 30 -50.67 -42.93 -16.23
C SER B 30 -51.82 -42.83 -17.21
N GLY B 31 -52.70 -43.83 -17.20
CA GLY B 31 -53.86 -43.82 -18.08
C GLY B 31 -54.01 -45.14 -18.80
N ASN B 32 -54.82 -45.14 -19.85
CA ASN B 32 -55.09 -46.35 -20.61
C ASN B 32 -53.88 -46.83 -21.44
N ILE B 33 -53.75 -48.16 -21.53
CA ILE B 33 -52.67 -48.78 -22.28
C ILE B 33 -53.18 -49.28 -23.62
N ALA B 34 -52.52 -48.85 -24.68
CA ALA B 34 -52.92 -49.19 -26.05
C ALA B 34 -51.72 -48.98 -26.94
N THR B 35 -51.70 -49.62 -28.11
CA THR B 35 -50.61 -49.43 -29.07
C THR B 35 -50.65 -48.02 -29.68
N TYR B 36 -49.51 -47.57 -30.19
CA TYR B 36 -49.36 -46.25 -30.80
C TYR B 36 -47.99 -46.11 -31.48
N ASP B 37 -47.85 -45.14 -32.38
CA ASP B 37 -46.56 -44.80 -32.98
C ASP B 37 -45.51 -44.69 -31.90
N CYS B 38 -44.29 -45.12 -32.19
CA CYS B 38 -43.21 -44.96 -31.23
C CYS B 38 -42.68 -43.52 -31.20
N ASP B 39 -43.10 -42.75 -30.19
CA ASP B 39 -42.78 -41.31 -30.13
C ASP B 39 -41.56 -40.92 -29.33
N GLY B 40 -40.79 -41.90 -28.85
CA GLY B 40 -39.52 -41.63 -28.14
C GLY B 40 -39.57 -40.92 -26.78
N LEU B 41 -40.78 -40.77 -26.23
CA LEU B 41 -40.95 -40.22 -24.90
C LEU B 41 -40.84 -41.30 -23.83
N SER B 42 -40.39 -40.88 -22.65
CA SER B 42 -40.07 -41.79 -21.55
C SER B 42 -41.23 -42.66 -21.08
N ASP B 43 -42.47 -42.29 -21.42
CA ASP B 43 -43.59 -43.14 -21.01
C ASP B 43 -43.67 -44.43 -21.82
N GLN B 44 -42.95 -44.48 -22.95
CA GLN B 44 -42.88 -45.66 -23.80
C GLN B 44 -41.66 -46.52 -23.48
N GLN B 45 -40.81 -46.02 -22.59
CA GLN B 45 -39.70 -46.80 -22.04
C GLN B 45 -40.25 -47.69 -20.93
N ILE B 46 -40.62 -48.91 -21.32
CA ILE B 46 -41.26 -49.86 -20.43
C ILE B 46 -40.24 -50.61 -19.59
N ILE B 47 -40.50 -50.70 -18.29
CA ILE B 47 -39.66 -51.49 -17.41
C ILE B 47 -40.27 -52.87 -17.12
N ILE B 48 -39.58 -53.89 -17.60
CA ILE B 48 -39.87 -55.26 -17.23
C ILE B 48 -39.13 -55.50 -15.93
N CYS B 49 -39.89 -55.47 -14.84
CA CYS B 49 -39.33 -55.48 -13.51
C CYS B 49 -39.06 -56.89 -12.96
N GLY B 50 -37.91 -57.02 -12.28
CA GLY B 50 -37.52 -58.25 -11.60
C GLY B 50 -38.56 -58.84 -10.65
N ASP B 51 -39.36 -57.97 -10.02
CA ASP B 51 -40.42 -58.43 -9.12
C ASP B 51 -41.68 -58.86 -9.88
N GLY B 52 -41.62 -58.80 -11.21
CA GLY B 52 -42.73 -59.27 -12.05
C GLY B 52 -43.79 -58.26 -12.45
N THR B 53 -43.63 -57.03 -11.98
CA THR B 53 -44.50 -55.94 -12.40
C THR B 53 -44.01 -55.39 -13.73
N ILE B 54 -44.88 -54.68 -14.44
CA ILE B 54 -44.45 -53.95 -15.62
C ILE B 54 -44.69 -52.47 -15.37
N ARG B 55 -43.63 -51.68 -15.54
CA ARG B 55 -43.67 -50.23 -15.27
C ARG B 55 -43.10 -49.43 -16.43
N ASN B 56 -42.88 -48.13 -16.21
CA ASN B 56 -42.37 -47.24 -17.26
C ASN B 56 -41.53 -46.11 -16.71
N GLU B 57 -40.69 -45.53 -17.57
CA GLU B 57 -39.75 -44.51 -17.11
C GLU B 57 -40.37 -43.16 -16.74
N ALA B 58 -41.58 -42.89 -17.20
CA ALA B 58 -42.23 -41.63 -16.86
C ALA B 58 -42.87 -41.58 -15.46
N ARG B 59 -43.25 -42.72 -14.91
CA ARG B 59 -44.02 -42.75 -13.66
C ARG B 59 -44.00 -44.13 -13.01
N ASN B 60 -43.89 -44.14 -11.68
CA ASN B 60 -43.81 -45.40 -10.93
C ASN B 60 -45.15 -46.09 -10.85
N TYR B 61 -45.69 -46.44 -12.01
CA TYR B 61 -47.02 -47.04 -12.15
C TYR B 61 -46.98 -48.42 -12.81
N CYS B 62 -47.94 -49.26 -12.43
CA CYS B 62 -47.98 -50.67 -12.85
C CYS B 62 -48.98 -50.96 -13.96
N PHE B 63 -48.60 -51.88 -14.85
CA PHE B 63 -49.54 -52.43 -15.83
C PHE B 63 -50.54 -53.19 -14.98
N THR B 64 -51.79 -52.77 -15.03
CA THR B 64 -52.85 -53.28 -14.15
C THR B 64 -54.09 -53.65 -14.96
N PRO B 65 -54.58 -54.89 -14.79
CA PRO B 65 -55.86 -55.29 -15.39
C PRO B 65 -57.01 -54.61 -14.65
N ASP B 66 -57.91 -53.99 -15.42
CA ASP B 66 -59.00 -53.18 -14.90
C ASP B 66 -60.21 -54.04 -14.50
N GLY B 67 -59.96 -55.17 -13.84
CA GLY B 67 -61.02 -56.13 -13.48
C GLY B 67 -60.50 -57.53 -13.20
N SER B 68 -61.39 -58.52 -13.25
CA SER B 68 -61.01 -59.91 -12.92
C SER B 68 -61.23 -60.91 -14.06
N GLY B 69 -62.01 -60.54 -15.06
CA GLY B 69 -62.24 -61.41 -16.21
C GLY B 69 -61.32 -61.05 -17.35
N ASN B 70 -61.87 -60.97 -18.55
CA ASN B 70 -61.17 -60.41 -19.69
C ASN B 70 -61.32 -58.91 -19.68
N ALA B 71 -60.44 -58.24 -18.93
CA ALA B 71 -60.57 -56.80 -18.70
C ALA B 71 -59.51 -55.99 -19.44
N ASN B 72 -59.80 -54.70 -19.58
CA ASN B 72 -58.89 -53.71 -20.17
C ASN B 72 -57.65 -53.54 -19.26
N VAL B 73 -56.52 -53.17 -19.84
CA VAL B 73 -55.31 -52.94 -19.04
C VAL B 73 -54.94 -51.45 -18.98
N MET B 74 -54.90 -50.92 -17.76
CA MET B 74 -54.54 -49.53 -17.52
C MET B 74 -53.18 -49.45 -16.81
N SER B 75 -52.60 -48.26 -16.78
CA SER B 75 -51.37 -47.97 -16.05
C SER B 75 -51.75 -47.16 -14.82
N SER B 76 -51.75 -47.81 -13.64
CA SER B 76 -52.24 -47.19 -12.42
C SER B 76 -51.31 -47.50 -11.25
N PRO B 77 -51.56 -46.92 -10.04
CA PRO B 77 -50.70 -47.13 -8.87
C PRO B 77 -50.41 -48.58 -8.58
N CYS B 78 -49.15 -48.86 -8.27
CA CYS B 78 -48.72 -50.19 -7.88
C CYS B 78 -49.14 -50.42 -6.43
N THR B 79 -49.86 -51.52 -6.19
CA THR B 79 -50.08 -51.96 -4.82
C THR B 79 -48.79 -52.61 -4.36
N LEU B 80 -48.10 -51.97 -3.42
CA LEU B 80 -46.75 -52.41 -3.07
C LEU B 80 -46.69 -52.98 -1.65
N TYR B 81 -47.71 -52.63 -0.88
CA TYR B 81 -47.83 -53.01 0.53
C TYR B 81 -49.21 -53.61 0.75
N PRO B 82 -49.28 -54.72 1.51
CA PRO B 82 -48.19 -55.39 2.23
C PRO B 82 -47.19 -56.08 1.31
N GLU B 83 -47.65 -56.38 0.09
CA GLU B 83 -46.83 -56.96 -0.97
C GLU B 83 -47.57 -56.81 -2.29
N ILE B 84 -46.84 -56.92 -3.39
CA ILE B 84 -47.43 -56.78 -4.71
C ILE B 84 -48.36 -57.97 -4.94
N PRO B 85 -49.65 -57.68 -5.25
CA PRO B 85 -50.61 -58.78 -5.51
C PRO B 85 -50.32 -59.49 -6.82
N SER B 86 -50.92 -60.65 -7.01
CA SER B 86 -50.73 -61.45 -8.21
C SER B 86 -51.33 -60.80 -9.43
N SER B 87 -52.42 -60.04 -9.22
CA SER B 87 -53.10 -59.32 -10.30
C SER B 87 -52.17 -58.35 -11.05
N GLN B 88 -51.15 -57.84 -10.37
CA GLN B 88 -50.20 -56.92 -10.99
C GLN B 88 -48.88 -57.56 -11.41
N ARG B 89 -48.76 -58.88 -11.20
CA ARG B 89 -47.58 -59.61 -11.62
C ARG B 89 -47.79 -60.33 -12.96
N TRP B 90 -46.73 -60.48 -13.74
CA TRP B 90 -46.78 -61.04 -15.09
C TRP B 90 -45.60 -61.96 -15.29
N ARG B 91 -45.69 -62.88 -16.26
CA ARG B 91 -44.57 -63.75 -16.64
C ARG B 91 -44.45 -64.01 -18.15
N GLN B 92 -43.29 -64.47 -18.59
CA GLN B 92 -43.09 -64.94 -19.96
C GLN B 92 -43.81 -66.28 -20.16
N GLY B 93 -44.51 -66.37 -21.28
CA GLY B 93 -45.06 -67.62 -21.78
C GLY B 93 -44.14 -68.14 -22.86
N ARG B 94 -44.75 -68.61 -23.96
CA ARG B 94 -43.96 -69.15 -25.07
C ARG B 94 -43.26 -68.02 -25.80
N ARG B 95 -42.15 -68.34 -26.46
CA ARG B 95 -41.32 -67.31 -27.03
C ARG B 95 -40.95 -67.57 -28.49
N LYS B 96 -41.31 -66.61 -29.34
CA LYS B 96 -40.80 -66.58 -30.72
C LYS B 96 -39.55 -65.72 -30.73
N THR B 97 -38.52 -66.17 -31.44
CA THR B 97 -37.26 -65.46 -31.49
C THR B 97 -36.80 -65.18 -32.92
N PHE B 98 -36.51 -63.92 -33.22
CA PHE B 98 -36.24 -63.47 -34.59
C PHE B 98 -35.14 -62.43 -34.69
N THR B 99 -34.75 -62.11 -35.93
CA THR B 99 -33.73 -61.08 -36.16
C THR B 99 -34.32 -59.92 -36.95
N ASP B 100 -34.30 -58.71 -36.39
CA ASP B 100 -34.87 -57.55 -37.07
C ASP B 100 -33.91 -56.94 -38.10
N ASN B 101 -34.39 -55.89 -38.79
CA ASN B 101 -33.64 -55.25 -39.86
C ASN B 101 -32.38 -54.58 -39.36
N GLY B 102 -32.33 -54.32 -38.06
CA GLY B 102 -31.12 -53.82 -37.43
C GLY B 102 -30.03 -54.87 -37.32
N GLY B 103 -30.38 -56.15 -37.53
CA GLY B 103 -29.43 -57.26 -37.36
C GLY B 103 -29.27 -57.66 -35.90
N ILE B 104 -30.25 -57.30 -35.07
CA ILE B 104 -30.26 -57.57 -33.64
C ILE B 104 -31.31 -58.66 -33.33
N GLU B 105 -30.90 -59.62 -32.52
CA GLU B 105 -31.81 -60.71 -32.19
C GLU B 105 -32.78 -60.25 -31.12
N GLN B 106 -34.07 -60.38 -31.42
CA GLN B 106 -35.13 -60.02 -30.49
C GLN B 106 -35.87 -61.27 -30.04
N VAL B 107 -36.45 -61.21 -28.85
CA VAL B 107 -37.21 -62.32 -28.32
C VAL B 107 -38.63 -61.89 -27.94
N ALA B 108 -39.59 -62.18 -28.81
CA ALA B 108 -40.98 -61.88 -28.50
C ALA B 108 -41.56 -62.99 -27.65
N THR B 109 -42.33 -62.63 -26.62
CA THR B 109 -43.01 -63.66 -25.80
C THR B 109 -44.43 -63.28 -25.43
N GLU B 110 -45.20 -64.25 -24.95
CA GLU B 110 -46.52 -63.99 -24.36
C GLU B 110 -46.23 -63.37 -23.00
N ILE B 111 -47.09 -62.46 -22.58
CA ILE B 111 -46.97 -61.85 -21.27
C ILE B 111 -48.22 -62.24 -20.51
N ILE B 112 -48.04 -63.18 -19.60
CA ILE B 112 -49.16 -63.81 -18.90
C ILE B 112 -49.35 -63.23 -17.49
N ASN B 113 -50.57 -62.76 -17.23
CA ASN B 113 -50.95 -62.35 -15.88
C ASN B 113 -50.88 -63.51 -14.89
N LEU B 114 -50.46 -63.24 -13.65
CA LEU B 114 -50.32 -64.30 -12.65
C LEU B 114 -51.59 -64.58 -11.82
N ALA B 115 -52.54 -63.66 -11.81
CA ALA B 115 -53.78 -63.90 -11.09
C ALA B 115 -54.75 -64.66 -11.97
N SER B 116 -55.09 -64.08 -13.13
CA SER B 116 -56.06 -64.68 -14.04
C SER B 116 -55.44 -65.75 -14.95
N GLY B 117 -54.12 -65.77 -15.06
CA GLY B 117 -53.43 -66.70 -15.98
C GLY B 117 -53.67 -66.39 -17.46
N LYS B 118 -54.19 -65.20 -17.72
CA LYS B 118 -54.49 -64.72 -19.08
C LYS B 118 -53.34 -64.01 -19.79
N CYS B 119 -53.55 -63.65 -21.05
CA CYS B 119 -52.48 -63.08 -21.89
C CYS B 119 -52.68 -61.60 -22.15
N LEU B 120 -51.57 -60.87 -22.18
CA LEU B 120 -51.60 -59.49 -22.61
C LEU B 120 -51.95 -59.55 -24.07
N ASP B 121 -52.92 -58.72 -24.46
CA ASP B 121 -53.58 -58.85 -25.74
C ASP B 121 -54.03 -57.53 -26.35
N ILE B 122 -53.95 -57.44 -27.68
CA ILE B 122 -54.58 -56.36 -28.44
C ILE B 122 -55.84 -56.87 -29.15
N GLU B 123 -56.82 -55.98 -29.31
CA GLU B 123 -58.13 -56.36 -29.87
C GLU B 123 -58.04 -57.01 -31.26
N GLY B 124 -58.58 -58.21 -31.36
CA GLY B 124 -58.58 -58.97 -32.60
C GLY B 124 -57.22 -59.56 -32.88
N SER B 125 -56.87 -59.55 -34.16
CA SER B 125 -55.58 -60.08 -34.61
C SER B 125 -54.80 -59.03 -35.38
N ASP B 126 -55.35 -57.84 -35.44
CA ASP B 126 -54.50 -56.69 -35.46
C ASP B 126 -55.11 -55.43 -35.93
N GLY B 127 -56.07 -55.01 -35.12
CA GLY B 127 -56.62 -53.68 -35.03
C GLY B 127 -55.55 -52.65 -35.10
N THR B 128 -55.06 -52.41 -33.90
CA THR B 128 -53.70 -52.12 -33.54
C THR B 128 -54.33 -51.77 -32.21
N GLY B 129 -54.08 -50.64 -31.60
CA GLY B 129 -54.92 -50.09 -30.53
C GLY B 129 -54.96 -50.67 -29.12
N ASP B 130 -56.17 -50.94 -28.66
CA ASP B 130 -56.41 -51.11 -27.23
C ASP B 130 -55.93 -52.42 -26.64
N ILE B 131 -55.27 -52.34 -25.50
CA ILE B 131 -54.66 -53.50 -24.85
C ILE B 131 -55.40 -53.85 -23.55
N GLY B 132 -55.53 -55.13 -23.30
CA GLY B 132 -56.12 -55.66 -22.08
C GLY B 132 -55.62 -57.08 -21.89
N VAL B 133 -56.27 -57.83 -21.02
CA VAL B 133 -55.97 -59.27 -20.90
C VAL B 133 -56.98 -60.11 -21.68
N TYR B 134 -56.59 -61.35 -21.99
CA TYR B 134 -57.45 -62.30 -22.70
C TYR B 134 -56.93 -63.74 -22.57
N ASP B 135 -57.65 -64.70 -23.16
CA ASP B 135 -57.16 -66.08 -23.23
C ASP B 135 -56.01 -66.21 -24.23
N CYS B 136 -55.03 -67.04 -23.89
CA CYS B 136 -53.84 -67.20 -24.73
C CYS B 136 -54.11 -68.09 -25.94
N GLN B 137 -54.08 -67.51 -27.13
CA GLN B 137 -54.41 -68.23 -28.37
C GLN B 137 -53.39 -68.05 -29.50
N ASN B 138 -52.13 -67.91 -29.14
CA ASN B 138 -50.99 -67.96 -30.06
C ASN B 138 -51.02 -67.13 -31.36
N LEU B 139 -51.88 -66.12 -31.41
CA LEU B 139 -51.80 -65.17 -32.49
C LEU B 139 -50.61 -64.25 -32.25
N ASP B 140 -49.97 -63.83 -33.35
CA ASP B 140 -48.74 -63.03 -33.28
C ASP B 140 -48.92 -61.63 -32.67
N ASP B 141 -50.15 -61.31 -32.24
CA ASP B 141 -50.44 -60.01 -31.63
C ASP B 141 -50.47 -60.09 -30.11
N GLN B 142 -50.47 -61.31 -29.59
CA GLN B 142 -50.32 -61.56 -28.17
C GLN B 142 -48.83 -61.78 -27.81
N TYR B 143 -47.96 -61.43 -28.76
CA TYR B 143 -46.52 -61.54 -28.59
C TYR B 143 -45.85 -60.16 -28.59
N PHE B 144 -45.01 -59.92 -27.59
CA PHE B 144 -44.36 -58.64 -27.39
C PHE B 144 -42.88 -58.83 -27.17
N TYR B 145 -42.08 -57.89 -27.64
CA TYR B 145 -40.66 -57.88 -27.36
C TYR B 145 -40.16 -56.50 -26.90
N VAL B 146 -39.19 -56.48 -25.98
CA VAL B 146 -38.49 -55.26 -25.59
C VAL B 146 -37.40 -55.04 -26.62
N ARG B 147 -37.55 -54.01 -27.45
CA ARG B 147 -36.60 -53.79 -28.54
C ARG B 147 -35.20 -53.49 -28.04
N SER B 148 -34.25 -54.31 -28.47
CA SER B 148 -32.85 -54.09 -28.15
C SER B 148 -32.20 -53.39 -29.34
N ARG B 149 -31.19 -52.56 -29.05
CA ARG B 149 -30.41 -51.91 -30.10
C ARG B 149 -28.98 -52.47 -30.19
N GLY B 150 -28.68 -53.45 -29.34
CA GLY B 150 -27.33 -53.92 -29.09
C GLY B 150 -26.70 -52.91 -28.17
N PRO B 151 -25.38 -53.04 -27.92
CA PRO B 151 -24.72 -52.00 -27.15
C PRO B 151 -24.68 -50.68 -27.90
N GLU B 152 -24.92 -49.64 -27.10
CA GLU B 152 -24.13 -48.45 -26.94
C GLU B 152 -22.65 -48.53 -27.36
N LEU B 153 -22.34 -47.91 -28.49
CA LEU B 153 -20.98 -47.78 -29.01
C LEU B 153 -20.33 -46.42 -28.70
N PHE B 154 -21.15 -45.36 -28.68
CA PHE B 154 -20.69 -43.99 -28.40
C PHE B 154 -21.78 -43.14 -27.79
N TYR B 155 -21.37 -42.15 -27.01
CA TYR B 155 -22.30 -41.15 -26.53
C TYR B 155 -21.55 -39.85 -26.51
N GLY B 156 -21.88 -38.93 -27.42
CA GLY B 156 -21.20 -37.65 -27.52
C GLY B 156 -21.79 -36.70 -28.57
N ARG B 157 -21.07 -35.60 -28.83
CA ARG B 157 -21.46 -34.72 -29.92
C ARG B 157 -20.58 -35.06 -31.09
N LEU B 158 -20.95 -34.57 -32.26
CA LEU B 158 -20.23 -34.87 -33.48
C LEU B 158 -19.69 -33.59 -34.08
N ARG B 159 -18.38 -33.43 -33.95
CA ARG B 159 -17.65 -32.23 -34.42
C ARG B 159 -17.13 -32.43 -35.84
N ASN B 160 -17.43 -31.47 -36.72
CA ASN B 160 -17.08 -31.61 -38.13
C ASN B 160 -15.60 -31.35 -38.38
N GLU B 161 -14.97 -32.20 -39.19
CA GLU B 161 -13.54 -32.03 -39.48
C GLU B 161 -13.21 -30.76 -40.26
N LYS B 162 -14.10 -30.34 -41.14
CA LYS B 162 -13.79 -29.20 -41.99
C LYS B 162 -13.97 -27.87 -41.26
N SER B 163 -15.01 -27.76 -40.43
CA SER B 163 -15.42 -26.49 -39.89
C SER B 163 -15.35 -26.44 -38.38
N ASP B 164 -15.18 -27.58 -37.74
CA ASP B 164 -15.23 -27.66 -36.28
C ASP B 164 -16.60 -27.20 -35.72
N LEU B 165 -17.63 -27.21 -36.57
CA LEU B 165 -18.99 -26.99 -36.11
C LEU B 165 -19.59 -28.31 -35.60
N CYS B 166 -20.66 -28.24 -34.82
CA CYS B 166 -21.23 -29.46 -34.26
C CYS B 166 -22.50 -29.86 -35.00
N LEU B 167 -22.68 -31.15 -35.18
CA LEU B 167 -23.93 -31.69 -35.73
C LEU B 167 -25.04 -31.23 -34.80
N ASP B 168 -25.98 -30.45 -35.33
CA ASP B 168 -26.96 -29.75 -34.51
C ASP B 168 -28.40 -29.96 -34.97
N VAL B 169 -29.33 -29.94 -34.02
CA VAL B 169 -30.76 -29.89 -34.33
C VAL B 169 -31.31 -28.48 -34.09
N GLU B 170 -32.22 -28.04 -34.98
CA GLU B 170 -32.82 -26.72 -34.87
C GLU B 170 -33.60 -26.57 -33.58
N GLY B 171 -33.49 -25.38 -32.96
CA GLY B 171 -34.06 -25.12 -31.64
C GLY B 171 -33.28 -25.84 -30.56
N SER B 172 -34.00 -26.39 -29.58
CA SER B 172 -33.39 -27.21 -28.52
C SER B 172 -34.37 -28.29 -28.03
N ASP B 173 -35.42 -28.49 -28.81
CA ASP B 173 -36.39 -29.56 -28.57
C ASP B 173 -35.78 -30.94 -28.89
N GLY B 174 -34.81 -30.95 -29.81
CA GLY B 174 -34.22 -32.19 -30.30
C GLY B 174 -35.01 -32.73 -31.49
N LYS B 175 -36.01 -31.96 -31.93
CA LYS B 175 -36.87 -32.35 -33.05
C LYS B 175 -36.67 -31.43 -34.24
N GLY B 176 -36.85 -31.98 -35.43
CA GLY B 176 -36.84 -31.18 -36.64
C GLY B 176 -35.59 -31.36 -37.48
N ASN B 177 -35.20 -30.27 -38.15
CA ASN B 177 -34.09 -30.29 -39.09
C ASN B 177 -32.75 -30.53 -38.43
N VAL B 178 -31.84 -31.19 -39.14
CA VAL B 178 -30.47 -31.32 -38.66
C VAL B 178 -29.56 -30.49 -39.55
N LEU B 179 -28.73 -29.67 -38.92
CA LEU B 179 -27.82 -28.79 -39.66
C LEU B 179 -26.52 -28.62 -38.90
N MET B 180 -25.55 -27.96 -39.54
CA MET B 180 -24.31 -27.63 -38.85
C MET B 180 -24.51 -26.30 -38.14
N TYR B 181 -23.98 -26.21 -36.92
CA TYR B 181 -24.08 -25.01 -36.11
C TYR B 181 -23.00 -24.98 -35.03
N SER B 182 -22.85 -23.86 -34.36
CA SER B 182 -21.88 -23.71 -33.27
C SER B 182 -22.09 -24.73 -32.17
N CYS B 183 -20.99 -25.29 -31.66
CA CYS B 183 -21.09 -26.20 -30.54
C CYS B 183 -21.63 -25.49 -29.31
N GLU B 184 -22.79 -25.95 -28.85
CA GLU B 184 -23.40 -25.43 -27.64
C GLU B 184 -23.51 -26.58 -26.68
N ASP B 185 -23.31 -26.31 -25.39
CA ASP B 185 -23.36 -27.36 -24.39
C ASP B 185 -24.79 -27.73 -23.99
N ASN B 186 -25.62 -28.02 -24.99
CA ASN B 186 -26.98 -28.46 -24.77
C ASN B 186 -27.14 -29.93 -25.10
N LEU B 187 -28.14 -30.55 -24.50
CA LEU B 187 -28.39 -31.95 -24.65
C LEU B 187 -28.86 -32.28 -26.07
N ASP B 188 -29.29 -31.26 -26.83
CA ASP B 188 -29.84 -31.47 -28.16
C ASP B 188 -28.78 -31.74 -29.21
N GLN B 189 -27.51 -31.66 -28.82
CA GLN B 189 -26.41 -31.91 -29.74
C GLN B 189 -25.67 -33.20 -29.42
N TRP B 190 -26.13 -33.87 -28.37
CA TRP B 190 -25.59 -35.15 -27.94
C TRP B 190 -26.37 -36.30 -28.55
N PHE B 191 -25.65 -37.31 -29.03
CA PHE B 191 -26.25 -38.47 -29.64
C PHE B 191 -25.69 -39.75 -29.06
N ARG B 192 -26.52 -40.80 -29.10
CA ARG B 192 -26.09 -42.15 -28.74
C ARG B 192 -26.08 -43.00 -29.98
N TYR B 193 -24.97 -43.68 -30.22
CA TYR B 193 -24.82 -44.54 -31.38
C TYR B 193 -24.86 -45.99 -30.95
N TYR B 194 -25.76 -46.77 -31.50
CA TYR B 194 -25.89 -48.17 -31.11
C TYR B 194 -25.41 -49.19 -32.15
N GLU B 195 -25.20 -50.43 -31.68
CA GLU B 195 -24.80 -51.58 -32.50
C GLU B 195 -25.71 -51.79 -33.70
N ASN B 196 -27.01 -51.54 -33.53
CA ASN B 196 -27.95 -51.63 -34.63
C ASN B 196 -27.83 -50.54 -35.70
N GLY B 197 -26.98 -49.55 -35.46
CA GLY B 197 -26.70 -48.50 -36.44
C GLY B 197 -27.47 -47.21 -36.23
N GLU B 198 -28.37 -47.18 -35.25
CA GLU B 198 -29.16 -45.99 -34.99
C GLU B 198 -28.38 -44.93 -34.24
N ILE B 199 -28.59 -43.68 -34.62
CA ILE B 199 -28.04 -42.52 -33.91
C ILE B 199 -29.22 -41.79 -33.25
N VAL B 200 -29.30 -41.91 -31.95
CA VAL B 200 -30.46 -41.42 -31.22
C VAL B 200 -30.11 -40.12 -30.49
N ASN B 201 -30.91 -39.10 -30.76
CA ASN B 201 -30.72 -37.79 -30.11
C ASN B 201 -31.02 -37.85 -28.61
N ALA B 202 -30.10 -37.30 -27.80
CA ALA B 202 -30.17 -37.40 -26.34
C ALA B 202 -31.25 -36.53 -25.74
N LYS B 203 -31.68 -35.49 -26.45
CA LYS B 203 -32.75 -34.62 -25.94
C LYS B 203 -34.13 -35.16 -26.22
N SER B 204 -34.39 -35.51 -27.49
CA SER B 204 -35.70 -35.95 -27.97
C SER B 204 -35.92 -37.44 -27.89
N GLY B 205 -34.83 -38.23 -27.82
CA GLY B 205 -34.93 -39.68 -27.82
C GLY B 205 -35.33 -40.30 -29.16
N MET B 206 -35.24 -39.50 -30.23
CA MET B 206 -35.61 -39.94 -31.58
C MET B 206 -34.38 -40.07 -32.51
N CYS B 207 -34.58 -40.66 -33.68
CA CYS B 207 -33.49 -41.10 -34.55
C CYS B 207 -33.04 -40.06 -35.55
N LEU B 208 -31.74 -40.12 -35.89
CA LEU B 208 -31.20 -39.38 -37.01
C LEU B 208 -31.72 -40.08 -38.25
N ASP B 209 -32.54 -39.34 -39.01
CA ASP B 209 -33.33 -39.88 -40.11
C ASP B 209 -33.17 -39.08 -41.38
N VAL B 210 -33.25 -39.79 -42.52
CA VAL B 210 -33.29 -39.19 -43.85
C VAL B 210 -34.73 -39.16 -44.38
N GLU B 211 -35.06 -38.08 -45.09
CA GLU B 211 -36.37 -37.88 -45.75
C GLU B 211 -36.76 -39.08 -46.63
N GLY B 212 -38.03 -39.46 -46.59
CA GLY B 212 -38.53 -40.57 -47.39
C GLY B 212 -38.00 -41.90 -46.87
N SER B 213 -37.66 -42.80 -47.79
CA SER B 213 -37.14 -44.14 -47.42
C SER B 213 -35.92 -44.57 -48.23
N ASP B 214 -35.60 -43.81 -49.29
CA ASP B 214 -34.51 -44.15 -50.20
C ASP B 214 -33.13 -44.02 -49.55
N GLY B 215 -33.03 -43.15 -48.55
CA GLY B 215 -31.75 -42.85 -47.91
C GLY B 215 -31.08 -41.70 -48.63
N SER B 216 -31.85 -40.96 -49.42
CA SER B 216 -31.37 -39.79 -50.14
C SER B 216 -32.28 -38.58 -49.90
N GLY B 217 -31.67 -37.47 -49.47
CA GLY B 217 -32.39 -36.23 -49.19
C GLY B 217 -31.92 -35.52 -47.93
N ASN B 218 -32.82 -34.73 -47.34
CA ASN B 218 -32.52 -33.97 -46.14
C ASN B 218 -32.55 -34.82 -44.89
N VAL B 219 -31.72 -34.45 -43.90
CA VAL B 219 -31.62 -35.22 -42.66
C VAL B 219 -32.22 -34.44 -41.50
N GLY B 220 -32.92 -35.15 -40.63
CA GLY B 220 -33.52 -34.52 -39.46
C GLY B 220 -33.74 -35.56 -38.41
N ILE B 221 -34.45 -35.19 -37.35
CA ILE B 221 -34.80 -36.15 -36.32
C ILE B 221 -36.25 -36.60 -36.53
N TYR B 222 -36.47 -37.91 -36.41
CA TYR B 222 -37.79 -38.50 -36.66
C TYR B 222 -37.93 -39.79 -35.86
N ARG B 223 -39.17 -40.25 -35.63
CA ARG B 223 -39.44 -41.49 -34.89
C ARG B 223 -38.58 -42.66 -35.39
N CYS B 224 -38.13 -43.51 -34.47
CA CYS B 224 -37.32 -44.70 -34.82
C CYS B 224 -38.18 -45.87 -35.27
N ASP B 225 -38.39 -45.99 -36.58
CA ASP B 225 -39.26 -47.03 -37.11
C ASP B 225 -38.49 -48.21 -37.70
N ASP B 226 -37.44 -48.63 -37.02
CA ASP B 226 -36.61 -49.82 -37.38
C ASP B 226 -36.33 -49.97 -38.89
N LEU B 227 -36.35 -48.86 -39.62
CA LEU B 227 -36.01 -48.89 -41.05
C LEU B 227 -34.51 -48.75 -41.27
N ARG B 228 -34.05 -49.25 -42.42
CA ARG B 228 -32.64 -49.28 -42.76
C ARG B 228 -32.10 -47.89 -43.13
N ASP B 229 -32.99 -46.97 -43.49
CA ASP B 229 -32.59 -45.60 -43.85
C ASP B 229 -32.32 -44.73 -42.62
N GLN B 230 -32.60 -45.28 -41.43
CA GLN B 230 -32.29 -44.63 -40.16
C GLN B 230 -31.13 -45.37 -39.50
N MET B 231 -30.40 -46.13 -40.29
CA MET B 231 -29.25 -46.88 -39.79
C MET B 231 -27.97 -46.45 -40.49
N TRP B 232 -26.91 -46.33 -39.71
CA TRP B 232 -25.67 -45.79 -40.22
C TRP B 232 -24.51 -46.67 -39.78
N SER B 233 -23.55 -46.86 -40.67
CA SER B 233 -22.31 -47.53 -40.35
C SER B 233 -21.18 -46.52 -40.37
N ARG B 234 -20.08 -46.89 -39.74
CA ARG B 234 -18.96 -46.01 -39.57
C ARG B 234 -17.75 -46.73 -40.18
N PRO B 235 -17.73 -46.88 -41.51
CA PRO B 235 -16.63 -47.60 -42.16
C PRO B 235 -15.27 -46.98 -41.92
N ASN B 236 -14.33 -47.80 -41.42
CA ASN B 236 -12.97 -47.38 -41.15
C ASN B 236 -12.29 -46.77 -42.37
N ALA B 237 -12.74 -47.19 -43.55
CA ALA B 237 -12.17 -46.75 -44.84
C ALA B 237 -12.33 -45.25 -45.07
N TYR B 238 -13.40 -44.66 -44.52
CA TYR B 238 -13.69 -43.24 -44.69
C TYR B 238 -13.29 -42.36 -43.52
N CYS B 239 -12.50 -42.90 -42.60
CA CYS B 239 -12.03 -42.16 -41.44
C CYS B 239 -10.72 -41.49 -41.72
N ASN B 240 -10.44 -40.44 -40.96
CA ASN B 240 -9.15 -39.80 -40.93
C ASN B 240 -8.90 -39.52 -39.46
N GLY B 241 -8.14 -40.41 -38.82
CA GLY B 241 -7.99 -40.39 -37.37
C GLY B 241 -9.33 -40.71 -36.72
N ASP B 242 -9.77 -39.83 -35.81
CA ASP B 242 -11.03 -39.98 -35.09
C ASP B 242 -12.24 -39.36 -35.81
N TYR B 243 -12.00 -38.77 -36.98
CA TYR B 243 -13.05 -38.14 -37.76
C TYR B 243 -13.53 -39.15 -38.78
N CYS B 244 -14.82 -39.44 -38.76
CA CYS B 244 -15.34 -40.53 -39.59
C CYS B 244 -16.63 -40.17 -40.29
N SER B 245 -16.86 -40.82 -41.43
CA SER B 245 -18.09 -40.66 -42.20
C SER B 245 -19.15 -41.65 -41.73
N PHE B 246 -20.40 -41.24 -41.83
CA PHE B 246 -21.51 -42.08 -41.49
C PHE B 246 -22.25 -42.48 -42.76
N LEU B 247 -22.22 -43.78 -43.02
CA LEU B 247 -22.74 -44.35 -44.23
C LEU B 247 -24.14 -44.88 -43.99
N ASN B 248 -25.10 -44.38 -44.75
CA ASN B 248 -26.50 -44.80 -44.64
C ASN B 248 -26.66 -46.23 -45.15
N LYS B 249 -27.31 -47.10 -44.36
CA LYS B 249 -27.46 -48.52 -44.75
C LYS B 249 -28.39 -48.75 -45.94
N GLU B 250 -29.33 -47.84 -46.14
CA GLU B 250 -30.31 -47.95 -47.22
C GLU B 250 -29.83 -47.47 -48.59
N SER B 251 -28.86 -46.56 -48.61
CA SER B 251 -28.45 -45.94 -49.86
C SER B 251 -26.95 -45.94 -50.13
N ASN B 252 -26.18 -46.51 -49.20
CA ASN B 252 -24.71 -46.39 -49.22
C ASN B 252 -24.22 -44.96 -49.49
N LYS B 253 -25.01 -43.98 -49.07
CA LYS B 253 -24.63 -42.58 -49.19
C LYS B 253 -24.22 -42.05 -47.83
N CYS B 254 -23.30 -41.08 -47.84
CA CYS B 254 -22.72 -40.48 -46.62
C CYS B 254 -23.56 -39.36 -46.05
N LEU B 255 -23.50 -39.25 -44.72
CA LEU B 255 -23.98 -38.08 -44.02
C LEU B 255 -23.09 -36.92 -44.48
N ASP B 256 -23.73 -35.86 -44.97
CA ASP B 256 -23.03 -34.80 -45.69
C ASP B 256 -23.54 -33.41 -45.38
N VAL B 257 -22.65 -32.44 -45.50
CA VAL B 257 -22.98 -31.03 -45.36
C VAL B 257 -22.95 -30.42 -46.76
N SER B 258 -23.91 -29.55 -47.03
CA SER B 258 -23.98 -28.93 -48.34
C SER B 258 -22.72 -28.07 -48.55
N GLY B 259 -22.30 -27.95 -49.80
CA GLY B 259 -21.07 -27.26 -50.11
C GLY B 259 -19.83 -28.03 -49.69
N ASP B 260 -18.69 -27.35 -49.79
CA ASP B 260 -17.40 -27.93 -49.43
C ASP B 260 -16.92 -27.51 -48.03
N GLN B 261 -17.53 -26.47 -47.46
CA GLN B 261 -16.97 -25.78 -46.27
C GLN B 261 -17.52 -26.27 -44.94
N GLY B 262 -18.39 -27.27 -44.98
CA GLY B 262 -18.93 -27.88 -43.76
C GLY B 262 -19.70 -26.93 -42.85
N THR B 263 -20.46 -26.02 -43.45
CA THR B 263 -21.22 -25.01 -42.68
C THR B 263 -22.75 -24.96 -42.89
N GLY B 264 -23.24 -25.52 -43.99
CA GLY B 264 -24.69 -25.46 -44.31
C GLY B 264 -25.64 -26.46 -43.66
N ASP B 265 -26.63 -26.89 -44.46
CA ASP B 265 -27.64 -27.87 -44.05
C ASP B 265 -27.04 -29.28 -44.17
N VAL B 266 -27.64 -30.24 -43.46
CA VAL B 266 -27.18 -31.62 -43.45
C VAL B 266 -28.17 -32.59 -44.15
N GLY B 267 -27.66 -33.26 -45.19
CA GLY B 267 -28.40 -34.31 -45.86
C GLY B 267 -27.49 -35.49 -46.11
N THR B 268 -27.86 -36.32 -47.08
CA THR B 268 -27.01 -37.42 -47.54
C THR B 268 -26.51 -37.09 -48.93
N TRP B 269 -25.40 -37.71 -49.31
CA TRP B 269 -24.80 -37.44 -50.60
C TRP B 269 -23.80 -38.55 -50.89
N GLN B 270 -23.31 -38.63 -52.12
CA GLN B 270 -22.26 -39.58 -52.47
C GLN B 270 -21.05 -39.41 -51.56
N CYS B 271 -20.52 -40.51 -51.04
CA CYS B 271 -19.30 -40.47 -50.22
C CYS B 271 -18.14 -40.00 -51.07
N ASP B 272 -17.67 -38.79 -50.82
CA ASP B 272 -16.63 -38.16 -51.64
C ASP B 272 -15.25 -38.12 -50.97
N GLY B 273 -15.21 -38.55 -49.71
CA GLY B 273 -13.95 -38.63 -48.95
C GLY B 273 -13.37 -37.29 -48.59
N LEU B 274 -14.24 -36.31 -48.40
CA LEU B 274 -13.84 -34.92 -48.10
C LEU B 274 -14.08 -34.57 -46.63
N PRO B 275 -13.27 -33.64 -46.08
CA PRO B 275 -13.34 -33.34 -44.65
C PRO B 275 -14.73 -32.99 -44.13
N ASP B 276 -15.55 -32.38 -44.97
CA ASP B 276 -16.88 -31.92 -44.53
C ASP B 276 -17.86 -33.05 -44.29
N GLN B 277 -17.44 -34.28 -44.61
CA GLN B 277 -18.27 -35.47 -44.41
C GLN B 277 -17.79 -36.34 -43.25
N ARG B 278 -16.84 -35.81 -42.47
CA ARG B 278 -16.24 -36.54 -41.38
C ARG B 278 -16.49 -35.88 -40.03
N PHE B 279 -16.87 -36.69 -39.06
CA PHE B 279 -17.23 -36.18 -37.75
C PHE B 279 -16.46 -36.89 -36.66
N LYS B 280 -16.06 -36.14 -35.64
CA LYS B 280 -15.42 -36.71 -34.46
C LYS B 280 -16.39 -36.76 -33.29
N TRP B 281 -16.36 -37.89 -32.58
CA TRP B 281 -17.10 -38.03 -31.34
C TRP B 281 -16.34 -37.22 -30.31
N VAL B 282 -17.01 -36.26 -29.69
CA VAL B 282 -16.35 -35.40 -28.69
C VAL B 282 -17.13 -35.40 -27.39
N PHE B 283 -16.39 -35.33 -26.29
CA PHE B 283 -16.99 -35.56 -24.98
C PHE B 283 -16.87 -34.37 -24.04
N ASP B 284 -16.26 -33.30 -24.52
CA ASP B 284 -16.09 -32.07 -23.73
C ASP B 284 -17.37 -31.28 -23.57
N ASP B 285 -17.30 -30.23 -22.76
CA ASP B 285 -18.42 -29.31 -22.59
C ASP B 285 -18.20 -27.98 -23.31
N TRP B 286 -17.28 -27.97 -24.27
CA TRP B 286 -16.84 -26.71 -24.89
C TRP B 286 -17.97 -25.96 -25.58
N GLU B 287 -17.88 -24.63 -25.58
CA GLU B 287 -18.76 -23.78 -26.36
C GLU B 287 -17.90 -22.84 -27.23
N VAL B 288 -18.49 -22.16 -28.20
CA VAL B 288 -17.71 -21.23 -29.03
C VAL B 288 -17.58 -19.85 -28.36
N PRO B 289 -16.56 -19.07 -28.75
CA PRO B 289 -16.43 -17.71 -28.26
C PRO B 289 -17.51 -16.76 -28.77
N THR B 290 -18.38 -16.31 -27.87
CA THR B 290 -19.50 -15.42 -28.19
C THR B 290 -19.20 -13.95 -27.90
N ALA B 291 -18.75 -13.68 -26.68
CA ALA B 291 -18.68 -12.33 -26.13
C ALA B 291 -17.67 -11.45 -26.87
N THR B 292 -17.91 -10.14 -26.87
CA THR B 292 -16.87 -9.22 -27.35
C THR B 292 -16.40 -8.32 -26.19
N TRP B 293 -15.11 -8.06 -26.14
CA TRP B 293 -14.53 -7.26 -25.06
C TRP B 293 -13.88 -6.01 -25.61
N ASN B 294 -13.93 -4.94 -24.84
CA ASN B 294 -13.16 -3.75 -25.13
C ASN B 294 -11.86 -3.74 -24.34
N MET B 295 -10.78 -3.37 -25.01
CA MET B 295 -9.51 -3.19 -24.31
C MET B 295 -9.52 -1.88 -23.58
N VAL B 296 -9.01 -1.89 -22.36
CA VAL B 296 -9.06 -0.73 -21.51
C VAL B 296 -7.66 -0.20 -21.21
N GLY B 297 -6.65 -1.08 -21.27
CA GLY B 297 -5.25 -0.70 -21.14
C GLY B 297 -4.33 -1.90 -21.27
N CYS B 298 -3.14 -1.69 -21.83
CA CYS B 298 -2.13 -2.73 -21.87
C CYS B 298 -0.83 -2.28 -21.27
N ASP B 299 -0.20 -3.15 -20.49
CA ASP B 299 1.12 -2.90 -19.99
C ASP B 299 1.96 -4.09 -20.35
N GLN B 300 3.00 -3.83 -21.13
CA GLN B 300 3.89 -4.87 -21.58
C GLN B 300 4.86 -5.25 -20.46
N ASN B 301 4.97 -4.40 -19.44
CA ASN B 301 6.02 -4.56 -18.46
C ASN B 301 5.61 -4.45 -17.01
N GLY B 302 4.32 -4.63 -16.76
CA GLY B 302 3.86 -4.70 -15.39
C GLY B 302 2.38 -4.72 -15.23
N LYS B 303 1.94 -4.33 -14.05
CA LYS B 303 0.54 -4.35 -13.65
C LYS B 303 -0.31 -3.36 -14.41
N VAL B 304 -1.60 -3.69 -14.56
CA VAL B 304 -2.63 -2.71 -14.87
C VAL B 304 -3.84 -2.88 -13.95
N SER B 305 -4.34 -1.78 -13.42
CA SER B 305 -5.56 -1.81 -12.64
C SER B 305 -6.43 -0.60 -13.02
N GLN B 306 -7.69 -0.65 -12.64
CA GLN B 306 -8.56 0.49 -12.90
C GLN B 306 -9.52 0.77 -11.75
N GLN B 307 -9.98 2.00 -11.69
CA GLN B 307 -10.95 2.40 -10.72
C GLN B 307 -12.02 3.17 -11.49
N ILE B 308 -13.28 2.78 -11.27
CA ILE B 308 -14.44 3.37 -11.92
C ILE B 308 -15.35 4.03 -10.87
N SER B 309 -15.67 5.30 -11.07
CA SER B 309 -16.34 6.11 -10.06
C SER B 309 -17.55 6.81 -10.61
N ASN B 310 -18.61 6.88 -9.81
CA ASN B 310 -19.82 7.64 -10.13
C ASN B 310 -20.23 8.50 -8.94
N THR B 311 -20.47 9.78 -9.20
CA THR B 311 -20.95 10.70 -8.19
C THR B 311 -22.29 11.30 -8.57
N ILE B 312 -23.17 11.44 -7.60
CA ILE B 312 -24.45 12.11 -7.80
C ILE B 312 -24.55 13.12 -6.68
N SER B 313 -24.90 14.36 -7.00
CA SER B 313 -25.02 15.40 -5.96
C SER B 313 -26.19 16.35 -6.18
N PHE B 314 -26.77 16.82 -5.09
CA PHE B 314 -27.91 17.72 -5.11
C PHE B 314 -27.48 18.90 -4.27
N SER B 315 -27.73 20.10 -4.77
CA SER B 315 -27.43 21.29 -4.00
C SER B 315 -28.58 22.30 -4.10
N SER B 316 -28.71 23.17 -3.11
CA SER B 316 -29.60 24.32 -3.24
C SER B 316 -29.10 25.60 -2.54
N THR B 317 -29.33 26.74 -3.18
CA THR B 317 -28.93 28.03 -2.61
C THR B 317 -30.14 28.93 -2.42
N VAL B 318 -30.15 29.65 -1.30
CA VAL B 318 -31.16 30.66 -1.03
C VAL B 318 -30.47 32.00 -0.85
N THR B 319 -30.84 32.98 -1.68
CA THR B 319 -30.23 34.32 -1.63
C THR B 319 -31.23 35.41 -1.27
N ALA B 320 -30.87 36.22 -0.28
CA ALA B 320 -31.67 37.36 0.13
C ALA B 320 -30.83 38.62 0.01
N GLY B 321 -31.32 39.59 -0.76
CA GLY B 321 -30.59 40.84 -0.99
C GLY B 321 -31.38 42.12 -0.77
N VAL B 322 -30.67 43.22 -0.57
CA VAL B 322 -31.31 44.50 -0.27
C VAL B 322 -30.45 45.64 -0.85
N ALA B 323 -31.07 46.56 -1.59
CA ALA B 323 -30.34 47.64 -2.27
C ALA B 323 -30.95 49.03 -2.03
N VAL B 324 -30.07 50.02 -1.92
CA VAL B 324 -30.45 51.41 -1.72
C VAL B 324 -29.80 52.31 -2.80
N GLU B 325 -30.64 52.91 -3.65
CA GLU B 325 -30.18 53.78 -4.74
C GLU B 325 -30.59 55.22 -4.47
N VAL B 326 -29.60 56.11 -4.41
CA VAL B 326 -29.83 57.52 -4.09
C VAL B 326 -29.31 58.42 -5.22
N SER B 327 -30.12 58.65 -6.25
CA SER B 327 -29.72 59.43 -7.42
C SER B 327 -30.25 60.88 -7.41
N SER B 328 -29.71 61.69 -8.31
CA SER B 328 -30.18 63.06 -8.51
C SER B 328 -29.74 63.55 -9.88
N THR B 329 -30.46 64.54 -10.42
CA THR B 329 -30.11 65.09 -11.72
C THR B 329 -30.37 66.58 -11.86
N ILE B 330 -29.45 67.27 -12.54
CA ILE B 330 -29.56 68.71 -12.84
C ILE B 330 -29.66 68.92 -14.37
N GLU B 331 -30.80 69.45 -14.81
CA GLU B 331 -31.09 69.59 -16.24
C GLU B 331 -31.58 71.01 -16.56
N LYS B 332 -30.81 71.73 -17.36
CA LYS B 332 -31.22 73.08 -17.79
C LYS B 332 -31.48 73.15 -19.30
N GLY B 333 -32.68 73.60 -19.65
CA GLY B 333 -33.25 73.45 -20.98
C GLY B 333 -34.36 74.42 -21.37
N VAL B 334 -33.98 75.61 -21.81
CA VAL B 334 -34.91 76.54 -22.48
C VAL B 334 -34.36 76.97 -23.85
N ILE B 335 -35.25 77.09 -24.84
CA ILE B 335 -34.90 77.42 -26.26
C ILE B 335 -33.58 76.70 -26.56
N PHE B 336 -33.49 75.37 -26.72
CA PHE B 336 -33.95 74.53 -27.81
C PHE B 336 -33.09 73.26 -27.63
N ALA B 337 -31.87 73.44 -27.10
CA ALA B 337 -30.97 72.36 -26.74
C ALA B 337 -30.93 72.19 -25.23
N LYS B 338 -31.24 70.98 -24.76
CA LYS B 338 -31.26 70.66 -23.32
C LYS B 338 -30.05 69.81 -22.92
N ALA B 339 -29.54 70.03 -21.71
CA ALA B 339 -28.38 69.29 -21.21
C ALA B 339 -28.44 68.95 -19.70
N THR B 340 -28.32 67.67 -19.39
CA THR B 340 -28.38 67.17 -17.99
C THR B 340 -27.08 66.47 -17.55
N VAL B 341 -26.81 66.50 -16.23
CA VAL B 341 -25.82 65.60 -15.60
C VAL B 341 -26.39 64.88 -14.37
N SER B 342 -26.24 63.55 -14.35
CA SER B 342 -26.77 62.69 -13.28
C SER B 342 -25.69 62.05 -12.41
N VAL B 343 -25.93 62.00 -11.10
CA VAL B 343 -25.08 61.29 -10.17
C VAL B 343 -25.91 60.33 -9.31
N LYS B 344 -25.66 59.04 -9.50
CA LYS B 344 -26.35 57.95 -8.80
C LYS B 344 -25.38 57.26 -7.84
N VAL B 345 -25.86 56.94 -6.65
CA VAL B 345 -25.09 56.12 -5.69
C VAL B 345 -25.91 54.92 -5.18
N THR B 346 -25.38 53.72 -5.41
CA THR B 346 -26.04 52.47 -5.01
C THR B 346 -25.21 51.75 -3.95
N ALA B 347 -25.90 51.07 -3.03
CA ALA B 347 -25.26 50.24 -2.00
C ALA B 347 -26.07 48.98 -1.78
N SER B 348 -25.45 47.81 -1.97
CA SER B 348 -26.16 46.54 -1.83
C SER B 348 -25.55 45.64 -0.76
N LEU B 349 -26.35 44.69 -0.28
CA LEU B 349 -25.96 43.77 0.77
C LEU B 349 -26.82 42.54 0.63
N SER B 350 -26.20 41.42 0.29
CA SER B 350 -26.93 40.17 0.14
C SER B 350 -26.34 39.09 1.03
N LYS B 351 -27.08 38.00 1.20
CA LYS B 351 -26.57 36.84 1.90
C LYS B 351 -27.16 35.53 1.36
N ALA B 352 -26.28 34.65 0.89
CA ALA B 352 -26.70 33.37 0.33
C ALA B 352 -26.41 32.22 1.31
N TRP B 353 -27.32 31.24 1.36
CA TRP B 353 -27.10 30.01 2.13
C TRP B 353 -27.15 28.83 1.19
N THR B 354 -26.03 28.11 1.04
CA THR B 354 -26.04 26.88 0.24
C THR B 354 -25.92 25.64 1.11
N ASN B 355 -26.67 24.61 0.78
CA ASN B 355 -26.28 23.29 1.27
C ASN B 355 -26.46 22.18 0.28
N SER B 356 -25.55 21.22 0.36
CA SER B 356 -25.47 20.20 -0.66
C SER B 356 -25.08 18.90 -0.05
N GLN B 357 -25.40 17.82 -0.77
CA GLN B 357 -24.95 16.50 -0.40
C GLN B 357 -24.66 15.70 -1.64
N SER B 358 -23.60 14.91 -1.57
CA SER B 358 -23.27 14.06 -2.68
C SER B 358 -22.96 12.66 -2.18
N GLY B 359 -22.90 11.74 -3.11
CA GLY B 359 -22.52 10.41 -2.81
C GLY B 359 -21.77 9.86 -3.99
N THR B 360 -20.74 9.10 -3.69
CA THR B 360 -19.99 8.52 -4.78
C THR B 360 -19.62 7.07 -4.52
N THR B 361 -19.55 6.28 -5.58
CA THR B 361 -19.11 4.90 -5.48
C THR B 361 -17.86 4.75 -6.34
N ALA B 362 -16.91 3.93 -5.92
CA ALA B 362 -15.74 3.68 -6.70
C ALA B 362 -15.35 2.20 -6.61
N ILE B 363 -15.42 1.50 -7.74
CA ILE B 363 -14.99 0.12 -7.79
C ILE B 363 -13.61 0.04 -8.41
N THR B 364 -12.71 -0.73 -7.80
CA THR B 364 -11.41 -0.91 -8.39
C THR B 364 -11.08 -2.38 -8.68
N TYR B 365 -10.50 -2.62 -9.86
CA TYR B 365 -10.14 -3.95 -10.37
C TYR B 365 -8.64 -4.05 -10.60
N THR B 366 -8.00 -5.14 -10.21
CA THR B 366 -6.58 -5.30 -10.50
C THR B 366 -6.34 -6.59 -11.30
N CYS B 367 -5.36 -6.60 -12.19
CA CYS B 367 -5.03 -7.80 -12.94
C CYS B 367 -4.00 -8.57 -12.16
N ASP B 368 -4.39 -9.75 -11.66
CA ASP B 368 -3.53 -10.56 -10.80
C ASP B 368 -3.02 -11.84 -11.43
N ASN B 369 -3.82 -12.38 -12.34
CA ASN B 369 -3.52 -13.71 -12.88
C ASN B 369 -4.10 -13.86 -14.26
N TYR B 370 -3.52 -14.75 -15.07
CA TYR B 370 -4.13 -15.12 -16.33
C TYR B 370 -5.15 -16.26 -16.09
N ASP B 371 -5.90 -16.65 -17.12
CA ASP B 371 -6.83 -17.79 -16.99
C ASP B 371 -6.12 -19.10 -16.66
N SER B 372 -4.85 -19.21 -17.07
CA SER B 372 -4.00 -20.34 -16.77
C SER B 372 -3.60 -20.40 -15.29
N ASP B 373 -3.95 -19.35 -14.54
CA ASP B 373 -3.66 -19.22 -13.10
C ASP B 373 -2.24 -18.78 -12.72
N GLU B 374 -1.39 -18.43 -13.71
CA GLU B 374 -0.07 -17.90 -13.42
C GLU B 374 -0.23 -16.45 -13.01
N GLU B 375 0.75 -15.91 -12.30
CA GLU B 375 0.74 -14.52 -11.92
C GLU B 375 0.80 -13.61 -13.15
N PHE B 376 0.04 -12.52 -13.11
CA PHE B 376 0.02 -11.50 -14.15
C PHE B 376 1.22 -10.57 -13.97
N THR B 377 2.08 -10.51 -14.98
CA THR B 377 3.22 -9.64 -14.90
C THR B 377 3.26 -8.69 -16.12
N ARG B 378 2.32 -8.88 -17.01
CA ARG B 378 2.14 -8.05 -18.19
C ARG B 378 0.89 -8.53 -18.91
N GLY B 379 0.46 -7.71 -19.86
CA GLY B 379 -0.73 -7.97 -20.64
C GLY B 379 -1.73 -6.84 -20.61
N CYS B 380 -2.97 -7.19 -20.90
CA CYS B 380 -4.02 -6.20 -21.12
C CYS B 380 -5.22 -6.43 -20.28
N MET B 381 -5.93 -5.36 -19.97
CA MET B 381 -7.15 -5.49 -19.20
C MET B 381 -8.34 -5.26 -20.09
N TRP B 382 -9.36 -6.11 -19.96
CA TRP B 382 -10.52 -6.07 -20.86
C TRP B 382 -11.83 -5.89 -20.12
N GLN B 383 -12.78 -5.25 -20.79
CA GLN B 383 -14.06 -4.95 -20.20
C GLN B 383 -15.14 -5.47 -21.12
N LEU B 384 -16.07 -6.25 -20.57
CA LEU B 384 -17.13 -6.83 -21.38
C LEU B 384 -17.91 -5.73 -22.05
N ALA B 385 -18.24 -5.94 -23.34
CA ALA B 385 -18.88 -4.91 -24.16
C ALA B 385 -20.38 -4.66 -23.88
N ILE B 386 -21.11 -5.63 -23.33
CA ILE B 386 -22.53 -5.40 -23.05
C ILE B 386 -22.74 -4.31 -22.00
N GLU B 387 -23.59 -3.34 -22.32
CA GLU B 387 -24.00 -2.32 -21.34
C GLU B 387 -24.89 -3.00 -20.31
N THR B 388 -24.91 -2.48 -19.11
CA THR B 388 -25.41 -3.28 -18.00
C THR B 388 -26.35 -2.52 -17.06
N THR B 389 -27.20 -3.28 -16.39
CA THR B 389 -28.22 -2.74 -15.51
C THR B 389 -27.62 -2.05 -14.26
N GLU B 390 -27.83 -0.73 -14.17
CA GLU B 390 -27.30 0.09 -13.07
C GLU B 390 -27.85 -0.28 -11.73
N VAL B 391 -27.00 -0.29 -10.71
CA VAL B 391 -27.44 -0.52 -9.36
C VAL B 391 -27.53 0.85 -8.65
N LYS B 392 -28.61 1.04 -7.90
CA LYS B 392 -28.80 2.23 -7.07
C LYS B 392 -28.92 1.88 -5.59
N SER B 393 -28.62 2.83 -4.73
CA SER B 393 -28.85 2.66 -3.30
C SER B 393 -29.21 4.01 -2.74
N GLY B 394 -30.51 4.24 -2.60
CA GLY B 394 -31.01 5.56 -2.24
C GLY B 394 -30.83 6.52 -3.39
N ASP B 395 -30.77 7.80 -3.06
CA ASP B 395 -30.81 8.85 -4.06
C ASP B 395 -29.48 9.23 -4.69
N LEU B 396 -28.38 8.99 -3.99
CA LEU B 396 -27.10 9.52 -4.48
C LEU B 396 -25.93 8.54 -4.63
N LEU B 397 -26.23 7.25 -4.52
CA LEU B 397 -25.29 6.20 -4.80
C LEU B 397 -25.70 5.41 -6.06
N VAL B 398 -24.83 5.40 -7.06
CA VAL B 398 -25.08 4.59 -8.25
C VAL B 398 -23.83 3.84 -8.71
N TRP B 399 -24.03 2.61 -9.19
CA TRP B 399 -22.94 1.82 -9.75
C TRP B 399 -23.36 1.52 -11.17
N ASN B 400 -22.42 1.40 -12.08
CA ASN B 400 -22.70 0.50 -13.20
C ASN B 400 -21.67 -0.59 -13.41
N PRO B 401 -22.07 -1.81 -13.04
CA PRO B 401 -21.20 -2.98 -12.93
C PRO B 401 -20.43 -3.27 -14.22
N GLN B 402 -19.17 -3.61 -14.10
CA GLN B 402 -18.42 -4.04 -15.24
C GLN B 402 -17.98 -5.47 -15.00
N ILE B 403 -17.76 -6.20 -16.08
CA ILE B 403 -17.05 -7.46 -16.00
C ILE B 403 -15.71 -7.32 -16.73
N VAL B 404 -14.63 -7.46 -15.96
CA VAL B 404 -13.28 -7.25 -16.40
C VAL B 404 -12.54 -8.58 -16.53
N LYS B 405 -11.61 -8.65 -17.49
CA LYS B 405 -10.80 -9.83 -17.78
C LYS B 405 -9.38 -9.37 -18.05
N CYS B 406 -8.38 -10.22 -17.82
CA CYS B 406 -7.00 -9.86 -18.11
C CYS B 406 -6.34 -10.94 -18.92
N THR B 407 -5.57 -10.54 -19.94
CA THR B 407 -4.91 -11.50 -20.81
C THR B 407 -3.38 -11.29 -20.91
N ARG B 408 -2.68 -12.29 -21.45
CA ARG B 408 -1.22 -12.33 -21.57
C ARG B 408 -0.69 -11.30 -22.56
N SER B 409 -1.50 -10.99 -23.56
CA SER B 409 -1.10 -10.11 -24.67
C SER B 409 -2.31 -9.34 -25.17
N ASN B 410 -2.18 -8.64 -26.28
CA ASN B 410 -3.23 -7.70 -26.68
C ASN B 410 -4.13 -8.20 -27.82
N THR B 411 -4.14 -9.50 -27.99
CA THR B 411 -5.06 -10.10 -28.96
C THR B 411 -6.41 -10.32 -28.25
N ALA B 412 -7.48 -9.89 -28.90
CA ALA B 412 -8.77 -9.76 -28.23
C ALA B 412 -9.35 -11.10 -27.89
N PRO B 413 -9.82 -11.27 -26.64
CA PRO B 413 -10.48 -12.50 -26.25
C PRO B 413 -11.93 -12.53 -26.72
N GLY B 414 -12.49 -13.73 -26.83
CA GLY B 414 -13.88 -13.91 -27.28
C GLY B 414 -14.69 -14.75 -26.29
N CYS B 415 -13.98 -15.45 -25.40
CA CYS B 415 -14.62 -16.32 -24.42
C CYS B 415 -15.58 -15.56 -23.50
N ALA B 416 -16.61 -16.26 -23.03
CA ALA B 416 -17.65 -15.66 -22.19
C ALA B 416 -17.08 -15.42 -20.81
N PRO B 417 -17.69 -14.48 -20.05
CA PRO B 417 -17.31 -14.28 -18.66
C PRO B 417 -17.18 -15.62 -17.97
N PHE B 418 -16.12 -15.77 -17.21
CA PHE B 418 -15.87 -16.96 -16.41
C PHE B 418 -15.71 -18.22 -17.21
N THR B 419 -15.07 -17.99 -18.35
CA THR B 419 -14.86 -18.98 -19.39
C THR B 419 -13.48 -18.73 -19.98
N LYS B 420 -12.78 -19.83 -20.23
CA LYS B 420 -11.36 -19.85 -20.49
C LYS B 420 -11.17 -20.55 -21.84
N CYS B 421 -10.05 -20.29 -22.52
CA CYS B 421 -9.69 -21.06 -23.72
C CYS B 421 -9.56 -22.53 -23.39
N ALA B 422 -10.16 -23.38 -24.23
CA ALA B 422 -10.10 -24.81 -24.00
C ALA B 422 -9.04 -25.47 -24.87
N ASN B 423 -8.68 -24.83 -25.97
CA ASN B 423 -7.70 -25.34 -26.93
C ASN B 423 -6.64 -24.31 -27.31
N GLU B 424 -5.52 -24.81 -27.81
CA GLU B 424 -4.34 -24.00 -28.12
C GLU B 424 -4.64 -22.68 -28.84
N ASP B 425 -5.47 -22.70 -29.88
CA ASP B 425 -5.76 -21.48 -30.64
C ASP B 425 -7.11 -20.84 -30.28
N CYS B 426 -7.64 -21.24 -29.13
CA CYS B 426 -8.79 -20.58 -28.51
C CYS B 426 -10.03 -20.41 -29.40
N THR B 427 -10.47 -21.51 -30.01
CA THR B 427 -11.69 -21.52 -30.80
C THR B 427 -12.83 -22.16 -29.99
N PHE B 428 -12.49 -22.68 -28.82
CA PHE B 428 -13.45 -23.23 -27.90
C PHE B 428 -13.16 -22.73 -26.49
N CYS B 429 -14.22 -22.61 -25.72
CA CYS B 429 -14.16 -22.04 -24.39
C CYS B 429 -14.76 -23.04 -23.41
N THR B 430 -14.12 -23.20 -22.27
CA THR B 430 -14.65 -24.04 -21.20
C THR B 430 -14.80 -23.25 -19.89
N ASP B 431 -15.62 -23.75 -18.97
CA ASP B 431 -15.86 -23.06 -17.70
C ASP B 431 -14.56 -22.96 -16.93
N ILE B 432 -14.33 -21.81 -16.31
CA ILE B 432 -13.05 -21.53 -15.67
C ILE B 432 -12.90 -22.30 -14.35
N VAL C 2 46.36 20.14 36.91
CA VAL C 2 46.38 21.50 37.37
C VAL C 2 45.45 21.57 38.59
N LEU C 3 44.48 20.66 38.62
CA LEU C 3 43.59 20.55 39.77
C LEU C 3 44.28 19.91 40.95
N CYS C 4 43.62 19.94 42.10
CA CYS C 4 44.04 19.16 43.23
C CYS C 4 43.44 17.80 43.03
N THR C 5 44.21 16.88 42.45
CA THR C 5 43.68 15.54 42.16
C THR C 5 43.82 14.60 43.33
N ASN C 6 44.49 15.06 44.38
CA ASN C 6 44.60 14.31 45.62
C ASN C 6 44.35 15.13 46.87
N PRO C 7 43.07 15.37 47.17
CA PRO C 7 42.69 16.18 48.33
C PRO C 7 42.77 15.37 49.62
N LEU C 8 43.30 15.98 50.69
CA LEU C 8 43.24 15.35 52.03
C LEU C 8 41.85 15.52 52.59
N ASP C 9 41.31 16.72 52.46
CA ASP C 9 40.03 17.07 53.06
C ASP C 9 39.34 18.18 52.26
N ILE C 10 38.01 18.10 52.19
CA ILE C 10 37.20 19.11 51.53
C ILE C 10 36.03 19.48 52.44
N GLY C 11 35.83 20.77 52.65
CA GLY C 11 34.68 21.23 53.40
C GLY C 11 34.83 22.69 53.78
N GLU C 12 33.96 23.13 54.69
CA GLU C 12 34.02 24.50 55.18
C GLU C 12 35.14 24.59 56.16
N LEU C 13 35.98 25.61 56.01
CA LEU C 13 37.08 25.78 56.96
C LEU C 13 36.64 26.79 58.00
N ARG C 14 36.31 26.30 59.19
CA ARG C 14 35.81 27.19 60.25
C ARG C 14 36.87 27.55 61.29
N SER C 15 36.71 28.73 61.89
CA SER C 15 37.61 29.17 62.97
C SER C 15 37.19 28.55 64.29
N PHE C 16 38.17 28.06 65.04
CA PHE C 16 37.91 27.43 66.32
C PHE C 16 37.29 28.40 67.33
N LYS C 17 37.70 29.67 67.27
CA LYS C 17 37.15 30.71 68.13
C LYS C 17 35.69 31.07 67.79
N SER C 18 35.46 31.51 66.57
CA SER C 18 34.18 32.09 66.19
C SER C 18 33.18 31.13 65.52
N LYS C 19 33.64 29.92 65.18
CA LYS C 19 32.84 28.95 64.39
C LYS C 19 32.36 29.50 63.03
N GLN C 20 33.06 30.53 62.54
CA GLN C 20 32.72 31.20 61.29
C GLN C 20 33.55 30.66 60.12
N CYS C 21 32.97 30.70 58.92
CA CYS C 21 33.63 30.23 57.72
C CYS C 21 34.77 31.15 57.27
N VAL C 22 35.89 30.55 56.89
CA VAL C 22 36.93 31.23 56.14
C VAL C 22 36.33 31.41 54.75
N ASP C 23 36.34 32.67 54.29
CA ASP C 23 35.58 33.06 53.10
C ASP C 23 36.38 33.90 52.13
N ILE C 24 36.08 33.69 50.85
CA ILE C 24 36.57 34.54 49.77
C ILE C 24 35.45 35.52 49.39
N VAL C 25 35.81 36.80 49.30
CA VAL C 25 34.89 37.83 48.83
C VAL C 25 34.22 37.43 47.51
N GLY C 26 32.92 37.67 47.41
CA GLY C 26 32.17 37.32 46.22
C GLY C 26 31.85 35.85 46.25
N ASN C 27 31.58 35.29 45.08
CA ASN C 27 31.32 33.86 44.97
C ASN C 27 32.15 33.20 43.87
N GLN C 28 33.08 33.98 43.31
CA GLN C 28 33.95 33.56 42.21
C GLN C 28 35.08 32.67 42.72
N GLY C 29 35.46 32.85 43.98
CA GLY C 29 36.55 32.09 44.57
C GLY C 29 37.89 32.74 44.33
N SER C 30 37.87 33.98 43.87
CA SER C 30 39.08 34.80 43.80
C SER C 30 38.88 36.10 44.56
N GLY C 31 39.93 36.59 45.20
CA GLY C 31 39.85 37.82 45.97
C GLY C 31 40.37 37.67 47.38
N ASN C 32 40.04 38.63 48.24
CA ASN C 32 40.52 38.64 49.62
C ASN C 32 39.90 37.53 50.48
N ILE C 33 40.70 36.98 51.39
CA ILE C 33 40.27 35.94 52.31
C ILE C 33 40.01 36.52 53.70
N ALA C 34 38.79 36.32 54.19
CA ALA C 34 38.36 36.84 55.49
C ALA C 34 37.22 35.99 55.96
N THR C 35 36.95 36.02 57.26
CA THR C 35 35.82 35.23 57.79
C THR C 35 34.48 35.86 57.40
N TYR C 36 33.41 35.07 57.46
CA TYR C 36 32.06 35.49 57.06
C TYR C 36 31.04 34.41 57.39
N ASP C 37 29.76 34.77 57.42
CA ASP C 37 28.67 33.82 57.60
C ASP C 37 28.81 32.66 56.64
N CYS C 38 28.47 31.46 57.08
CA CYS C 38 28.56 30.31 56.20
C CYS C 38 27.37 30.27 55.24
N ASP C 39 27.60 30.71 53.99
CA ASP C 39 26.52 30.86 52.99
C ASP C 39 26.28 29.67 52.04
N GLY C 40 26.99 28.57 52.26
CA GLY C 40 26.78 27.34 51.51
C GLY C 40 27.12 27.38 50.02
N LEU C 41 27.80 28.43 49.59
CA LEU C 41 28.28 28.51 48.21
C LEU C 41 29.64 27.83 48.05
N SER C 42 29.87 27.28 46.85
CA SER C 42 31.03 26.46 46.59
C SER C 42 32.37 27.16 46.85
N ASP C 43 32.37 28.48 46.93
CA ASP C 43 33.64 29.15 47.22
C ASP C 43 34.06 28.96 48.68
N GLN C 44 33.12 28.50 49.50
CA GLN C 44 33.40 28.23 50.91
C GLN C 44 33.75 26.78 51.17
N GLN C 45 33.60 25.96 50.13
CA GLN C 45 34.09 24.60 50.13
C GLN C 45 35.59 24.65 49.87
N ILE C 46 36.35 24.65 50.97
CA ILE C 46 37.81 24.70 50.94
C ILE C 46 38.43 23.32 50.72
N ILE C 47 39.40 23.25 49.81
CA ILE C 47 40.18 22.04 49.57
C ILE C 47 41.54 22.10 50.25
N ILE C 48 41.71 21.25 51.25
CA ILE C 48 43.01 20.99 51.85
C ILE C 48 43.69 19.96 50.96
N CYS C 49 44.63 20.44 50.16
CA CYS C 49 45.21 19.65 49.09
C CYS C 49 46.41 18.83 49.53
N GLY C 50 46.49 17.61 49.01
CA GLY C 50 47.60 16.69 49.31
C GLY C 50 48.97 17.25 48.99
N ASP C 51 49.04 18.12 47.97
CA ASP C 51 50.32 18.78 47.68
C ASP C 51 50.65 19.94 48.64
N GLY C 52 49.79 20.17 49.61
CA GLY C 52 50.02 21.22 50.61
C GLY C 52 49.47 22.60 50.32
N THR C 53 48.84 22.79 49.15
CA THR C 53 48.16 24.04 48.84
C THR C 53 46.76 24.05 49.43
N ILE C 54 46.19 25.23 49.62
CA ILE C 54 44.80 25.33 50.04
C ILE C 54 43.97 26.00 48.94
N ARG C 55 42.91 25.30 48.51
CA ARG C 55 42.13 25.75 47.36
C ARG C 55 40.62 25.76 47.68
N ASN C 56 39.78 25.94 46.66
CA ASN C 56 38.33 25.95 46.88
C ASN C 56 37.55 25.44 45.68
N GLU C 57 36.30 25.02 45.92
CA GLU C 57 35.51 24.37 44.86
C GLU C 57 35.02 25.31 43.77
N ALA C 58 35.07 26.60 44.00
CA ALA C 58 34.62 27.56 42.97
C ALA C 58 35.67 27.87 41.90
N ARG C 59 36.95 27.76 42.25
CA ARG C 59 38.02 28.20 41.37
C ARG C 59 39.39 27.58 41.72
N ASN C 60 40.14 27.19 40.70
CA ASN C 60 41.43 26.56 40.92
C ASN C 60 42.50 27.55 41.40
N TYR C 61 42.25 28.15 42.57
CA TYR C 61 43.08 29.23 43.13
C TYR C 61 43.61 28.92 44.53
N CYS C 62 44.78 29.46 44.83
CA CYS C 62 45.53 29.09 46.02
C CYS C 62 45.45 30.13 47.13
N PHE C 63 45.39 29.67 48.37
CA PHE C 63 45.55 30.54 49.52
C PHE C 63 46.97 31.03 49.43
N THR C 64 47.13 32.35 49.25
CA THR C 64 48.43 32.97 48.97
C THR C 64 48.66 34.17 49.87
N PRO C 65 49.81 34.17 50.60
CA PRO C 65 50.21 35.34 51.37
C PRO C 65 50.63 36.48 50.43
N ASP C 66 50.08 37.67 50.69
CA ASP C 66 50.24 38.84 49.84
C ASP C 66 51.55 39.60 50.12
N GLY C 67 52.64 38.85 50.34
CA GLY C 67 53.95 39.42 50.71
C GLY C 67 54.90 38.43 51.37
N SER C 68 55.89 38.94 52.09
CA SER C 68 56.92 38.08 52.72
C SER C 68 57.00 38.17 54.25
N GLY C 69 56.44 39.24 54.82
CA GLY C 69 56.43 39.41 56.27
C GLY C 69 55.12 38.91 56.84
N ASN C 70 54.55 39.69 57.77
CA ASN C 70 53.20 39.46 58.26
C ASN C 70 52.21 40.10 57.28
N ALA C 71 51.88 39.36 56.22
CA ALA C 71 51.06 39.89 55.13
C ALA C 71 49.63 39.34 55.13
N ASN C 72 48.76 40.05 54.43
CA ASN C 72 47.39 39.64 54.19
C ASN C 72 47.35 38.37 53.30
N VAL C 73 46.31 37.55 53.46
CA VAL C 73 46.17 36.34 52.65
C VAL C 73 45.02 36.48 51.63
N MET C 74 45.38 36.38 50.35
CA MET C 74 44.41 36.46 49.26
C MET C 74 44.27 35.08 48.59
N SER C 75 43.23 34.93 47.78
CA SER C 75 43.06 33.73 46.95
C SER C 75 43.38 34.09 45.51
N SER C 76 44.55 33.68 45.05
CA SER C 76 45.02 34.07 43.72
C SER C 76 45.59 32.88 42.95
N PRO C 77 46.03 33.08 41.69
CA PRO C 77 46.57 31.97 40.88
C PRO C 77 47.62 31.13 41.60
N CYS C 78 47.52 29.81 41.43
CA CYS C 78 48.53 28.89 41.93
C CYS C 78 49.72 28.89 40.99
N THR C 79 50.91 29.17 41.52
CA THR C 79 52.13 28.96 40.77
C THR C 79 52.36 27.47 40.77
N LEU C 80 52.20 26.84 39.61
CA LEU C 80 52.23 25.36 39.53
C LEU C 80 53.44 24.83 38.77
N TYR C 81 54.09 25.74 38.04
CA TYR C 81 55.23 25.41 37.22
C TYR C 81 56.32 26.44 37.49
N PRO C 82 57.59 26.00 37.63
CA PRO C 82 58.08 24.62 37.45
C PRO C 82 57.62 23.67 38.56
N GLU C 83 57.28 24.24 39.72
CA GLU C 83 56.71 23.51 40.86
C GLU C 83 56.09 24.51 41.83
N ILE C 84 55.18 24.03 42.66
CA ILE C 84 54.53 24.88 43.64
C ILE C 84 55.57 25.40 44.62
N PRO C 85 55.70 26.75 44.75
CA PRO C 85 56.66 27.31 45.70
C PRO C 85 56.25 27.07 47.16
N SER C 86 57.19 27.27 48.07
CA SER C 86 56.92 27.11 49.49
C SER C 86 55.96 28.15 50.04
N SER C 87 55.99 29.36 49.48
CA SER C 87 55.08 30.42 49.90
C SER C 87 53.60 30.03 49.82
N GLN C 88 53.26 29.12 48.90
CA GLN C 88 51.87 28.70 48.71
C GLN C 88 51.55 27.34 49.36
N ARG C 89 52.54 26.76 50.03
CA ARG C 89 52.36 25.50 50.75
C ARG C 89 52.11 25.75 52.25
N TRP C 90 51.32 24.88 52.88
CA TRP C 90 50.94 25.02 54.28
C TRP C 90 51.02 23.66 54.97
N ARG C 91 51.05 23.65 56.30
CA ARG C 91 51.04 22.40 57.09
C ARG C 91 50.28 22.52 58.41
N GLN C 92 49.88 21.38 58.98
CA GLN C 92 49.27 21.33 60.31
C GLN C 92 50.33 21.59 61.36
N GLY C 93 49.97 22.41 62.34
CA GLY C 93 50.79 22.59 63.53
C GLY C 93 50.16 21.79 64.65
N ARG C 94 50.07 22.40 65.83
CA ARG C 94 49.46 21.77 66.98
C ARG C 94 47.96 21.67 66.79
N ARG C 95 47.35 20.67 67.40
CA ARG C 95 45.95 20.36 67.13
C ARG C 95 45.10 20.24 68.39
N LYS C 96 44.07 21.07 68.49
CA LYS C 96 43.01 20.90 69.47
C LYS C 96 41.92 20.03 68.86
N THR C 97 41.42 19.09 69.65
CA THR C 97 40.42 18.14 69.16
C THR C 97 39.18 18.14 70.04
N PHE C 98 38.01 18.30 69.43
CA PHE C 98 36.75 18.48 70.17
C PHE C 98 35.55 17.83 69.51
N THR C 99 34.42 17.82 70.20
CA THR C 99 33.17 17.26 69.67
C THR C 99 32.10 18.34 69.62
N ASP C 100 31.60 18.62 68.42
CA ASP C 100 30.61 19.69 68.23
C ASP C 100 29.18 19.22 68.56
N ASN C 101 28.22 20.14 68.43
CA ASN C 101 26.83 19.87 68.83
C ASN C 101 26.20 18.79 67.96
N GLY C 102 26.80 18.55 66.80
CA GLY C 102 26.36 17.48 65.93
C GLY C 102 26.73 16.11 66.44
N GLY C 103 27.62 16.07 67.43
CA GLY C 103 28.16 14.81 67.94
C GLY C 103 29.24 14.23 67.03
N ILE C 104 29.88 15.10 66.26
CA ILE C 104 30.93 14.71 65.35
C ILE C 104 32.25 15.24 65.85
N GLU C 105 33.28 14.39 65.82
CA GLU C 105 34.59 14.80 66.28
C GLU C 105 35.30 15.64 65.24
N GLN C 106 35.71 16.84 65.63
CA GLN C 106 36.42 17.76 64.74
C GLN C 106 37.83 17.93 65.24
N VAL C 107 38.73 18.27 64.34
CA VAL C 107 40.12 18.47 64.71
C VAL C 107 40.58 19.84 64.21
N ALA C 108 40.65 20.81 65.12
CA ALA C 108 41.17 22.14 64.77
C ALA C 108 42.68 22.18 64.91
N THR C 109 43.37 22.78 63.94
CA THR C 109 44.84 22.89 63.99
C THR C 109 45.32 24.26 63.54
N GLU C 110 46.60 24.54 63.82
CA GLU C 110 47.29 25.72 63.27
C GLU C 110 47.57 25.41 61.82
N ILE C 111 47.47 26.42 60.98
CA ILE C 111 47.81 26.23 59.58
C ILE C 111 49.03 27.08 59.31
N ILE C 112 50.18 26.41 59.21
CA ILE C 112 51.48 27.07 59.13
C ILE C 112 52.00 27.14 57.69
N ASN C 113 52.29 28.36 57.24
CA ASN C 113 52.97 28.59 55.97
C ASN C 113 54.37 27.98 55.94
N LEU C 114 54.77 27.46 54.78
CA LEU C 114 56.03 26.73 54.70
C LEU C 114 57.20 27.61 54.34
N ALA C 115 56.93 28.78 53.77
CA ALA C 115 58.01 29.71 53.45
C ALA C 115 58.35 30.54 54.70
N SER C 116 57.37 31.27 55.23
CA SER C 116 57.61 32.16 56.35
C SER C 116 57.61 31.44 57.70
N GLY C 117 57.05 30.23 57.72
CA GLY C 117 56.88 29.49 58.97
C GLY C 117 55.86 30.12 59.90
N LYS C 118 55.05 31.03 59.37
CA LYS C 118 54.02 31.75 60.13
C LYS C 118 52.65 31.06 60.13
N CYS C 119 51.71 31.63 60.88
CA CYS C 119 50.41 30.99 61.13
C CYS C 119 49.28 31.71 60.42
N LEU C 120 48.35 30.95 59.88
CA LEU C 120 47.12 31.52 59.35
C LEU C 120 46.41 32.13 60.54
N ASP C 121 45.91 33.35 60.35
CA ASP C 121 45.50 34.19 61.47
C ASP C 121 44.38 35.15 61.12
N ILE C 122 43.49 35.41 62.09
CA ILE C 122 42.53 36.50 62.02
C ILE C 122 42.96 37.63 62.96
N GLU C 123 42.65 38.87 62.56
CA GLU C 123 43.07 40.06 63.30
C GLU C 123 42.65 40.04 64.76
N GLY C 124 43.64 40.17 65.65
CA GLY C 124 43.41 40.16 67.09
C GLY C 124 43.12 38.77 67.60
N SER C 125 42.17 38.69 68.54
CA SER C 125 41.76 37.43 69.14
C SER C 125 40.27 37.26 68.93
N ASP C 126 39.74 38.08 68.02
CA ASP C 126 38.41 37.93 67.52
C ASP C 126 37.76 39.22 67.08
N GLY C 127 38.13 39.55 65.85
CA GLY C 127 37.66 40.61 65.03
C GLY C 127 36.20 40.76 64.72
N THR C 128 35.75 40.26 63.59
CA THR C 128 35.97 38.92 63.18
C THR C 128 36.11 38.82 61.67
N GLY C 129 37.03 39.57 61.08
CA GLY C 129 37.05 39.73 59.64
C GLY C 129 38.28 39.28 58.91
N ASP C 130 39.24 40.20 58.75
CA ASP C 130 40.30 40.02 57.76
C ASP C 130 41.40 39.04 58.13
N ILE C 131 41.69 38.13 57.21
CA ILE C 131 42.63 37.06 57.47
C ILE C 131 43.98 37.27 56.82
N GLY C 132 44.98 36.84 57.58
CA GLY C 132 46.35 36.86 57.14
C GLY C 132 47.23 35.89 57.93
N VAL C 133 48.54 36.09 57.82
CA VAL C 133 49.49 35.31 58.63
C VAL C 133 49.96 36.10 59.85
N TYR C 134 50.54 35.39 60.82
CA TYR C 134 51.07 35.99 62.05
C TYR C 134 51.96 35.01 62.79
N ASP C 135 52.52 35.41 63.94
CA ASP C 135 53.25 34.50 64.81
C ASP C 135 52.29 33.57 65.55
N CYS C 136 52.72 32.33 65.76
CA CYS C 136 51.87 31.31 66.40
C CYS C 136 51.88 31.45 67.93
N GLN C 137 50.73 31.83 68.48
CA GLN C 137 50.61 32.11 69.91
C GLN C 137 49.42 31.42 70.60
N ASN C 138 49.06 30.25 70.08
CA ASN C 138 48.12 29.31 70.73
C ASN C 138 46.76 29.82 71.19
N LEU C 139 46.35 30.97 70.69
CA LEU C 139 44.99 31.43 70.93
C LEU C 139 44.04 30.61 70.08
N ASP C 140 42.83 30.38 70.60
CA ASP C 140 41.85 29.50 69.94
C ASP C 140 41.28 30.05 68.62
N ASP C 141 41.79 31.19 68.17
CA ASP C 141 41.38 31.79 66.89
C ASP C 141 42.39 31.53 65.76
N GLN C 142 43.56 31.03 66.12
CA GLN C 142 44.54 30.56 65.15
C GLN C 142 44.38 29.05 64.90
N TYR C 143 43.24 28.52 65.33
CA TYR C 143 42.90 27.12 65.14
C TYR C 143 41.68 27.00 64.23
N PHE C 144 41.80 26.12 63.23
CA PHE C 144 40.76 25.92 62.23
C PHE C 144 40.48 24.45 62.04
N TYR C 145 39.24 24.10 61.72
CA TYR C 145 38.90 22.73 61.36
C TYR C 145 38.05 22.68 60.10
N VAL C 146 38.24 21.62 59.30
CA VAL C 146 37.34 21.35 58.19
C VAL C 146 36.17 20.59 58.79
N ARG C 147 34.99 21.20 58.78
CA ARG C 147 33.84 20.58 59.40
C ARG C 147 33.39 19.29 58.72
N SER C 148 33.41 18.20 59.46
CA SER C 148 32.90 16.93 58.96
C SER C 148 31.46 16.75 59.37
N ARG C 149 30.70 16.01 58.58
CA ARG C 149 29.31 15.72 58.89
C ARG C 149 29.12 14.23 59.15
N GLY C 150 30.21 13.47 59.09
CA GLY C 150 30.13 12.00 59.05
C GLY C 150 29.72 11.64 57.65
N PRO C 151 29.53 10.33 57.35
CA PRO C 151 28.99 9.92 56.02
C PRO C 151 27.63 10.64 55.93
N GLU C 152 27.10 11.12 54.81
CA GLU C 152 26.51 10.45 53.65
C GLU C 152 25.73 9.15 53.89
N LEU C 153 24.49 9.33 54.37
CA LEU C 153 23.57 8.23 54.58
C LEU C 153 22.58 8.08 53.43
N PHE C 154 22.12 9.20 52.87
CA PHE C 154 21.18 9.16 51.76
C PHE C 154 21.37 10.35 50.82
N TYR C 155 20.99 10.17 49.56
CA TYR C 155 20.92 11.27 48.61
C TYR C 155 19.77 11.03 47.69
N GLY C 156 18.72 11.83 47.85
CA GLY C 156 17.49 11.68 47.06
C GLY C 156 16.42 12.70 47.37
N ARG C 157 15.23 12.48 46.80
CA ARG C 157 14.08 13.29 47.13
C ARG C 157 13.34 12.59 48.21
N LEU C 158 12.38 13.30 48.80
CA LEU C 158 11.55 12.72 49.84
C LEU C 158 10.07 12.73 49.46
N ARG C 159 9.56 11.54 49.10
CA ARG C 159 8.17 11.36 48.68
C ARG C 159 7.27 11.03 49.87
N ASN C 160 6.16 11.75 50.00
CA ASN C 160 5.29 11.62 51.15
C ASN C 160 4.41 10.39 51.04
N GLU C 161 4.26 9.65 52.14
CA GLU C 161 3.44 8.45 52.15
C GLU C 161 1.96 8.71 51.89
N LYS C 162 1.43 9.81 52.43
CA LYS C 162 0.00 10.07 52.33
C LYS C 162 -0.41 10.57 50.96
N SER C 163 0.42 11.41 50.35
CA SER C 163 0.00 12.11 49.14
C SER C 163 0.87 11.83 47.93
N ASP C 164 2.01 11.18 48.15
CA ASP C 164 2.95 10.95 47.06
C ASP C 164 3.45 12.27 46.43
N LEU C 165 3.32 13.37 47.17
CA LEU C 165 3.96 14.64 46.80
C LEU C 165 5.39 14.64 47.31
N CYS C 166 6.22 15.51 46.77
CA CYS C 166 7.64 15.53 47.15
C CYS C 166 7.92 16.70 48.09
N LEU C 167 8.81 16.48 49.05
CA LEU C 167 9.28 17.55 49.93
C LEU C 167 9.95 18.58 49.05
N ASP C 168 9.41 19.79 49.05
CA ASP C 168 9.78 20.79 48.06
C ASP C 168 10.16 22.14 48.68
N VAL C 169 11.06 22.86 48.01
CA VAL C 169 11.37 24.24 48.36
C VAL C 169 10.74 25.17 47.32
N GLU C 170 10.25 26.31 47.80
CA GLU C 170 9.64 27.31 46.93
C GLU C 170 10.62 27.87 45.90
N GLY C 171 10.11 28.08 44.69
CA GLY C 171 10.95 28.48 43.57
C GLY C 171 11.83 27.33 43.14
N SER C 172 13.06 27.65 42.73
CA SER C 172 14.05 26.62 42.39
C SER C 172 15.46 27.04 42.77
N ASP C 173 15.53 28.07 43.61
CA ASP C 173 16.78 28.56 44.17
C ASP C 173 17.29 27.60 45.24
N GLY C 174 16.38 26.86 45.84
CA GLY C 174 16.71 26.00 46.97
C GLY C 174 16.69 26.76 48.28
N LYS C 175 16.23 28.01 48.24
CA LYS C 175 16.16 28.85 49.41
C LYS C 175 14.73 29.19 49.73
N GLY C 176 14.44 29.39 51.01
CA GLY C 176 13.11 29.83 51.45
C GLY C 176 12.26 28.76 52.11
N ASN C 177 10.95 28.88 51.91
CA ASN C 177 10.00 28.00 52.57
C ASN C 177 10.06 26.56 52.09
N VAL C 178 9.76 25.62 52.98
CA VAL C 178 9.63 24.22 52.58
C VAL C 178 8.17 23.82 52.65
N LEU C 179 7.68 23.22 51.58
CA LEU C 179 6.30 22.79 51.51
C LEU C 179 6.16 21.52 50.68
N MET C 180 4.95 20.96 50.66
CA MET C 180 4.67 19.81 49.82
C MET C 180 4.25 20.29 48.45
N TYR C 181 4.74 19.63 47.41
CA TYR C 181 4.45 20.00 46.04
C TYR C 181 4.71 18.83 45.10
N SER C 182 4.26 18.96 43.86
CA SER C 182 4.47 17.94 42.85
C SER C 182 5.94 17.60 42.64
N CYS C 183 6.23 16.31 42.46
CA CYS C 183 7.59 15.88 42.18
C CYS C 183 8.04 16.43 40.86
N GLU C 184 9.06 17.27 40.91
CA GLU C 184 9.66 17.79 39.72
C GLU C 184 11.11 17.35 39.71
N ASP C 185 11.63 17.06 38.52
CA ASP C 185 13.00 16.56 38.40
C ASP C 185 14.02 17.69 38.45
N ASN C 186 13.92 18.53 39.46
CA ASN C 186 14.89 19.61 39.69
C ASN C 186 15.76 19.33 40.89
N LEU C 187 16.89 20.01 40.92
CA LEU C 187 17.90 19.78 41.94
C LEU C 187 17.44 20.34 43.28
N ASP C 188 16.41 21.19 43.26
CA ASP C 188 15.95 21.84 44.49
C ASP C 188 15.10 20.94 45.39
N GLN C 189 14.82 19.72 44.92
CA GLN C 189 14.02 18.76 45.67
C GLN C 189 14.85 17.59 46.17
N TRP C 190 16.15 17.61 45.82
CA TRP C 190 17.09 16.59 46.25
C TRP C 190 17.82 17.04 47.51
N PHE C 191 18.00 16.12 48.45
CA PHE C 191 18.65 16.40 49.71
C PHE C 191 19.69 15.33 50.02
N ARG C 192 20.71 15.74 50.78
CA ARG C 192 21.70 14.84 51.30
C ARG C 192 21.53 14.74 52.80
N TYR C 193 21.50 13.52 53.30
CA TYR C 193 21.31 13.28 54.71
C TYR C 193 22.61 12.74 55.30
N TYR C 194 23.12 13.41 56.33
CA TYR C 194 24.39 13.02 56.92
C TYR C 194 24.29 12.39 58.32
N GLU C 195 25.33 11.64 58.70
CA GLU C 195 25.48 11.03 60.01
C GLU C 195 25.20 12.02 61.14
N ASN C 196 25.58 13.28 60.96
CA ASN C 196 25.39 14.30 61.98
C ASN C 196 23.95 14.77 62.12
N GLY C 197 23.09 14.28 61.24
CA GLY C 197 21.66 14.54 61.32
C GLY C 197 21.14 15.64 60.41
N GLU C 198 22.05 16.34 59.72
CA GLU C 198 21.66 17.42 58.84
C GLU C 198 21.09 16.93 57.52
N ILE C 199 20.05 17.62 57.05
CA ILE C 199 19.47 17.39 55.75
C ILE C 199 19.81 18.61 54.89
N VAL C 200 20.72 18.43 53.94
CA VAL C 200 21.25 19.53 53.15
C VAL C 200 20.67 19.52 51.74
N ASN C 201 20.09 20.65 51.35
CA ASN C 201 19.51 20.82 50.02
C ASN C 201 20.54 20.84 48.89
N ALA C 202 20.31 20.04 47.86
CA ALA C 202 21.31 19.81 46.83
C ALA C 202 21.50 21.02 45.91
N LYS C 203 20.50 21.88 45.83
CA LYS C 203 20.58 23.07 44.99
C LYS C 203 21.29 24.23 45.69
N SER C 204 20.85 24.54 46.91
CA SER C 204 21.35 25.68 47.66
C SER C 204 22.53 25.38 48.58
N GLY C 205 22.73 24.10 48.90
CA GLY C 205 23.78 23.67 49.83
C GLY C 205 23.53 24.10 51.28
N MET C 206 22.28 24.45 51.60
CA MET C 206 21.88 24.85 52.95
C MET C 206 20.96 23.83 53.64
N CYS C 207 20.72 24.04 54.94
CA CYS C 207 20.09 23.03 55.81
C CYS C 207 18.59 23.13 55.91
N LEU C 208 17.96 21.98 56.06
CA LEU C 208 16.55 21.90 56.41
C LEU C 208 16.46 22.35 57.85
N ASP C 209 15.80 23.48 58.04
CA ASP C 209 15.81 24.21 59.29
C ASP C 209 14.40 24.58 59.78
N VAL C 210 14.25 24.60 61.11
CA VAL C 210 13.03 25.04 61.77
C VAL C 210 13.22 26.47 62.27
N GLU C 211 12.14 27.26 62.18
CA GLU C 211 12.09 28.64 62.67
C GLU C 211 12.49 28.76 64.15
N GLY C 212 13.25 29.81 64.47
CA GLY C 212 13.75 30.02 65.84
C GLY C 212 14.80 28.98 66.23
N SER C 213 14.74 28.53 67.48
CA SER C 213 15.71 27.55 68.01
C SER C 213 15.09 26.38 68.79
N ASP C 214 13.80 26.51 69.08
CA ASP C 214 13.06 25.53 69.88
C ASP C 214 12.85 24.19 69.19
N GLY C 215 12.82 24.22 67.87
CA GLY C 215 12.51 23.04 67.07
C GLY C 215 11.02 22.91 66.85
N SER C 216 10.31 24.02 67.06
CA SER C 216 8.87 24.11 66.80
C SER C 216 8.51 25.31 65.96
N GLY C 217 7.76 25.06 64.88
CA GLY C 217 7.34 26.11 63.96
C GLY C 217 7.44 25.70 62.50
N ASN C 218 7.58 26.70 61.61
CA ASN C 218 7.67 26.46 60.18
C ASN C 218 9.04 25.98 59.75
N VAL C 219 9.09 25.21 58.66
CA VAL C 219 10.35 24.64 58.20
C VAL C 219 10.73 25.29 56.88
N GLY C 220 12.02 25.58 56.73
CA GLY C 220 12.54 26.17 55.49
C GLY C 220 13.98 25.82 55.33
N ILE C 221 14.61 26.42 54.34
CA ILE C 221 16.05 26.23 54.16
C ILE C 221 16.79 27.43 54.73
N TYR C 222 17.85 27.18 55.49
CA TYR C 222 18.61 28.23 56.17
C TYR C 222 20.05 27.77 56.39
N ARG C 223 20.95 28.72 56.65
CA ARG C 223 22.36 28.43 56.87
C ARG C 223 22.57 27.33 57.91
N CYS C 224 23.56 26.46 57.67
CA CYS C 224 23.88 25.38 58.61
C CYS C 224 24.76 25.87 59.76
N ASP C 225 24.12 26.24 60.88
CA ASP C 225 24.84 26.78 62.03
C ASP C 225 25.02 25.76 63.17
N ASP C 226 25.34 24.52 62.79
CA ASP C 226 25.64 23.42 63.73
C ASP C 226 24.74 23.36 64.97
N LEU C 227 23.51 23.86 64.85
CA LEU C 227 22.54 23.78 65.95
C LEU C 227 21.75 22.48 65.91
N ARG C 228 21.20 22.11 67.06
CA ARG C 228 20.49 20.83 67.22
C ARG C 228 19.11 20.86 66.57
N ASP C 229 18.57 22.06 66.37
CA ASP C 229 17.27 22.22 65.73
C ASP C 229 17.32 22.06 64.20
N GLN C 230 18.52 21.91 63.66
CA GLN C 230 18.71 21.64 62.25
C GLN C 230 19.18 20.21 62.07
N MET C 231 18.98 19.40 63.11
CA MET C 231 19.40 18.00 63.08
C MET C 231 18.20 17.09 63.24
N TRP C 232 18.21 15.99 62.51
CA TRP C 232 17.05 15.12 62.45
C TRP C 232 17.49 13.69 62.54
N SER C 233 16.71 12.89 63.24
CA SER C 233 16.96 11.46 63.31
C SER C 233 15.82 10.74 62.62
N ARG C 234 16.08 9.50 62.26
CA ARG C 234 15.16 8.73 61.47
C ARG C 234 14.85 7.47 62.28
N PRO C 235 14.14 7.61 63.43
CA PRO C 235 13.86 6.44 64.30
C PRO C 235 13.06 5.35 63.61
N ASN C 236 13.58 4.13 63.66
CA ASN C 236 12.95 2.97 63.03
C ASN C 236 11.52 2.77 63.53
N ALA C 237 11.25 3.27 64.74
CA ALA C 237 9.94 3.13 65.41
C ALA C 237 8.80 3.80 64.66
N TYR C 238 9.12 4.90 63.96
CA TYR C 238 8.11 5.66 63.22
C TYR C 238 8.08 5.40 61.71
N CYS C 239 8.74 4.33 61.27
CA CYS C 239 8.76 3.95 59.87
C CYS C 239 7.66 2.99 59.54
N ASN C 240 7.27 2.99 58.27
CA ASN C 240 6.38 1.99 57.73
C ASN C 240 6.99 1.60 56.40
N GLY C 241 7.74 0.50 56.40
CA GLY C 241 8.53 0.11 55.24
C GLY C 241 9.64 1.12 55.05
N ASP C 242 9.73 1.68 53.85
CA ASP C 242 10.75 2.67 53.51
C ASP C 242 10.33 4.11 53.80
N TYR C 243 9.10 4.31 54.24
CA TYR C 243 8.59 5.64 54.56
C TYR C 243 8.86 5.90 56.01
N CYS C 244 9.59 6.98 56.30
CA CYS C 244 10.04 7.24 57.67
C CYS C 244 9.84 8.67 58.12
N SER C 245 9.66 8.86 59.43
CA SER C 245 9.49 10.18 60.02
C SER C 245 10.83 10.76 60.36
N PHE C 246 10.92 12.09 60.32
CA PHE C 246 12.15 12.77 60.69
C PHE C 246 11.95 13.54 61.98
N LEU C 247 12.68 13.10 63.00
CA LEU C 247 12.53 13.59 64.35
C LEU C 247 13.56 14.66 64.65
N ASN C 248 13.10 15.85 65.00
CA ASN C 248 13.97 16.97 65.29
C ASN C 248 14.72 16.71 66.59
N LYS C 249 16.05 16.91 66.60
CA LYS C 249 16.86 16.62 67.80
C LYS C 249 16.62 17.61 68.93
N GLU C 250 16.20 18.83 68.58
CA GLU C 250 16.00 19.87 69.59
C GLU C 250 14.65 19.81 70.31
N SER C 251 13.63 19.24 69.68
CA SER C 251 12.28 19.28 70.24
C SER C 251 11.56 17.94 70.30
N ASN C 252 12.24 16.87 69.88
CA ASN C 252 11.61 15.57 69.69
C ASN C 252 10.26 15.65 68.97
N LYS C 253 10.13 16.63 68.08
CA LYS C 253 8.96 16.77 67.24
C LYS C 253 9.25 16.34 65.80
N CYS C 254 8.22 15.82 65.13
CA CYS C 254 8.34 15.28 63.78
C CYS C 254 8.20 16.32 62.69
N LEU C 255 8.91 16.08 61.60
CA LEU C 255 8.70 16.81 60.36
C LEU C 255 7.31 16.46 59.89
N ASP C 256 6.50 17.48 59.67
CA ASP C 256 5.06 17.32 59.51
C ASP C 256 4.48 18.22 58.44
N VAL C 257 3.38 17.74 57.85
CA VAL C 257 2.59 18.50 56.90
C VAL C 257 1.28 18.89 57.59
N SER C 258 0.84 20.12 57.34
CA SER C 258 -0.37 20.64 57.97
C SER C 258 -1.56 19.83 57.48
N GLY C 259 -2.56 19.69 58.34
CA GLY C 259 -3.68 18.82 58.04
C GLY C 259 -3.32 17.35 58.07
N ASP C 260 -4.27 16.52 57.62
CA ASP C 260 -4.10 15.07 57.59
C ASP C 260 -3.73 14.54 56.19
N GLN C 261 -3.90 15.36 55.17
CA GLN C 261 -3.84 14.89 53.77
C GLN C 261 -2.46 14.99 53.11
N GLY C 262 -1.48 15.47 53.86
CA GLY C 262 -0.13 15.58 53.35
C GLY C 262 0.00 16.42 52.11
N THR C 263 -0.70 17.56 52.07
CA THR C 263 -0.65 18.45 50.90
C THR C 263 -0.19 19.90 51.16
N GLY C 264 -0.28 20.36 52.40
CA GLY C 264 -0.01 21.78 52.71
C GLY C 264 1.42 22.24 52.93
N ASP C 265 1.61 23.12 53.90
CA ASP C 265 2.92 23.67 54.27
C ASP C 265 3.62 22.66 55.19
N VAL C 266 4.94 22.77 55.31
CA VAL C 266 5.72 21.85 56.14
C VAL C 266 6.31 22.57 57.37
N GLY C 267 6.03 22.01 58.55
CA GLY C 267 6.61 22.49 59.79
C GLY C 267 6.92 21.30 60.67
N THR C 268 7.05 21.55 61.97
CA THR C 268 7.20 20.48 62.95
C THR C 268 5.92 20.37 63.77
N TRP C 269 5.71 19.20 64.38
CA TRP C 269 4.51 18.92 65.14
C TRP C 269 4.75 17.65 65.95
N GLN C 270 3.86 17.37 66.90
CA GLN C 270 3.95 16.14 67.67
C GLN C 270 3.93 14.92 66.78
N CYS C 271 4.85 13.99 67.01
CA CYS C 271 4.87 12.75 66.24
C CYS C 271 3.57 11.98 66.53
N ASP C 272 2.72 11.91 65.51
CA ASP C 272 1.40 11.30 65.65
C ASP C 272 1.29 9.91 65.01
N GLY C 273 2.34 9.49 64.31
CA GLY C 273 2.38 8.18 63.65
C GLY C 273 1.47 8.04 62.45
N LEU C 274 1.23 9.15 61.75
CA LEU C 274 0.27 9.20 60.63
C LEU C 274 1.01 9.30 59.30
N PRO C 275 0.40 8.79 58.22
CA PRO C 275 1.12 8.68 56.94
C PRO C 275 1.68 10.00 56.43
N ASP C 276 1.06 11.11 56.80
CA ASP C 276 1.49 12.40 56.27
C ASP C 276 2.80 12.87 56.87
N GLN C 277 3.30 12.16 57.87
CA GLN C 277 4.55 12.50 58.52
C GLN C 277 5.68 11.55 58.13
N ARG C 278 5.43 10.74 57.11
CA ARG C 278 6.40 9.72 56.68
C ARG C 278 6.86 9.96 55.26
N PHE C 279 8.16 9.86 55.06
CA PHE C 279 8.78 10.15 53.77
C PHE C 279 9.67 9.01 53.28
N LYS C 280 9.58 8.71 51.98
CA LYS C 280 10.49 7.76 51.37
C LYS C 280 11.59 8.48 50.60
N TRP C 281 12.80 7.96 50.76
CA TRP C 281 13.92 8.36 49.91
C TRP C 281 13.70 7.77 48.54
N VAL C 282 13.61 8.60 47.52
CA VAL C 282 13.42 8.11 46.17
C VAL C 282 14.51 8.61 45.23
N PHE C 283 14.88 7.75 44.28
CA PHE C 283 16.04 8.01 43.47
C PHE C 283 15.72 8.13 41.99
N ASP C 284 14.44 8.04 41.64
CA ASP C 284 14.01 8.14 40.25
C ASP C 284 14.01 9.59 39.73
N ASP C 285 13.78 9.73 38.42
CA ASP C 285 13.64 11.04 37.82
C ASP C 285 12.19 11.37 37.49
N TRP C 286 11.25 10.68 38.13
CA TRP C 286 9.85 10.81 37.76
C TRP C 286 9.30 12.22 37.95
N GLU C 287 8.36 12.60 37.09
CA GLU C 287 7.60 13.84 37.26
C GLU C 287 6.10 13.49 37.25
N VAL C 288 5.23 14.44 37.62
CA VAL C 288 3.79 14.18 37.62
C VAL C 288 3.17 14.42 36.23
N PRO C 289 1.99 13.81 35.95
CA PRO C 289 1.31 14.04 34.68
C PRO C 289 0.74 15.46 34.58
N THR C 290 1.30 16.25 33.66
CA THR C 290 0.88 17.63 33.47
C THR C 290 -0.10 17.80 32.31
N ALA C 291 0.32 17.29 31.15
CA ALA C 291 -0.33 17.57 29.87
C ALA C 291 -1.75 17.05 29.78
N THR C 292 -2.59 17.71 29.00
CA THR C 292 -3.92 17.15 28.70
C THR C 292 -4.02 16.84 27.21
N TRP C 293 -4.65 15.71 26.90
CA TRP C 293 -4.75 15.23 25.53
C TRP C 293 -6.19 15.10 25.08
N ASN C 294 -6.46 15.40 23.82
CA ASN C 294 -7.75 15.17 23.25
C ASN C 294 -7.75 13.86 22.51
N MET C 295 -8.82 13.08 22.66
CA MET C 295 -8.92 11.85 21.92
C MET C 295 -9.40 12.13 20.50
N VAL C 296 -8.74 11.56 19.49
CA VAL C 296 -9.21 11.78 18.13
C VAL C 296 -9.91 10.62 17.51
N GLY C 297 -9.61 9.41 17.95
CA GLY C 297 -10.32 8.22 17.48
C GLY C 297 -9.91 6.99 18.26
N CYS C 298 -10.86 6.07 18.43
CA CYS C 298 -10.56 4.78 19.06
C CYS C 298 -11.00 3.62 18.20
N ASP C 299 -10.15 2.62 18.09
CA ASP C 299 -10.49 1.39 17.42
C ASP C 299 -10.20 0.23 18.35
N GLN C 300 -11.26 -0.47 18.69
CA GLN C 300 -11.19 -1.57 19.61
C GLN C 300 -10.59 -2.79 18.92
N ASN C 301 -10.66 -2.80 17.58
CA ASN C 301 -10.26 -3.96 16.83
C ASN C 301 -9.27 -3.79 15.68
N GLY C 302 -8.44 -2.74 15.74
CA GLY C 302 -7.44 -2.54 14.72
C GLY C 302 -6.81 -1.17 14.70
N LYS C 303 -6.19 -0.85 13.59
CA LYS C 303 -5.39 0.35 13.44
C LYS C 303 -6.22 1.65 13.52
N VAL C 304 -5.57 2.73 13.89
CA VAL C 304 -6.10 4.08 13.76
C VAL C 304 -4.98 4.97 13.18
N SER C 305 -5.27 5.70 12.12
CA SER C 305 -4.35 6.71 11.66
C SER C 305 -5.08 7.99 11.26
N GLN C 306 -4.34 9.10 11.22
CA GLN C 306 -4.94 10.34 10.76
C GLN C 306 -4.10 11.09 9.73
N GLN C 307 -4.78 11.89 8.94
CA GLN C 307 -4.11 12.79 8.05
C GLN C 307 -4.70 14.16 8.30
N ILE C 308 -3.81 15.14 8.51
CA ILE C 308 -4.15 16.56 8.70
C ILE C 308 -3.65 17.40 7.54
N SER C 309 -4.55 18.18 6.93
CA SER C 309 -4.25 18.92 5.71
C SER C 309 -4.59 20.40 5.82
N ASN C 310 -3.73 21.27 5.27
CA ASN C 310 -4.06 22.67 5.10
C ASN C 310 -3.83 23.15 3.68
N THR C 311 -4.81 23.83 3.11
CA THR C 311 -4.66 24.44 1.80
C THR C 311 -4.79 25.97 1.87
N ILE C 312 -3.94 26.66 1.12
CA ILE C 312 -4.07 28.10 0.92
C ILE C 312 -4.09 28.35 -0.57
N SER C 313 -5.05 29.10 -1.08
CA SER C 313 -5.06 29.45 -2.51
C SER C 313 -5.40 30.92 -2.80
N PHE C 314 -4.87 31.41 -3.92
CA PHE C 314 -5.10 32.76 -4.40
C PHE C 314 -5.60 32.63 -5.81
N SER C 315 -6.65 33.36 -6.15
CA SER C 315 -7.15 33.36 -7.50
C SER C 315 -7.51 34.79 -7.94
N SER C 316 -7.48 35.05 -9.26
CA SER C 316 -8.00 36.30 -9.80
C SER C 316 -8.60 36.16 -11.19
N THR C 317 -9.71 36.85 -11.42
CA THR C 317 -10.40 36.82 -12.69
C THR C 317 -10.45 38.23 -13.28
N VAL C 318 -10.30 38.32 -14.59
CA VAL C 318 -10.48 39.55 -15.32
C VAL C 318 -11.58 39.33 -16.37
N THR C 319 -12.64 40.14 -16.30
CA THR C 319 -13.75 40.01 -17.26
C THR C 319 -13.92 41.26 -18.15
N ALA C 320 -14.02 41.04 -19.46
CA ALA C 320 -14.27 42.12 -20.40
C ALA C 320 -15.54 41.77 -21.17
N GLY C 321 -16.50 42.70 -21.19
CA GLY C 321 -17.79 42.45 -21.84
C GLY C 321 -18.25 43.60 -22.72
N VAL C 322 -19.19 43.31 -23.62
CA VAL C 322 -19.67 44.27 -24.60
C VAL C 322 -21.13 43.92 -24.92
N ALA C 323 -22.00 44.93 -24.92
CA ALA C 323 -23.43 44.74 -25.16
C ALA C 323 -24.02 45.73 -26.17
N VAL C 324 -24.91 45.23 -27.04
CA VAL C 324 -25.71 46.12 -27.88
C VAL C 324 -27.21 45.94 -27.67
N GLU C 325 -27.86 47.05 -27.35
CA GLU C 325 -29.29 47.09 -27.12
C GLU C 325 -30.00 47.90 -28.22
N VAL C 326 -30.90 47.27 -28.97
CA VAL C 326 -31.66 48.02 -29.98
C VAL C 326 -33.16 47.95 -29.72
N SER C 327 -33.66 48.95 -28.99
CA SER C 327 -35.07 49.02 -28.62
C SER C 327 -35.87 50.00 -29.49
N SER C 328 -37.20 49.93 -29.38
CA SER C 328 -38.10 50.87 -30.04
C SER C 328 -39.43 50.85 -29.31
N THR C 329 -40.20 51.93 -29.46
CA THR C 329 -41.52 52.01 -28.83
C THR C 329 -42.57 52.80 -29.64
N ILE C 330 -43.81 52.30 -29.63
CA ILE C 330 -44.94 52.94 -30.30
C ILE C 330 -45.96 53.35 -29.23
N GLU C 331 -46.19 54.65 -29.12
CA GLU C 331 -47.08 55.20 -28.09
C GLU C 331 -48.08 56.21 -28.68
N LYS C 332 -49.38 55.94 -28.53
CA LYS C 332 -50.44 56.85 -29.00
C LYS C 332 -51.51 57.18 -27.94
N GLY C 333 -51.99 58.40 -27.73
CA GLY C 333 -51.49 59.45 -26.90
C GLY C 333 -52.27 60.78 -26.93
N VAL C 334 -53.56 60.82 -27.33
CA VAL C 334 -54.36 62.09 -27.29
C VAL C 334 -55.71 61.99 -26.57
N ILE C 335 -56.07 63.04 -25.81
CA ILE C 335 -57.28 63.07 -24.93
C ILE C 335 -57.47 61.66 -24.35
N PHE C 336 -56.69 61.15 -23.40
CA PHE C 336 -56.57 61.49 -21.99
C PHE C 336 -55.88 60.22 -21.39
N ALA C 337 -56.14 59.06 -22.00
CA ALA C 337 -55.47 57.79 -21.68
C ALA C 337 -54.42 57.43 -22.75
N LYS C 338 -53.18 57.24 -22.31
CA LYS C 338 -52.06 56.90 -23.21
C LYS C 338 -51.64 55.43 -23.09
N ALA C 339 -51.24 54.83 -24.22
CA ALA C 339 -50.85 53.41 -24.26
C ALA C 339 -49.68 53.14 -25.21
N THR C 340 -48.63 52.51 -24.67
CA THR C 340 -47.42 52.15 -25.44
C THR C 340 -47.12 50.64 -25.44
N VAL C 341 -46.42 50.18 -26.48
CA VAL C 341 -45.80 48.85 -26.52
C VAL C 341 -44.34 48.96 -26.97
N SER C 342 -43.44 48.36 -26.19
CA SER C 342 -41.99 48.38 -26.44
C SER C 342 -41.39 47.01 -26.78
N VAL C 343 -40.47 47.01 -27.74
CA VAL C 343 -39.74 45.81 -28.10
C VAL C 343 -38.26 46.12 -28.07
N LYS C 344 -37.55 45.44 -27.17
CA LYS C 344 -36.11 45.61 -26.96
C LYS C 344 -35.37 44.33 -27.30
N VAL C 345 -34.23 44.46 -27.99
CA VAL C 345 -33.39 43.33 -28.30
C VAL C 345 -31.95 43.61 -27.86
N THR C 346 -31.43 42.76 -26.98
CA THR C 346 -30.07 42.87 -26.45
C THR C 346 -29.19 41.69 -26.87
N ALA C 347 -27.91 41.96 -27.07
CA ALA C 347 -26.95 40.91 -27.42
C ALA C 347 -25.62 41.19 -26.73
N SER C 348 -25.17 40.26 -25.89
CA SER C 348 -23.92 40.44 -25.16
C SER C 348 -22.84 39.42 -25.48
N LEU C 349 -21.59 39.82 -25.28
CA LEU C 349 -20.45 38.96 -25.51
C LEU C 349 -19.37 39.33 -24.51
N SER C 350 -19.05 38.44 -23.57
CA SER C 350 -17.98 38.68 -22.60
C SER C 350 -16.91 37.61 -22.67
N LYS C 351 -15.77 37.90 -22.04
CA LYS C 351 -14.70 36.93 -21.93
C LYS C 351 -13.90 37.11 -20.64
N ALA C 352 -13.92 36.08 -19.78
CA ALA C 352 -13.20 36.11 -18.50
C ALA C 352 -11.90 35.30 -18.56
N TRP C 353 -10.87 35.77 -17.86
CA TRP C 353 -9.61 35.05 -17.74
C TRP C 353 -9.32 34.83 -16.26
N THR C 354 -9.32 33.59 -15.79
CA THR C 354 -8.95 33.32 -14.40
C THR C 354 -7.61 32.62 -14.34
N ASN C 355 -6.80 32.99 -13.37
CA ASN C 355 -5.73 32.08 -12.97
C ASN C 355 -5.48 32.02 -11.49
N SER C 356 -5.07 30.86 -11.02
CA SER C 356 -5.02 30.62 -9.60
C SER C 356 -3.88 29.70 -9.26
N GLN C 357 -3.47 29.76 -8.01
CA GLN C 357 -2.48 28.84 -7.51
C GLN C 357 -2.77 28.49 -6.06
N SER C 358 -2.54 27.24 -5.71
CA SER C 358 -2.79 26.83 -4.35
C SER C 358 -1.67 25.92 -3.92
N GLY C 359 -1.64 25.65 -2.63
CA GLY C 359 -0.58 24.88 -2.08
C GLY C 359 -1.17 24.22 -0.89
N THR C 360 -0.86 22.93 -0.75
CA THR C 360 -1.38 22.23 0.41
C THR C 360 -0.38 21.31 1.10
N THR C 361 -0.47 21.17 2.42
CA THR C 361 0.40 20.29 3.16
C THR C 361 -0.47 19.26 3.84
N ALA C 362 0.03 18.04 3.97
CA ALA C 362 -0.75 16.95 4.57
C ALA C 362 0.16 16.06 5.38
N ILE C 363 0.00 16.10 6.70
CA ILE C 363 0.81 15.26 7.57
C ILE C 363 -0.01 14.05 7.95
N THR C 364 0.59 12.87 7.91
CA THR C 364 -0.17 11.70 8.35
C THR C 364 0.55 10.94 9.46
N TYR C 365 -0.22 10.51 10.45
CA TYR C 365 0.28 9.83 11.67
C TYR C 365 -0.36 8.44 11.78
N THR C 366 0.41 7.43 12.13
CA THR C 366 -0.16 6.07 12.32
C THR C 366 0.19 5.50 13.70
N CYS C 367 -0.75 4.79 14.33
CA CYS C 367 -0.49 4.23 15.66
C CYS C 367 0.13 2.87 15.44
N ASP C 368 1.40 2.74 15.82
CA ASP C 368 2.17 1.51 15.56
C ASP C 368 2.49 0.70 16.82
N ASN C 369 2.65 1.38 17.95
CA ASN C 369 3.14 0.74 19.15
C ASN C 369 2.59 1.47 20.35
N TYR C 370 2.54 0.78 21.50
CA TYR C 370 2.27 1.46 22.77
C TYR C 370 3.58 1.96 23.41
N ASP C 371 3.48 2.73 24.51
CA ASP C 371 4.69 3.20 25.21
C ASP C 371 5.55 2.04 25.72
N SER C 372 4.90 0.92 25.99
CA SER C 372 5.58 -0.31 26.37
C SER C 372 6.33 -0.97 25.22
N ASP C 373 6.20 -0.42 24.01
CA ASP C 373 6.91 -0.89 22.81
C ASP C 373 6.31 -2.14 22.12
N GLU C 374 5.18 -2.63 22.62
CA GLU C 374 4.47 -3.70 21.92
C GLU C 374 3.77 -3.13 20.72
N GLU C 375 3.41 -3.99 19.77
CA GLU C 375 2.69 -3.58 18.57
C GLU C 375 1.27 -3.12 18.91
N PHE C 376 0.81 -2.06 18.24
CA PHE C 376 -0.53 -1.51 18.42
C PHE C 376 -1.47 -2.30 17.59
N THR C 377 -2.43 -2.94 18.24
CA THR C 377 -3.46 -3.71 17.53
C THR C 377 -4.87 -3.23 17.90
N ARG C 378 -4.92 -2.24 18.81
CA ARG C 378 -6.17 -1.59 19.17
C ARG C 378 -5.81 -0.51 20.14
N GLY C 379 -6.78 0.36 20.37
CA GLY C 379 -6.64 1.50 21.27
C GLY C 379 -7.05 2.80 20.64
N CYS C 380 -6.47 3.89 21.14
CA CYS C 380 -6.94 5.22 20.82
C CYS C 380 -5.82 6.10 20.43
N MET C 381 -6.10 7.04 19.53
CA MET C 381 -5.12 8.05 19.17
C MET C 381 -5.40 9.38 19.87
N TRP C 382 -4.35 9.98 20.41
CA TRP C 382 -4.50 11.24 21.14
C TRP C 382 -3.70 12.36 20.55
N GLN C 383 -4.21 13.57 20.72
CA GLN C 383 -3.57 14.77 20.23
C GLN C 383 -3.34 15.70 21.40
N LEU C 384 -2.11 16.19 21.55
CA LEU C 384 -1.82 17.17 22.62
C LEU C 384 -2.72 18.41 22.54
N ALA C 385 -3.22 18.86 23.69
CA ALA C 385 -4.22 19.94 23.71
C ALA C 385 -3.68 21.36 23.49
N ILE C 386 -2.39 21.61 23.74
CA ILE C 386 -1.84 22.96 23.51
C ILE C 386 -1.90 23.36 22.03
N GLU C 387 -2.47 24.53 21.75
CA GLU C 387 -2.46 25.11 20.39
C GLU C 387 -1.01 25.50 20.09
N THR C 388 -0.64 25.50 18.81
CA THR C 388 0.78 25.50 18.50
C THR C 388 1.18 26.47 17.38
N THR C 389 2.45 26.85 17.41
CA THR C 389 2.98 27.85 16.49
C THR C 389 3.03 27.30 15.04
N GLU C 390 2.23 27.91 14.16
CA GLU C 390 2.13 27.51 12.77
C GLU C 390 3.45 27.68 12.04
N VAL C 391 3.74 26.75 11.16
CA VAL C 391 4.90 26.84 10.31
C VAL C 391 4.41 27.24 8.93
N LYS C 392 5.12 28.17 8.29
CA LYS C 392 4.82 28.60 6.93
C LYS C 392 6.02 28.32 6.02
N SER C 393 5.78 28.27 4.72
CA SER C 393 6.88 28.20 3.76
C SER C 393 6.43 28.91 2.51
N GLY C 394 6.82 30.17 2.37
CA GLY C 394 6.30 31.01 1.30
C GLY C 394 4.85 31.33 1.57
N ASP C 395 4.13 31.67 0.50
CA ASP C 395 2.81 32.26 0.63
C ASP C 395 1.70 31.24 0.75
N LEU C 396 1.90 30.04 0.21
CA LEU C 396 0.76 29.12 0.16
C LEU C 396 0.91 27.74 0.82
N LEU C 397 1.97 27.57 1.59
CA LEU C 397 2.18 26.37 2.40
C LEU C 397 2.12 26.68 3.88
N VAL C 398 1.22 26.01 4.59
CA VAL C 398 1.15 26.19 6.04
C VAL C 398 0.92 24.86 6.76
N TRP C 399 1.59 24.69 7.89
CA TRP C 399 1.41 23.54 8.75
C TRP C 399 0.94 24.04 10.08
N ASN C 400 0.07 23.29 10.76
CA ASN C 400 0.08 23.46 12.21
C ASN C 400 0.33 22.17 12.92
N PRO C 401 1.55 22.02 13.45
CA PRO C 401 2.14 20.82 14.02
C PRO C 401 1.29 20.22 15.12
N GLN C 402 1.08 18.92 15.07
CA GLN C 402 0.43 18.24 16.19
C GLN C 402 1.41 17.30 16.85
N ILE C 403 1.22 17.06 18.15
CA ILE C 403 1.90 15.98 18.82
C ILE C 403 0.87 14.92 19.18
N VAL C 404 1.07 13.74 18.61
CA VAL C 404 0.13 12.64 18.69
C VAL C 404 0.69 11.49 19.54
N LYS C 405 -0.20 10.77 20.20
CA LYS C 405 0.15 9.68 21.11
C LYS C 405 -0.88 8.57 20.92
N CYS C 406 -0.51 7.31 21.17
CA CYS C 406 -1.46 6.21 21.09
C CYS C 406 -1.44 5.34 22.32
N THR C 407 -2.62 4.94 22.80
CA THR C 407 -2.74 4.16 24.03
C THR C 407 -3.49 2.85 23.84
N ARG C 408 -3.37 1.96 24.81
CA ARG C 408 -3.99 0.61 24.81
C ARG C 408 -5.51 0.65 24.88
N SER C 409 -6.06 1.66 25.56
CA SER C 409 -7.49 1.78 25.81
C SER C 409 -7.90 3.25 25.79
N ASN C 410 -9.13 3.55 26.15
CA ASN C 410 -9.61 4.91 26.01
C ASN C 410 -9.63 5.72 27.30
N THR C 411 -8.78 5.35 28.25
CA THR C 411 -8.63 6.18 29.43
C THR C 411 -7.53 7.22 29.15
N ALA C 412 -7.86 8.50 29.41
CA ALA C 412 -7.04 9.63 28.96
C ALA C 412 -5.69 9.63 29.62
N PRO C 413 -4.64 9.80 28.82
CA PRO C 413 -3.30 9.91 29.37
C PRO C 413 -3.05 11.31 29.92
N GLY C 414 -2.07 11.42 30.82
CA GLY C 414 -1.70 12.72 31.39
C GLY C 414 -0.23 13.06 31.19
N CYS C 415 0.57 12.04 30.90
CA CYS C 415 2.01 12.19 30.73
C CYS C 415 2.43 13.16 29.64
N ALA C 416 3.61 13.76 29.80
CA ALA C 416 4.06 14.79 28.86
C ALA C 416 4.49 14.11 27.57
N PRO C 417 4.50 14.88 26.44
CA PRO C 417 5.04 14.33 25.22
C PRO C 417 6.37 13.68 25.47
N PHE C 418 6.55 12.51 24.89
CA PHE C 418 7.78 11.72 25.00
C PHE C 418 8.13 11.28 26.41
N THR C 419 7.06 10.97 27.12
CA THR C 419 7.07 10.63 28.51
C THR C 419 6.04 9.53 28.67
N LYS C 420 6.41 8.56 29.49
CA LYS C 420 5.73 7.29 29.63
C LYS C 420 5.32 7.09 31.08
N CYS C 421 4.29 6.29 31.33
CA CYS C 421 3.94 5.90 32.71
C CYS C 421 5.10 5.20 33.38
N ALA C 422 5.42 5.61 34.60
CA ALA C 422 6.54 5.05 35.34
C ALA C 422 6.08 3.99 36.35
N ASN C 423 4.82 4.04 36.73
CA ASN C 423 4.25 3.14 37.73
C ASN C 423 2.91 2.57 37.26
N GLU C 424 2.54 1.45 37.86
CA GLU C 424 1.34 0.69 37.49
C GLU C 424 0.08 1.53 37.25
N ASP C 425 -0.22 2.48 38.13
CA ASP C 425 -1.43 3.30 37.96
C ASP C 425 -1.14 4.70 37.41
N CYS C 426 0.04 4.85 36.82
CA CYS C 426 0.40 6.04 36.04
C CYS C 426 0.17 7.40 36.71
N THR C 427 0.70 7.53 37.93
CA THR C 427 0.68 8.81 38.64
C THR C 427 2.03 9.51 38.54
N PHE C 428 2.99 8.84 37.92
CA PHE C 428 4.30 9.39 37.64
C PHE C 428 4.73 9.01 36.23
N CYS C 429 5.54 9.88 35.64
CA CYS C 429 5.89 9.77 34.26
C CYS C 429 7.39 9.82 34.19
N THR C 430 7.98 9.00 33.33
CA THR C 430 9.41 9.05 33.09
C THR C 430 9.74 9.20 31.60
N ASP C 431 10.97 9.60 31.29
CA ASP C 431 11.35 9.87 29.91
C ASP C 431 11.24 8.57 29.12
N ILE C 432 10.73 8.66 27.89
CA ILE C 432 10.44 7.47 27.10
C ILE C 432 11.74 6.84 26.55
N VAL D 2 -32.85 -29.45 44.49
CA VAL D 2 -34.25 -29.13 44.71
C VAL D 2 -35.10 -29.84 43.69
N LEU D 3 -34.50 -30.08 42.53
CA LEU D 3 -35.19 -30.73 41.44
C LEU D 3 -35.36 -32.22 41.71
N CYS D 4 -36.20 -32.87 40.91
CA CYS D 4 -36.23 -34.31 40.92
C CYS D 4 -35.09 -34.78 40.03
N THR D 5 -33.95 -35.07 40.63
CA THR D 5 -32.77 -35.43 39.85
C THR D 5 -32.72 -36.91 39.52
N ASN D 6 -33.64 -37.65 40.10
CA ASN D 6 -33.79 -39.07 39.83
C ASN D 6 -35.23 -39.49 39.61
N PRO D 7 -35.76 -39.21 38.41
CA PRO D 7 -37.13 -39.57 38.06
C PRO D 7 -37.26 -41.05 37.69
N LEU D 8 -38.33 -41.70 38.16
CA LEU D 8 -38.63 -43.08 37.75
C LEU D 8 -39.28 -43.04 36.39
N ASP D 9 -40.19 -42.07 36.22
CA ASP D 9 -40.99 -42.01 35.01
C ASP D 9 -41.47 -40.59 34.78
N ILE D 10 -41.51 -40.18 33.51
CA ILE D 10 -42.01 -38.87 33.12
C ILE D 10 -42.97 -39.03 31.95
N GLY D 11 -44.13 -38.39 32.04
CA GLY D 11 -45.09 -38.39 30.94
C GLY D 11 -46.44 -37.94 31.41
N GLU D 12 -47.44 -38.12 30.57
CA GLU D 12 -48.79 -37.74 30.91
C GLU D 12 -49.34 -38.78 31.87
N LEU D 13 -49.96 -38.35 32.96
CA LEU D 13 -50.55 -39.30 33.88
C LEU D 13 -52.03 -39.43 33.55
N ARG D 14 -52.41 -40.51 32.89
CA ARG D 14 -53.81 -40.69 32.53
C ARG D 14 -54.61 -41.61 33.47
N SER D 15 -55.92 -41.38 33.55
CA SER D 15 -56.80 -42.23 34.34
C SER D 15 -57.15 -43.48 33.55
N PHE D 16 -57.07 -44.63 34.21
CA PHE D 16 -57.43 -45.90 33.59
C PHE D 16 -58.89 -45.93 33.12
N LYS D 17 -59.79 -45.27 33.85
CA LYS D 17 -61.21 -45.20 33.47
C LYS D 17 -61.45 -44.33 32.24
N SER D 18 -61.06 -43.07 32.32
CA SER D 18 -61.45 -42.09 31.31
C SER D 18 -60.41 -41.83 30.22
N LYS D 19 -59.20 -42.36 30.40
CA LYS D 19 -58.05 -42.06 29.52
C LYS D 19 -57.72 -40.58 29.43
N GLN D 20 -58.18 -39.83 30.42
CA GLN D 20 -57.96 -38.39 30.50
C GLN D 20 -56.71 -38.03 31.33
N CYS D 21 -56.06 -36.93 30.97
CA CYS D 21 -54.89 -36.44 31.69
C CYS D 21 -55.21 -35.90 33.08
N VAL D 22 -54.36 -36.22 34.03
CA VAL D 22 -54.33 -35.56 35.32
C VAL D 22 -53.71 -34.20 35.02
N ASP D 23 -54.41 -33.15 35.42
CA ASP D 23 -54.09 -31.78 35.01
C ASP D 23 -54.06 -30.78 36.14
N ILE D 24 -53.15 -29.83 36.03
CA ILE D 24 -53.11 -28.66 36.89
C ILE D 24 -53.77 -27.50 36.14
N VAL D 25 -54.68 -26.81 36.84
CA VAL D 25 -55.33 -25.61 36.32
C VAL D 25 -54.31 -24.61 35.79
N GLY D 26 -54.58 -24.04 34.64
CA GLY D 26 -53.65 -23.11 34.02
C GLY D 26 -52.54 -23.85 33.33
N ASN D 27 -51.42 -23.18 33.13
CA ASN D 27 -50.28 -23.81 32.50
C ASN D 27 -49.02 -23.57 33.30
N GLN D 28 -49.19 -22.93 34.46
CA GLN D 28 -48.08 -22.58 35.36
C GLN D 28 -47.55 -23.81 36.11
N GLY D 29 -48.42 -24.79 36.31
CA GLY D 29 -48.04 -25.99 37.06
C GLY D 29 -48.24 -25.83 38.57
N SER D 30 -48.97 -24.80 38.95
CA SER D 30 -49.39 -24.64 40.33
C SER D 30 -50.88 -24.43 40.35
N GLY D 31 -51.55 -25.01 41.32
CA GLY D 31 -52.99 -24.85 41.48
C GLY D 31 -53.68 -26.19 41.71
N ASN D 32 -54.99 -26.20 41.53
CA ASN D 32 -55.78 -27.41 41.76
C ASN D 32 -55.49 -28.52 40.75
N ILE D 33 -55.54 -29.76 41.24
CA ILE D 33 -55.32 -30.92 40.37
C ILE D 33 -56.65 -31.62 40.05
N ALA D 34 -56.92 -31.76 38.76
CA ALA D 34 -58.16 -32.36 38.28
C ALA D 34 -57.93 -32.86 36.86
N THR D 35 -58.76 -33.78 36.40
CA THR D 35 -58.62 -34.31 35.04
C THR D 35 -59.02 -33.26 34.03
N TYR D 36 -58.54 -33.42 32.80
CA TYR D 36 -58.79 -32.49 31.69
C TYR D 36 -58.29 -33.08 30.36
N ASP D 37 -58.77 -32.55 29.25
CA ASP D 37 -58.25 -32.90 27.92
C ASP D 37 -56.74 -32.83 27.93
N CYS D 38 -56.09 -33.74 27.22
CA CYS D 38 -54.63 -33.71 27.12
C CYS D 38 -54.16 -32.64 26.14
N ASP D 39 -53.70 -31.51 26.68
CA ASP D 39 -53.37 -30.35 25.85
C ASP D 39 -51.90 -30.23 25.45
N GLY D 40 -51.08 -31.20 25.82
CA GLY D 40 -49.68 -31.24 25.40
C GLY D 40 -48.74 -30.16 25.95
N LEU D 41 -49.21 -29.43 26.96
CA LEU D 41 -48.38 -28.44 27.64
C LEU D 41 -47.60 -29.11 28.76
N SER D 42 -46.43 -28.53 29.05
CA SER D 42 -45.48 -29.11 29.99
C SER D 42 -46.05 -29.34 31.40
N ASP D 43 -47.13 -28.66 31.76
CA ASP D 43 -47.68 -28.85 33.08
C ASP D 43 -48.37 -30.22 33.20
N GLN D 44 -48.63 -30.85 32.06
CA GLN D 44 -49.24 -32.18 32.05
C GLN D 44 -48.19 -33.28 31.98
N GLN D 45 -46.95 -32.89 31.76
CA GLN D 45 -45.81 -33.79 31.85
C GLN D 45 -45.47 -34.02 33.34
N ILE D 46 -46.12 -35.04 33.90
CA ILE D 46 -45.97 -35.40 35.30
C ILE D 46 -44.69 -36.19 35.55
N ILE D 47 -43.97 -35.80 36.60
CA ILE D 47 -42.78 -36.53 37.05
C ILE D 47 -43.07 -37.43 38.24
N ILE D 48 -42.96 -38.73 38.00
CA ILE D 48 -42.98 -39.70 39.06
C ILE D 48 -41.55 -39.78 39.55
N CYS D 49 -41.33 -39.16 40.71
CA CYS D 49 -40.00 -38.96 41.25
C CYS D 49 -39.52 -40.11 42.10
N GLY D 50 -38.24 -40.46 41.94
CA GLY D 50 -37.57 -41.49 42.73
C GLY D 50 -37.68 -41.32 44.24
N ASP D 51 -37.76 -40.06 44.71
CA ASP D 51 -37.92 -39.80 46.14
C ASP D 51 -39.38 -39.96 46.60
N GLY D 52 -40.25 -40.34 45.68
CA GLY D 52 -41.65 -40.63 45.98
C GLY D 52 -42.62 -39.47 45.86
N THR D 53 -42.13 -38.29 45.55
CA THR D 53 -42.99 -37.14 45.26
C THR D 53 -43.52 -37.21 43.83
N ILE D 54 -44.60 -36.50 43.54
CA ILE D 54 -45.08 -36.42 42.19
C ILE D 54 -45.00 -34.95 41.80
N ARG D 55 -44.31 -34.68 40.70
CA ARG D 55 -44.10 -33.30 40.23
C ARG D 55 -44.47 -33.14 38.75
N ASN D 56 -44.10 -32.01 38.16
CA ASN D 56 -44.41 -31.75 36.76
C ASN D 56 -43.36 -30.89 36.07
N GLU D 57 -43.32 -30.97 34.73
CA GLU D 57 -42.29 -30.26 33.97
C GLU D 57 -42.41 -28.73 33.96
N ALA D 58 -43.58 -28.20 34.31
CA ALA D 58 -43.78 -26.75 34.31
C ALA D 58 -43.24 -26.03 35.53
N ARG D 59 -43.17 -26.72 36.67
CA ARG D 59 -42.82 -26.08 37.93
C ARG D 59 -42.41 -27.10 38.99
N ASN D 60 -41.39 -26.76 39.78
CA ASN D 60 -40.90 -27.66 40.82
C ASN D 60 -41.86 -27.75 42.02
N TYR D 61 -43.07 -28.24 41.76
CA TYR D 61 -44.13 -28.33 42.76
C TYR D 61 -44.65 -29.76 42.95
N CYS D 62 -45.16 -30.04 44.14
CA CYS D 62 -45.50 -31.38 44.54
C CYS D 62 -47.00 -31.63 44.56
N PHE D 63 -47.42 -32.82 44.15
CA PHE D 63 -48.79 -33.29 44.40
C PHE D 63 -48.93 -33.33 45.90
N THR D 64 -49.83 -32.51 46.44
CA THR D 64 -50.01 -32.34 47.88
C THR D 64 -51.48 -32.46 48.28
N PRO D 65 -51.80 -33.33 49.26
CA PRO D 65 -53.15 -33.39 49.83
C PRO D 65 -53.40 -32.15 50.67
N ASP D 66 -54.56 -31.53 50.46
CA ASP D 66 -54.92 -30.24 51.03
C ASP D 66 -55.54 -30.42 52.43
N GLY D 67 -54.99 -31.32 53.23
CA GLY D 67 -55.53 -31.65 54.55
C GLY D 67 -55.06 -33.00 55.07
N SER D 68 -55.78 -33.57 56.02
CA SER D 68 -55.35 -34.82 56.68
C SER D 68 -56.34 -35.99 56.55
N GLY D 69 -57.59 -35.68 56.20
CA GLY D 69 -58.60 -36.71 56.01
C GLY D 69 -58.70 -37.06 54.55
N ASN D 70 -59.94 -37.15 54.07
CA ASN D 70 -60.22 -37.28 52.64
C ASN D 70 -60.25 -35.89 52.01
N ALA D 71 -59.07 -35.39 51.66
CA ALA D 71 -58.93 -34.00 51.20
C ALA D 71 -58.64 -33.87 49.71
N ASN D 72 -58.86 -32.67 49.20
CA ASN D 72 -58.56 -32.33 47.81
C ASN D 72 -57.04 -32.35 47.58
N VAL D 73 -56.61 -32.63 46.35
CA VAL D 73 -55.18 -32.65 46.03
C VAL D 73 -54.80 -31.45 45.15
N MET D 74 -53.88 -30.62 45.65
CA MET D 74 -53.41 -29.45 44.93
C MET D 74 -51.95 -29.67 44.54
N SER D 75 -51.45 -28.80 43.66
CA SER D 75 -50.05 -28.77 43.30
C SER D 75 -49.42 -27.55 43.92
N SER D 76 -48.63 -27.76 44.97
CA SER D 76 -48.07 -26.66 45.77
C SER D 76 -46.59 -26.90 46.13
N PRO D 77 -45.92 -25.92 46.77
CA PRO D 77 -44.50 -26.06 47.12
C PRO D 77 -44.18 -27.39 47.78
N CYS D 78 -43.07 -27.99 47.37
CA CYS D 78 -42.52 -29.16 48.03
C CYS D 78 -41.83 -28.79 49.31
N THR D 79 -42.24 -29.39 50.43
CA THR D 79 -41.46 -29.30 51.66
C THR D 79 -40.25 -30.22 51.48
N LEU D 80 -39.08 -29.63 51.32
CA LEU D 80 -37.88 -30.39 51.00
C LEU D 80 -36.86 -30.41 52.13
N TYR D 81 -37.06 -29.54 53.11
CA TYR D 81 -36.16 -29.39 54.24
C TYR D 81 -37.01 -29.33 55.49
N PRO D 82 -36.59 -30.05 56.55
CA PRO D 82 -35.35 -30.82 56.68
C PRO D 82 -35.36 -32.09 55.85
N GLU D 83 -36.55 -32.56 55.47
CA GLU D 83 -36.73 -33.68 54.56
C GLU D 83 -38.16 -33.66 54.06
N ILE D 84 -38.40 -34.36 52.96
CA ILE D 84 -39.76 -34.48 52.41
C ILE D 84 -40.63 -35.26 53.40
N PRO D 85 -41.75 -34.65 53.84
CA PRO D 85 -42.65 -35.33 54.77
C PRO D 85 -43.43 -36.47 54.09
N SER D 86 -44.06 -37.32 54.89
CA SER D 86 -44.81 -38.47 54.35
C SER D 86 -46.06 -38.05 53.61
N SER D 87 -46.68 -36.96 54.05
CA SER D 87 -47.85 -36.39 53.39
C SER D 87 -47.65 -36.10 51.88
N GLN D 88 -46.42 -35.79 51.47
CA GLN D 88 -46.13 -35.51 50.07
C GLN D 88 -45.50 -36.70 49.32
N ARG D 89 -45.33 -37.82 50.01
CA ARG D 89 -44.79 -39.01 49.35
C ARG D 89 -45.91 -39.96 48.95
N TRP D 90 -45.69 -40.72 47.86
CA TRP D 90 -46.71 -41.62 47.31
C TRP D 90 -46.08 -42.96 46.92
N ARG D 91 -46.89 -43.99 46.74
CA ARG D 91 -46.41 -45.32 46.26
C ARG D 91 -47.39 -46.09 45.38
N GLN D 92 -46.86 -47.00 44.57
CA GLN D 92 -47.67 -47.92 43.78
C GLN D 92 -48.40 -48.92 44.70
N GLY D 93 -49.68 -49.12 44.42
CA GLY D 93 -50.45 -50.15 45.06
C GLY D 93 -50.59 -51.27 44.06
N ARG D 94 -51.80 -51.82 43.95
CA ARG D 94 -52.10 -52.87 43.00
C ARG D 94 -52.05 -52.33 41.57
N ARG D 95 -51.72 -53.21 40.63
CA ARG D 95 -51.48 -52.78 39.27
C ARG D 95 -52.25 -53.58 38.23
N LYS D 96 -53.08 -52.89 37.46
CA LYS D 96 -53.65 -53.43 36.23
C LYS D 96 -52.70 -53.15 35.07
N THR D 97 -52.53 -54.14 34.20
CA THR D 97 -51.59 -54.00 33.09
C THR D 97 -52.27 -54.34 31.76
N PHE D 98 -52.20 -53.42 30.81
CA PHE D 98 -52.94 -53.54 29.55
C PHE D 98 -52.16 -53.04 28.33
N THR D 99 -52.71 -53.27 27.14
CA THR D 99 -52.10 -52.82 25.88
C THR D 99 -53.05 -51.85 25.17
N ASP D 100 -52.60 -50.61 24.95
CA ASP D 100 -53.44 -49.60 24.31
C ASP D 100 -53.41 -49.71 22.78
N ASN D 101 -54.17 -48.83 22.13
CA ASN D 101 -54.35 -48.87 20.68
C ASN D 101 -53.05 -48.60 19.92
N GLY D 102 -52.09 -48.01 20.61
CA GLY D 102 -50.77 -47.80 20.05
C GLY D 102 -49.96 -49.08 19.98
N GLY D 103 -50.43 -50.13 20.65
CA GLY D 103 -49.68 -51.38 20.73
C GLY D 103 -48.57 -51.32 21.77
N ILE D 104 -48.72 -50.43 22.73
CA ILE D 104 -47.73 -50.23 23.78
C ILE D 104 -48.30 -50.70 25.10
N GLU D 105 -47.49 -51.44 25.85
CA GLU D 105 -47.95 -51.96 27.13
C GLU D 105 -47.88 -50.86 28.16
N GLN D 106 -49.01 -50.61 28.81
CA GLN D 106 -49.10 -49.63 29.87
C GLN D 106 -49.37 -50.34 31.18
N VAL D 107 -48.98 -49.71 32.29
CA VAL D 107 -49.20 -50.28 33.61
C VAL D 107 -49.89 -49.27 34.52
N ALA D 108 -51.20 -49.44 34.69
CA ALA D 108 -51.95 -48.57 35.56
C ALA D 108 -51.88 -49.11 36.98
N THR D 109 -51.72 -48.22 37.97
CA THR D 109 -51.66 -48.64 39.37
C THR D 109 -52.41 -47.67 40.28
N GLU D 110 -52.68 -48.11 41.51
CA GLU D 110 -53.17 -47.20 42.55
C GLU D 110 -52.01 -46.31 42.94
N ILE D 111 -52.31 -45.06 43.29
CA ILE D 111 -51.27 -44.18 43.80
C ILE D 111 -51.62 -43.84 45.23
N ILE D 112 -50.91 -44.47 46.15
CA ILE D 112 -51.25 -44.39 47.58
C ILE D 112 -50.38 -43.38 48.34
N ASN D 113 -51.04 -42.45 49.02
CA ASN D 113 -50.35 -41.53 49.91
C ASN D 113 -49.69 -42.24 51.08
N LEU D 114 -48.51 -41.79 51.48
CA LEU D 114 -47.74 -42.46 52.52
C LEU D 114 -48.10 -42.03 53.94
N ALA D 115 -48.72 -40.87 54.10
CA ALA D 115 -49.11 -40.42 55.43
C ALA D 115 -50.47 -41.00 55.79
N SER D 116 -51.48 -40.71 54.97
CA SER D 116 -52.83 -41.18 55.25
C SER D 116 -53.07 -42.61 54.81
N GLY D 117 -52.21 -43.14 53.94
CA GLY D 117 -52.44 -44.48 53.39
C GLY D 117 -53.64 -44.58 52.45
N LYS D 118 -54.14 -43.43 52.00
CA LYS D 118 -55.27 -43.33 51.09
C LYS D 118 -54.88 -43.34 49.60
N CYS D 119 -55.87 -43.33 48.72
CA CYS D 119 -55.66 -43.42 47.27
C CYS D 119 -55.90 -42.13 46.53
N LEU D 120 -55.08 -41.88 45.51
CA LEU D 120 -55.35 -40.81 44.58
C LEU D 120 -56.62 -41.20 43.88
N ASP D 121 -57.54 -40.24 43.78
CA ASP D 121 -58.93 -40.52 43.41
C ASP D 121 -59.61 -39.38 42.65
N ILE D 122 -60.50 -39.76 41.74
CA ILE D 122 -61.42 -38.82 41.12
C ILE D 122 -62.84 -39.03 41.68
N GLU D 123 -63.60 -37.93 41.75
CA GLU D 123 -64.94 -37.96 42.33
C GLU D 123 -65.84 -39.01 41.69
N GLY D 124 -66.36 -39.89 42.53
CA GLY D 124 -67.27 -40.93 42.08
C GLY D 124 -66.53 -42.04 41.37
N SER D 125 -67.16 -42.57 40.33
CA SER D 125 -66.59 -43.63 39.50
C SER D 125 -66.47 -43.14 38.09
N ASP D 126 -66.56 -41.83 38.03
CA ASP D 126 -66.13 -41.09 36.90
C ASP D 126 -67.28 -40.19 36.47
N GLY D 127 -67.52 -39.02 37.06
CA GLY D 127 -66.67 -37.89 37.16
C GLY D 127 -67.03 -37.02 36.01
N THR D 128 -66.14 -36.12 35.71
CA THR D 128 -64.83 -36.63 35.53
C THR D 128 -63.70 -35.93 36.21
N GLY D 129 -63.98 -34.75 36.74
CA GLY D 129 -63.04 -33.69 37.11
C GLY D 129 -62.12 -33.74 38.31
N ASP D 130 -62.60 -33.42 39.50
CA ASP D 130 -61.70 -33.08 40.61
C ASP D 130 -60.95 -34.24 41.24
N ILE D 131 -59.64 -34.08 41.36
CA ILE D 131 -58.77 -35.12 41.88
C ILE D 131 -58.38 -34.73 43.28
N GLY D 132 -58.92 -35.47 44.20
CA GLY D 132 -58.50 -35.33 45.56
C GLY D 132 -58.11 -36.72 46.03
N VAL D 133 -58.03 -36.89 47.35
CA VAL D 133 -57.86 -38.23 47.91
C VAL D 133 -59.19 -38.80 48.42
N TYR D 134 -59.18 -40.11 48.64
CA TYR D 134 -60.37 -40.85 49.11
C TYR D 134 -59.96 -42.24 49.56
N ASP D 135 -60.91 -43.01 50.06
CA ASP D 135 -60.68 -44.42 50.40
C ASP D 135 -60.53 -45.25 49.13
N CYS D 136 -59.67 -46.26 49.18
CA CYS D 136 -59.40 -47.10 48.01
C CYS D 136 -60.46 -48.16 47.82
N GLN D 137 -61.24 -48.04 46.75
CA GLN D 137 -62.36 -48.94 46.50
C GLN D 137 -62.40 -49.52 45.08
N ASN D 138 -61.21 -49.71 44.48
CA ASN D 138 -61.01 -50.47 43.24
C ASN D 138 -61.87 -50.15 42.01
N LEU D 139 -62.49 -48.99 42.00
CA LEU D 139 -63.16 -48.52 40.80
C LEU D 139 -62.08 -48.09 39.80
N ASP D 140 -62.35 -48.30 38.52
CA ASP D 140 -61.37 -48.06 37.48
C ASP D 140 -61.02 -46.56 37.31
N ASP D 141 -61.62 -45.69 38.13
CA ASP D 141 -61.35 -44.25 38.07
C ASP D 141 -60.29 -43.85 39.08
N GLN D 142 -59.99 -44.77 40.00
CA GLN D 142 -58.91 -44.60 40.98
C GLN D 142 -57.62 -45.24 40.47
N TYR D 143 -57.59 -45.52 39.17
CA TYR D 143 -56.42 -46.08 38.50
C TYR D 143 -55.88 -45.16 37.43
N PHE D 144 -54.57 -44.91 37.50
CA PHE D 144 -53.90 -43.94 36.64
C PHE D 144 -52.67 -44.57 36.01
N TYR D 145 -52.36 -44.16 34.77
CA TYR D 145 -51.16 -44.63 34.10
C TYR D 145 -50.44 -43.46 33.46
N VAL D 146 -49.11 -43.53 33.46
CA VAL D 146 -48.29 -42.60 32.69
C VAL D 146 -48.22 -43.12 31.27
N ARG D 147 -48.85 -42.43 30.32
CA ARG D 147 -48.91 -42.90 28.94
C ARG D 147 -47.54 -42.96 28.31
N SER D 148 -47.16 -44.16 27.90
CA SER D 148 -45.95 -44.37 27.13
C SER D 148 -46.26 -44.39 25.64
N ARG D 149 -45.29 -43.99 24.84
CA ARG D 149 -45.45 -44.01 23.41
C ARG D 149 -44.51 -45.01 22.77
N GLY D 150 -43.73 -45.69 23.61
CA GLY D 150 -42.60 -46.50 23.15
C GLY D 150 -41.48 -45.53 22.87
N PRO D 151 -40.31 -46.02 22.38
CA PRO D 151 -39.24 -45.09 21.94
C PRO D 151 -39.91 -44.23 20.87
N GLU D 152 -39.64 -42.93 20.67
CA GLU D 152 -38.47 -42.27 20.08
C GLU D 152 -37.72 -42.97 18.96
N LEU D 153 -38.29 -42.90 17.76
CA LEU D 153 -37.70 -43.45 16.54
C LEU D 153 -36.97 -42.40 15.71
N PHE D 154 -37.51 -41.18 15.68
CA PHE D 154 -36.91 -40.07 14.92
C PHE D 154 -37.23 -38.71 15.53
N TYR D 155 -36.34 -37.76 15.31
CA TYR D 155 -36.58 -36.37 15.70
C TYR D 155 -35.98 -35.46 14.66
N GLY D 156 -36.83 -34.80 13.88
CA GLY D 156 -36.34 -33.99 12.78
C GLY D 156 -37.45 -33.34 11.96
N ARG D 157 -37.08 -32.73 10.84
CA ARG D 157 -38.05 -32.17 9.93
C ARG D 157 -38.26 -33.18 8.84
N LEU D 158 -39.28 -32.94 8.04
CA LEU D 158 -39.62 -33.86 6.95
C LEU D 158 -39.59 -33.12 5.62
N ARG D 159 -38.56 -33.40 4.83
CA ARG D 159 -38.31 -32.75 3.55
C ARG D 159 -38.91 -33.61 2.44
N ASN D 160 -39.62 -32.97 1.53
CA ASN D 160 -40.38 -33.67 0.49
C ASN D 160 -39.50 -34.07 -0.68
N GLU D 161 -39.66 -35.30 -1.17
CA GLU D 161 -38.79 -35.82 -2.26
C GLU D 161 -39.02 -35.09 -3.58
N LYS D 162 -40.26 -34.69 -3.81
CA LYS D 162 -40.59 -34.06 -5.08
C LYS D 162 -40.15 -32.60 -5.17
N SER D 163 -40.31 -31.84 -4.08
CA SER D 163 -40.15 -30.39 -4.10
C SER D 163 -39.06 -29.85 -3.17
N ASP D 164 -38.52 -30.72 -2.31
CA ASP D 164 -37.57 -30.30 -1.29
C ASP D 164 -38.15 -29.23 -0.35
N LEU D 165 -39.48 -29.12 -0.29
CA LEU D 165 -40.14 -28.29 0.72
C LEU D 165 -40.32 -29.06 2.02
N CYS D 166 -40.53 -28.37 3.12
CA CYS D 166 -40.62 -29.03 4.40
C CYS D 166 -42.07 -29.15 4.88
N LEU D 167 -42.38 -30.28 5.50
CA LEU D 167 -43.67 -30.49 6.13
C LEU D 167 -43.82 -29.40 7.17
N ASP D 168 -44.82 -28.52 6.97
CA ASP D 168 -44.93 -27.30 7.75
C ASP D 168 -46.31 -27.09 8.39
N VAL D 169 -46.33 -26.44 9.54
CA VAL D 169 -47.57 -25.99 10.16
C VAL D 169 -47.73 -24.48 9.96
N GLU D 170 -48.96 -24.05 9.72
CA GLU D 170 -49.25 -22.63 9.51
C GLU D 170 -48.93 -21.79 10.75
N GLY D 171 -48.38 -20.60 10.53
CA GLY D 171 -47.88 -19.74 11.60
C GLY D 171 -46.59 -20.28 12.19
N SER D 172 -46.44 -20.15 13.51
CA SER D 172 -45.33 -20.76 14.23
C SER D 172 -45.75 -21.23 15.63
N ASP D 173 -47.05 -21.25 15.85
CA ASP D 173 -47.63 -21.78 17.08
C ASP D 173 -47.48 -23.30 17.16
N GLY D 174 -47.42 -23.96 16.00
CA GLY D 174 -47.40 -25.43 15.94
C GLY D 174 -48.82 -25.99 15.92
N LYS D 175 -49.80 -25.09 15.81
CA LYS D 175 -51.20 -25.44 15.79
C LYS D 175 -51.84 -25.09 14.45
N GLY D 176 -52.84 -25.87 14.07
CA GLY D 176 -53.62 -25.60 12.87
C GLY D 176 -53.29 -26.47 11.68
N ASN D 177 -53.44 -25.89 10.49
CA ASN D 177 -53.30 -26.63 9.24
C ASN D 177 -51.87 -27.11 9.00
N VAL D 178 -51.72 -28.25 8.33
CA VAL D 178 -50.42 -28.71 7.89
C VAL D 178 -50.35 -28.59 6.39
N LEU D 179 -49.27 -28.00 5.89
CA LEU D 179 -49.07 -27.80 4.47
C LEU D 179 -47.58 -27.87 4.10
N MET D 180 -47.29 -27.85 2.81
CA MET D 180 -45.91 -27.79 2.34
C MET D 180 -45.48 -26.35 2.26
N TYR D 181 -44.26 -26.07 2.71
CA TYR D 181 -43.71 -24.71 2.73
C TYR D 181 -42.19 -24.74 2.78
N SER D 182 -41.57 -23.59 2.59
CA SER D 182 -40.11 -23.47 2.65
C SER D 182 -39.54 -23.92 4.00
N CYS D 183 -38.42 -24.64 3.95
CA CYS D 183 -37.75 -25.05 5.18
C CYS D 183 -37.28 -23.82 5.95
N GLU D 184 -37.81 -23.67 7.16
CA GLU D 184 -37.41 -22.62 8.04
C GLU D 184 -36.89 -23.25 9.31
N ASP D 185 -35.84 -22.68 9.88
CA ASP D 185 -35.23 -23.28 11.06
C ASP D 185 -36.00 -22.94 12.34
N ASN D 186 -37.31 -23.19 12.31
CA ASN D 186 -38.17 -23.04 13.49
C ASN D 186 -38.59 -24.37 14.08
N LEU D 187 -38.96 -24.32 15.35
CA LEU D 187 -39.32 -25.50 16.11
C LEU D 187 -40.64 -26.06 15.61
N ASP D 188 -41.40 -25.27 14.85
CA ASP D 188 -42.72 -25.70 14.41
C ASP D 188 -42.70 -26.62 13.22
N GLN D 189 -41.51 -26.89 12.70
CA GLN D 189 -41.36 -27.84 11.59
C GLN D 189 -40.68 -29.15 12.00
N TRP D 190 -40.32 -29.22 13.29
CA TRP D 190 -39.70 -30.40 13.86
C TRP D 190 -40.75 -31.33 14.45
N PHE D 191 -40.56 -32.62 14.23
CA PHE D 191 -41.49 -33.62 14.74
C PHE D 191 -40.74 -34.75 15.41
N ARG D 192 -41.41 -35.37 16.38
CA ARG D 192 -40.91 -36.58 17.00
C ARG D 192 -41.81 -37.74 16.57
N TYR D 193 -41.19 -38.83 16.14
CA TYR D 193 -41.94 -39.99 15.71
C TYR D 193 -41.72 -41.11 16.72
N TYR D 194 -42.81 -41.65 17.26
CA TYR D 194 -42.72 -42.70 18.27
C TYR D 194 -43.14 -44.09 17.81
N GLU D 195 -42.68 -45.10 18.55
CA GLU D 195 -43.03 -46.51 18.32
C GLU D 195 -44.53 -46.70 18.14
N ASN D 196 -45.32 -45.96 18.89
CA ASN D 196 -46.78 -46.10 18.83
C ASN D 196 -47.41 -45.50 17.58
N GLY D 197 -46.57 -44.92 16.74
CA GLY D 197 -47.01 -44.38 15.44
C GLY D 197 -47.36 -42.91 15.40
N GLU D 198 -47.33 -42.23 16.55
CA GLU D 198 -47.66 -40.82 16.59
C GLU D 198 -46.50 -39.94 16.12
N ILE D 199 -46.88 -38.88 15.40
CA ILE D 199 -45.93 -37.86 14.96
C ILE D 199 -46.30 -36.59 15.71
N VAL D 200 -45.46 -36.23 16.67
CA VAL D 200 -45.78 -35.14 17.61
C VAL D 200 -44.95 -33.92 17.25
N ASN D 201 -45.65 -32.80 17.05
CA ASN D 201 -45.01 -31.53 16.73
C ASN D 201 -44.19 -30.97 17.89
N ALA D 202 -42.94 -30.59 17.60
CA ALA D 202 -41.99 -30.16 18.65
C ALA D 202 -42.30 -28.82 19.27
N LYS D 203 -43.05 -27.97 18.55
CA LYS D 203 -43.44 -26.67 19.09
C LYS D 203 -44.68 -26.72 19.99
N SER D 204 -45.75 -27.32 19.46
CA SER D 204 -47.04 -27.40 20.14
C SER D 204 -47.22 -28.63 21.04
N GLY D 205 -46.42 -29.67 20.85
CA GLY D 205 -46.58 -30.91 21.63
C GLY D 205 -47.83 -31.72 21.29
N MET D 206 -48.45 -31.40 20.15
CA MET D 206 -49.65 -32.08 19.68
C MET D 206 -49.41 -32.95 18.43
N CYS D 207 -50.40 -33.78 18.08
CA CYS D 207 -50.27 -34.83 17.07
C CYS D 207 -50.59 -34.43 15.63
N LEU D 208 -49.86 -35.03 14.70
CA LEU D 208 -50.21 -34.96 13.29
C LEU D 208 -51.49 -35.78 13.13
N ASP D 209 -52.53 -35.07 12.75
CA ASP D 209 -53.89 -35.61 12.76
C ASP D 209 -54.64 -35.36 11.45
N VAL D 210 -55.52 -36.31 11.13
CA VAL D 210 -56.41 -36.22 9.97
C VAL D 210 -57.80 -35.82 10.46
N GLU D 211 -58.47 -34.99 9.65
CA GLU D 211 -59.85 -34.57 9.92
C GLU D 211 -60.82 -35.74 10.17
N GLY D 212 -61.72 -35.58 11.13
CA GLY D 212 -62.69 -36.64 11.46
C GLY D 212 -62.01 -37.83 12.12
N SER D 213 -62.46 -39.03 11.75
CA SER D 213 -61.91 -40.27 12.33
C SER D 213 -61.58 -41.35 11.30
N ASP D 214 -62.03 -41.14 10.07
CA ASP D 214 -61.88 -42.12 8.99
C ASP D 214 -60.43 -42.32 8.55
N GLY D 215 -59.62 -41.29 8.70
CA GLY D 215 -58.26 -41.28 8.20
C GLY D 215 -58.20 -40.77 6.78
N SER D 216 -59.28 -40.10 6.36
CA SER D 216 -59.37 -39.46 5.05
C SER D 216 -59.79 -38.01 5.16
N GLY D 217 -59.02 -37.13 4.53
CA GLY D 217 -59.28 -35.69 4.56
C GLY D 217 -58.03 -34.85 4.77
N ASN D 218 -58.23 -33.65 5.31
CA ASN D 218 -57.16 -32.70 5.55
C ASN D 218 -56.36 -33.06 6.79
N VAL D 219 -55.07 -32.70 6.77
CA VAL D 219 -54.17 -33.00 7.88
C VAL D 219 -53.80 -31.71 8.60
N GLY D 220 -53.75 -31.77 9.92
CA GLY D 220 -53.37 -30.64 10.74
C GLY D 220 -52.81 -31.13 12.05
N ILE D 221 -52.58 -30.19 12.96
CA ILE D 221 -52.16 -30.56 14.30
C ILE D 221 -53.37 -30.52 15.24
N TYR D 222 -53.52 -31.54 16.09
CA TYR D 222 -54.67 -31.65 16.99
C TYR D 222 -54.28 -32.49 18.21
N ARG D 223 -55.04 -32.37 19.30
CA ARG D 223 -54.77 -33.13 20.53
C ARG D 223 -54.55 -34.63 20.27
N CYS D 224 -53.64 -35.23 21.03
CA CYS D 224 -53.37 -36.67 20.90
C CYS D 224 -54.36 -37.51 21.70
N ASP D 225 -55.42 -37.96 21.02
CA ASP D 225 -56.47 -38.74 21.68
C ASP D 225 -56.36 -40.25 21.42
N ASP D 226 -55.13 -40.77 21.45
CA ASP D 226 -54.84 -42.21 21.28
C ASP D 226 -55.70 -42.94 20.21
N LEU D 227 -56.16 -42.20 19.21
CA LEU D 227 -56.91 -42.80 18.11
C LEU D 227 -55.98 -43.31 17.01
N ARG D 228 -56.46 -44.28 16.24
CA ARG D 228 -55.66 -44.93 15.20
C ARG D 228 -55.46 -44.04 13.98
N ASP D 229 -56.32 -43.02 13.81
CA ASP D 229 -56.21 -42.08 12.69
C ASP D 229 -55.13 -41.00 12.91
N GLN D 230 -54.53 -41.02 14.09
CA GLN D 230 -53.41 -40.16 14.42
C GLN D 230 -52.14 -40.99 14.51
N MET D 231 -52.19 -42.21 13.97
CA MET D 231 -51.05 -43.11 13.97
C MET D 231 -50.60 -43.43 12.55
N TRP D 232 -49.29 -43.52 12.37
CA TRP D 232 -48.72 -43.62 11.05
C TRP D 232 -47.64 -44.68 11.10
N SER D 233 -47.54 -45.44 10.02
CA SER D 233 -46.45 -46.38 9.85
C SER D 233 -45.62 -45.92 8.68
N ARG D 234 -44.41 -46.46 8.61
CA ARG D 234 -43.45 -46.02 7.64
C ARG D 234 -43.02 -47.28 6.90
N PRO D 235 -43.91 -47.85 6.05
CA PRO D 235 -43.61 -49.14 5.39
C PRO D 235 -42.42 -49.05 4.43
N ASN D 236 -41.45 -49.94 4.63
CA ASN D 236 -40.26 -49.98 3.80
C ASN D 236 -40.59 -50.08 2.29
N ALA D 237 -41.75 -50.65 2.00
CA ALA D 237 -42.22 -50.86 0.63
C ALA D 237 -42.38 -49.55 -0.16
N TYR D 238 -42.79 -48.48 0.52
CA TYR D 238 -43.03 -47.19 -0.13
C TYR D 238 -41.88 -46.18 0.00
N CYS D 239 -40.71 -46.64 0.41
CA CYS D 239 -39.53 -45.79 0.52
C CYS D 239 -38.73 -45.76 -0.76
N ASN D 240 -37.94 -44.71 -0.94
CA ASN D 240 -36.95 -44.65 -1.98
C ASN D 240 -35.76 -44.03 -1.32
N GLY D 241 -34.82 -44.88 -0.91
CA GLY D 241 -33.72 -44.44 -0.07
C GLY D 241 -34.25 -44.00 1.28
N ASP D 242 -33.92 -42.78 1.68
CA ASP D 242 -34.33 -42.25 2.99
C ASP D 242 -35.66 -41.51 2.92
N TYR D 243 -36.24 -41.40 1.73
CA TYR D 243 -37.52 -40.72 1.57
C TYR D 243 -38.62 -41.75 1.67
N CYS D 244 -39.54 -41.55 2.59
CA CYS D 244 -40.53 -42.59 2.89
C CYS D 244 -41.94 -42.05 3.02
N SER D 245 -42.92 -42.90 2.72
CA SER D 245 -44.33 -42.54 2.86
C SER D 245 -44.83 -42.80 4.26
N PHE D 246 -45.80 -41.99 4.70
CA PHE D 246 -46.41 -42.23 5.99
C PHE D 246 -47.83 -42.73 5.82
N LEU D 247 -48.04 -43.98 6.26
CA LEU D 247 -49.28 -44.69 6.04
C LEU D 247 -50.16 -44.56 7.27
N ASN D 248 -51.35 -44.01 7.11
CA ASN D 248 -52.29 -43.85 8.20
C ASN D 248 -52.85 -45.22 8.67
N LYS D 249 -52.83 -45.48 9.98
CA LYS D 249 -53.27 -46.78 10.51
C LYS D 249 -54.78 -47.03 10.37
N GLU D 250 -55.56 -45.96 10.32
CA GLU D 250 -57.01 -46.06 10.28
C GLU D 250 -57.58 -46.24 8.88
N SER D 251 -56.86 -45.78 7.86
CA SER D 251 -57.39 -45.82 6.50
C SER D 251 -56.46 -46.42 5.45
N ASN D 252 -55.31 -46.93 5.89
CA ASN D 252 -54.26 -47.37 4.97
C ASN D 252 -54.02 -46.39 3.80
N LYS D 253 -54.27 -45.11 4.06
CA LYS D 253 -53.98 -44.06 3.10
C LYS D 253 -52.71 -43.30 3.47
N CYS D 254 -52.01 -42.80 2.45
CA CYS D 254 -50.74 -42.11 2.62
C CYS D 254 -50.89 -40.62 2.92
N LEU D 255 -49.94 -40.11 3.70
CA LEU D 255 -49.74 -38.68 3.86
C LEU D 255 -49.36 -38.18 2.50
N ASP D 256 -50.09 -37.18 2.03
CA ASP D 256 -50.03 -36.78 0.63
C ASP D 256 -50.11 -35.26 0.46
N VAL D 257 -49.50 -34.77 -0.62
CA VAL D 257 -49.59 -33.39 -1.00
C VAL D 257 -50.50 -33.31 -2.23
N SER D 258 -51.35 -32.28 -2.26
CA SER D 258 -52.28 -32.11 -3.38
C SER D 258 -51.50 -31.87 -4.67
N GLY D 259 -52.04 -32.35 -5.78
CA GLY D 259 -51.35 -32.30 -7.05
C GLY D 259 -50.19 -33.27 -7.13
N ASP D 260 -49.38 -33.13 -8.18
CA ASP D 260 -48.23 -33.99 -8.39
C ASP D 260 -46.88 -33.36 -8.00
N GLN D 261 -46.88 -32.04 -7.78
CA GLN D 261 -45.64 -31.25 -7.65
C GLN D 261 -45.14 -31.05 -6.22
N GLY D 262 -45.84 -31.62 -5.26
CA GLY D 262 -45.41 -31.56 -3.87
C GLY D 262 -45.31 -30.17 -3.30
N THR D 263 -46.23 -29.28 -3.70
CA THR D 263 -46.22 -27.88 -3.24
C THR D 263 -47.46 -27.38 -2.45
N GLY D 264 -48.62 -28.00 -2.63
CA GLY D 264 -49.86 -27.50 -2.03
C GLY D 264 -50.16 -27.81 -0.56
N ASP D 265 -51.41 -28.15 -0.30
CA ASP D 265 -51.92 -28.49 1.04
C ASP D 265 -51.64 -29.98 1.32
N VAL D 266 -51.68 -30.38 2.59
CA VAL D 266 -51.36 -31.74 2.98
C VAL D 266 -52.59 -32.43 3.57
N GLY D 267 -52.95 -33.57 2.98
CA GLY D 267 -54.01 -34.41 3.49
C GLY D 267 -53.61 -35.87 3.33
N THR D 268 -54.59 -36.75 3.34
CA THR D 268 -54.34 -38.17 3.06
C THR D 268 -54.95 -38.51 1.71
N TRP D 269 -54.46 -39.58 1.10
CA TRP D 269 -54.87 -39.99 -0.24
C TRP D 269 -54.38 -41.41 -0.46
N GLN D 270 -54.85 -42.04 -1.54
CA GLN D 270 -54.41 -43.36 -1.88
C GLN D 270 -52.90 -43.37 -2.10
N CYS D 271 -52.21 -44.34 -1.49
CA CYS D 271 -50.77 -44.49 -1.73
C CYS D 271 -50.51 -44.79 -3.21
N ASP D 272 -49.94 -43.81 -3.90
CA ASP D 272 -49.71 -43.92 -5.35
C ASP D 272 -48.24 -44.19 -5.74
N GLY D 273 -47.35 -44.21 -4.75
CA GLY D 273 -45.92 -44.47 -4.96
C GLY D 273 -45.19 -43.39 -5.73
N LEU D 274 -45.63 -42.14 -5.57
CA LEU D 274 -45.08 -40.99 -6.29
C LEU D 274 -44.23 -40.11 -5.36
N PRO D 275 -43.23 -39.40 -5.93
CA PRO D 275 -42.26 -38.67 -5.10
C PRO D 275 -42.90 -37.70 -4.12
N ASP D 276 -44.05 -37.13 -4.47
CA ASP D 276 -44.68 -36.11 -3.63
C ASP D 276 -45.28 -36.67 -2.35
N GLN D 277 -45.26 -37.99 -2.21
CA GLN D 277 -45.79 -38.62 -0.99
C GLN D 277 -44.68 -39.20 -0.13
N ARG D 278 -43.44 -38.83 -0.44
CA ARG D 278 -42.26 -39.34 0.26
C ARG D 278 -41.48 -38.24 1.00
N PHE D 279 -41.13 -38.51 2.25
CA PHE D 279 -40.46 -37.52 3.08
C PHE D 279 -39.18 -38.08 3.69
N LYS D 280 -38.14 -37.24 3.71
CA LYS D 280 -36.90 -37.55 4.40
C LYS D 280 -36.81 -36.88 5.76
N TRP D 281 -36.39 -37.65 6.76
CA TRP D 281 -36.03 -37.09 8.05
C TRP D 281 -34.73 -36.33 7.88
N VAL D 282 -34.77 -35.04 8.18
CA VAL D 282 -33.56 -34.23 8.04
C VAL D 282 -33.23 -33.52 9.34
N PHE D 283 -31.93 -33.40 9.63
CA PHE D 283 -31.48 -32.96 10.94
C PHE D 283 -30.69 -31.65 10.88
N ASP D 284 -30.51 -31.10 9.70
CA ASP D 284 -29.76 -29.86 9.52
C ASP D 284 -30.54 -28.62 9.97
N ASP D 285 -29.85 -27.48 10.01
CA ASP D 285 -30.53 -26.21 10.28
C ASP D 285 -30.79 -25.37 9.03
N TRP D 286 -30.79 -25.99 7.86
CA TRP D 286 -30.82 -25.25 6.62
C TRP D 286 -32.09 -24.43 6.46
N GLU D 287 -31.96 -23.29 5.78
CA GLU D 287 -33.12 -22.48 5.36
C GLU D 287 -33.04 -22.27 3.86
N VAL D 288 -34.09 -21.74 3.25
CA VAL D 288 -34.06 -21.46 1.80
C VAL D 288 -33.46 -20.08 1.46
N PRO D 289 -32.94 -19.90 0.24
CA PRO D 289 -32.40 -18.61 -0.19
C PRO D 289 -33.47 -17.53 -0.36
N THR D 290 -33.47 -16.55 0.53
CA THR D 290 -34.46 -15.48 0.55
C THR D 290 -33.98 -14.22 -0.16
N ALA D 291 -32.80 -13.76 0.25
CA ALA D 291 -32.29 -12.43 -0.09
C ALA D 291 -32.01 -12.26 -1.59
N THR D 292 -32.14 -11.03 -2.09
CA THR D 292 -31.69 -10.74 -3.45
C THR D 292 -30.50 -9.77 -3.42
N TRP D 293 -29.51 -10.01 -4.27
CA TRP D 293 -28.30 -9.20 -4.29
C TRP D 293 -28.11 -8.50 -5.64
N ASN D 294 -27.57 -7.31 -5.60
CA ASN D 294 -27.18 -6.64 -6.82
C ASN D 294 -25.70 -6.86 -7.07
N MET D 295 -25.35 -7.15 -8.32
CA MET D 295 -23.94 -7.26 -8.67
C MET D 295 -23.35 -5.88 -8.83
N VAL D 296 -22.15 -5.69 -8.29
CA VAL D 296 -21.58 -4.37 -8.28
C VAL D 296 -20.34 -4.29 -9.22
N GLY D 297 -19.64 -5.43 -9.36
CA GLY D 297 -18.53 -5.57 -10.31
C GLY D 297 -18.01 -7.00 -10.35
N CYS D 298 -17.56 -7.43 -11.52
CA CYS D 298 -16.90 -8.73 -11.64
C CYS D 298 -15.53 -8.59 -12.23
N ASP D 299 -14.58 -9.31 -11.67
CA ASP D 299 -13.27 -9.43 -12.25
C ASP D 299 -12.94 -10.90 -12.41
N GLN D 300 -12.79 -11.32 -13.66
CA GLN D 300 -12.46 -12.69 -13.99
C GLN D 300 -11.01 -13.02 -13.62
N ASN D 301 -10.16 -12.00 -13.45
CA ASN D 301 -8.74 -12.23 -13.36
C ASN D 301 -8.02 -11.51 -12.22
N GLY D 302 -8.78 -11.12 -11.20
CA GLY D 302 -8.17 -10.62 -9.99
C GLY D 302 -9.15 -10.02 -9.01
N LYS D 303 -8.64 -9.09 -8.22
CA LYS D 303 -9.37 -8.47 -7.12
C LYS D 303 -10.46 -7.51 -7.59
N VAL D 304 -11.47 -7.34 -6.73
CA VAL D 304 -12.48 -6.29 -6.86
C VAL D 304 -12.64 -5.65 -5.47
N SER D 305 -12.61 -4.34 -5.39
CA SER D 305 -12.96 -3.69 -4.13
C SER D 305 -13.77 -2.44 -4.40
N GLN D 306 -14.47 -1.94 -3.38
CA GLN D 306 -15.23 -0.73 -3.59
C GLN D 306 -15.10 0.26 -2.46
N GLN D 307 -15.29 1.54 -2.79
CA GLN D 307 -15.33 2.56 -1.80
C GLN D 307 -16.62 3.37 -1.99
N ILE D 308 -17.37 3.56 -0.91
CA ILE D 308 -18.64 4.28 -0.93
C ILE D 308 -18.52 5.48 -0.03
N SER D 309 -18.86 6.66 -0.57
CA SER D 309 -18.62 7.95 0.10
C SER D 309 -19.86 8.80 0.14
N ASN D 310 -20.07 9.50 1.26
CA ASN D 310 -21.10 10.53 1.33
C ASN D 310 -20.54 11.81 1.89
N THR D 311 -20.84 12.92 1.24
CA THR D 311 -20.47 14.25 1.74
C THR D 311 -21.70 15.11 2.03
N ILE D 312 -21.66 15.84 3.15
CA ILE D 312 -22.65 16.87 3.41
C ILE D 312 -21.89 18.15 3.71
N SER D 313 -22.27 19.26 3.06
CA SER D 313 -21.62 20.55 3.32
C SER D 313 -22.58 21.73 3.42
N PHE D 314 -22.23 22.71 4.25
CA PHE D 314 -23.00 23.93 4.46
C PHE D 314 -22.06 25.08 4.18
N SER D 315 -22.54 26.05 3.44
CA SER D 315 -21.76 27.24 3.14
C SER D 315 -22.62 28.50 3.26
N SER D 316 -21.99 29.64 3.54
CA SER D 316 -22.67 30.94 3.44
C SER D 316 -21.76 32.08 3.00
N THR D 317 -22.31 32.97 2.18
CA THR D 317 -21.56 34.13 1.69
C THR D 317 -22.25 35.43 2.09
N VAL D 318 -21.45 36.41 2.48
CA VAL D 318 -21.95 37.75 2.76
C VAL D 318 -21.26 38.74 1.82
N THR D 319 -22.05 39.46 1.03
CA THR D 319 -21.51 40.40 0.05
C THR D 319 -21.92 41.83 0.32
N ALA D 320 -20.94 42.73 0.41
CA ALA D 320 -21.18 44.16 0.57
C ALA D 320 -20.60 44.93 -0.62
N GLY D 321 -21.43 45.72 -1.29
CA GLY D 321 -20.98 46.49 -2.47
C GLY D 321 -21.36 47.95 -2.46
N VAL D 322 -20.59 48.77 -3.19
CA VAL D 322 -20.91 50.18 -3.39
C VAL D 322 -20.62 50.62 -4.83
N ALA D 323 -21.52 51.43 -5.38
CA ALA D 323 -21.39 51.89 -6.76
C ALA D 323 -21.58 53.40 -6.91
N VAL D 324 -20.82 53.99 -7.84
CA VAL D 324 -20.91 55.40 -8.13
C VAL D 324 -21.14 55.56 -9.64
N GLU D 325 -22.28 56.15 -9.99
CA GLU D 325 -22.65 56.42 -11.39
C GLU D 325 -22.67 57.92 -11.70
N VAL D 326 -21.88 58.35 -12.67
CA VAL D 326 -21.77 59.78 -12.98
C VAL D 326 -22.13 60.02 -14.46
N SER D 327 -23.42 60.13 -14.76
CA SER D 327 -23.90 60.31 -16.15
C SER D 327 -24.18 61.76 -16.54
N SER D 328 -24.37 61.99 -17.83
CA SER D 328 -24.77 63.28 -18.36
C SER D 328 -25.38 63.12 -19.75
N THR D 329 -26.22 64.07 -20.15
CA THR D 329 -26.83 64.01 -21.47
C THR D 329 -27.03 65.39 -22.13
N ILE D 330 -26.82 65.43 -23.44
CA ILE D 330 -27.05 66.63 -24.26
C ILE D 330 -28.16 66.36 -25.29
N GLU D 331 -29.26 67.08 -25.16
CA GLU D 331 -30.46 66.87 -25.99
C GLU D 331 -30.97 68.18 -26.61
N LYS D 332 -30.91 68.29 -27.93
CA LYS D 332 -31.45 69.46 -28.63
C LYS D 332 -32.68 69.14 -29.48
N GLY D 333 -33.77 69.85 -29.20
CA GLY D 333 -35.10 69.48 -29.65
C GLY D 333 -36.11 70.60 -29.72
N VAL D 334 -36.14 71.28 -30.87
CA VAL D 334 -37.07 72.36 -31.17
C VAL D 334 -37.61 72.18 -32.59
N ILE D 335 -38.92 72.33 -32.77
CA ILE D 335 -39.63 72.03 -34.03
C ILE D 335 -39.23 70.70 -34.67
N PHE D 336 -39.51 69.65 -33.89
CA PHE D 336 -40.26 68.45 -34.25
C PHE D 336 -39.55 67.11 -34.01
N ALA D 337 -38.30 67.02 -34.46
CA ALA D 337 -37.46 65.85 -34.22
C ALA D 337 -36.40 66.17 -33.17
N LYS D 338 -36.39 65.38 -32.08
CA LYS D 338 -35.43 65.55 -30.97
C LYS D 338 -34.32 64.49 -31.00
N ALA D 339 -33.11 64.89 -30.62
CA ALA D 339 -31.94 63.99 -30.61
C ALA D 339 -30.97 64.21 -29.45
N THR D 340 -30.73 63.14 -28.70
CA THR D 340 -29.83 63.17 -27.53
C THR D 340 -28.63 62.20 -27.64
N VAL D 341 -27.60 62.50 -26.86
CA VAL D 341 -26.39 61.70 -26.76
C VAL D 341 -26.00 61.65 -25.26
N SER D 342 -25.93 60.44 -24.70
CA SER D 342 -25.62 60.25 -23.27
C SER D 342 -24.28 59.55 -23.02
N VAL D 343 -23.57 60.02 -22.00
CA VAL D 343 -22.34 59.37 -21.55
C VAL D 343 -22.41 59.11 -20.05
N LYS D 344 -22.40 57.82 -19.70
CA LYS D 344 -22.48 57.36 -18.31
C LYS D 344 -21.17 56.68 -17.92
N VAL D 345 -20.69 56.97 -16.71
CA VAL D 345 -19.51 56.30 -16.15
C VAL D 345 -19.82 55.70 -14.77
N THR D 346 -19.66 54.38 -14.65
CA THR D 346 -19.92 53.67 -13.39
C THR D 346 -18.64 53.06 -12.82
N ALA D 347 -18.54 53.02 -11.50
CA ALA D 347 -17.42 52.39 -10.81
C ALA D 347 -17.93 51.67 -9.59
N SER D 348 -17.67 50.36 -9.52
CA SER D 348 -18.12 49.56 -8.38
C SER D 348 -16.98 48.92 -7.60
N LEU D 349 -17.26 48.58 -6.34
CA LEU D 349 -16.30 47.94 -5.45
C LEU D 349 -17.07 47.10 -4.44
N SER D 350 -16.94 45.78 -4.53
CA SER D 350 -17.62 44.89 -3.58
C SER D 350 -16.64 44.01 -2.82
N LYS D 351 -17.13 43.39 -1.75
CA LYS D 351 -16.32 42.42 -1.01
C LYS D 351 -17.20 41.34 -0.41
N ALA D 352 -16.93 40.08 -0.77
CA ALA D 352 -17.68 38.95 -0.26
C ALA D 352 -16.85 38.17 0.74
N TRP D 353 -17.50 37.62 1.76
CA TRP D 353 -16.87 36.71 2.74
C TRP D 353 -17.60 35.39 2.73
N THR D 354 -16.95 34.30 2.32
CA THR D 354 -17.57 32.97 2.40
C THR D 354 -16.92 32.14 3.48
N ASN D 355 -17.74 31.41 4.20
CA ASN D 355 -17.18 30.27 4.93
C ASN D 355 -18.05 29.03 4.94
N SER D 356 -17.40 27.88 4.96
CA SER D 356 -18.08 26.63 4.72
C SER D 356 -17.46 25.48 5.49
N GLN D 357 -18.26 24.45 5.69
CA GLN D 357 -17.76 23.27 6.33
C GLN D 357 -18.45 22.06 5.79
N SER D 358 -17.67 21.01 5.57
CA SER D 358 -18.23 19.78 5.07
C SER D 358 -17.70 18.62 5.88
N GLY D 359 -18.39 17.51 5.75
CA GLY D 359 -17.98 16.29 6.38
C GLY D 359 -18.21 15.17 5.41
N THR D 360 -17.29 14.24 5.38
CA THR D 360 -17.49 13.11 4.50
C THR D 360 -17.11 11.76 5.14
N THR D 361 -17.84 10.72 4.77
CA THR D 361 -17.52 9.38 5.26
C THR D 361 -17.25 8.52 4.04
N ALA D 362 -16.33 7.57 4.18
CA ALA D 362 -15.98 6.67 3.09
C ALA D 362 -15.70 5.29 3.63
N ILE D 363 -16.53 4.34 3.26
CA ILE D 363 -16.33 2.97 3.67
C ILE D 363 -15.76 2.20 2.48
N THR D 364 -14.75 1.40 2.74
CA THR D 364 -14.21 0.58 1.66
C THR D 364 -14.30 -0.93 1.97
N TYR D 365 -14.69 -1.72 0.97
CA TYR D 365 -14.82 -3.17 1.08
C TYR D 365 -13.89 -3.84 0.08
N THR D 366 -13.23 -4.92 0.49
CA THR D 366 -12.41 -5.70 -0.45
C THR D 366 -12.84 -7.17 -0.46
N CYS D 367 -12.77 -7.81 -1.62
CA CYS D 367 -13.12 -9.24 -1.71
C CYS D 367 -11.86 -10.03 -1.44
N ASP D 368 -11.84 -10.78 -0.34
CA ASP D 368 -10.65 -11.51 0.10
C ASP D 368 -10.79 -13.03 0.05
N ASN D 369 -12.01 -13.52 0.22
CA ASN D 369 -12.24 -14.96 0.31
C ASN D 369 -13.60 -15.29 -0.18
N TYR D 370 -13.79 -16.54 -0.59
CA TYR D 370 -15.13 -17.03 -0.88
C TYR D 370 -15.81 -17.55 0.40
N ASP D 371 -17.09 -17.91 0.36
CA ASP D 371 -17.72 -18.61 1.51
C ASP D 371 -17.06 -19.92 1.94
N SER D 372 -16.42 -20.61 0.98
CA SER D 372 -15.64 -21.79 1.26
C SER D 372 -14.34 -21.51 2.01
N ASP D 373 -14.02 -20.24 2.21
CA ASP D 373 -12.79 -19.79 2.90
C ASP D 373 -11.48 -19.79 2.10
N GLU D 374 -11.52 -20.17 0.81
CA GLU D 374 -10.35 -20.03 -0.06
C GLU D 374 -10.11 -18.55 -0.39
N GLU D 375 -8.88 -18.23 -0.78
CA GLU D 375 -8.56 -16.86 -1.18
C GLU D 375 -9.30 -16.47 -2.45
N PHE D 376 -9.75 -15.22 -2.50
CA PHE D 376 -10.45 -14.68 -3.67
C PHE D 376 -9.41 -14.31 -4.68
N THR D 377 -9.49 -14.88 -5.87
CA THR D 377 -8.61 -14.51 -6.96
C THR D 377 -9.37 -14.09 -8.25
N ARG D 378 -10.70 -14.11 -8.19
CA ARG D 378 -11.64 -13.70 -9.24
C ARG D 378 -12.97 -14.03 -8.55
N GLY D 379 -14.23 -13.73 -8.83
CA GLY D 379 -15.00 -13.04 -9.72
C GLY D 379 -15.84 -11.88 -9.23
N CYS D 380 -16.93 -12.02 -8.44
CA CYS D 380 -17.89 -10.88 -8.35
C CYS D 380 -18.22 -10.35 -6.98
N MET D 381 -18.39 -9.03 -6.90
CA MET D 381 -18.80 -8.42 -5.66
C MET D 381 -20.29 -8.08 -5.67
N TRP D 382 -20.98 -8.44 -4.60
CA TRP D 382 -22.42 -8.25 -4.51
C TRP D 382 -22.83 -7.37 -3.34
N GLN D 383 -23.93 -6.64 -3.53
CA GLN D 383 -24.48 -5.74 -2.54
C GLN D 383 -25.93 -6.12 -2.21
N LEU D 384 -26.25 -6.30 -0.93
CA LEU D 384 -27.60 -6.66 -0.55
C LEU D 384 -28.60 -5.63 -1.05
N ALA D 385 -29.70 -6.09 -1.64
CA ALA D 385 -30.67 -5.20 -2.26
C ALA D 385 -31.57 -4.36 -1.31
N ILE D 386 -31.73 -4.75 -0.04
CA ILE D 386 -32.58 -3.96 0.86
C ILE D 386 -31.97 -2.60 1.13
N GLU D 387 -32.76 -1.55 0.94
CA GLU D 387 -32.35 -0.18 1.31
C GLU D 387 -32.30 -0.15 2.83
N THR D 388 -31.45 0.70 3.38
CA THR D 388 -31.07 0.56 4.77
C THR D 388 -31.06 1.87 5.57
N THR D 389 -31.23 1.73 6.88
CA THR D 389 -31.37 2.86 7.79
C THR D 389 -30.06 3.65 7.91
N GLU D 390 -30.08 4.90 7.45
CA GLU D 390 -28.90 5.76 7.47
C GLU D 390 -28.40 6.05 8.86
N VAL D 391 -27.09 6.09 9.00
CA VAL D 391 -26.47 6.47 10.25
C VAL D 391 -25.98 7.91 10.10
N LYS D 392 -26.21 8.70 11.14
CA LYS D 392 -25.74 10.07 11.20
C LYS D 392 -24.83 10.28 12.42
N SER D 393 -23.97 11.29 12.35
CA SER D 393 -23.17 11.69 13.50
C SER D 393 -22.97 13.18 13.42
N GLY D 394 -23.78 13.91 14.18
CA GLY D 394 -23.86 15.36 14.03
C GLY D 394 -24.46 15.77 12.69
N ASP D 395 -24.15 16.99 12.27
CA ASP D 395 -24.83 17.60 11.13
C ASP D 395 -24.28 17.23 9.77
N LEU D 396 -23.01 16.83 9.69
CA LEU D 396 -22.38 16.68 8.38
C LEU D 396 -21.71 15.33 8.07
N LEU D 397 -21.91 14.37 8.94
CA LEU D 397 -21.47 13.00 8.69
C LEU D 397 -22.66 12.05 8.50
N VAL D 398 -22.72 11.39 7.36
CA VAL D 398 -23.78 10.41 7.14
C VAL D 398 -23.20 9.15 6.47
N TRP D 399 -23.72 7.99 6.87
CA TRP D 399 -23.38 6.71 6.25
C TRP D 399 -24.66 6.13 5.73
N ASN D 400 -24.63 5.41 4.61
CA ASN D 400 -25.65 4.39 4.46
C ASN D 400 -25.09 3.00 4.25
N PRO D 401 -25.17 2.18 5.32
CA PRO D 401 -24.51 0.89 5.46
C PRO D 401 -24.86 -0.04 4.32
N GLN D 402 -23.87 -0.76 3.82
CA GLN D 402 -24.13 -1.78 2.84
C GLN D 402 -23.71 -3.11 3.41
N ILE D 403 -24.32 -4.17 2.92
CA ILE D 403 -23.86 -5.52 3.22
C ILE D 403 -23.40 -6.15 1.91
N VAL D 404 -22.10 -6.45 1.86
CA VAL D 404 -21.41 -6.85 0.65
C VAL D 404 -21.01 -8.31 0.76
N LYS D 405 -20.97 -9.00 -0.38
CA LYS D 405 -20.65 -10.43 -0.46
C LYS D 405 -19.80 -10.64 -1.71
N CYS D 406 -18.93 -11.66 -1.72
CA CYS D 406 -18.15 -11.98 -2.92
C CYS D 406 -18.30 -13.44 -3.30
N THR D 407 -18.41 -13.71 -4.60
CA THR D 407 -18.59 -15.06 -5.09
C THR D 407 -17.55 -15.46 -6.13
N ARG D 408 -17.50 -16.76 -6.43
CA ARG D 408 -16.52 -17.33 -7.36
C ARG D 408 -16.76 -16.93 -8.82
N SER D 409 -18.03 -16.69 -9.17
CA SER D 409 -18.44 -16.44 -10.55
C SER D 409 -19.65 -15.50 -10.53
N ASN D 410 -20.25 -15.26 -11.69
CA ASN D 410 -21.26 -14.21 -11.77
C ASN D 410 -22.68 -14.70 -11.76
N THR D 411 -22.90 -15.88 -11.18
CA THR D 411 -24.25 -16.37 -10.98
C THR D 411 -24.74 -15.84 -9.62
N ALA D 412 -25.90 -15.19 -9.63
CA ALA D 412 -26.39 -14.42 -8.50
C ALA D 412 -26.67 -15.30 -7.30
N PRO D 413 -26.16 -14.90 -6.14
CA PRO D 413 -26.44 -15.62 -4.91
C PRO D 413 -27.82 -15.28 -4.35
N GLY D 414 -28.36 -16.15 -3.50
CA GLY D 414 -29.68 -15.96 -2.90
C GLY D 414 -29.61 -16.02 -1.38
N CYS D 415 -28.56 -16.63 -0.87
CA CYS D 415 -28.40 -16.83 0.58
C CYS D 415 -28.40 -15.53 1.38
N ALA D 416 -28.87 -15.61 2.61
CA ALA D 416 -28.99 -14.45 3.48
C ALA D 416 -27.61 -13.99 3.91
N PRO D 417 -27.47 -12.70 4.28
CA PRO D 417 -26.23 -12.22 4.83
C PRO D 417 -25.73 -13.18 5.89
N PHE D 418 -24.44 -13.45 5.85
CA PHE D 418 -23.76 -14.35 6.81
C PHE D 418 -24.30 -15.76 6.81
N THR D 419 -24.58 -16.21 5.59
CA THR D 419 -25.20 -17.47 5.28
C THR D 419 -24.60 -17.94 3.97
N LYS D 420 -24.33 -19.23 3.93
CA LYS D 420 -23.49 -19.89 2.95
C LYS D 420 -24.32 -21.00 2.29
N CYS D 421 -23.98 -21.38 1.04
CA CYS D 421 -24.61 -22.55 0.42
C CYS D 421 -24.34 -23.79 1.25
N ALA D 422 -25.39 -24.56 1.47
CA ALA D 422 -25.29 -25.77 2.28
C ALA D 422 -25.14 -27.03 1.42
N ASN D 423 -25.57 -26.94 0.16
CA ASN D 423 -25.56 -28.06 -0.76
C ASN D 423 -25.00 -27.64 -2.12
N GLU D 424 -24.52 -28.65 -2.86
CA GLU D 424 -23.87 -28.48 -4.17
C GLU D 424 -24.54 -27.45 -5.11
N ASP D 425 -25.85 -27.49 -5.26
CA ASP D 425 -26.53 -26.55 -6.17
C ASP D 425 -27.23 -25.41 -5.44
N CYS D 426 -26.84 -25.21 -4.18
CA CYS D 426 -27.21 -24.01 -3.42
C CYS D 426 -28.71 -23.69 -3.35
N THR D 427 -29.49 -24.69 -2.99
CA THR D 427 -30.93 -24.50 -2.77
C THR D 427 -31.23 -24.39 -1.28
N PHE D 428 -30.20 -24.59 -0.47
CA PHE D 428 -30.30 -24.40 0.95
C PHE D 428 -29.09 -23.62 1.46
N CYS D 429 -29.32 -22.87 2.53
CA CYS D 429 -28.34 -21.98 3.09
C CYS D 429 -28.14 -22.32 4.55
N THR D 430 -26.89 -22.30 5.02
CA THR D 430 -26.57 -22.52 6.43
C THR D 430 -25.71 -21.36 6.99
N ASP D 431 -25.70 -21.21 8.31
CA ASP D 431 -24.95 -20.13 8.95
C ASP D 431 -23.49 -20.28 8.64
N ILE D 432 -22.84 -19.16 8.34
CA ILE D 432 -21.46 -19.17 7.86
C ILE D 432 -20.49 -19.51 9.01
N VAL E 2 59.83 12.06 -12.95
CA VAL E 2 60.20 13.41 -13.30
C VAL E 2 60.34 14.19 -12.01
N LEU E 3 59.62 13.77 -11.00
CA LEU E 3 59.70 14.35 -9.68
C LEU E 3 60.99 13.95 -8.98
N CYS E 4 61.25 14.57 -7.84
CA CYS E 4 62.30 14.14 -6.96
C CYS E 4 61.68 13.07 -6.08
N THR E 5 61.84 11.82 -6.47
CA THR E 5 61.23 10.71 -5.72
C THR E 5 62.10 10.25 -4.55
N ASN E 6 63.32 10.76 -4.48
CA ASN E 6 64.19 10.48 -3.37
C ASN E 6 64.87 11.72 -2.82
N PRO E 7 64.14 12.49 -2.01
CA PRO E 7 64.66 13.70 -1.39
C PRO E 7 65.54 13.40 -0.18
N LEU E 8 66.66 14.12 -0.05
CA LEU E 8 67.50 14.01 1.14
C LEU E 8 66.85 14.84 2.23
N ASP E 9 66.41 16.03 1.87
CA ASP E 9 65.90 16.97 2.83
C ASP E 9 64.90 17.89 2.17
N ILE E 10 63.85 18.24 2.92
CA ILE E 10 62.84 19.20 2.51
C ILE E 10 62.58 20.21 3.61
N GLY E 11 62.65 21.50 3.27
CA GLY E 11 62.35 22.55 4.23
C GLY E 11 62.72 23.89 3.66
N GLU E 12 62.74 24.89 4.54
CA GLU E 12 63.14 26.25 4.18
C GLU E 12 64.65 26.31 4.14
N LEU E 13 65.19 26.82 3.06
CA LEU E 13 66.63 26.91 2.95
C LEU E 13 67.02 28.28 3.44
N ARG E 14 67.62 28.37 4.62
CA ARG E 14 67.97 29.69 5.16
C ARG E 14 69.46 29.99 5.04
N SER E 15 69.77 31.29 4.95
CA SER E 15 71.16 31.74 4.97
C SER E 15 71.71 31.77 6.38
N PHE E 16 72.92 31.22 6.55
CA PHE E 16 73.59 31.22 7.85
C PHE E 16 73.83 32.65 8.37
N LYS E 17 74.10 33.60 7.47
CA LYS E 17 74.33 35.00 7.86
C LYS E 17 73.04 35.68 8.31
N SER E 18 72.05 35.74 7.43
CA SER E 18 70.86 36.56 7.67
C SER E 18 69.65 35.83 8.27
N LYS E 19 69.72 34.50 8.35
CA LYS E 19 68.58 33.66 8.77
C LYS E 19 67.33 33.85 7.89
N GLN E 20 67.56 34.34 6.67
CA GLN E 20 66.49 34.62 5.72
C GLN E 20 66.29 33.45 4.73
N CYS E 21 65.06 33.30 4.27
CA CYS E 21 64.72 32.25 3.32
C CYS E 21 65.28 32.52 1.92
N VAL E 22 65.84 31.47 1.30
CA VAL E 22 66.13 31.47 -0.12
C VAL E 22 64.77 31.39 -0.79
N ASP E 23 64.50 32.32 -1.70
CA ASP E 23 63.15 32.52 -2.23
C ASP E 23 63.11 32.63 -3.74
N ILE E 24 62.01 32.17 -4.32
CA ILE E 24 61.69 32.39 -5.71
C ILE E 24 60.65 33.50 -5.79
N VAL E 25 60.89 34.46 -6.68
CA VAL E 25 59.95 35.54 -6.94
C VAL E 25 58.55 34.96 -7.21
N GLY E 26 57.54 35.58 -6.63
CA GLY E 26 56.16 35.13 -6.81
C GLY E 26 55.88 33.96 -5.91
N ASN E 27 54.87 33.18 -6.26
CA ASN E 27 54.54 31.99 -5.51
C ASN E 27 54.40 30.74 -6.41
N GLN E 28 54.75 30.90 -7.68
CA GLN E 28 54.64 29.87 -8.69
C GLN E 28 55.80 28.88 -8.59
N GLY E 29 56.92 29.32 -8.05
CA GLY E 29 58.09 28.46 -7.95
C GLY E 29 58.96 28.49 -9.18
N SER E 30 58.69 29.45 -10.07
CA SER E 30 59.55 29.70 -11.22
C SER E 30 59.94 31.18 -11.25
N GLY E 31 61.18 31.47 -11.63
CA GLY E 31 61.67 32.84 -11.67
C GLY E 31 63.01 33.01 -10.99
N ASN E 32 63.36 34.25 -10.67
CA ASN E 32 64.64 34.57 -10.06
C ASN E 32 64.74 34.10 -8.61
N ILE E 33 65.94 33.64 -8.22
CA ILE E 33 66.20 33.18 -6.86
C ILE E 33 66.96 34.23 -6.05
N ALA E 34 66.36 34.61 -4.93
CA ALA E 34 66.89 35.66 -4.08
C ALA E 34 66.34 35.48 -2.67
N THR E 35 67.05 35.99 -1.67
CA THR E 35 66.56 35.97 -0.29
C THR E 35 65.32 36.83 -0.09
N TYR E 36 64.54 36.50 0.92
CA TYR E 36 63.29 37.18 1.24
C TYR E 36 62.74 36.70 2.59
N ASP E 37 61.83 37.47 3.16
CA ASP E 37 61.08 37.08 4.38
C ASP E 37 60.49 35.69 4.20
N CYS E 38 60.57 34.87 5.24
CA CYS E 38 59.96 33.53 5.18
C CYS E 38 58.41 33.59 5.24
N ASP E 39 57.78 33.50 4.08
CA ASP E 39 56.33 33.69 3.99
C ASP E 39 55.49 32.40 4.07
N GLY E 40 56.13 31.27 4.33
CA GLY E 40 55.44 30.00 4.56
C GLY E 40 54.65 29.42 3.39
N LEU E 41 54.88 29.94 2.20
CA LEU E 41 54.31 29.37 0.98
C LEU E 41 55.20 28.25 0.43
N SER E 42 54.57 27.33 -0.28
CA SER E 42 55.23 26.11 -0.73
C SER E 42 56.41 26.34 -1.67
N ASP E 43 56.50 27.50 -2.27
CA ASP E 43 57.66 27.78 -3.12
C ASP E 43 58.94 27.95 -2.29
N GLN E 44 58.78 28.17 -0.99
CA GLN E 44 59.93 28.31 -0.11
C GLN E 44 60.32 27.00 0.54
N GLN E 45 59.50 25.97 0.36
CA GLN E 45 59.80 24.60 0.74
C GLN E 45 60.75 23.99 -0.32
N ILE E 46 62.04 24.13 -0.05
CA ILE E 46 63.07 23.71 -0.95
C ILE E 46 63.34 22.23 -0.78
N ILE E 47 63.47 21.54 -1.91
CA ILE E 47 63.83 20.13 -1.94
C ILE E 47 65.30 19.96 -2.29
N ILE E 48 66.05 19.47 -1.32
CA ILE E 48 67.41 18.97 -1.55
C ILE E 48 67.27 17.53 -2.04
N CYS E 49 67.44 17.36 -3.33
CA CYS E 49 67.12 16.11 -3.98
C CYS E 49 68.29 15.14 -4.00
N GLY E 50 67.99 13.86 -3.79
CA GLY E 50 68.97 12.77 -3.84
C GLY E 50 69.78 12.67 -5.11
N ASP E 51 69.21 13.09 -6.23
CA ASP E 51 69.95 13.12 -7.49
C ASP E 51 70.87 14.34 -7.60
N GLY E 52 70.89 15.18 -6.57
CA GLY E 52 71.75 16.36 -6.53
C GLY E 52 71.20 17.67 -7.08
N THR E 53 69.96 17.64 -7.57
CA THR E 53 69.30 18.86 -7.99
C THR E 53 68.69 19.53 -6.76
N ILE E 54 68.40 20.83 -6.88
CA ILE E 54 67.65 21.54 -5.85
C ILE E 54 66.33 22.01 -6.46
N ARG E 55 65.23 21.64 -5.81
CA ARG E 55 63.91 21.95 -6.32
C ARG E 55 63.03 22.58 -5.24
N ASN E 56 61.73 22.67 -5.49
CA ASN E 56 60.80 23.25 -4.51
C ASN E 56 59.40 22.67 -4.60
N GLU E 57 58.63 22.80 -3.52
CA GLU E 57 57.32 22.18 -3.43
C GLU E 57 56.26 22.80 -4.34
N ALA E 58 56.48 24.01 -4.84
CA ALA E 58 55.49 24.66 -5.70
C ALA E 58 55.56 24.21 -7.17
N ARG E 59 56.73 23.78 -7.63
CA ARG E 59 56.92 23.48 -9.03
C ARG E 59 58.14 22.58 -9.27
N ASN E 60 58.01 21.65 -10.21
CA ASN E 60 59.09 20.73 -10.54
C ASN E 60 60.22 21.38 -11.30
N TYR E 61 60.83 22.38 -10.67
CA TYR E 61 61.87 23.24 -11.29
C TYR E 61 63.21 23.24 -10.55
N CYS E 62 64.30 23.42 -11.30
CA CYS E 62 65.63 23.24 -10.77
C CYS E 62 66.36 24.55 -10.49
N PHE E 63 67.12 24.57 -9.40
CA PHE E 63 68.05 25.68 -9.16
C PHE E 63 69.05 25.61 -10.29
N THR E 64 69.05 26.63 -11.14
CA THR E 64 69.85 26.68 -12.37
C THR E 64 70.70 27.95 -12.48
N PRO E 65 72.03 27.80 -12.65
CA PRO E 65 72.89 28.95 -12.94
C PRO E 65 72.59 29.46 -14.34
N ASP E 66 72.40 30.78 -14.42
CA ASP E 66 71.98 31.47 -15.64
C ASP E 66 73.17 31.78 -16.57
N GLY E 67 74.11 30.84 -16.68
CA GLY E 67 75.34 31.03 -17.47
C GLY E 67 76.45 30.06 -17.12
N SER E 68 77.69 30.40 -17.46
CA SER E 68 78.84 29.50 -17.26
C SER E 68 79.95 30.07 -16.36
N GLY E 69 79.95 31.38 -16.15
CA GLY E 69 80.91 32.00 -15.25
C GLY E 69 80.29 32.23 -13.88
N ASN E 70 80.51 33.40 -13.34
CA ASN E 70 79.84 33.84 -12.12
C ASN E 70 78.47 34.40 -12.49
N ALA E 71 77.49 33.51 -12.63
CA ALA E 71 76.17 33.91 -13.12
C ALA E 71 75.09 33.88 -12.03
N ASN E 72 74.00 34.58 -12.33
CA ASN E 72 72.81 34.62 -11.50
C ASN E 72 72.14 33.24 -11.47
N VAL E 73 71.47 32.92 -10.35
CA VAL E 73 70.78 31.64 -10.21
C VAL E 73 69.26 31.81 -10.30
N MET E 74 68.66 31.16 -11.29
CA MET E 74 67.21 31.19 -11.50
C MET E 74 66.61 29.82 -11.21
N SER E 75 65.30 29.75 -11.11
CA SER E 75 64.58 28.51 -10.96
C SER E 75 63.86 28.26 -12.27
N SER E 76 64.39 27.32 -13.05
CA SER E 76 63.87 27.02 -14.39
C SER E 76 63.73 25.52 -14.64
N PRO E 77 63.21 25.11 -15.83
CA PRO E 77 63.04 23.69 -16.14
C PRO E 77 64.26 22.84 -15.87
N CYS E 78 64.06 21.67 -15.27
CA CYS E 78 65.10 20.69 -15.08
C CYS E 78 65.34 19.99 -16.41
N THR E 79 66.59 19.97 -16.85
CA THR E 79 66.99 19.11 -17.94
C THR E 79 67.12 17.70 -17.39
N LEU E 80 66.18 16.82 -17.76
CA LEU E 80 66.09 15.50 -17.11
C LEU E 80 66.45 14.36 -18.07
N TYR E 81 66.50 14.70 -19.36
CA TYR E 81 66.76 13.75 -20.41
C TYR E 81 67.78 14.37 -21.37
N PRO E 82 68.79 13.59 -21.79
CA PRO E 82 69.01 12.15 -21.53
C PRO E 82 69.39 11.86 -20.07
N GLU E 83 69.92 12.87 -19.39
CA GLU E 83 70.23 12.82 -17.97
C GLU E 83 70.45 14.24 -17.46
N ILE E 84 70.31 14.41 -16.15
CA ILE E 84 70.54 15.71 -15.53
C ILE E 84 72.01 16.12 -15.73
N PRO E 85 72.23 17.30 -16.36
CA PRO E 85 73.59 17.79 -16.57
C PRO E 85 74.26 18.18 -15.26
N SER E 86 75.57 18.33 -15.31
CA SER E 86 76.34 18.78 -14.13
C SER E 86 76.04 20.22 -13.69
N SER E 87 75.70 21.08 -14.67
CA SER E 87 75.34 22.47 -14.37
C SER E 87 74.16 22.61 -13.40
N GLN E 88 73.26 21.62 -13.36
CA GLN E 88 72.09 21.63 -12.46
C GLN E 88 72.24 20.75 -11.21
N ARG E 89 73.40 20.13 -11.06
CA ARG E 89 73.71 19.35 -9.87
C ARG E 89 74.52 20.17 -8.86
N TRP E 90 74.38 19.87 -7.57
CA TRP E 90 75.05 20.61 -6.51
C TRP E 90 75.54 19.62 -5.45
N ARG E 91 76.46 20.05 -4.58
CA ARG E 91 76.94 19.23 -3.45
C ARG E 91 77.27 20.04 -2.19
N GLN E 92 77.34 19.34 -1.05
CA GLN E 92 77.76 19.96 0.20
C GLN E 92 79.27 20.19 0.18
N GLY E 93 79.67 21.37 0.62
CA GLY E 93 81.08 21.67 0.84
C GLY E 93 81.36 21.54 2.31
N ARG E 94 82.10 22.50 2.86
CA ARG E 94 82.39 22.54 4.29
C ARG E 94 81.13 22.89 5.07
N ARG E 95 81.07 22.43 6.32
CA ARG E 95 79.85 22.55 7.10
C ARG E 95 80.07 23.14 8.49
N LYS E 96 79.40 24.28 8.74
CA LYS E 96 79.27 24.85 10.08
C LYS E 96 78.05 24.22 10.72
N THR E 97 78.18 23.83 11.98
CA THR E 97 77.08 23.19 12.69
C THR E 97 76.77 23.94 13.99
N PHE E 98 75.50 24.31 14.18
CA PHE E 98 75.08 25.15 15.32
C PHE E 98 73.71 24.75 15.91
N THR E 99 73.35 25.38 17.02
CA THR E 99 72.06 25.12 17.66
C THR E 99 71.26 26.41 17.70
N ASP E 100 70.07 26.40 17.08
CA ASP E 100 69.25 27.61 17.05
C ASP E 100 68.42 27.80 18.31
N ASN E 101 67.66 28.89 18.35
CA ASN E 101 66.90 29.26 19.55
C ASN E 101 65.79 28.25 19.85
N GLY E 102 65.44 27.44 18.85
CA GLY E 102 64.48 26.36 19.02
C GLY E 102 65.08 25.20 19.80
N GLY E 103 66.41 25.20 19.95
CA GLY E 103 67.12 24.09 20.60
C GLY E 103 67.33 22.91 19.67
N ILE E 104 67.28 23.20 18.37
CA ILE E 104 67.43 22.19 17.33
C ILE E 104 68.77 22.38 16.64
N GLU E 105 69.47 21.27 16.43
CA GLU E 105 70.77 21.34 15.81
C GLU E 105 70.60 21.45 14.30
N GLN E 106 71.19 22.50 13.75
CA GLN E 106 71.13 22.75 12.32
C GLN E 106 72.53 22.56 11.76
N VAL E 107 72.62 22.25 10.46
CA VAL E 107 73.89 22.10 9.79
C VAL E 107 73.94 22.97 8.54
N ALA E 108 74.61 24.11 8.63
CA ALA E 108 74.81 24.97 7.47
C ALA E 108 76.02 24.50 6.68
N THR E 109 75.91 24.52 5.35
CA THR E 109 77.01 24.10 4.47
C THR E 109 77.09 24.96 3.22
N GLU E 110 78.24 24.89 2.54
CA GLU E 110 78.41 25.50 1.23
C GLU E 110 77.63 24.64 0.25
N ILE E 111 77.01 25.27 -0.74
CA ILE E 111 76.32 24.51 -1.77
C ILE E 111 77.07 24.75 -3.07
N ILE E 112 77.84 23.74 -3.48
CA ILE E 112 78.78 23.85 -4.60
C ILE E 112 78.21 23.26 -5.88
N ASN E 113 78.13 24.09 -6.93
CA ASN E 113 77.78 23.63 -8.27
C ASN E 113 78.78 22.59 -8.80
N LEU E 114 78.28 21.60 -9.54
CA LEU E 114 79.14 20.51 -10.00
C LEU E 114 79.80 20.77 -11.35
N ALA E 115 79.27 21.72 -12.12
CA ALA E 115 79.87 22.03 -13.39
C ALA E 115 81.00 23.04 -13.18
N SER E 116 80.64 24.20 -12.63
CA SER E 116 81.61 25.27 -12.44
C SER E 116 82.47 25.10 -11.20
N GLY E 117 82.04 24.26 -10.26
CA GLY E 117 82.75 24.06 -9.00
C GLY E 117 82.64 25.25 -8.07
N LYS E 118 81.72 26.17 -8.38
CA LYS E 118 81.50 27.41 -7.63
C LYS E 118 80.47 27.25 -6.50
N CYS E 119 80.26 28.32 -5.74
CA CYS E 119 79.46 28.30 -4.52
C CYS E 119 78.18 29.10 -4.70
N LEU E 120 77.09 28.58 -4.14
CA LEU E 120 75.84 29.31 -4.06
C LEU E 120 76.14 30.51 -3.17
N ASP E 121 75.70 31.69 -3.62
CA ASP E 121 76.14 32.93 -3.04
C ASP E 121 75.09 34.03 -3.09
N ILE E 122 75.10 34.88 -2.05
CA ILE E 122 74.38 36.17 -2.07
C ILE E 122 75.39 37.32 -2.21
N GLU E 123 74.92 38.38 -2.86
CA GLU E 123 75.76 39.53 -3.19
C GLU E 123 76.45 40.13 -1.98
N GLY E 124 77.78 40.19 -2.06
CA GLY E 124 78.60 40.75 -0.99
C GLY E 124 78.67 39.82 0.20
N SER E 125 78.60 40.41 1.38
CA SER E 125 78.61 39.68 2.64
C SER E 125 77.36 40.05 3.44
N ASP E 126 76.50 40.92 2.84
CA ASP E 126 75.06 40.93 3.11
C ASP E 126 74.20 42.11 2.69
N GLY E 127 73.87 42.09 1.39
CA GLY E 127 72.96 42.97 0.69
C GLY E 127 71.54 42.73 1.10
N THR E 128 71.04 41.65 0.51
CA THR E 128 70.05 40.70 1.01
C THR E 128 69.10 40.69 -0.09
N GLY E 129 69.26 39.71 -0.95
CA GLY E 129 68.54 39.72 -2.17
C GLY E 129 69.16 38.75 -3.13
N ASP E 130 69.64 39.25 -4.25
CA ASP E 130 69.91 38.41 -5.40
C ASP E 130 71.00 37.35 -5.23
N ILE E 131 70.71 36.13 -5.67
CA ILE E 131 71.61 34.97 -5.56
C ILE E 131 72.27 34.46 -6.86
N GLY E 132 73.53 33.97 -6.73
CA GLY E 132 74.32 33.36 -7.83
C GLY E 132 75.48 32.45 -7.40
N VAL E 133 76.38 32.11 -8.32
CA VAL E 133 77.61 31.36 -7.96
C VAL E 133 78.85 32.25 -7.83
N TYR E 134 79.89 31.73 -7.18
CA TYR E 134 81.16 32.45 -6.99
C TYR E 134 82.29 31.52 -6.53
N ASP E 135 83.49 32.06 -6.32
CA ASP E 135 84.58 31.28 -5.73
C ASP E 135 84.33 31.06 -4.24
N CYS E 136 84.72 29.88 -3.74
CA CYS E 136 84.48 29.54 -2.35
C CYS E 136 85.54 30.12 -1.42
N GLN E 137 85.13 31.07 -0.59
CA GLN E 137 86.04 31.83 0.27
C GLN E 137 85.60 31.92 1.74
N ASN E 138 84.92 30.87 2.20
CA ASN E 138 84.64 30.62 3.62
C ASN E 138 83.99 31.73 4.46
N LEU E 139 83.42 32.73 3.80
CA LEU E 139 82.61 33.71 4.51
C LEU E 139 81.29 33.06 4.91
N ASP E 140 80.76 33.49 6.05
CA ASP E 140 79.55 32.87 6.64
C ASP E 140 78.26 33.13 5.83
N ASP E 141 78.38 33.79 4.68
CA ASP E 141 77.24 34.04 3.81
C ASP E 141 77.18 33.07 2.62
N GLN E 142 78.25 32.30 2.44
CA GLN E 142 78.28 31.21 1.47
C GLN E 142 77.91 29.88 2.16
N TYR E 143 77.35 30.01 3.37
CA TYR E 143 76.89 28.87 4.14
C TYR E 143 75.38 28.92 4.32
N PHE E 144 74.73 27.79 4.02
CA PHE E 144 73.27 27.65 4.07
C PHE E 144 72.88 26.40 4.82
N TYR E 145 71.74 26.46 5.50
CA TYR E 145 71.19 25.29 6.16
C TYR E 145 69.69 25.13 5.85
N VAL E 146 69.24 23.87 5.78
CA VAL E 146 67.81 23.57 5.71
C VAL E 146 67.31 23.55 7.14
N ARG E 147 66.42 24.46 7.49
CA ARG E 147 66.01 24.62 8.87
C ARG E 147 65.15 23.46 9.33
N SER E 148 65.60 22.75 10.35
CA SER E 148 64.83 21.67 10.94
C SER E 148 64.08 22.19 12.15
N ARG E 149 62.91 21.63 12.42
CA ARG E 149 62.14 21.99 13.59
C ARG E 149 62.13 20.86 14.63
N GLY E 150 62.82 19.77 14.32
CA GLY E 150 62.65 18.53 15.06
C GLY E 150 61.39 17.89 14.53
N PRO E 151 60.97 16.70 15.08
CA PRO E 151 59.64 16.10 14.75
C PRO E 151 58.64 17.15 15.21
N GLU E 152 57.51 17.44 14.56
CA GLU E 152 56.22 16.74 14.45
C GLU E 152 55.75 15.99 15.69
N LEU E 153 55.20 16.74 16.63
CA LEU E 153 54.64 16.20 17.86
C LEU E 153 53.13 16.07 17.77
N PHE E 154 52.48 17.02 17.09
CA PHE E 154 51.01 16.99 16.92
C PHE E 154 50.55 17.64 15.64
N TYR E 155 49.41 17.21 15.13
CA TYR E 155 48.78 17.86 14.01
C TYR E 155 47.30 17.79 14.23
N GLY E 156 46.70 18.91 14.57
CA GLY E 156 45.27 18.96 14.82
C GLY E 156 44.75 20.34 15.11
N ARG E 157 43.50 20.40 15.58
CA ARG E 157 42.91 21.64 16.05
C ARG E 157 43.04 21.65 17.55
N LEU E 158 42.84 22.84 18.13
CA LEU E 158 42.94 23.03 19.56
C LEU E 158 41.61 23.50 20.12
N ARG E 159 40.92 22.58 20.77
CA ARG E 159 39.60 22.84 21.35
C ARG E 159 39.77 23.28 22.80
N ASN E 160 39.07 24.34 23.17
CA ASN E 160 39.21 24.96 24.49
C ASN E 160 38.43 24.22 25.56
N GLU E 161 39.07 23.97 26.71
CA GLU E 161 38.41 23.20 27.79
C GLU E 161 37.19 23.91 28.34
N LYS E 162 37.22 25.24 28.37
CA LYS E 162 36.14 25.98 29.02
C LYS E 162 34.92 26.12 28.15
N SER E 163 35.13 26.33 26.87
CA SER E 163 34.03 26.70 25.97
C SER E 163 33.80 25.73 24.82
N ASP E 164 34.69 24.76 24.66
CA ASP E 164 34.65 23.87 23.51
C ASP E 164 34.70 24.63 22.16
N LEU E 165 35.15 25.87 22.17
CA LEU E 165 35.44 26.57 20.92
C LEU E 165 36.83 26.21 20.42
N CYS E 166 37.11 26.48 19.16
CA CYS E 166 38.40 26.10 18.58
C CYS E 166 39.33 27.30 18.42
N LEU E 167 40.61 27.08 18.67
CA LEU E 167 41.61 28.10 18.45
C LEU E 167 41.54 28.45 16.99
N ASP E 168 41.22 29.72 16.68
CA ASP E 168 40.89 30.09 15.31
C ASP E 168 41.67 31.33 14.84
N VAL E 169 41.87 31.40 13.53
CA VAL E 169 42.41 32.60 12.88
C VAL E 169 41.32 33.32 12.07
N GLU E 170 41.34 34.65 12.12
CA GLU E 170 40.35 35.49 11.44
C GLU E 170 40.41 35.25 9.94
N GLY E 171 39.24 35.17 9.33
CA GLY E 171 39.15 34.84 7.92
C GLY E 171 39.39 33.36 7.73
N SER E 172 40.01 33.05 6.60
CA SER E 172 40.39 31.68 6.30
C SER E 172 41.69 31.66 5.50
N ASP E 173 42.34 32.81 5.47
CA ASP E 173 43.68 32.95 4.88
C ASP E 173 44.72 32.22 5.75
N GLY E 174 44.43 32.10 7.05
CA GLY E 174 45.41 31.63 8.01
C GLY E 174 46.33 32.73 8.52
N LYS E 175 46.08 33.98 8.13
CA LYS E 175 46.88 35.11 8.55
C LYS E 175 46.08 36.04 9.44
N GLY E 176 46.79 36.75 10.31
CA GLY E 176 46.17 37.79 11.14
C GLY E 176 45.93 37.38 12.58
N ASN E 177 44.88 37.94 13.16
CA ASN E 177 44.57 37.76 14.58
C ASN E 177 44.22 36.32 14.89
N VAL E 178 44.51 35.91 16.12
CA VAL E 178 44.06 34.63 16.62
C VAL E 178 43.02 34.86 17.70
N LEU E 179 41.88 34.20 17.56
CA LEU E 179 40.81 34.32 18.54
C LEU E 179 40.07 32.98 18.74
N MET E 180 39.18 32.95 19.72
CA MET E 180 38.35 31.78 19.88
C MET E 180 37.16 31.91 18.95
N TYR E 181 36.76 30.79 18.34
CA TYR E 181 35.62 30.78 17.44
C TYR E 181 35.08 29.39 17.30
N SER E 182 33.91 29.26 16.66
CA SER E 182 33.29 27.96 16.44
C SER E 182 34.20 27.04 15.64
N CYS E 183 34.20 25.75 15.99
CA CYS E 183 34.99 24.78 15.24
C CYS E 183 34.43 24.63 13.85
N GLU E 184 35.25 25.01 12.87
CA GLU E 184 34.89 24.85 11.49
C GLU E 184 35.89 23.92 10.86
N ASP E 185 35.44 23.06 9.95
CA ASP E 185 36.34 22.07 9.35
C ASP E 185 37.19 22.66 8.22
N ASN E 186 37.84 23.78 8.51
CA ASN E 186 38.75 24.43 7.56
C ASN E 186 40.20 24.23 7.97
N LEU E 187 41.08 24.32 7.00
CA LEU E 187 42.50 24.13 7.20
C LEU E 187 43.11 25.24 8.06
N ASP E 188 42.39 26.37 8.19
CA ASP E 188 42.93 27.52 8.93
C ASP E 188 42.90 27.32 10.44
N GLN E 189 42.30 26.23 10.90
CA GLN E 189 42.17 25.95 12.33
C GLN E 189 43.03 24.75 12.79
N TRP E 190 43.75 24.18 11.82
CA TRP E 190 44.69 23.10 12.03
C TRP E 190 46.11 23.63 12.21
N PHE E 191 46.80 23.10 13.21
CA PHE E 191 48.17 23.51 13.51
C PHE E 191 49.08 22.31 13.65
N ARG E 192 50.36 22.51 13.32
CA ARG E 192 51.39 21.51 13.53
C ARG E 192 52.29 22.01 14.64
N TYR E 193 52.52 21.13 15.62
CA TYR E 193 53.36 21.46 16.75
C TYR E 193 54.66 20.72 16.65
N TYR E 194 55.78 21.43 16.66
CA TYR E 194 57.09 20.80 16.52
C TYR E 194 57.95 20.75 17.79
N GLU E 195 58.94 19.86 17.78
CA GLU E 195 59.93 19.73 18.84
C GLU E 195 60.53 21.09 19.22
N ASN E 196 60.78 21.94 18.23
CA ASN E 196 61.39 23.23 18.53
C ASN E 196 60.46 24.20 19.26
N GLY E 197 59.21 23.81 19.44
CA GLY E 197 58.26 24.66 20.17
C GLY E 197 57.31 25.49 19.31
N GLU E 198 57.51 25.50 17.99
CA GLU E 198 56.68 26.29 17.12
C GLU E 198 55.34 25.63 16.85
N ILE E 199 54.31 26.47 16.81
CA ILE E 199 52.97 26.07 16.41
C ILE E 199 52.73 26.70 15.04
N VAL E 200 52.70 25.89 14.00
CA VAL E 200 52.63 26.39 12.64
C VAL E 200 51.24 26.14 12.07
N ASN E 201 50.61 27.21 11.57
CA ASN E 201 49.28 27.12 11.01
C ASN E 201 49.32 26.35 9.68
N ALA E 202 48.40 25.38 9.53
CA ALA E 202 48.37 24.51 8.36
C ALA E 202 47.93 25.20 7.08
N LYS E 203 47.14 26.27 7.18
CA LYS E 203 46.70 27.00 5.98
C LYS E 203 47.80 27.91 5.48
N SER E 204 48.33 28.74 6.37
CA SER E 204 49.22 29.83 5.99
C SER E 204 50.68 29.42 6.03
N GLY E 205 51.00 28.38 6.78
CA GLY E 205 52.38 27.94 6.95
C GLY E 205 53.23 28.81 7.87
N MET E 206 52.58 29.73 8.59
CA MET E 206 53.27 30.68 9.48
C MET E 206 53.02 30.35 10.97
N CYS E 207 53.75 31.05 11.85
CA CYS E 207 53.81 30.73 13.29
C CYS E 207 52.79 31.41 14.17
N LEU E 208 52.40 30.70 15.23
CA LEU E 208 51.62 31.27 16.32
C LEU E 208 52.56 32.20 17.07
N ASP E 209 52.27 33.49 17.00
CA ASP E 209 53.18 34.53 17.47
C ASP E 209 52.51 35.51 18.42
N VAL E 210 53.31 36.05 19.34
CA VAL E 210 52.90 37.11 20.24
C VAL E 210 53.43 38.46 19.76
N GLU E 211 52.62 39.50 19.94
CA GLU E 211 52.97 40.88 19.58
C GLU E 211 54.29 41.30 20.21
N GLY E 212 55.11 42.04 19.46
CA GLY E 212 56.42 42.49 19.94
C GLY E 212 57.39 41.33 20.09
N SER E 213 58.17 41.36 21.18
CA SER E 213 59.19 40.34 21.47
C SER E 213 59.21 39.81 22.90
N ASP E 214 58.49 40.50 23.79
CA ASP E 214 58.48 40.20 25.23
C ASP E 214 57.76 38.89 25.56
N GLY E 215 56.82 38.52 24.70
CA GLY E 215 55.99 37.35 24.91
C GLY E 215 54.76 37.72 25.68
N SER E 216 54.48 39.02 25.72
CA SER E 216 53.27 39.55 26.36
C SER E 216 52.47 40.41 25.41
N GLY E 217 51.18 40.09 25.27
CA GLY E 217 50.29 40.86 24.41
C GLY E 217 49.36 40.00 23.58
N ASN E 218 48.90 40.54 22.45
CA ASN E 218 47.98 39.85 21.55
C ASN E 218 48.67 38.75 20.75
N VAL E 219 47.91 37.71 20.40
CA VAL E 219 48.47 36.60 19.66
C VAL E 219 47.89 36.59 18.26
N GLY E 220 48.75 36.31 17.28
CA GLY E 220 48.30 36.19 15.92
C GLY E 220 49.20 35.27 15.13
N ILE E 221 49.00 35.19 13.83
CA ILE E 221 49.92 34.44 13.01
C ILE E 221 50.89 35.43 12.37
N TYR E 222 52.17 35.09 12.40
CA TYR E 222 53.22 35.95 11.86
C TYR E 222 54.40 35.11 11.38
N ARG E 223 55.28 35.68 10.55
CA ARG E 223 56.42 34.95 10.00
C ARG E 223 57.21 34.24 11.09
N CYS E 224 57.74 33.05 10.79
CA CYS E 224 58.55 32.31 11.74
C CYS E 224 59.98 32.79 11.74
N ASP E 225 60.30 33.71 12.64
CA ASP E 225 61.67 34.28 12.68
C ASP E 225 62.55 33.71 13.81
N ASP E 226 62.44 32.40 14.03
CA ASP E 226 63.26 31.65 15.01
C ASP E 226 63.47 32.35 16.36
N LEU E 227 62.52 33.19 16.77
CA LEU E 227 62.58 33.84 18.07
C LEU E 227 61.89 33.01 19.14
N ARG E 228 62.26 33.24 20.40
CA ARG E 228 61.77 32.44 21.52
C ARG E 228 60.33 32.79 21.89
N ASP E 229 59.87 33.97 21.48
CA ASP E 229 58.50 34.40 21.74
C ASP E 229 57.49 33.73 20.80
N GLN E 230 57.99 32.97 19.83
CA GLN E 230 57.16 32.19 18.93
C GLN E 230 57.27 30.70 19.27
N MET E 231 57.80 30.41 20.45
CA MET E 231 57.99 29.03 20.92
C MET E 231 57.24 28.71 22.20
N TRP E 232 56.63 27.55 22.23
CA TRP E 232 55.71 27.23 23.28
C TRP E 232 56.03 25.83 23.79
N SER E 233 55.92 25.67 25.10
CA SER E 233 56.03 24.38 25.72
C SER E 233 54.69 23.98 26.30
N ARG E 234 54.53 22.69 26.54
CA ARG E 234 53.27 22.14 26.91
C ARG E 234 53.49 21.42 28.23
N PRO E 235 53.76 22.17 29.32
CA PRO E 235 54.11 21.56 30.62
C PRO E 235 53.01 20.69 31.18
N ASN E 236 53.36 19.43 31.48
CA ASN E 236 52.45 18.46 32.03
C ASN E 236 51.77 18.97 33.30
N ALA E 237 52.42 19.92 33.97
CA ALA E 237 51.92 20.49 35.23
C ALA E 237 50.61 21.25 35.07
N TYR E 238 50.40 21.84 33.91
CA TYR E 238 49.20 22.65 33.66
C TYR E 238 48.16 21.95 32.82
N CYS E 239 48.28 20.63 32.70
CA CYS E 239 47.30 19.85 31.95
C CYS E 239 46.18 19.40 32.85
N ASN E 240 45.07 19.04 32.25
CA ASN E 240 44.00 18.34 32.92
C ASN E 240 43.49 17.32 31.92
N GLY E 241 43.97 16.08 32.03
CA GLY E 241 43.73 15.09 30.99
C GLY E 241 44.47 15.51 29.74
N ASP E 242 43.74 15.57 28.63
CA ASP E 242 44.30 15.89 27.32
C ASP E 242 44.25 17.37 27.02
N TYR E 243 43.70 18.15 27.94
CA TYR E 243 43.60 19.62 27.78
C TYR E 243 44.79 20.28 28.45
N CYS E 244 45.57 21.03 27.69
CA CYS E 244 46.86 21.52 28.19
C CYS E 244 47.10 23.00 27.87
N SER E 245 47.91 23.64 28.70
CA SER E 245 48.28 25.04 28.52
C SER E 245 49.51 25.14 27.65
N PHE E 246 49.62 26.23 26.91
CA PHE E 246 50.81 26.48 26.13
C PHE E 246 51.58 27.64 26.74
N LEU E 247 52.79 27.33 27.16
CA LEU E 247 53.63 28.26 27.89
C LEU E 247 54.64 28.87 26.94
N ASN E 248 54.62 30.21 26.84
CA ASN E 248 55.52 30.94 25.96
C ASN E 248 56.95 30.88 26.49
N LYS E 249 57.91 30.53 25.65
CA LYS E 249 59.32 30.38 26.09
C LYS E 249 59.97 31.69 26.48
N GLU E 250 59.50 32.79 25.92
CA GLU E 250 60.11 34.10 26.17
C GLU E 250 59.60 34.78 27.41
N SER E 251 58.41 34.43 27.87
CA SER E 251 57.81 35.19 28.99
C SER E 251 57.24 34.33 30.10
N ASN E 252 57.40 33.02 29.99
CA ASN E 252 56.73 32.07 30.88
C ASN E 252 55.25 32.41 31.14
N LYS E 253 54.61 33.01 30.15
CA LYS E 253 53.19 33.28 30.23
C LYS E 253 52.40 32.35 29.33
N CYS E 254 51.16 32.06 29.73
CA CYS E 254 50.28 31.12 29.08
C CYS E 254 49.53 31.71 27.91
N LEU E 255 49.24 30.86 26.92
CA LEU E 255 48.30 31.17 25.86
C LEU E 255 46.97 31.25 26.55
N ASP E 256 46.27 32.37 26.35
CA ASP E 256 45.12 32.73 27.18
C ASP E 256 44.00 33.39 26.39
N VAL E 257 42.78 33.20 26.88
CA VAL E 257 41.60 33.80 26.31
C VAL E 257 41.12 34.84 27.30
N SER E 258 40.70 36.00 26.80
CA SER E 258 40.29 37.08 27.67
C SER E 258 39.05 36.67 28.44
N GLY E 259 38.92 37.18 29.66
CA GLY E 259 37.83 36.79 30.54
C GLY E 259 38.03 35.41 31.11
N ASP E 260 36.99 34.89 31.75
CA ASP E 260 37.02 33.57 32.34
C ASP E 260 36.30 32.51 31.51
N GLN E 261 35.52 32.94 30.51
CA GLN E 261 34.57 32.07 29.80
C GLN E 261 35.11 31.43 28.52
N GLY E 262 36.36 31.75 28.18
CA GLY E 262 37.02 31.12 27.05
C GLY E 262 36.34 31.37 25.72
N THR E 263 35.82 32.59 25.55
CA THR E 263 35.11 32.98 24.32
C THR E 263 35.71 34.15 23.54
N GLY E 264 36.48 35.02 24.17
CA GLY E 264 36.97 36.23 23.49
C GLY E 264 38.16 36.17 22.52
N ASP E 265 39.05 37.15 22.64
CA ASP E 265 40.30 37.26 21.88
C ASP E 265 41.41 36.44 22.57
N VAL E 266 42.46 36.10 21.82
CA VAL E 266 43.56 35.29 22.35
C VAL E 266 44.87 36.07 22.45
N GLY E 267 45.44 36.10 23.66
CA GLY E 267 46.73 36.72 23.91
C GLY E 267 47.49 35.87 24.91
N THR E 268 48.48 36.45 25.56
CA THR E 268 49.21 35.76 26.62
C THR E 268 48.87 36.42 27.95
N TRP E 269 49.06 35.68 29.04
CA TRP E 269 48.70 36.15 30.36
C TRP E 269 49.37 35.25 31.39
N GLN E 270 49.31 35.62 32.66
CA GLN E 270 49.84 34.79 33.72
C GLN E 270 49.15 33.43 33.73
N CYS E 271 49.92 32.34 33.81
CA CYS E 271 49.33 31.02 33.95
C CYS E 271 48.55 30.99 35.25
N ASP E 272 47.22 30.91 35.14
CA ASP E 272 46.35 30.89 36.31
C ASP E 272 45.70 29.52 36.63
N GLY E 273 45.94 28.53 35.78
CA GLY E 273 45.47 27.16 36.00
C GLY E 273 43.97 27.01 35.84
N LEU E 274 43.40 27.85 34.97
CA LEU E 274 41.95 27.87 34.71
C LEU E 274 41.55 27.29 33.36
N PRO E 275 40.35 26.67 33.26
CA PRO E 275 39.96 25.87 32.10
C PRO E 275 40.12 26.62 30.80
N ASP E 276 40.02 27.95 30.84
CA ASP E 276 40.03 28.73 29.62
C ASP E 276 41.41 28.87 29.05
N GLN E 277 42.41 28.34 29.75
CA GLN E 277 43.77 28.40 29.26
C GLN E 277 44.26 27.04 28.79
N ARG E 278 43.33 26.09 28.69
CA ARG E 278 43.65 24.70 28.37
C ARG E 278 43.03 24.24 27.07
N PHE E 279 43.86 23.62 26.22
CA PHE E 279 43.43 23.19 24.88
C PHE E 279 43.69 21.71 24.63
N LYS E 280 42.75 21.05 23.98
CA LYS E 280 42.93 19.65 23.57
C LYS E 280 43.24 19.59 22.08
N TRP E 281 44.21 18.75 21.74
CA TRP E 281 44.45 18.42 20.35
C TRP E 281 43.30 17.55 19.87
N VAL E 282 42.61 17.98 18.83
CA VAL E 282 41.51 17.17 18.33
C VAL E 282 41.68 16.85 16.85
N PHE E 283 41.26 15.63 16.47
CA PHE E 283 41.53 15.13 15.13
C PHE E 283 40.30 14.90 14.27
N ASP E 284 39.12 15.15 14.83
CA ASP E 284 37.86 14.99 14.10
C ASP E 284 37.60 16.07 13.04
N ASP E 285 36.55 15.87 12.26
CA ASP E 285 36.09 16.86 11.30
C ASP E 285 34.83 17.58 11.78
N TRP E 286 34.54 17.55 13.07
CA TRP E 286 33.30 18.09 13.58
C TRP E 286 33.11 19.59 13.30
N GLU E 287 31.86 20.00 13.13
CA GLU E 287 31.48 21.40 13.06
C GLU E 287 30.36 21.66 14.07
N VAL E 288 30.03 22.92 14.32
CA VAL E 288 28.99 23.24 15.30
C VAL E 288 27.60 23.23 14.65
N PRO E 289 26.52 23.04 15.45
CA PRO E 289 25.16 23.08 14.91
C PRO E 289 24.75 24.49 14.50
N THR E 290 24.57 24.69 13.19
CA THR E 290 24.20 25.98 12.61
C THR E 290 22.71 26.11 12.31
N ALA E 291 22.19 25.11 11.60
CA ALA E 291 20.85 25.15 10.99
C ALA E 291 19.73 25.20 12.02
N THR E 292 18.62 25.84 11.68
CA THR E 292 17.43 25.77 12.53
C THR E 292 16.31 25.03 11.77
N TRP E 293 15.60 24.17 12.48
CA TRP E 293 14.53 23.35 11.88
C TRP E 293 13.16 23.62 12.50
N ASN E 294 12.14 23.59 11.67
CA ASN E 294 10.79 23.68 12.17
C ASN E 294 10.20 22.30 12.35
N MET E 295 9.52 22.07 13.46
CA MET E 295 8.84 20.80 13.68
C MET E 295 7.55 20.77 12.92
N VAL E 296 7.30 19.66 12.24
CA VAL E 296 6.17 19.60 11.39
C VAL E 296 5.10 18.65 11.92
N GLY E 297 5.53 17.61 12.64
CA GLY E 297 4.63 16.70 13.37
C GLY E 297 5.40 15.76 14.25
N CYS E 298 4.82 15.38 15.39
CA CYS E 298 5.38 14.31 16.23
C CYS E 298 4.39 13.20 16.50
N ASP E 299 4.90 11.98 16.44
CA ASP E 299 4.13 10.82 16.82
C ASP E 299 4.90 10.01 17.82
N GLN E 300 4.35 9.91 19.01
CA GLN E 300 4.98 9.21 20.11
C GLN E 300 4.92 7.70 19.90
N ASN E 301 4.03 7.26 19.02
CA ASN E 301 3.72 5.86 18.97
C ASN E 301 3.65 5.27 17.59
N GLY E 302 4.29 5.92 16.61
CA GLY E 302 4.31 5.37 15.28
C GLY E 302 4.86 6.29 14.22
N LYS E 303 4.56 5.98 12.98
CA LYS E 303 5.06 6.70 11.83
C LYS E 303 4.56 8.16 11.72
N VAL E 304 5.37 9.01 11.10
CA VAL E 304 4.86 10.26 10.55
C VAL E 304 5.35 10.42 9.12
N SER E 305 4.46 10.81 8.22
CA SER E 305 4.88 11.19 6.89
C SER E 305 4.14 12.45 6.40
N GLN E 306 4.68 13.10 5.38
CA GLN E 306 3.99 14.26 4.84
C GLN E 306 3.94 14.28 3.32
N GLN E 307 2.96 14.99 2.81
CA GLN E 307 2.90 15.22 1.40
C GLN E 307 2.67 16.74 1.18
N ILE E 308 3.51 17.32 0.33
CA ILE E 308 3.45 18.74 0.00
C ILE E 308 3.06 18.89 -1.47
N SER E 309 2.02 19.69 -1.74
CA SER E 309 1.47 19.82 -3.09
C SER E 309 1.35 21.26 -3.53
N ASN E 310 1.60 21.51 -4.81
CA ASN E 310 1.36 22.83 -5.43
C ASN E 310 0.59 22.70 -6.74
N THR E 311 -0.46 23.49 -6.88
CA THR E 311 -1.20 23.48 -8.13
C THR E 311 -1.16 24.86 -8.75
N ILE E 312 -1.06 24.91 -10.07
CA ILE E 312 -1.21 26.16 -10.81
C ILE E 312 -2.24 25.87 -11.87
N SER E 313 -3.22 26.75 -12.03
CA SER E 313 -4.23 26.58 -13.11
C SER E 313 -4.62 27.88 -13.83
N PHE E 314 -4.95 27.74 -15.11
CA PHE E 314 -5.38 28.84 -15.97
C PHE E 314 -6.71 28.43 -16.56
N SER E 315 -7.65 29.34 -16.53
CA SER E 315 -8.96 29.09 -17.12
C SER E 315 -9.47 30.32 -17.87
N SER E 316 -10.33 30.10 -18.85
CA SER E 316 -10.99 31.22 -19.52
C SER E 316 -12.38 30.85 -19.99
N THR E 317 -13.30 31.79 -19.83
CA THR E 317 -14.69 31.62 -20.26
C THR E 317 -15.08 32.64 -21.32
N VAL E 318 -15.88 32.23 -22.30
CA VAL E 318 -16.44 33.12 -23.29
C VAL E 318 -17.96 32.99 -23.24
N THR E 319 -18.63 34.11 -22.96
CA THR E 319 -20.10 34.12 -22.88
C THR E 319 -20.78 34.97 -23.98
N ALA E 320 -21.77 34.39 -24.63
CA ALA E 320 -22.54 35.10 -25.64
C ALA E 320 -24.00 35.03 -25.25
N GLY E 321 -24.64 36.18 -25.07
CA GLY E 321 -26.07 36.22 -24.71
C GLY E 321 -26.95 37.08 -25.59
N VAL E 322 -28.24 36.77 -25.64
CA VAL E 322 -29.22 37.61 -26.33
C VAL E 322 -30.48 37.75 -25.48
N ALA E 323 -31.04 38.96 -25.45
CA ALA E 323 -32.27 39.25 -24.69
C ALA E 323 -33.35 40.00 -25.49
N VAL E 324 -34.61 39.67 -25.22
CA VAL E 324 -35.75 40.29 -25.88
C VAL E 324 -36.69 40.82 -24.79
N GLU E 325 -36.85 42.14 -24.77
CA GLU E 325 -37.74 42.80 -23.81
C GLU E 325 -38.96 43.43 -24.49
N VAL E 326 -40.16 43.01 -24.09
CA VAL E 326 -41.39 43.48 -24.73
C VAL E 326 -42.30 44.13 -23.69
N SER E 327 -42.08 45.40 -23.41
CA SER E 327 -42.85 46.12 -22.39
C SER E 327 -43.99 46.98 -22.95
N SER E 328 -44.86 47.46 -22.07
CA SER E 328 -45.92 48.39 -22.44
C SER E 328 -46.40 49.14 -21.20
N THR E 329 -46.99 50.31 -21.40
CA THR E 329 -47.51 51.09 -20.28
C THR E 329 -48.79 51.89 -20.59
N ILE E 330 -49.70 51.92 -19.62
CA ILE E 330 -50.96 52.68 -19.70
C ILE E 330 -50.95 53.77 -18.63
N GLU E 331 -50.97 55.02 -19.08
CA GLU E 331 -50.87 56.17 -18.18
C GLU E 331 -51.96 57.22 -18.48
N LYS E 332 -52.85 57.45 -17.51
CA LYS E 332 -53.88 58.47 -17.65
C LYS E 332 -53.69 59.61 -16.66
N GLY E 333 -53.62 60.82 -17.21
CA GLY E 333 -53.13 62.00 -16.49
C GLY E 333 -53.56 63.36 -17.04
N VAL E 334 -54.71 63.82 -16.57
CA VAL E 334 -55.28 65.12 -16.93
C VAL E 334 -55.78 65.81 -15.63
N ILE E 335 -55.44 67.09 -15.43
CA ILE E 335 -55.70 67.85 -14.16
C ILE E 335 -55.50 66.89 -12.96
N PHE E 336 -54.31 66.47 -12.55
CA PHE E 336 -53.23 67.18 -11.87
C PHE E 336 -52.39 66.03 -11.24
N ALA E 337 -53.06 64.92 -10.91
CA ALA E 337 -52.41 63.68 -10.45
C ALA E 337 -52.40 62.63 -11.56
N LYS E 338 -51.20 62.14 -11.91
CA LYS E 338 -51.03 61.14 -12.97
C LYS E 338 -50.74 59.74 -12.42
N ALA E 339 -51.25 58.70 -13.08
CA ALA E 339 -51.06 57.31 -12.63
C ALA E 339 -50.89 56.31 -13.78
N THR E 340 -49.79 55.56 -13.72
CA THR E 340 -49.44 54.53 -14.71
C THR E 340 -49.26 53.11 -14.14
N VAL E 341 -49.39 52.13 -15.02
CA VAL E 341 -49.24 50.72 -14.72
C VAL E 341 -48.46 50.09 -15.90
N SER E 342 -47.30 49.50 -15.60
CA SER E 342 -46.43 48.90 -16.63
C SER E 342 -46.30 47.38 -16.53
N VAL E 343 -46.28 46.71 -17.68
CA VAL E 343 -46.04 45.28 -17.74
C VAL E 343 -44.93 45.00 -18.74
N LYS E 344 -43.85 44.45 -18.23
CA LYS E 344 -42.65 44.12 -18.99
C LYS E 344 -42.41 42.61 -19.02
N VAL E 345 -42.08 42.08 -20.19
CA VAL E 345 -41.72 40.67 -20.32
C VAL E 345 -40.36 40.53 -21.02
N THR E 346 -39.42 39.89 -20.31
CA THR E 346 -38.06 39.65 -20.82
C THR E 346 -37.80 38.16 -21.01
N ALA E 347 -36.99 37.84 -22.02
CA ALA E 347 -36.58 36.47 -22.29
C ALA E 347 -35.13 36.43 -22.74
N SER E 348 -34.28 35.73 -21.99
CA SER E 348 -32.86 35.67 -22.32
C SER E 348 -32.34 34.25 -22.61
N LEU E 349 -31.25 34.18 -23.36
CA LEU E 349 -30.65 32.92 -23.76
C LEU E 349 -29.19 33.19 -23.96
N SER E 350 -28.35 32.64 -23.08
CA SER E 350 -26.90 32.76 -23.21
C SER E 350 -26.20 31.40 -23.34
N LYS E 351 -24.94 31.43 -23.76
CA LYS E 351 -24.13 30.23 -23.83
C LYS E 351 -22.65 30.53 -23.53
N ALA E 352 -22.13 29.92 -22.48
CA ALA E 352 -20.75 30.11 -22.09
C ALA E 352 -19.88 28.91 -22.45
N TRP E 353 -18.62 29.16 -22.83
CA TRP E 353 -17.67 28.08 -23.12
C TRP E 353 -16.47 28.29 -22.24
N THR E 354 -16.22 27.37 -21.32
CA THR E 354 -15.01 27.44 -20.49
C THR E 354 -14.04 26.35 -20.86
N ASN E 355 -12.75 26.69 -20.88
CA ASN E 355 -11.74 25.66 -20.81
C ASN E 355 -10.55 26.02 -19.97
N SER E 356 -9.99 25.01 -19.31
CA SER E 356 -8.98 25.25 -18.31
C SER E 356 -7.99 24.13 -18.32
N GLN E 357 -6.83 24.42 -17.73
CA GLN E 357 -5.82 23.41 -17.54
C GLN E 357 -5.05 23.72 -16.30
N SER E 358 -4.69 22.69 -15.57
CA SER E 358 -3.94 22.87 -14.34
C SER E 358 -2.87 21.84 -14.30
N GLY E 359 -1.98 22.00 -13.34
CA GLY E 359 -0.88 21.10 -13.18
C GLY E 359 -0.57 21.13 -11.72
N THR E 360 -0.30 19.96 -11.17
CA THR E 360 0.09 19.91 -9.78
C THR E 360 1.23 18.94 -9.49
N THR E 361 2.05 19.27 -8.50
CA THR E 361 3.17 18.43 -8.11
C THR E 361 2.93 18.08 -6.66
N ALA E 362 3.30 16.86 -6.27
CA ALA E 362 3.18 16.45 -4.89
C ALA E 362 4.37 15.61 -4.47
N ILE E 363 5.10 16.08 -3.47
CA ILE E 363 6.23 15.34 -2.98
C ILE E 363 5.85 14.74 -1.64
N THR E 364 6.23 13.48 -1.44
CA THR E 364 5.90 12.87 -0.16
C THR E 364 7.13 12.32 0.54
N TYR E 365 7.23 12.57 1.84
CA TYR E 365 8.41 12.19 2.62
C TYR E 365 7.94 11.27 3.74
N THR E 366 8.71 10.23 4.06
CA THR E 366 8.35 9.35 5.18
C THR E 366 9.51 9.18 6.16
N CYS E 367 9.23 9.10 7.47
CA CYS E 367 10.30 8.95 8.46
C CYS E 367 10.53 7.46 8.63
N ASP E 368 11.71 6.99 8.22
CA ASP E 368 12.04 5.56 8.20
C ASP E 368 13.13 5.17 9.18
N ASN E 369 14.04 6.08 9.45
CA ASN E 369 15.16 5.76 10.31
C ASN E 369 15.65 6.98 11.06
N TYR E 370 16.32 6.79 12.19
CA TYR E 370 17.03 7.88 12.85
C TYR E 370 18.43 8.05 12.23
N ASP E 371 19.16 9.12 12.58
CA ASP E 371 20.57 9.29 12.13
C ASP E 371 21.46 8.13 12.56
N SER E 372 21.12 7.49 13.68
CA SER E 372 21.82 6.30 14.15
C SER E 372 21.56 5.07 13.27
N ASP E 373 20.65 5.19 12.30
CA ASP E 373 20.30 4.11 11.36
C ASP E 373 19.32 3.03 11.88
N GLU E 374 18.81 3.17 13.10
CA GLU E 374 17.78 2.28 13.59
C GLU E 374 16.47 2.65 12.91
N GLU E 375 15.51 1.73 12.91
CA GLU E 375 14.20 1.97 12.33
C GLU E 375 13.43 2.99 13.14
N PHE E 376 12.69 3.86 12.45
CA PHE E 376 11.89 4.90 13.09
C PHE E 376 10.59 4.28 13.52
N THR E 377 10.30 4.29 14.81
CA THR E 377 9.04 3.80 15.32
C THR E 377 8.31 4.86 16.15
N ARG E 378 8.92 6.04 16.26
CA ARG E 378 8.31 7.18 16.91
C ARG E 378 9.27 8.32 16.77
N GLY E 379 8.75 9.51 17.03
CA GLY E 379 9.54 10.73 16.98
C GLY E 379 8.89 11.82 16.19
N CYS E 380 9.72 12.70 15.64
CA CYS E 380 9.22 13.93 15.04
C CYS E 380 9.80 14.13 13.69
N MET E 381 9.03 14.77 12.83
CA MET E 381 9.55 15.13 11.55
C MET E 381 9.91 16.62 11.53
N TRP E 382 11.04 16.95 10.94
CA TRP E 382 11.50 18.34 10.89
C TRP E 382 11.73 18.83 9.47
N GLN E 383 11.54 20.12 9.30
CA GLN E 383 11.73 20.79 8.02
C GLN E 383 12.75 21.92 8.15
N LEU E 384 13.74 21.95 7.27
CA LEU E 384 14.76 23.02 7.31
C LEU E 384 14.12 24.40 7.19
N ALA E 385 14.57 25.35 8.00
CA ALA E 385 13.92 26.65 8.07
C ALA E 385 14.23 27.61 6.89
N ILE E 386 15.34 27.40 6.18
CA ILE E 386 15.64 28.28 5.05
C ILE E 386 14.60 28.17 3.94
N GLU E 387 14.04 29.30 3.52
CA GLU E 387 13.17 29.35 2.33
C GLU E 387 14.04 29.06 1.12
N THR E 388 13.44 28.50 0.09
CA THR E 388 14.23 27.84 -0.96
C THR E 388 13.79 28.14 -2.40
N THR E 389 14.76 28.02 -3.31
CA THR E 389 14.58 28.37 -4.71
C THR E 389 13.59 27.41 -5.40
N GLU E 390 12.43 27.96 -5.78
CA GLU E 390 11.38 27.19 -6.45
C GLU E 390 11.82 26.60 -7.77
N VAL E 391 11.39 25.38 -8.01
CA VAL E 391 11.63 24.74 -9.30
C VAL E 391 10.35 24.85 -10.14
N LYS E 392 10.51 25.14 -11.42
CA LYS E 392 9.41 25.22 -12.37
C LYS E 392 9.65 24.28 -13.56
N SER E 393 8.58 23.90 -14.24
CA SER E 393 8.68 23.07 -15.43
C SER E 393 7.50 23.40 -16.31
N GLY E 394 7.76 24.29 -17.28
CA GLY E 394 6.71 24.92 -18.06
C GLY E 394 5.85 25.84 -17.20
N ASP E 395 4.64 26.06 -17.66
CA ASP E 395 3.77 27.08 -17.06
C ASP E 395 2.99 26.67 -15.84
N LEU E 396 2.73 25.37 -15.68
CA LEU E 396 1.82 24.96 -14.62
C LEU E 396 2.32 23.92 -13.59
N LEU E 397 3.60 23.62 -13.65
CA LEU E 397 4.24 22.77 -12.65
C LEU E 397 5.22 23.55 -11.80
N VAL E 398 5.02 23.57 -10.49
CA VAL E 398 5.97 24.21 -9.60
C VAL E 398 6.25 23.34 -8.36
N TRP E 399 7.49 23.35 -7.89
CA TRP E 399 7.87 22.71 -6.66
C TRP E 399 8.45 23.76 -5.77
N ASN E 400 8.28 23.64 -4.47
CA ASN E 400 9.30 24.23 -3.63
C ASN E 400 9.90 23.26 -2.67
N PRO E 401 11.11 22.81 -3.00
CA PRO E 401 11.88 21.77 -2.31
C PRO E 401 11.97 21.96 -0.80
N GLN E 402 11.85 20.88 -0.06
CA GLN E 402 12.04 20.96 1.36
C GLN E 402 13.15 20.02 1.66
N ILE E 403 13.85 20.27 2.77
CA ILE E 403 14.77 19.30 3.31
C ILE E 403 14.20 18.91 4.65
N VAL E 404 13.89 17.62 4.76
CA VAL E 404 13.22 17.02 5.91
C VAL E 404 14.15 16.08 6.70
N LYS E 405 13.92 16.02 8.00
CA LYS E 405 14.77 15.25 8.93
C LYS E 405 13.83 14.58 9.94
N CYS E 406 14.24 13.44 10.49
CA CYS E 406 13.43 12.82 11.55
C CYS E 406 14.26 12.50 12.76
N THR E 407 13.71 12.70 13.95
CA THR E 407 14.44 12.50 15.21
C THR E 407 13.69 11.57 16.17
N ARG E 408 14.41 11.07 17.18
CA ARG E 408 13.88 10.15 18.19
C ARG E 408 12.81 10.78 19.09
N SER E 409 12.95 12.09 19.36
CA SER E 409 12.08 12.81 20.31
C SER E 409 11.82 14.22 19.80
N ASN E 410 11.21 15.06 20.64
CA ASN E 410 10.83 16.38 20.15
C ASN E 410 11.75 17.51 20.53
N THR E 411 12.99 17.18 20.85
CA THR E 411 13.96 18.23 21.14
C THR E 411 14.61 18.66 19.81
N ALA E 412 14.64 19.96 19.56
CA ALA E 412 14.95 20.48 18.23
C ALA E 412 16.39 20.20 17.86
N PRO E 413 16.62 19.69 16.64
CA PRO E 413 17.98 19.47 16.15
C PRO E 413 18.60 20.75 15.64
N GLY E 414 19.92 20.79 15.57
CA GLY E 414 20.64 21.98 15.13
C GLY E 414 21.61 21.66 14.00
N CYS E 415 21.93 20.38 13.85
CA CYS E 415 22.87 19.90 12.84
C CYS E 415 22.44 20.25 11.42
N ALA E 416 23.43 20.43 10.55
CA ALA E 416 23.17 20.80 9.17
C ALA E 416 22.57 19.62 8.40
N PRO E 417 21.85 19.90 7.30
CA PRO E 417 21.38 18.83 6.43
C PRO E 417 22.50 17.85 6.15
N PHE E 418 22.17 16.57 6.24
CA PHE E 418 23.11 15.47 6.02
C PHE E 418 24.28 15.45 6.95
N THR E 419 23.95 15.78 8.19
CA THR E 419 24.88 15.96 9.28
C THR E 419 24.22 15.42 10.54
N LYS E 420 25.01 14.74 11.34
CA LYS E 420 24.56 13.91 12.42
C LYS E 420 25.23 14.42 13.70
N CYS E 421 24.62 14.19 14.87
CA CYS E 421 25.30 14.42 16.15
C CYS E 421 26.55 13.57 16.24
N ALA E 422 27.64 14.20 16.66
CA ALA E 422 28.93 13.55 16.76
C ALA E 422 29.23 13.12 18.19
N ASN E 423 28.59 13.80 19.14
CA ASN E 423 28.79 13.55 20.57
C ASN E 423 27.48 13.41 21.35
N GLU E 424 27.57 12.77 22.51
CA GLU E 424 26.41 12.41 23.33
C GLU E 424 25.37 13.53 23.49
N ASP E 425 25.82 14.75 23.77
CA ASP E 425 24.88 15.88 23.95
C ASP E 425 24.78 16.81 22.72
N CYS E 426 25.24 16.31 21.58
CA CYS E 426 25.01 16.93 20.28
C CYS E 426 25.38 18.41 20.18
N THR E 427 26.61 18.72 20.59
CA THR E 427 27.16 20.08 20.44
C THR E 427 28.09 20.14 19.24
N PHE E 428 28.35 18.97 18.65
CA PHE E 428 29.11 18.86 17.43
C PHE E 428 28.43 17.94 16.43
N CYS E 429 28.64 18.24 15.16
CA CYS E 429 27.96 17.58 14.07
C CYS E 429 29.00 17.01 13.12
N THR E 430 28.80 15.78 12.66
CA THR E 430 29.68 15.18 11.64
C THR E 430 28.88 14.74 10.41
N ASP E 431 29.57 14.53 9.30
CA ASP E 431 28.90 14.14 8.06
C ASP E 431 28.25 12.79 8.25
N ILE E 432 27.05 12.64 7.70
CA ILE E 432 26.23 11.45 7.94
C ILE E 432 26.78 10.24 7.18
N VAL F 2 34.92 -14.61 -49.95
CA VAL F 2 35.11 -13.65 -51.03
C VAL F 2 36.20 -12.67 -50.65
N LEU F 3 36.31 -12.44 -49.35
CA LEU F 3 37.29 -11.54 -48.80
C LEU F 3 38.67 -12.17 -48.87
N CYS F 4 39.68 -11.34 -48.64
CA CYS F 4 41.01 -11.84 -48.44
C CYS F 4 41.10 -12.24 -46.98
N THR F 5 40.87 -13.52 -46.71
CA THR F 5 40.88 -14.00 -45.33
C THR F 5 42.28 -14.35 -44.84
N ASN F 6 43.25 -14.33 -45.76
CA ASN F 6 44.65 -14.58 -45.41
C ASN F 6 45.61 -13.58 -46.05
N PRO F 7 45.68 -12.38 -45.47
CA PRO F 7 46.54 -11.33 -45.99
C PRO F 7 47.99 -11.55 -45.58
N LEU F 8 48.91 -11.30 -46.50
CA LEU F 8 50.34 -11.31 -46.16
C LEU F 8 50.68 -10.01 -45.48
N ASP F 9 50.20 -8.92 -46.07
CA ASP F 9 50.55 -7.59 -45.61
C ASP F 9 49.44 -6.59 -45.91
N ILE F 10 49.22 -5.65 -44.98
CA ILE F 10 48.23 -4.58 -45.15
C ILE F 10 48.87 -3.26 -44.78
N GLY F 11 48.72 -2.28 -45.64
CA GLY F 11 49.20 -0.93 -45.36
C GLY F 11 49.19 -0.07 -46.60
N GLU F 12 49.84 1.08 -46.51
CA GLU F 12 49.98 1.96 -47.64
C GLU F 12 51.04 1.40 -48.54
N LEU F 13 50.74 1.32 -49.83
CA LEU F 13 51.71 0.82 -50.80
C LEU F 13 52.40 2.03 -51.44
N ARG F 14 53.63 2.30 -51.01
CA ARG F 14 54.34 3.47 -51.53
C ARG F 14 55.35 3.12 -52.62
N SER F 15 55.62 4.09 -53.48
CA SER F 15 56.65 3.96 -54.51
C SER F 15 58.05 4.23 -53.93
N PHE F 16 58.99 3.35 -54.25
CA PHE F 16 60.36 3.51 -53.78
C PHE F 16 61.01 4.82 -54.27
N LYS F 17 60.65 5.25 -55.48
CA LYS F 17 61.15 6.50 -56.04
C LYS F 17 60.58 7.73 -55.34
N SER F 18 59.26 7.88 -55.37
CA SER F 18 58.60 9.11 -54.94
C SER F 18 58.10 9.14 -53.51
N LYS F 19 58.14 8.00 -52.83
CA LYS F 19 57.54 7.84 -51.47
C LYS F 19 56.03 8.18 -51.43
N GLN F 20 55.39 8.18 -52.60
CA GLN F 20 53.97 8.47 -52.73
C GLN F 20 53.09 7.21 -52.70
N CYS F 21 51.88 7.38 -52.18
CA CYS F 21 50.91 6.28 -52.11
C CYS F 21 50.37 5.86 -53.47
N VAL F 22 50.30 4.55 -53.69
CA VAL F 22 49.50 3.98 -54.77
C VAL F 22 48.06 4.20 -54.35
N ASP F 23 47.29 4.83 -55.24
CA ASP F 23 45.97 5.34 -54.90
C ASP F 23 44.91 4.97 -55.93
N ILE F 24 43.70 4.80 -55.44
CA ILE F 24 42.51 4.66 -56.25
C ILE F 24 41.77 6.01 -56.25
N VAL F 25 41.42 6.48 -57.44
CA VAL F 25 40.58 7.67 -57.60
C VAL F 25 39.35 7.58 -56.69
N GLY F 26 39.03 8.68 -56.02
CA GLY F 26 37.88 8.74 -55.13
C GLY F 26 38.25 8.14 -53.81
N ASN F 27 37.24 7.72 -53.06
CA ASN F 27 37.48 7.04 -51.79
C ASN F 27 36.69 5.73 -51.70
N GLN F 28 36.04 5.37 -52.80
CA GLN F 28 35.22 4.17 -52.90
C GLN F 28 36.05 2.90 -53.00
N GLY F 29 37.25 3.02 -53.55
CA GLY F 29 38.13 1.87 -53.72
C GLY F 29 37.92 1.17 -55.06
N SER F 30 37.16 1.81 -55.93
CA SER F 30 37.01 1.35 -57.30
C SER F 30 37.37 2.48 -58.26
N GLY F 31 38.02 2.14 -59.37
CA GLY F 31 38.41 3.14 -60.34
C GLY F 31 39.86 3.00 -60.74
N ASN F 32 40.41 4.04 -61.36
CA ASN F 32 41.78 4.03 -61.86
C ASN F 32 42.84 4.07 -60.74
N ILE F 33 43.94 3.35 -60.96
CA ILE F 33 45.03 3.28 -60.00
C ILE F 33 46.17 4.17 -60.45
N ALA F 34 46.54 5.09 -59.56
CA ALA F 34 47.58 6.07 -59.84
C ALA F 34 48.15 6.57 -58.52
N THR F 35 49.36 7.10 -58.53
CA THR F 35 49.96 7.65 -57.31
C THR F 35 49.27 8.95 -56.91
N TYR F 36 49.37 9.27 -55.62
CA TYR F 36 48.74 10.45 -55.04
C TYR F 36 49.23 10.69 -53.61
N ASP F 37 49.01 11.89 -53.08
CA ASP F 37 49.29 12.19 -51.67
C ASP F 37 48.68 11.13 -50.77
N CYS F 38 49.39 10.77 -49.70
CA CYS F 38 48.85 9.81 -48.74
C CYS F 38 47.77 10.46 -47.84
N ASP F 39 46.50 10.23 -48.18
CA ASP F 39 45.40 10.91 -47.48
C ASP F 39 44.78 10.16 -46.31
N GLY F 40 45.34 9.01 -45.95
CA GLY F 40 44.90 8.26 -44.76
C GLY F 40 43.49 7.67 -44.79
N LEU F 41 42.86 7.65 -45.96
CA LEU F 41 41.57 6.98 -46.13
C LEU F 41 41.79 5.50 -46.45
N SER F 42 40.80 4.69 -46.07
CA SER F 42 40.89 3.24 -46.16
C SER F 42 41.11 2.70 -47.58
N ASP F 43 40.84 3.48 -48.61
CA ASP F 43 41.10 2.99 -49.97
C ASP F 43 42.60 2.94 -50.28
N GLN F 44 43.41 3.59 -49.44
CA GLN F 44 44.87 3.57 -49.59
C GLN F 44 45.52 2.50 -48.74
N GLN F 45 44.72 1.87 -47.90
CA GLN F 45 45.13 0.69 -47.15
C GLN F 45 45.03 -0.52 -48.11
N ILE F 46 46.18 -0.80 -48.75
CA ILE F 46 46.30 -1.88 -49.70
C ILE F 46 46.51 -3.23 -49.01
N ILE F 47 45.79 -4.24 -49.49
CA ILE F 47 45.95 -5.60 -49.02
C ILE F 47 46.76 -6.40 -50.04
N ILE F 48 47.95 -6.81 -49.61
CA ILE F 48 48.74 -7.82 -50.31
C ILE F 48 48.23 -9.17 -49.83
N CYS F 49 47.42 -9.80 -50.68
CA CYS F 49 46.68 -10.98 -50.31
C CYS F 49 47.47 -12.29 -50.50
N GLY F 50 47.30 -13.21 -49.56
CA GLY F 50 47.91 -14.55 -49.61
C GLY F 50 47.65 -15.35 -50.88
N ASP F 51 46.48 -15.16 -51.48
CA ASP F 51 46.14 -15.80 -52.75
C ASP F 51 46.77 -15.08 -53.94
N GLY F 52 47.55 -14.03 -53.68
CA GLY F 52 48.29 -13.32 -54.72
C GLY F 52 47.60 -12.15 -55.40
N THR F 53 46.36 -11.87 -55.01
CA THR F 53 45.65 -10.68 -55.50
C THR F 53 46.09 -9.46 -54.72
N ILE F 54 45.87 -8.28 -55.28
CA ILE F 54 46.08 -7.05 -54.50
C ILE F 54 44.75 -6.31 -54.35
N ARG F 55 44.38 -6.03 -53.11
CA ARG F 55 43.07 -5.43 -52.81
C ARG F 55 43.22 -4.22 -51.89
N ASN F 56 42.11 -3.74 -51.34
CA ASN F 56 42.15 -2.58 -50.45
C ASN F 56 41.05 -2.59 -49.39
N GLU F 57 41.25 -1.81 -48.33
CA GLU F 57 40.31 -1.82 -47.21
C GLU F 57 38.96 -1.15 -47.48
N ALA F 58 38.84 -0.37 -48.54
CA ALA F 58 37.57 0.27 -48.87
C ALA F 58 36.58 -0.61 -49.63
N ARG F 59 37.08 -1.57 -50.39
CA ARG F 59 36.23 -2.36 -51.27
C ARG F 59 36.90 -3.67 -51.69
N ASN F 60 36.11 -4.75 -51.74
CA ASN F 60 36.63 -6.05 -52.15
C ASN F 60 36.94 -6.13 -53.66
N TYR F 61 37.89 -5.30 -54.10
CA TYR F 61 38.25 -5.16 -55.51
C TYR F 61 39.71 -5.42 -55.77
N CYS F 62 40.02 -5.90 -56.98
CA CYS F 62 41.35 -6.40 -57.32
C CYS F 62 42.13 -5.45 -58.21
N PHE F 63 43.44 -5.36 -57.97
CA PHE F 63 44.34 -4.68 -58.89
C PHE F 63 44.29 -5.51 -60.17
N THR F 64 43.78 -4.88 -61.23
CA THR F 64 43.51 -5.55 -62.50
C THR F 64 44.12 -4.79 -63.68
N PRO F 65 44.95 -5.48 -64.50
CA PRO F 65 45.44 -4.90 -65.75
C PRO F 65 44.31 -4.77 -66.76
N ASP F 66 44.18 -3.59 -67.36
CA ASP F 66 43.07 -3.23 -68.24
C ASP F 66 43.29 -3.71 -69.69
N GLY F 67 43.81 -4.93 -69.85
CA GLY F 67 44.17 -5.48 -71.17
C GLY F 67 45.17 -6.62 -71.09
N SER F 68 45.84 -6.90 -72.19
CA SER F 68 46.78 -8.03 -72.27
C SER F 68 48.25 -7.67 -72.60
N GLY F 69 48.47 -6.47 -73.16
CA GLY F 69 49.81 -6.00 -73.42
C GLY F 69 50.32 -5.14 -72.29
N ASN F 70 50.93 -4.01 -72.64
CA ASN F 70 51.32 -3.00 -71.66
C ASN F 70 50.11 -2.09 -71.39
N ALA F 71 49.25 -2.55 -70.48
CA ALA F 71 47.97 -1.89 -70.22
C ALA F 71 47.92 -1.14 -68.88
N ASN F 72 46.97 -0.23 -68.77
CA ASN F 72 46.69 0.52 -67.56
C ASN F 72 46.18 -0.42 -66.47
N VAL F 73 46.40 -0.07 -65.21
CA VAL F 73 45.92 -0.88 -64.09
C VAL F 73 44.77 -0.19 -63.35
N MET F 74 43.61 -0.84 -63.34
CA MET F 74 42.44 -0.33 -62.63
C MET F 74 42.13 -1.22 -61.42
N SER F 75 41.26 -0.72 -60.54
CA SER F 75 40.74 -1.49 -59.42
C SER F 75 39.30 -1.88 -59.73
N SER F 76 39.09 -3.15 -60.06
CA SER F 76 37.78 -3.62 -60.50
C SER F 76 37.44 -4.97 -59.86
N PRO F 77 36.23 -5.51 -60.10
CA PRO F 77 35.81 -6.77 -59.50
C PRO F 77 36.82 -7.89 -59.64
N CYS F 78 37.01 -8.64 -58.57
CA CYS F 78 37.84 -9.83 -58.58
C CYS F 78 37.05 -10.97 -59.21
N THR F 79 37.63 -11.57 -60.25
CA THR F 79 37.13 -12.84 -60.75
C THR F 79 37.55 -13.91 -59.76
N LEU F 80 36.58 -14.45 -59.04
CA LEU F 80 36.88 -15.36 -57.92
C LEU F 80 36.39 -16.79 -58.19
N TYR F 81 35.54 -16.91 -59.21
CA TYR F 81 34.95 -18.18 -59.60
C TYR F 81 35.08 -18.32 -61.11
N PRO F 82 35.48 -19.53 -61.59
CA PRO F 82 35.72 -20.77 -60.83
C PRO F 82 36.97 -20.70 -59.94
N GLU F 83 37.91 -19.84 -60.33
CA GLU F 83 39.11 -19.53 -59.54
C GLU F 83 39.71 -18.23 -60.04
N ILE F 84 40.54 -17.63 -59.20
CA ILE F 84 41.18 -16.37 -59.56
C ILE F 84 42.10 -16.62 -60.75
N PRO F 85 41.90 -15.89 -61.86
CA PRO F 85 42.77 -16.02 -63.03
C PRO F 85 44.18 -15.51 -62.78
N SER F 86 45.13 -15.85 -63.65
CA SER F 86 46.51 -15.40 -63.50
C SER F 86 46.66 -13.90 -63.76
N SER F 87 45.80 -13.34 -64.60
CA SER F 87 45.81 -11.90 -64.90
C SER F 87 45.66 -11.03 -63.65
N GLN F 88 44.97 -11.54 -62.63
CA GLN F 88 44.76 -10.78 -61.38
C GLN F 88 45.69 -11.17 -60.24
N ARG F 89 46.61 -12.11 -60.51
CA ARG F 89 47.59 -12.53 -59.52
C ARG F 89 48.93 -11.81 -59.73
N TRP F 90 49.67 -11.60 -58.65
CA TRP F 90 50.94 -10.87 -58.68
C TRP F 90 51.96 -11.56 -57.77
N ARG F 91 53.25 -11.27 -57.98
CA ARG F 91 54.32 -11.81 -57.13
C ARG F 91 55.48 -10.83 -56.93
N GLN F 92 56.26 -11.07 -55.89
CA GLN F 92 57.49 -10.30 -55.61
C GLN F 92 58.55 -10.68 -56.61
N GLY F 93 59.23 -9.67 -57.14
CA GLY F 93 60.42 -9.85 -57.96
C GLY F 93 61.62 -9.57 -57.08
N ARG F 94 62.58 -8.86 -57.64
CA ARG F 94 63.79 -8.50 -56.91
C ARG F 94 63.43 -7.47 -55.86
N ARG F 95 64.23 -7.43 -54.79
CA ARG F 95 63.91 -6.62 -53.62
C ARG F 95 65.05 -5.73 -53.15
N LYS F 96 64.81 -4.42 -53.16
CA LYS F 96 65.65 -3.47 -52.46
C LYS F 96 65.16 -3.34 -51.02
N THR F 97 66.11 -3.31 -50.08
CA THR F 97 65.77 -3.23 -48.67
C THR F 97 66.48 -2.07 -47.98
N PHE F 98 65.72 -1.23 -47.29
CA PHE F 98 66.22 0.03 -46.73
C PHE F 98 65.62 0.40 -45.36
N THR F 99 66.16 1.45 -44.74
CA THR F 99 65.66 1.92 -43.45
C THR F 99 65.18 3.35 -43.59
N ASP F 100 63.90 3.60 -43.31
CA ASP F 100 63.34 4.94 -43.47
C ASP F 100 63.60 5.83 -42.26
N ASN F 101 63.16 7.09 -42.33
CA ASN F 101 63.44 8.09 -41.29
C ASN F 101 62.79 7.72 -39.96
N GLY F 102 61.80 6.84 -40.02
CA GLY F 102 61.18 6.29 -38.82
C GLY F 102 62.06 5.30 -38.10
N GLY F 103 63.14 4.86 -38.74
CA GLY F 103 64.02 3.85 -38.18
C GLY F 103 63.45 2.46 -38.33
N ILE F 104 62.53 2.29 -39.28
CA ILE F 104 61.89 1.02 -39.55
C ILE F 104 62.38 0.46 -40.87
N GLU F 105 62.69 -0.84 -40.87
CA GLU F 105 63.20 -1.49 -42.07
C GLU F 105 62.07 -1.84 -43.04
N GLN F 106 62.16 -1.29 -44.25
CA GLN F 106 61.16 -1.52 -45.27
C GLN F 106 61.79 -2.36 -46.37
N VAL F 107 60.94 -3.07 -47.10
CA VAL F 107 61.41 -3.90 -48.19
C VAL F 107 60.62 -3.57 -49.46
N ALA F 108 61.24 -2.81 -50.35
CA ALA F 108 60.63 -2.49 -51.64
C ALA F 108 60.94 -3.58 -52.65
N THR F 109 59.94 -3.99 -53.43
CA THR F 109 60.11 -5.04 -54.44
C THR F 109 59.38 -4.70 -55.74
N GLU F 110 59.73 -5.42 -56.81
CA GLU F 110 58.97 -5.40 -58.05
C GLU F 110 57.68 -6.14 -57.80
N ILE F 111 56.61 -5.68 -58.42
CA ILE F 111 55.35 -6.41 -58.33
C ILE F 111 55.00 -6.92 -59.71
N ILE F 112 55.23 -8.21 -59.92
CA ILE F 112 55.14 -8.83 -61.23
C ILE F 112 53.80 -9.53 -61.43
N ASN F 113 53.08 -9.15 -62.49
CA ASN F 113 51.89 -9.85 -62.93
C ASN F 113 52.19 -11.30 -63.34
N LEU F 114 51.25 -12.21 -63.07
CA LEU F 114 51.49 -13.63 -63.31
C LEU F 114 51.05 -14.10 -64.70
N ALA F 115 50.19 -13.33 -65.36
CA ALA F 115 49.77 -13.69 -66.71
C ALA F 115 50.77 -13.15 -67.71
N SER F 116 50.97 -11.84 -67.71
CA SER F 116 51.87 -11.20 -68.68
C SER F 116 53.34 -11.29 -68.28
N GLY F 117 53.61 -11.58 -67.01
CA GLY F 117 54.99 -11.58 -66.49
C GLY F 117 55.62 -10.19 -66.43
N LYS F 118 54.77 -9.16 -66.53
CA LYS F 118 55.19 -7.75 -66.53
C LYS F 118 55.22 -7.11 -65.14
N CYS F 119 55.69 -5.88 -65.07
CA CYS F 119 55.91 -5.19 -63.80
C CYS F 119 54.92 -4.08 -63.56
N LEU F 120 54.49 -3.95 -62.30
CA LEU F 120 53.71 -2.82 -61.86
C LEU F 120 54.60 -1.61 -62.02
N ASP F 121 54.05 -0.56 -62.63
CA ASP F 121 54.84 0.54 -63.16
C ASP F 121 54.11 1.87 -63.16
N ILE F 122 54.87 2.93 -62.89
CA ILE F 122 54.43 4.31 -63.10
C ILE F 122 55.09 4.89 -64.36
N GLU F 123 54.38 5.78 -65.03
CA GLU F 123 54.84 6.38 -66.29
C GLU F 123 56.20 7.06 -66.20
N GLY F 124 57.13 6.58 -67.05
CA GLY F 124 58.49 7.10 -67.08
C GLY F 124 59.32 6.63 -65.91
N SER F 125 60.12 7.53 -65.37
CA SER F 125 60.97 7.25 -64.21
C SER F 125 60.65 8.25 -63.13
N ASP F 126 59.62 9.04 -63.39
CA ASP F 126 58.89 9.77 -62.39
C ASP F 126 58.10 10.97 -62.87
N GLY F 127 57.08 10.62 -63.64
CA GLY F 127 55.79 11.26 -63.79
C GLY F 127 55.29 12.40 -62.94
N THR F 128 54.23 12.23 -62.20
CA THR F 128 54.12 11.15 -61.27
C THR F 128 53.04 10.10 -61.56
N GLY F 129 51.77 10.47 -61.44
CA GLY F 129 50.57 9.88 -62.03
C GLY F 129 50.23 8.42 -62.32
N ASP F 130 49.99 8.13 -63.60
CA ASP F 130 49.27 6.94 -64.00
C ASP F 130 50.06 5.64 -63.84
N ILE F 131 49.39 4.64 -63.28
CA ILE F 131 50.00 3.34 -62.99
C ILE F 131 49.46 2.23 -63.91
N GLY F 132 50.34 1.33 -64.37
CA GLY F 132 49.94 0.19 -65.23
C GLY F 132 51.00 -0.91 -65.20
N VAL F 133 50.96 -1.83 -66.17
CA VAL F 133 52.02 -2.83 -66.28
C VAL F 133 53.05 -2.44 -67.35
N TYR F 134 54.24 -3.04 -67.27
CA TYR F 134 55.31 -2.81 -68.26
C TYR F 134 56.38 -3.89 -68.18
N ASP F 135 57.42 -3.79 -69.02
CA ASP F 135 58.59 -4.66 -68.91
C ASP F 135 59.44 -4.27 -67.69
N CYS F 136 59.99 -5.29 -67.03
CA CYS F 136 60.78 -5.10 -65.81
C CYS F 136 62.21 -4.64 -66.13
N GLN F 137 62.51 -3.41 -65.75
CA GLN F 137 63.79 -2.79 -66.10
C GLN F 137 64.49 -2.11 -64.92
N ASN F 138 64.28 -2.65 -63.72
CA ASN F 138 65.06 -2.31 -62.52
C ASN F 138 65.22 -0.84 -62.12
N LEU F 139 64.40 0.03 -62.68
CA LEU F 139 64.33 1.42 -62.20
C LEU F 139 63.62 1.46 -60.86
N ASP F 140 64.05 2.38 -59.99
CA ASP F 140 63.55 2.45 -58.62
C ASP F 140 62.08 2.87 -58.48
N ASP F 141 61.41 3.05 -59.62
CA ASP F 141 59.98 3.40 -59.64
C ASP F 141 59.07 2.19 -59.91
N GLN F 142 59.68 1.07 -60.31
CA GLN F 142 58.99 -0.20 -60.44
C GLN F 142 59.13 -1.01 -59.15
N TYR F 143 59.57 -0.33 -58.10
CA TYR F 143 59.72 -0.92 -56.78
C TYR F 143 58.76 -0.28 -55.78
N PHE F 144 58.04 -1.14 -55.05
CA PHE F 144 57.01 -0.71 -54.11
C PHE F 144 57.20 -1.39 -52.78
N TYR F 145 56.83 -0.71 -51.70
CA TYR F 145 56.81 -1.35 -50.38
C TYR F 145 55.52 -1.07 -49.62
N VAL F 146 55.06 -2.04 -48.84
CA VAL F 146 53.96 -1.81 -47.92
C VAL F 146 54.60 -1.20 -46.69
N ARG F 147 54.26 0.04 -46.37
CA ARG F 147 54.91 0.74 -45.28
C ARG F 147 54.55 0.16 -43.91
N SER F 148 55.57 -0.30 -43.17
CA SER F 148 55.37 -0.79 -41.82
C SER F 148 55.63 0.34 -40.86
N ARG F 149 54.97 0.29 -39.71
CA ARG F 149 55.21 1.26 -38.63
C ARG F 149 55.82 0.58 -37.42
N GLY F 150 56.07 -0.72 -37.53
CA GLY F 150 56.40 -1.57 -36.38
C GLY F 150 55.10 -1.84 -35.66
N PRO F 151 55.14 -2.51 -34.48
CA PRO F 151 53.92 -2.65 -33.63
C PRO F 151 53.52 -1.19 -33.29
N GLU F 152 52.24 -0.78 -33.19
CA GLU F 152 51.25 -0.97 -32.14
C GLU F 152 51.73 -1.09 -30.71
N LEU F 153 51.96 0.07 -30.08
CA LEU F 153 52.41 0.15 -28.70
C LEU F 153 51.27 0.55 -27.80
N PHE F 154 50.35 1.37 -28.31
CA PHE F 154 49.18 1.83 -27.53
C PHE F 154 48.00 2.18 -28.42
N TYR F 155 46.81 2.07 -27.86
CA TYR F 155 45.61 2.51 -28.53
C TYR F 155 44.68 3.05 -27.48
N GLY F 156 44.50 4.36 -27.46
CA GLY F 156 43.61 5.01 -26.49
C GLY F 156 43.51 6.54 -26.62
N ARG F 157 42.95 7.16 -25.61
CA ARG F 157 42.91 8.59 -25.55
C ARG F 157 44.04 9.03 -24.67
N LEU F 158 44.30 10.36 -24.66
CA LEU F 158 45.39 10.91 -23.90
C LEU F 158 44.88 11.96 -22.94
N ARG F 159 44.78 11.58 -21.66
CA ARG F 159 44.27 12.45 -20.61
C ARG F 159 45.40 13.25 -19.96
N ASN F 160 45.19 14.54 -19.80
CA ASN F 160 46.24 15.43 -19.34
C ASN F 160 46.39 15.38 -17.83
N GLU F 161 47.63 15.30 -17.34
CA GLU F 161 47.85 15.23 -15.89
C GLU F 161 47.36 16.45 -15.13
N LYS F 162 47.50 17.64 -15.74
CA LYS F 162 47.19 18.87 -15.03
C LYS F 162 45.72 19.14 -14.95
N SER F 163 44.99 18.88 -16.02
CA SER F 163 43.60 19.31 -16.13
C SER F 163 42.62 18.16 -16.29
N ASP F 164 43.11 16.96 -16.53
CA ASP F 164 42.21 15.84 -16.78
C ASP F 164 41.35 16.05 -18.03
N LEU F 165 41.77 16.95 -18.91
CA LEU F 165 41.13 17.08 -20.22
C LEU F 165 41.74 16.07 -21.19
N CYS F 166 41.10 15.82 -22.31
CA CYS F 166 41.64 14.87 -23.27
C CYS F 166 42.26 15.59 -24.47
N LEU F 167 43.34 15.00 -24.98
CA LEU F 167 43.97 15.47 -26.21
C LEU F 167 42.91 15.37 -27.32
N ASP F 168 42.54 16.51 -27.88
CA ASP F 168 41.39 16.57 -28.76
C ASP F 168 41.67 17.22 -30.12
N VAL F 169 40.92 16.78 -31.14
CA VAL F 169 40.92 17.42 -32.46
C VAL F 169 39.61 18.22 -32.65
N GLU F 170 39.72 19.38 -33.27
CA GLU F 170 38.57 20.25 -33.51
C GLU F 170 37.54 19.57 -34.42
N GLY F 171 36.27 19.76 -34.09
CA GLY F 171 35.19 19.05 -34.77
C GLY F 171 35.19 17.59 -34.40
N SER F 172 34.84 16.73 -35.36
CA SER F 172 34.88 15.28 -35.15
C SER F 172 35.27 14.55 -36.41
N ASP F 173 35.80 15.31 -37.37
CA ASP F 173 36.35 14.77 -38.60
C ASP F 173 37.67 14.05 -38.33
N GLY F 174 38.37 14.46 -37.27
CA GLY F 174 39.71 13.97 -37.00
C GLY F 174 40.77 14.79 -37.71
N LYS F 175 40.32 15.84 -38.39
CA LYS F 175 41.22 16.72 -39.13
C LYS F 175 41.31 18.12 -38.52
N GLY F 176 42.47 18.74 -38.68
CA GLY F 176 42.65 20.13 -38.26
C GLY F 176 43.44 20.33 -36.98
N ASN F 177 43.08 21.35 -36.24
CA ASN F 177 43.85 21.74 -35.08
C ASN F 177 43.77 20.73 -33.95
N VAL F 178 44.83 20.62 -33.16
CA VAL F 178 44.80 19.81 -31.95
C VAL F 178 44.81 20.73 -30.74
N LEU F 179 43.87 20.51 -29.83
CA LEU F 179 43.76 21.31 -28.62
C LEU F 179 43.29 20.44 -27.43
N MET F 180 43.33 21.01 -26.23
CA MET F 180 42.78 20.35 -25.06
C MET F 180 41.29 20.61 -25.00
N TYR F 181 40.51 19.60 -24.62
CA TYR F 181 39.07 19.72 -24.54
C TYR F 181 38.50 18.60 -23.67
N SER F 182 37.21 18.70 -23.35
CA SER F 182 36.52 17.69 -22.55
C SER F 182 36.58 16.29 -23.17
N CYS F 183 36.82 15.29 -22.33
CA CYS F 183 36.80 13.93 -22.80
C CYS F 183 35.42 13.56 -23.32
N GLU F 184 35.36 13.26 -24.60
CA GLU F 184 34.13 12.82 -25.24
C GLU F 184 34.40 11.45 -25.82
N ASP F 185 33.40 10.57 -25.74
CA ASP F 185 33.58 9.21 -26.19
C ASP F 185 33.46 9.08 -27.72
N ASN F 186 34.16 9.95 -28.45
CA ASN F 186 34.20 9.86 -29.90
C ASN F 186 35.53 9.31 -30.38
N LEU F 187 35.51 8.83 -31.62
CA LEU F 187 36.66 8.19 -32.22
C LEU F 187 37.73 9.22 -32.57
N ASP F 188 37.38 10.50 -32.57
CA ASP F 188 38.35 11.53 -32.95
C ASP F 188 39.34 11.85 -31.86
N GLN F 189 39.14 11.28 -30.67
CA GLN F 189 40.05 11.52 -29.55
C GLN F 189 40.94 10.33 -29.21
N TRP F 190 40.77 9.25 -29.98
CA TRP F 190 41.54 8.02 -29.89
C TRP F 190 42.73 8.06 -30.86
N PHE F 191 43.88 7.65 -30.37
CA PHE F 191 45.08 7.57 -31.17
C PHE F 191 45.75 6.21 -31.07
N ARG F 192 46.48 5.87 -32.13
CA ARG F 192 47.35 4.69 -32.15
C ARG F 192 48.80 5.12 -32.16
N TYR F 193 49.60 4.58 -31.26
CA TYR F 193 51.00 4.93 -31.17
C TYR F 193 51.84 3.76 -31.65
N TYR F 194 52.70 4.00 -32.64
CA TYR F 194 53.50 2.93 -33.22
C TYR F 194 55.00 3.00 -32.88
N GLU F 195 55.66 1.86 -33.04
CA GLU F 195 57.10 1.72 -32.82
C GLU F 195 57.89 2.82 -33.55
N ASN F 196 57.43 3.21 -34.72
CA ASN F 196 58.14 4.20 -35.53
C ASN F 196 57.98 5.63 -35.00
N GLY F 197 57.18 5.77 -33.93
CA GLY F 197 57.00 7.04 -33.25
C GLY F 197 55.78 7.85 -33.66
N GLU F 198 55.02 7.34 -34.63
CA GLU F 198 53.86 8.08 -35.13
C GLU F 198 52.66 7.90 -34.23
N ILE F 199 51.93 9.00 -34.03
CA ILE F 199 50.67 8.99 -33.30
C ILE F 199 49.57 9.23 -34.33
N VAL F 200 48.80 8.20 -34.62
CA VAL F 200 47.83 8.24 -35.71
C VAL F 200 46.43 8.34 -35.16
N ASN F 201 45.69 9.35 -35.63
CA ASN F 201 44.32 9.60 -35.19
C ASN F 201 43.35 8.53 -35.68
N ALA F 202 42.55 7.96 -34.78
CA ALA F 202 41.73 6.79 -35.09
C ALA F 202 40.56 7.12 -35.99
N LYS F 203 40.13 8.39 -36.00
CA LYS F 203 39.02 8.80 -36.85
C LYS F 203 39.47 9.08 -38.28
N SER F 204 40.49 9.92 -38.41
CA SER F 204 40.97 10.40 -39.70
C SER F 204 42.06 9.54 -40.35
N GLY F 205 42.74 8.72 -39.56
CA GLY F 205 43.86 7.92 -40.05
C GLY F 205 45.11 8.72 -40.41
N MET F 206 45.19 9.94 -39.93
CA MET F 206 46.34 10.81 -40.20
C MET F 206 47.16 11.10 -38.93
N CYS F 207 48.30 11.77 -39.11
CA CYS F 207 49.33 11.85 -38.06
C CYS F 207 49.22 13.07 -37.18
N LEU F 208 49.62 12.92 -35.91
CA LEU F 208 49.84 14.05 -35.04
C LEU F 208 51.09 14.76 -35.53
N ASP F 209 50.89 15.98 -36.03
CA ASP F 209 51.90 16.72 -36.75
C ASP F 209 52.13 18.13 -36.19
N VAL F 210 53.39 18.57 -36.27
CA VAL F 210 53.78 19.94 -35.96
C VAL F 210 53.88 20.79 -37.25
N GLU F 211 53.45 22.05 -37.14
CA GLU F 211 53.55 23.04 -38.23
C GLU F 211 54.98 23.11 -38.78
N GLY F 212 55.09 23.21 -40.11
CA GLY F 212 56.39 23.30 -40.78
C GLY F 212 57.15 22.00 -40.70
N SER F 213 58.47 22.08 -40.47
CA SER F 213 59.35 20.91 -40.41
C SER F 213 60.33 20.91 -39.23
N ASP F 214 60.44 22.07 -38.57
CA ASP F 214 61.39 22.25 -37.47
C ASP F 214 61.06 21.42 -36.22
N GLY F 215 59.78 21.11 -36.06
CA GLY F 215 59.29 20.48 -34.84
C GLY F 215 58.95 21.51 -33.78
N SER F 216 58.80 22.76 -34.21
CA SER F 216 58.38 23.84 -33.32
C SER F 216 57.20 24.59 -33.92
N GLY F 217 56.15 24.74 -33.11
CA GLY F 217 54.93 25.45 -33.53
C GLY F 217 53.67 24.75 -33.09
N ASN F 218 52.58 25.02 -33.82
CA ASN F 218 51.26 24.49 -33.50
C ASN F 218 51.14 23.02 -33.91
N VAL F 219 50.30 22.28 -33.19
CA VAL F 219 50.15 20.87 -33.47
C VAL F 219 48.76 20.63 -34.03
N GLY F 220 48.67 19.76 -35.03
CA GLY F 220 47.40 19.43 -35.63
C GLY F 220 47.48 18.07 -36.26
N ILE F 221 46.44 17.69 -36.98
CA ILE F 221 46.47 16.44 -37.71
C ILE F 221 46.79 16.72 -39.17
N TYR F 222 47.69 15.94 -39.75
CA TYR F 222 48.15 16.16 -41.12
C TYR F 222 48.64 14.84 -41.71
N ARG F 223 48.72 14.76 -43.04
CA ARG F 223 49.18 13.55 -43.74
C ARG F 223 50.47 12.99 -43.16
N CYS F 224 50.60 11.67 -43.10
CA CYS F 224 51.82 11.04 -42.59
C CYS F 224 52.88 10.94 -43.67
N ASP F 225 53.78 11.91 -43.70
CA ASP F 225 54.81 11.95 -44.74
C ASP F 225 56.19 11.50 -44.23
N ASP F 226 56.20 10.44 -43.41
CA ASP F 226 57.43 9.81 -42.89
C ASP F 226 58.56 10.79 -42.49
N LEU F 227 58.18 11.99 -42.08
CA LEU F 227 59.14 12.95 -41.56
C LEU F 227 59.34 12.80 -40.06
N ARG F 228 60.50 13.23 -39.58
CA ARG F 228 60.87 13.07 -38.18
C ARG F 228 60.10 14.01 -37.24
N ASP F 229 59.53 15.08 -37.79
CA ASP F 229 58.74 16.04 -37.00
C ASP F 229 57.32 15.53 -36.70
N GLN F 230 56.97 14.38 -37.27
CA GLN F 230 55.71 13.70 -36.99
C GLN F 230 55.98 12.43 -36.18
N MET F 231 57.16 12.39 -35.58
CA MET F 231 57.56 11.26 -34.74
C MET F 231 57.85 11.68 -33.30
N TRP F 232 57.40 10.86 -32.36
CA TRP F 232 57.45 11.22 -30.97
C TRP F 232 57.92 10.03 -30.16
N SER F 233 58.74 10.31 -29.17
CA SER F 233 59.21 9.31 -28.24
C SER F 233 58.58 9.59 -26.90
N ARG F 234 58.61 8.60 -26.03
CA ARG F 234 57.95 8.69 -24.75
C ARG F 234 59.02 8.41 -23.69
N PRO F 235 60.01 9.30 -23.53
CA PRO F 235 61.10 9.05 -22.58
C PRO F 235 60.63 8.86 -21.13
N ASN F 236 61.03 7.74 -20.55
CA ASN F 236 60.70 7.39 -19.17
C ASN F 236 61.08 8.51 -18.19
N ALA F 237 62.10 9.29 -18.56
CA ALA F 237 62.64 10.37 -17.72
C ALA F 237 61.63 11.47 -17.41
N TYR F 238 60.71 11.72 -18.33
CA TYR F 238 59.69 12.77 -18.17
C TYR F 238 58.31 12.25 -17.76
N CYS F 239 58.22 11.00 -17.33
CA CYS F 239 56.96 10.41 -16.83
C CYS F 239 56.77 10.67 -15.35
N ASN F 240 55.53 10.60 -14.93
CA ASN F 240 55.20 10.57 -13.53
C ASN F 240 54.11 9.52 -13.43
N GLY F 241 54.49 8.30 -13.08
CA GLY F 241 53.56 7.20 -13.13
C GLY F 241 53.24 6.91 -14.58
N ASP F 242 51.94 6.81 -14.88
CA ASP F 242 51.45 6.53 -16.24
C ASP F 242 51.26 7.76 -17.13
N TYR F 243 51.51 8.95 -16.57
CA TYR F 243 51.42 10.21 -17.31
C TYR F 243 52.78 10.51 -17.85
N CYS F 244 52.88 10.66 -19.17
CA CYS F 244 54.18 10.82 -19.82
C CYS F 244 54.21 11.92 -20.86
N SER F 245 55.41 12.44 -21.11
CA SER F 245 55.59 13.52 -22.10
C SER F 245 55.90 12.89 -23.44
N PHE F 246 55.54 13.59 -24.51
CA PHE F 246 55.84 13.16 -25.85
C PHE F 246 56.88 14.08 -26.46
N LEU F 247 58.04 13.49 -26.76
CA LEU F 247 59.18 14.23 -27.22
C LEU F 247 59.27 14.14 -28.73
N ASN F 248 59.26 15.31 -29.39
CA ASN F 248 59.34 15.38 -30.85
C ASN F 248 60.73 15.00 -31.31
N LYS F 249 60.81 14.09 -32.30
CA LYS F 249 62.13 13.59 -32.74
C LYS F 249 62.95 14.62 -33.48
N GLU F 250 62.27 15.60 -34.09
CA GLU F 250 62.95 16.58 -34.94
C GLU F 250 63.49 17.73 -34.13
N SER F 251 62.90 18.02 -32.97
CA SER F 251 63.27 19.23 -32.24
C SER F 251 63.58 19.02 -30.78
N ASN F 252 63.56 17.78 -30.33
CA ASN F 252 63.66 17.46 -28.91
C ASN F 252 62.80 18.34 -28.00
N LYS F 253 61.70 18.84 -28.57
CA LYS F 253 60.71 19.61 -27.81
C LYS F 253 59.48 18.77 -27.50
N CYS F 254 58.85 19.10 -26.36
CA CYS F 254 57.71 18.36 -25.81
C CYS F 254 56.37 18.79 -26.38
N LEU F 255 55.46 17.82 -26.48
CA LEU F 255 54.07 18.08 -26.74
C LEU F 255 53.58 18.85 -25.53
N ASP F 256 53.01 20.04 -25.78
CA ASP F 256 52.76 21.04 -24.72
C ASP F 256 51.42 21.73 -24.88
N VAL F 257 50.87 22.18 -23.76
CA VAL F 257 49.65 22.96 -23.72
C VAL F 257 50.05 24.36 -23.28
N SER F 258 49.44 25.37 -23.92
CA SER F 258 49.81 26.76 -23.66
C SER F 258 49.43 27.08 -22.24
N GLY F 259 50.24 27.93 -21.61
CA GLY F 259 50.07 28.23 -20.19
C GLY F 259 50.48 27.09 -19.27
N ASP F 260 50.12 27.22 -18.00
CA ASP F 260 50.49 26.26 -16.99
C ASP F 260 49.33 25.32 -16.60
N GLN F 261 48.11 25.65 -17.01
CA GLN F 261 46.91 24.99 -16.47
C GLN F 261 46.41 23.80 -17.31
N GLY F 262 47.11 23.53 -18.41
CA GLY F 262 46.73 22.42 -19.28
C GLY F 262 45.32 22.50 -19.86
N THR F 263 44.89 23.70 -20.22
CA THR F 263 43.54 23.92 -20.81
C THR F 263 43.49 24.45 -22.25
N GLY F 264 44.53 25.20 -22.68
CA GLY F 264 44.53 25.86 -24.00
C GLY F 264 44.79 25.06 -25.29
N ASP F 265 45.51 25.68 -26.21
CA ASP F 265 45.85 25.09 -27.51
C ASP F 265 47.09 24.23 -27.34
N VAL F 266 47.32 23.31 -28.27
CA VAL F 266 48.41 22.34 -28.17
C VAL F 266 49.47 22.60 -29.24
N GLY F 267 50.70 22.78 -28.79
CA GLY F 267 51.84 22.91 -29.69
C GLY F 267 53.02 22.19 -29.11
N THR F 268 54.22 22.55 -29.55
CA THR F 268 55.46 22.05 -28.95
C THR F 268 56.17 23.16 -28.21
N TRP F 269 57.01 22.80 -27.25
CA TRP F 269 57.67 23.75 -26.39
C TRP F 269 58.80 23.04 -25.68
N GLN F 270 59.68 23.79 -25.02
CA GLN F 270 60.77 23.20 -24.26
C GLN F 270 60.21 22.26 -23.20
N CYS F 271 60.77 21.06 -23.09
CA CYS F 271 60.39 20.14 -22.02
C CYS F 271 60.71 20.73 -20.65
N ASP F 272 59.67 21.10 -19.91
CA ASP F 272 59.83 21.81 -18.65
C ASP F 272 59.56 20.92 -17.42
N GLY F 273 59.08 19.70 -17.66
CA GLY F 273 58.81 18.71 -16.61
C GLY F 273 57.61 19.06 -15.75
N LEU F 274 56.63 19.74 -16.35
CA LEU F 274 55.44 20.18 -15.64
C LEU F 274 54.23 19.32 -15.99
N PRO F 275 53.26 19.22 -15.07
CA PRO F 275 52.11 18.32 -15.28
C PRO F 275 51.36 18.55 -16.60
N ASP F 276 51.34 19.78 -17.10
CA ASP F 276 50.51 20.06 -18.26
C ASP F 276 51.11 19.50 -19.54
N GLN F 277 52.27 18.85 -19.41
CA GLN F 277 52.97 18.29 -20.57
C GLN F 277 52.97 16.78 -20.50
N ARG F 278 52.17 16.27 -19.57
CA ARG F 278 52.12 14.83 -19.34
C ARG F 278 50.74 14.24 -19.61
N PHE F 279 50.73 13.15 -20.37
CA PHE F 279 49.47 12.52 -20.78
C PHE F 279 49.44 11.05 -20.41
N LYS F 280 48.27 10.61 -19.95
CA LYS F 280 48.02 9.19 -19.67
C LYS F 280 47.23 8.56 -20.79
N TRP F 281 47.68 7.38 -21.22
CA TRP F 281 46.88 6.52 -22.09
C TRP F 281 45.70 6.02 -21.28
N VAL F 282 44.49 6.29 -21.75
CA VAL F 282 43.29 5.84 -21.05
C VAL F 282 42.38 5.05 -21.98
N PHE F 283 41.71 4.04 -21.43
CA PHE F 283 40.98 3.08 -22.27
C PHE F 283 39.49 3.05 -21.98
N ASP F 284 39.04 3.86 -21.03
CA ASP F 284 37.64 3.92 -20.65
C ASP F 284 36.79 4.63 -21.69
N ASP F 285 35.48 4.57 -21.48
CA ASP F 285 34.53 5.32 -22.30
C ASP F 285 33.96 6.56 -21.61
N TRP F 286 34.66 7.05 -20.60
CA TRP F 286 34.13 8.12 -19.76
C TRP F 286 33.86 9.41 -20.52
N GLU F 287 32.86 10.16 -20.09
CA GLU F 287 32.60 11.51 -20.58
C GLU F 287 32.50 12.45 -19.38
N VAL F 288 32.52 13.76 -19.63
CA VAL F 288 32.44 14.73 -18.51
C VAL F 288 30.97 15.00 -18.11
N PRO F 289 30.72 15.44 -16.86
CA PRO F 289 29.38 15.81 -16.43
C PRO F 289 28.87 17.08 -17.11
N THR F 290 27.85 16.91 -17.97
CA THR F 290 27.24 17.99 -18.76
C THR F 290 25.96 18.54 -18.11
N ALA F 291 25.03 17.63 -17.83
CA ALA F 291 23.66 17.95 -17.44
C ALA F 291 23.57 18.73 -16.13
N THR F 292 22.53 19.55 -16.00
CA THR F 292 22.26 20.17 -14.71
C THR F 292 20.90 19.74 -14.20
N TRP F 293 20.82 19.48 -12.90
CA TRP F 293 19.61 18.93 -12.29
C TRP F 293 19.06 19.83 -11.21
N ASN F 294 17.74 19.89 -11.11
CA ASN F 294 17.11 20.60 -10.03
C ASN F 294 16.75 19.65 -8.92
N MET F 295 16.96 20.08 -7.68
CA MET F 295 16.57 19.28 -6.54
C MET F 295 15.12 19.46 -6.28
N VAL F 296 14.42 18.36 -6.03
CA VAL F 296 13.00 18.43 -5.89
C VAL F 296 12.55 18.12 -4.46
N GLY F 297 13.35 17.33 -3.73
CA GLY F 297 13.13 17.05 -2.30
C GLY F 297 14.23 16.20 -1.70
N CYS F 298 14.57 16.45 -0.43
CA CYS F 298 15.54 15.59 0.26
C CYS F 298 14.95 15.07 1.54
N ASP F 299 15.20 13.78 1.80
CA ASP F 299 14.86 13.17 3.05
C ASP F 299 16.10 12.53 3.62
N GLN F 300 16.50 13.02 4.78
CA GLN F 300 17.68 12.53 5.45
C GLN F 300 17.42 11.17 6.08
N ASN F 301 16.13 10.86 6.29
CA ASN F 301 15.77 9.70 7.06
C ASN F 301 14.72 8.76 6.48
N GLY F 302 14.57 8.75 5.16
CA GLY F 302 13.62 7.87 4.54
C GLY F 302 13.35 8.15 3.09
N LYS F 303 12.24 7.60 2.61
CA LYS F 303 11.90 7.65 1.21
C LYS F 303 11.57 9.08 0.72
N VAL F 304 11.72 9.31 -0.58
CA VAL F 304 11.04 10.44 -1.22
C VAL F 304 10.43 9.96 -2.53
N SER F 305 9.21 10.36 -2.79
CA SER F 305 8.63 10.09 -4.09
C SER F 305 7.82 11.33 -4.55
N GLN F 306 7.51 11.38 -5.84
CA GLN F 306 6.71 12.48 -6.32
C GLN F 306 5.65 12.02 -7.30
N GLN F 307 4.59 12.82 -7.39
CA GLN F 307 3.58 12.60 -8.38
C GLN F 307 3.34 13.92 -9.10
N ILE F 308 3.38 13.88 -10.44
CA ILE F 308 3.19 15.03 -11.31
C ILE F 308 1.90 14.87 -12.15
N SER F 309 1.02 15.85 -12.05
CA SER F 309 -0.31 15.77 -12.65
C SER F 309 -0.64 16.92 -13.58
N ASN F 310 -1.30 16.63 -14.70
CA ASN F 310 -1.85 17.66 -15.57
C ASN F 310 -3.31 17.40 -15.88
N THR F 311 -4.15 18.40 -15.68
CA THR F 311 -5.53 18.31 -16.11
C THR F 311 -5.86 19.34 -17.20
N ILE F 312 -6.68 18.92 -18.17
CA ILE F 312 -7.27 19.81 -19.15
C ILE F 312 -8.77 19.57 -19.13
N SER F 313 -9.57 20.63 -19.02
CA SER F 313 -11.03 20.50 -19.06
C SER F 313 -11.74 21.52 -19.93
N PHE F 314 -12.86 21.13 -20.51
CA PHE F 314 -13.70 21.99 -21.32
C PHE F 314 -15.08 21.92 -20.72
N SER F 315 -15.73 23.07 -20.59
CA SER F 315 -17.08 23.14 -20.07
C SER F 315 -17.92 24.16 -20.86
N SER F 316 -19.23 23.97 -20.88
CA SER F 316 -20.13 24.96 -21.46
C SER F 316 -21.48 25.00 -20.77
N THR F 317 -22.01 26.20 -20.57
CA THR F 317 -23.31 26.40 -19.93
C THR F 317 -24.27 27.11 -20.89
N VAL F 318 -25.54 26.71 -20.85
CA VAL F 318 -26.60 27.37 -21.59
C VAL F 318 -27.65 27.84 -20.60
N THR F 319 -27.91 29.14 -20.56
CA THR F 319 -28.89 29.72 -19.62
C THR F 319 -30.09 30.37 -20.33
N ALA F 320 -31.29 29.99 -19.91
CA ALA F 320 -32.51 30.56 -20.45
C ALA F 320 -33.29 31.16 -19.29
N GLY F 321 -33.64 32.44 -19.38
CA GLY F 321 -34.37 33.13 -18.32
C GLY F 321 -35.57 33.92 -18.78
N VAL F 322 -36.56 34.10 -17.90
CA VAL F 322 -37.69 34.98 -18.15
C VAL F 322 -38.02 35.81 -16.92
N ALA F 323 -38.39 37.06 -17.14
CA ALA F 323 -38.71 38.01 -16.06
C ALA F 323 -40.01 38.79 -16.31
N VAL F 324 -40.76 39.03 -15.24
CA VAL F 324 -42.00 39.81 -15.29
C VAL F 324 -41.93 40.95 -14.28
N GLU F 325 -41.97 42.18 -14.78
CA GLU F 325 -41.90 43.38 -13.94
C GLU F 325 -43.23 44.15 -13.95
N VAL F 326 -43.81 44.36 -12.78
CA VAL F 326 -45.13 44.99 -12.69
C VAL F 326 -45.07 46.22 -11.78
N SER F 327 -44.67 47.36 -12.34
CA SER F 327 -44.48 48.59 -11.56
C SER F 327 -45.65 49.57 -11.68
N SER F 328 -45.66 50.58 -10.81
CA SER F 328 -46.63 51.67 -10.88
C SER F 328 -46.09 52.87 -10.12
N THR F 329 -46.59 54.06 -10.46
CA THR F 329 -46.16 55.28 -9.79
C THR F 329 -47.26 56.34 -9.61
N ILE F 330 -47.24 57.01 -8.46
CA ILE F 330 -48.17 58.09 -8.12
C ILE F 330 -47.39 59.40 -7.94
N GLU F 331 -47.64 60.37 -8.80
CA GLU F 331 -46.90 61.62 -8.83
C GLU F 331 -47.83 62.83 -8.89
N LYS F 332 -47.81 63.66 -7.83
CA LYS F 332 -48.61 64.88 -7.80
C LYS F 332 -47.74 66.14 -7.81
N GLY F 333 -48.01 66.99 -8.79
CA GLY F 333 -47.09 68.07 -9.16
C GLY F 333 -47.72 69.23 -9.90
N VAL F 334 -48.20 70.20 -9.13
CA VAL F 334 -48.80 71.43 -9.64
C VAL F 334 -48.26 72.62 -8.80
N ILE F 335 -47.88 73.70 -9.48
CA ILE F 335 -47.20 74.86 -8.85
C ILE F 335 -46.06 74.47 -7.89
N PHE F 336 -45.08 73.80 -8.50
CA PHE F 336 -43.64 74.12 -8.47
C PHE F 336 -42.72 72.99 -8.01
N ALA F 337 -43.07 72.36 -6.90
CA ALA F 337 -42.35 71.18 -6.40
C ALA F 337 -43.18 69.91 -6.64
N LYS F 338 -42.59 68.95 -7.36
CA LYS F 338 -43.23 67.67 -7.69
C LYS F 338 -42.68 66.51 -6.84
N ALA F 339 -43.55 65.57 -6.49
CA ALA F 339 -43.18 64.42 -5.65
C ALA F 339 -43.88 63.11 -6.03
N THR F 340 -43.08 62.08 -6.28
CA THR F 340 -43.58 60.74 -6.65
C THR F 340 -43.15 59.63 -5.69
N VAL F 341 -43.96 58.57 -5.63
CA VAL F 341 -43.57 57.30 -4.99
C VAL F 341 -43.88 56.13 -5.92
N SER F 342 -42.86 55.28 -6.14
CA SER F 342 -42.96 54.11 -7.04
C SER F 342 -42.87 52.75 -6.32
N VAL F 343 -43.67 51.80 -6.77
CA VAL F 343 -43.61 50.45 -6.26
C VAL F 343 -43.53 49.48 -7.42
N LYS F 344 -42.42 48.77 -7.49
CA LYS F 344 -42.10 47.82 -8.55
C LYS F 344 -42.01 46.41 -7.98
N VAL F 345 -42.59 45.44 -8.69
CA VAL F 345 -42.46 44.04 -8.30
C VAL F 345 -41.97 43.21 -9.48
N THR F 346 -40.83 42.53 -9.27
CA THR F 346 -40.21 41.68 -10.29
C THR F 346 -40.19 40.20 -9.87
N ALA F 347 -40.31 39.31 -10.85
CA ALA F 347 -40.29 37.88 -10.58
C ALA F 347 -39.56 37.20 -11.73
N SER F 348 -38.47 36.51 -11.42
CA SER F 348 -37.67 35.83 -12.44
C SER F 348 -37.60 34.31 -12.27
N LEU F 349 -37.34 33.63 -13.39
CA LEU F 349 -37.21 32.18 -13.43
C LEU F 349 -36.26 31.82 -14.54
N SER F 350 -35.09 31.28 -14.20
CA SER F 350 -34.12 30.84 -15.19
C SER F 350 -33.77 29.35 -15.05
N LYS F 351 -33.11 28.82 -16.07
CA LYS F 351 -32.61 27.46 -16.02
C LYS F 351 -31.33 27.29 -16.85
N ALA F 352 -30.25 26.90 -16.17
CA ALA F 352 -28.97 26.68 -16.81
C ALA F 352 -28.67 25.18 -16.97
N TRP F 353 -28.04 24.83 -18.10
CA TRP F 353 -27.57 23.46 -18.33
C TRP F 353 -26.07 23.47 -18.58
N THR F 354 -25.29 22.87 -17.69
CA THR F 354 -23.84 22.77 -17.91
C THR F 354 -23.45 21.34 -18.20
N ASN F 355 -22.56 21.17 -19.15
CA ASN F 355 -21.81 19.94 -19.21
C ASN F 355 -20.34 20.12 -19.53
N SER F 356 -19.54 19.24 -18.98
CA SER F 356 -18.11 19.39 -19.01
C SER F 356 -17.42 18.05 -19.07
N GLN F 357 -16.19 18.08 -19.54
CA GLN F 357 -15.35 16.90 -19.52
C GLN F 357 -13.91 17.30 -19.29
N SER F 358 -13.23 16.52 -18.47
CA SER F 358 -11.85 16.77 -18.21
C SER F 358 -11.07 15.48 -18.31
N GLY F 359 -9.77 15.62 -18.42
CA GLY F 359 -8.89 14.49 -18.52
C GLY F 359 -7.65 14.85 -17.77
N THR F 360 -7.15 13.89 -17.01
CA THR F 360 -5.94 14.14 -16.28
C THR F 360 -4.92 12.99 -16.32
N THR F 361 -3.63 13.34 -16.34
CA THR F 361 -2.57 12.35 -16.32
C THR F 361 -1.77 12.56 -15.06
N ALA F 362 -1.24 11.50 -14.48
CA ALA F 362 -0.48 11.58 -13.25
C ALA F 362 0.62 10.54 -13.24
N ILE F 363 1.88 11.01 -13.31
CA ILE F 363 3.02 10.14 -13.30
C ILE F 363 3.60 10.19 -11.90
N THR F 364 3.97 9.05 -11.36
CA THR F 364 4.60 9.05 -10.06
C THR F 364 5.96 8.33 -10.12
N TYR F 365 6.95 8.91 -9.44
CA TYR F 365 8.31 8.40 -9.41
C TYR F 365 8.70 8.10 -7.95
N THR F 366 9.43 7.01 -7.71
CA THR F 366 9.91 6.72 -6.33
C THR F 366 11.42 6.51 -6.35
N CYS F 367 12.10 6.89 -5.26
CA CYS F 367 13.53 6.68 -5.18
C CYS F 367 13.75 5.37 -4.50
N ASP F 368 14.28 4.38 -5.22
CA ASP F 368 14.43 3.02 -4.73
C ASP F 368 15.89 2.61 -4.53
N ASN F 369 16.77 3.16 -5.34
CA ASN F 369 18.17 2.75 -5.32
C ASN F 369 19.10 3.90 -5.66
N TYR F 370 20.35 3.80 -5.25
CA TYR F 370 21.35 4.73 -5.78
C TYR F 370 21.96 4.19 -7.08
N ASP F 371 22.81 4.98 -7.75
CA ASP F 371 23.52 4.49 -8.95
C ASP F 371 24.40 3.26 -8.68
N SER F 372 24.87 3.13 -7.44
CA SER F 372 25.65 1.98 -7.00
C SER F 372 24.80 0.74 -6.80
N ASP F 373 23.49 0.88 -6.97
CA ASP F 373 22.55 -0.25 -6.88
C ASP F 373 22.16 -0.68 -5.46
N GLU F 374 22.62 0.01 -4.43
CA GLU F 374 22.16 -0.25 -3.06
C GLU F 374 20.78 0.35 -2.89
N GLU F 375 20.05 -0.11 -1.89
CA GLU F 375 18.71 0.40 -1.61
C GLU F 375 18.77 1.83 -1.10
N PHE F 376 17.82 2.64 -1.54
CA PHE F 376 17.70 4.04 -1.14
C PHE F 376 17.01 4.10 0.21
N THR F 377 17.72 4.60 1.21
CA THR F 377 17.13 4.78 2.51
C THR F 377 17.20 6.24 2.97
N ARG F 378 17.79 7.08 2.14
CA ARG F 378 17.81 8.51 2.38
C ARG F 378 18.47 9.13 1.17
N GLY F 379 18.38 10.46 1.10
CA GLY F 379 18.94 11.25 0.04
C GLY F 379 17.96 12.19 -0.63
N CYS F 380 18.23 12.50 -1.88
CA CYS F 380 17.51 13.56 -2.58
C CYS F 380 17.02 13.11 -3.91
N MET F 381 15.90 13.67 -4.33
CA MET F 381 15.41 13.37 -5.65
C MET F 381 15.67 14.55 -6.58
N TRP F 382 16.14 14.24 -7.78
CA TRP F 382 16.50 15.28 -8.74
C TRP F 382 15.70 15.17 -10.04
N GLN F 383 15.49 16.32 -10.65
CA GLN F 383 14.79 16.39 -11.91
C GLN F 383 15.68 17.06 -12.96
N LEU F 384 15.82 16.45 -14.14
CA LEU F 384 16.63 17.06 -15.20
C LEU F 384 16.16 18.47 -15.53
N ALA F 385 17.09 19.40 -15.72
CA ALA F 385 16.72 20.79 -15.94
C ALA F 385 16.18 21.14 -17.35
N ILE F 386 16.47 20.34 -18.38
CA ILE F 386 15.97 20.68 -19.72
C ILE F 386 14.44 20.59 -19.79
N GLU F 387 13.81 21.64 -20.33
CA GLU F 387 12.36 21.63 -20.59
C GLU F 387 12.15 20.69 -21.76
N THR F 388 10.96 20.09 -21.82
CA THR F 388 10.80 18.91 -22.65
C THR F 388 9.50 18.90 -23.46
N THR F 389 9.56 18.19 -24.57
CA THR F 389 8.48 18.12 -25.53
C THR F 389 7.24 17.40 -24.97
N GLU F 390 6.15 18.16 -24.82
CA GLU F 390 4.91 17.65 -24.27
C GLU F 390 4.30 16.55 -25.10
N VAL F 391 3.74 15.54 -24.44
CA VAL F 391 3.04 14.49 -25.13
C VAL F 391 1.55 14.77 -24.95
N LYS F 392 0.80 14.60 -26.03
CA LYS F 392 -0.66 14.73 -26.01
C LYS F 392 -1.35 13.43 -26.43
N SER F 393 -2.58 13.23 -25.98
CA SER F 393 -3.39 12.13 -26.48
C SER F 393 -4.84 12.57 -26.55
N GLY F 394 -5.26 12.97 -27.76
CA GLY F 394 -6.55 13.62 -27.95
C GLY F 394 -6.55 14.99 -27.31
N ASP F 395 -7.74 15.48 -26.99
CA ASP F 395 -7.92 16.87 -26.60
C ASP F 395 -7.65 17.19 -25.15
N LEU F 396 -7.80 16.21 -24.27
CA LEU F 396 -7.74 16.52 -22.83
C LEU F 396 -6.74 15.75 -21.95
N LEU F 397 -5.85 14.99 -22.59
CA LEU F 397 -4.73 14.33 -21.93
C LEU F 397 -3.40 14.94 -22.35
N VAL F 398 -2.65 15.45 -21.38
CA VAL F 398 -1.32 15.95 -21.68
C VAL F 398 -0.30 15.49 -20.62
N TRP F 399 0.89 15.14 -21.07
CA TRP F 399 2.02 14.85 -20.20
C TRP F 399 3.12 15.89 -20.45
N ASN F 400 3.87 16.27 -19.43
CA ASN F 400 5.23 16.69 -19.75
C ASN F 400 6.30 15.91 -19.03
N PRO F 401 6.99 15.04 -19.78
CA PRO F 401 7.91 14.03 -19.29
C PRO F 401 9.00 14.63 -18.45
N GLN F 402 9.34 13.98 -17.34
CA GLN F 402 10.48 14.37 -16.57
C GLN F 402 11.45 13.22 -16.55
N ILE F 403 12.73 13.53 -16.41
CA ILE F 403 13.72 12.54 -16.09
C ILE F 403 14.22 12.81 -14.69
N VAL F 404 13.98 11.85 -13.82
CA VAL F 404 14.26 11.93 -12.39
C VAL F 404 15.45 11.04 -12.01
N LYS F 405 16.19 11.46 -10.99
CA LYS F 405 17.39 10.79 -10.51
C LYS F 405 17.37 10.86 -8.98
N CYS F 406 17.94 9.86 -8.29
CA CYS F 406 18.10 9.96 -6.84
C CYS F 406 19.53 9.78 -6.38
N THR F 407 19.94 10.56 -5.39
CA THR F 407 21.33 10.49 -4.88
C THR F 407 21.42 10.26 -3.37
N ARG F 408 22.61 9.88 -2.90
CA ARG F 408 22.87 9.55 -1.50
C ARG F 408 22.74 10.74 -0.56
N SER F 409 23.03 11.93 -1.06
CA SER F 409 23.10 13.17 -0.27
C SER F 409 22.64 14.31 -1.15
N ASN F 410 22.82 15.55 -0.69
CA ASN F 410 22.27 16.71 -1.41
C ASN F 410 23.27 17.51 -2.20
N THR F 411 24.37 16.86 -2.59
CA THR F 411 25.32 17.54 -3.45
C THR F 411 24.85 17.24 -4.88
N ALA F 412 24.75 18.30 -5.70
CA ALA F 412 24.11 18.24 -7.01
C ALA F 412 24.89 17.39 -7.98
N PRO F 413 24.20 16.46 -8.66
CA PRO F 413 24.85 15.62 -9.65
C PRO F 413 25.02 16.39 -10.98
N GLY F 414 25.95 15.93 -11.82
CA GLY F 414 26.20 16.54 -13.11
C GLY F 414 26.13 15.54 -14.25
N CYS F 415 26.22 14.25 -13.92
CA CYS F 415 26.16 13.18 -14.91
C CYS F 415 24.87 13.17 -15.73
N ALA F 416 24.97 12.68 -16.97
CA ALA F 416 23.87 12.70 -17.92
C ALA F 416 22.86 11.67 -17.49
N PRO F 417 21.60 11.81 -17.93
CA PRO F 417 20.62 10.75 -17.73
C PRO F 417 21.22 9.39 -18.08
N PHE F 418 20.94 8.42 -17.24
CA PHE F 418 21.41 7.05 -17.42
C PHE F 418 22.91 6.93 -17.52
N THR F 419 23.55 7.77 -16.70
CA THR F 419 24.97 7.89 -16.60
C THR F 419 25.33 8.07 -15.14
N LYS F 420 26.40 7.41 -14.74
CA LYS F 420 26.78 7.20 -13.36
C LYS F 420 28.19 7.79 -13.15
N CYS F 421 28.53 8.18 -11.92
CA CYS F 421 29.92 8.53 -11.61
C CYS F 421 30.86 7.37 -11.88
N ALA F 422 31.97 7.68 -12.53
CA ALA F 422 32.92 6.66 -12.92
C ALA F 422 34.11 6.63 -11.98
N ASN F 423 34.30 7.72 -11.24
CA ASN F 423 35.44 7.89 -10.34
C ASN F 423 35.04 8.49 -9.01
N GLU F 424 35.88 8.28 -8.01
CA GLU F 424 35.59 8.65 -6.63
C GLU F 424 35.00 10.06 -6.44
N ASP F 425 35.57 11.07 -7.10
CA ASP F 425 35.06 12.43 -6.93
C ASP F 425 34.19 12.91 -8.09
N CYS F 426 33.72 11.95 -8.87
CA CYS F 426 32.69 12.19 -9.89
C CYS F 426 32.94 13.33 -10.91
N THR F 427 34.12 13.28 -11.52
CA THR F 427 34.48 14.21 -12.57
C THR F 427 34.35 13.54 -13.95
N PHE F 428 34.07 12.25 -13.95
CA PHE F 428 33.78 11.51 -15.14
C PHE F 428 32.55 10.61 -14.93
N CYS F 429 31.84 10.37 -16.04
CA CYS F 429 30.57 9.71 -16.01
C CYS F 429 30.64 8.56 -16.99
N THR F 430 30.13 7.40 -16.60
CA THR F 430 30.05 6.26 -17.49
C THR F 430 28.61 5.72 -17.58
N ASP F 431 28.32 4.95 -18.63
CA ASP F 431 26.96 4.47 -18.88
C ASP F 431 26.54 3.58 -17.72
N ILE F 432 25.29 3.70 -17.31
CA ILE F 432 24.83 3.03 -16.10
C ILE F 432 24.60 1.53 -16.35
N VAL G 2 -8.61 -42.46 -45.07
CA VAL G 2 -9.17 -42.04 -46.36
C VAL G 2 -8.10 -41.45 -47.22
N LEU G 3 -7.12 -40.85 -46.56
CA LEU G 3 -6.01 -40.21 -47.23
C LEU G 3 -5.06 -41.25 -47.82
N CYS G 4 -4.17 -40.79 -48.68
CA CYS G 4 -3.06 -41.60 -49.11
C CYS G 4 -2.00 -41.50 -48.02
N THR G 5 -2.02 -42.45 -47.09
CA THR G 5 -1.08 -42.40 -45.99
C THR G 5 0.26 -43.02 -46.34
N ASN G 6 0.33 -43.66 -47.51
CA ASN G 6 1.59 -44.23 -48.00
C ASN G 6 1.88 -43.91 -49.45
N PRO G 7 2.36 -42.68 -49.70
CA PRO G 7 2.66 -42.22 -51.05
C PRO G 7 4.01 -42.78 -51.54
N LEU G 8 4.04 -43.19 -52.81
CA LEU G 8 5.31 -43.56 -53.43
C LEU G 8 6.05 -42.30 -53.82
N ASP G 9 5.32 -41.36 -54.41
CA ASP G 9 5.91 -40.16 -54.95
C ASP G 9 4.92 -39.03 -54.97
N ILE G 10 5.39 -37.82 -54.69
CA ILE G 10 4.56 -36.62 -54.75
C ILE G 10 5.30 -35.56 -55.52
N GLY G 11 4.61 -34.96 -56.49
CA GLY G 11 5.17 -33.83 -57.23
C GLY G 11 4.34 -33.50 -58.44
N GLU G 12 4.92 -32.69 -59.33
CA GLU G 12 4.25 -32.34 -60.58
C GLU G 12 4.37 -33.51 -61.52
N LEU G 13 3.25 -33.93 -62.10
CA LEU G 13 3.29 -34.99 -63.08
C LEU G 13 3.38 -34.36 -64.47
N ARG G 14 4.57 -34.40 -65.07
CA ARG G 14 4.79 -33.81 -66.39
C ARG G 14 4.76 -34.83 -67.54
N SER G 15 4.39 -34.37 -68.73
CA SER G 15 4.43 -35.19 -69.93
C SER G 15 5.83 -35.23 -70.53
N PHE G 16 6.27 -36.43 -70.90
CA PHE G 16 7.60 -36.60 -71.46
C PHE G 16 7.76 -35.83 -72.77
N LYS G 17 6.68 -35.76 -73.55
CA LYS G 17 6.69 -35.01 -74.82
C LYS G 17 6.77 -33.49 -74.62
N SER G 18 5.79 -32.92 -73.94
CA SER G 18 5.63 -31.49 -73.85
C SER G 18 6.26 -30.81 -72.63
N LYS G 19 6.74 -31.60 -71.67
CA LYS G 19 7.22 -31.10 -70.37
C LYS G 19 6.17 -30.27 -69.60
N GLN G 20 4.90 -30.43 -69.95
CA GLN G 20 3.78 -29.71 -69.35
C GLN G 20 3.13 -30.49 -68.20
N CYS G 21 2.60 -29.76 -67.24
CA CYS G 21 1.94 -30.37 -66.08
C CYS G 21 0.61 -31.03 -66.43
N VAL G 22 0.39 -32.21 -65.86
CA VAL G 22 -0.93 -32.81 -65.81
C VAL G 22 -1.70 -31.97 -64.80
N ASP G 23 -2.85 -31.44 -65.22
CA ASP G 23 -3.58 -30.46 -64.47
C ASP G 23 -5.07 -30.77 -64.32
N ILE G 24 -5.61 -30.36 -63.18
CA ILE G 24 -7.04 -30.34 -62.96
C ILE G 24 -7.54 -28.90 -63.13
N VAL G 25 -8.64 -28.77 -63.90
CA VAL G 25 -9.33 -27.51 -64.10
C VAL G 25 -9.60 -26.84 -62.75
N GLY G 26 -9.34 -25.53 -62.70
CA GLY G 26 -9.55 -24.76 -61.47
C GLY G 26 -8.41 -24.98 -60.52
N ASN G 27 -8.64 -24.74 -59.24
CA ASN G 27 -7.61 -24.98 -58.24
C ASN G 27 -8.12 -25.85 -57.07
N GLN G 28 -9.36 -26.32 -57.22
CA GLN G 28 -10.05 -27.12 -56.22
C GLN G 28 -9.54 -28.56 -56.18
N GLY G 29 -8.99 -29.03 -57.31
CA GLY G 29 -8.51 -30.40 -57.41
C GLY G 29 -9.60 -31.40 -57.77
N SER G 30 -10.74 -30.88 -58.22
CA SER G 30 -11.80 -31.71 -58.77
C SER G 30 -12.17 -31.17 -60.15
N GLY G 31 -12.48 -32.06 -61.07
CA GLY G 31 -12.86 -31.65 -62.42
C GLY G 31 -12.09 -32.40 -63.48
N ASN G 32 -12.10 -31.89 -64.71
CA ASN G 32 -11.44 -32.56 -65.81
C ASN G 32 -9.91 -32.51 -65.74
N ILE G 33 -9.28 -33.58 -66.21
CA ILE G 33 -7.81 -33.68 -66.20
C ILE G 33 -7.25 -33.44 -67.61
N ALA G 34 -6.33 -32.50 -67.70
CA ALA G 34 -5.75 -32.10 -68.98
C ALA G 34 -4.45 -31.40 -68.70
N THR G 35 -3.57 -31.34 -69.69
CA THR G 35 -2.30 -30.64 -69.51
C THR G 35 -2.52 -29.13 -69.41
N TYR G 36 -1.54 -28.43 -68.83
CA TYR G 36 -1.59 -26.99 -68.66
C TYR G 36 -0.22 -26.46 -68.17
N ASP G 37 0.00 -25.15 -68.29
CA ASP G 37 1.19 -24.50 -67.70
C ASP G 37 1.33 -24.92 -66.25
N CYS G 38 2.57 -25.11 -65.79
CA CYS G 38 2.79 -25.43 -64.40
C CYS G 38 2.64 -24.18 -63.53
N ASP G 39 1.50 -24.07 -62.83
CA ASP G 39 1.18 -22.86 -62.07
C ASP G 39 1.54 -22.90 -60.57
N GLY G 40 2.19 -23.97 -60.12
CA GLY G 40 2.67 -24.07 -58.73
C GLY G 40 1.62 -24.13 -57.64
N LEU G 41 0.36 -24.33 -58.02
CA LEU G 41 -0.72 -24.56 -57.06
C LEU G 41 -0.80 -26.04 -56.65
N SER G 42 -1.29 -26.27 -55.44
CA SER G 42 -1.31 -27.61 -54.85
C SER G 42 -2.14 -28.65 -55.62
N ASP G 43 -3.03 -28.21 -56.50
CA ASP G 43 -3.78 -29.17 -57.30
C ASP G 43 -2.91 -29.86 -58.35
N GLN G 44 -1.75 -29.29 -58.62
CA GLN G 44 -0.79 -29.85 -59.57
C GLN G 44 0.28 -30.70 -58.88
N GLN G 45 0.25 -30.70 -57.55
CA GLN G 45 1.06 -31.62 -56.76
C GLN G 45 0.34 -32.97 -56.71
N ILE G 46 0.73 -33.83 -57.66
CA ILE G 46 0.10 -35.14 -57.84
C ILE G 46 0.70 -36.14 -56.88
N ILE G 47 -0.17 -36.94 -56.26
CA ILE G 47 0.24 -38.03 -55.38
C ILE G 47 0.11 -39.37 -56.10
N ILE G 48 1.27 -39.98 -56.34
CA ILE G 48 1.34 -41.35 -56.78
C ILE G 48 1.27 -42.19 -55.51
N CYS G 49 0.09 -42.77 -55.30
CA CYS G 49 -0.23 -43.44 -54.07
C CYS G 49 0.20 -44.91 -54.04
N GLY G 50 0.71 -45.35 -52.89
CA GLY G 50 1.09 -46.75 -52.64
C GLY G 50 0.00 -47.78 -52.91
N ASP G 51 -1.25 -47.41 -52.68
CA ASP G 51 -2.38 -48.29 -53.01
C ASP G 51 -2.70 -48.31 -54.49
N GLY G 52 -1.95 -47.55 -55.28
CA GLY G 52 -2.11 -47.54 -56.74
C GLY G 52 -3.07 -46.51 -57.33
N THR G 53 -3.68 -45.70 -56.48
CA THR G 53 -4.52 -44.61 -56.94
C THR G 53 -3.63 -43.41 -57.26
N ILE G 54 -4.15 -42.49 -58.07
CA ILE G 54 -3.44 -41.23 -58.31
C ILE G 54 -4.30 -40.10 -57.75
N ARG G 55 -3.71 -39.30 -56.85
CA ARG G 55 -4.42 -38.21 -56.19
C ARG G 55 -3.64 -36.89 -56.26
N ASN G 56 -4.09 -35.88 -55.51
CA ASN G 56 -3.43 -34.56 -55.54
C ASN G 56 -3.52 -33.84 -54.21
N GLU G 57 -2.64 -32.86 -54.02
CA GLU G 57 -2.56 -32.17 -52.73
C GLU G 57 -3.72 -31.23 -52.41
N ALA G 58 -4.50 -30.84 -53.41
CA ALA G 58 -5.62 -29.95 -53.14
C ALA G 58 -6.88 -30.66 -52.62
N ARG G 59 -7.04 -31.94 -52.93
CA ARG G 59 -8.30 -32.63 -52.63
C ARG G 59 -8.14 -34.15 -52.68
N ASN G 60 -8.79 -34.83 -51.75
CA ASN G 60 -8.69 -36.30 -51.66
C ASN G 60 -9.48 -37.00 -52.76
N TYR G 61 -9.10 -36.72 -54.00
CA TYR G 61 -9.80 -37.21 -55.21
C TYR G 61 -8.92 -38.04 -56.13
N CYS G 62 -9.54 -38.97 -56.86
CA CYS G 62 -8.82 -39.98 -57.64
C CYS G 62 -8.85 -39.70 -59.14
N PHE G 63 -7.72 -39.94 -59.80
CA PHE G 63 -7.69 -40.01 -61.25
C PHE G 63 -8.63 -41.15 -61.64
N THR G 64 -9.72 -40.80 -62.32
CA THR G 64 -10.80 -41.74 -62.65
C THR G 64 -11.15 -41.68 -64.13
N PRO G 65 -11.14 -42.85 -64.81
CA PRO G 65 -11.62 -42.93 -66.18
C PRO G 65 -13.14 -42.79 -66.22
N ASP G 66 -13.61 -41.92 -67.10
CA ASP G 66 -15.01 -41.51 -67.18
C ASP G 66 -15.83 -42.50 -68.02
N GLY G 67 -15.60 -43.80 -67.82
CA GLY G 67 -16.24 -44.85 -68.63
C GLY G 67 -15.46 -46.17 -68.63
N SER G 68 -15.74 -47.01 -69.63
CA SER G 68 -15.14 -48.36 -69.68
C SER G 68 -14.31 -48.65 -70.94
N GLY G 69 -14.50 -47.84 -71.98
CA GLY G 69 -13.72 -47.98 -73.19
C GLY G 69 -12.55 -47.03 -73.17
N ASN G 70 -12.33 -46.36 -74.31
CA ASN G 70 -11.35 -45.29 -74.39
C ASN G 70 -12.01 -43.99 -73.95
N ALA G 71 -12.06 -43.78 -72.64
CA ALA G 71 -12.78 -42.67 -72.05
C ALA G 71 -11.88 -41.55 -71.51
N ASN G 72 -12.47 -40.38 -71.33
CA ASN G 72 -11.84 -39.22 -70.72
C ASN G 72 -11.48 -39.48 -69.25
N VAL G 73 -10.42 -38.85 -68.75
CA VAL G 73 -10.03 -39.01 -67.36
C VAL G 73 -10.34 -37.76 -66.52
N MET G 74 -11.17 -37.95 -65.50
CA MET G 74 -11.56 -36.85 -64.61
C MET G 74 -10.96 -37.09 -63.22
N SER G 75 -10.99 -36.05 -62.37
CA SER G 75 -10.61 -36.18 -60.99
C SER G 75 -11.87 -36.13 -60.14
N SER G 76 -12.29 -37.29 -59.62
CA SER G 76 -13.55 -37.40 -58.89
C SER G 76 -13.38 -38.26 -57.65
N PRO G 77 -14.46 -38.42 -56.83
CA PRO G 77 -14.37 -39.15 -55.55
C PRO G 77 -13.73 -40.51 -55.70
N CYS G 78 -12.87 -40.86 -54.75
CA CYS G 78 -12.29 -42.19 -54.68
C CYS G 78 -13.30 -43.14 -54.10
N THR G 79 -13.58 -44.24 -54.81
CA THR G 79 -14.35 -45.35 -54.22
C THR G 79 -13.40 -46.10 -53.30
N LEU G 80 -13.61 -45.96 -52.00
CA LEU G 80 -12.65 -46.49 -51.02
C LEU G 80 -13.20 -47.69 -50.23
N TYR G 81 -14.51 -47.86 -50.31
CA TYR G 81 -15.22 -48.89 -49.59
C TYR G 81 -16.17 -49.57 -50.58
N PRO G 82 -16.24 -50.92 -50.54
CA PRO G 82 -15.56 -51.83 -49.61
C PRO G 82 -14.05 -51.90 -49.84
N GLU G 83 -13.62 -51.56 -51.04
CA GLU G 83 -12.20 -51.46 -51.39
C GLU G 83 -12.07 -50.66 -52.67
N ILE G 84 -10.88 -50.16 -52.93
CA ILE G 84 -10.63 -49.40 -54.15
C ILE G 84 -10.78 -50.33 -55.37
N PRO G 85 -11.70 -50.00 -56.30
CA PRO G 85 -11.87 -50.82 -57.50
C PRO G 85 -10.67 -50.74 -58.44
N SER G 86 -10.60 -51.67 -59.40
CA SER G 86 -9.49 -51.72 -60.35
C SER G 86 -9.49 -50.55 -61.29
N SER G 87 -10.69 -50.04 -61.61
CA SER G 87 -10.85 -48.90 -62.51
C SER G 87 -10.10 -47.66 -62.05
N GLN G 88 -9.92 -47.50 -60.74
CA GLN G 88 -9.21 -46.36 -60.17
C GLN G 88 -7.75 -46.65 -59.78
N ARG G 89 -7.29 -47.87 -60.04
CA ARG G 89 -5.90 -48.24 -59.80
C ARG G 89 -5.06 -48.16 -61.08
N TRP G 90 -3.77 -47.87 -60.92
CA TRP G 90 -2.86 -47.66 -62.05
C TRP G 90 -1.53 -48.34 -61.75
N ARG G 91 -0.72 -48.57 -62.79
CA ARG G 91 0.65 -49.08 -62.61
C ARG G 91 1.65 -48.54 -63.64
N GLN G 92 2.94 -48.65 -63.31
CA GLN G 92 4.02 -48.32 -64.24
C GLN G 92 4.09 -49.37 -65.34
N GLY G 93 4.26 -48.91 -66.57
CA GLY G 93 4.54 -49.76 -67.71
C GLY G 93 6.01 -49.62 -68.01
N ARG G 94 6.34 -49.51 -69.30
CA ARG G 94 7.73 -49.32 -69.73
C ARG G 94 8.23 -47.94 -69.34
N ARG G 95 9.54 -47.83 -69.13
CA ARG G 95 10.11 -46.63 -68.57
C ARG G 95 11.30 -46.08 -69.37
N LYS G 96 11.13 -44.85 -69.85
CA LYS G 96 12.23 -44.06 -70.38
C LYS G 96 12.87 -43.30 -69.24
N THR G 97 14.21 -43.28 -69.21
CA THR G 97 14.93 -42.62 -68.13
C THR G 97 15.93 -41.60 -68.67
N PHE G 98 15.87 -40.37 -68.18
CA PHE G 98 16.65 -39.26 -68.75
C PHE G 98 17.15 -38.28 -67.70
N THR G 99 17.98 -37.32 -68.13
CA THR G 99 18.51 -36.30 -67.24
C THR G 99 18.07 -34.92 -67.74
N ASP G 100 17.33 -34.19 -66.91
CA ASP G 100 16.87 -32.85 -67.33
C ASP G 100 17.93 -31.77 -67.15
N ASN G 101 17.57 -30.54 -67.54
CA ASN G 101 18.50 -29.41 -67.50
C ASN G 101 18.93 -29.05 -66.09
N GLY G 102 18.15 -29.49 -65.09
CA GLY G 102 18.52 -29.33 -63.69
C GLY G 102 19.64 -30.27 -63.28
N GLY G 103 19.94 -31.26 -64.13
CA GLY G 103 20.97 -32.25 -63.83
C GLY G 103 20.44 -33.33 -62.91
N ILE G 104 19.12 -33.47 -62.89
CA ILE G 104 18.43 -34.46 -62.05
C ILE G 104 17.89 -35.57 -62.93
N GLU G 105 18.10 -36.82 -62.49
CA GLU G 105 17.64 -37.96 -63.25
C GLU G 105 16.15 -38.17 -63.02
N GLN G 106 15.39 -38.16 -64.12
CA GLN G 106 13.97 -38.38 -64.07
C GLN G 106 13.64 -39.71 -64.72
N VAL G 107 12.52 -40.29 -64.31
CA VAL G 107 12.06 -41.56 -64.87
C VAL G 107 10.62 -41.41 -65.40
N ALA G 108 10.48 -41.27 -66.71
CA ALA G 108 9.16 -41.22 -67.33
C ALA G 108 8.66 -42.63 -67.62
N THR G 109 7.39 -42.92 -67.33
CA THR G 109 6.82 -44.24 -67.60
C THR G 109 5.41 -44.14 -68.15
N GLU G 110 4.93 -45.25 -68.70
CA GLU G 110 3.52 -45.40 -69.05
C GLU G 110 2.74 -45.55 -67.76
N ILE G 111 1.55 -44.98 -67.72
CA ILE G 111 0.67 -45.14 -66.57
C ILE G 111 -0.55 -45.92 -67.01
N ILE G 112 -0.55 -47.20 -66.65
CA ILE G 112 -1.54 -48.15 -67.17
C ILE G 112 -2.66 -48.38 -66.17
N ASN G 113 -3.90 -48.18 -66.62
CA ASN G 113 -5.08 -48.53 -65.84
C ASN G 113 -5.17 -50.03 -65.57
N LEU G 114 -5.67 -50.40 -64.39
CA LEU G 114 -5.69 -51.81 -64.01
C LEU G 114 -6.96 -52.54 -64.40
N ALA G 115 -8.02 -51.79 -64.71
CA ALA G 115 -9.27 -52.41 -65.16
C ALA G 115 -9.23 -52.64 -66.67
N SER G 116 -9.07 -51.57 -67.43
CA SER G 116 -9.07 -51.66 -68.88
C SER G 116 -7.71 -52.07 -69.45
N GLY G 117 -6.65 -51.96 -68.65
CA GLY G 117 -5.29 -52.26 -69.12
C GLY G 117 -4.76 -51.25 -70.14
N LYS G 118 -5.43 -50.10 -70.23
CA LYS G 118 -5.09 -49.04 -71.16
C LYS G 118 -4.10 -48.02 -70.58
N CYS G 119 -3.67 -47.07 -71.41
CA CYS G 119 -2.64 -46.09 -71.03
C CYS G 119 -3.19 -44.70 -70.80
N LEU G 120 -2.63 -44.00 -69.81
CA LEU G 120 -2.91 -42.59 -69.64
C LEU G 120 -2.34 -41.93 -70.86
N ASP G 121 -3.14 -41.02 -71.43
CA ASP G 121 -2.88 -40.50 -72.76
C ASP G 121 -3.37 -39.08 -72.97
N ILE G 122 -2.62 -38.34 -73.78
CA ILE G 122 -3.08 -37.06 -74.29
C ILE G 122 -3.45 -37.20 -75.77
N GLU G 123 -4.41 -36.39 -76.21
CA GLU G 123 -4.94 -36.45 -77.58
C GLU G 123 -3.86 -36.30 -78.66
N GLY G 124 -3.79 -37.30 -79.53
CA GLY G 124 -2.82 -37.29 -80.61
C GLY G 124 -1.44 -37.61 -80.11
N SER G 125 -0.45 -36.91 -80.67
CA SER G 125 0.95 -37.09 -80.31
C SER G 125 1.47 -35.74 -79.90
N ASP G 126 0.50 -34.85 -79.73
CA ASP G 126 0.70 -33.63 -79.01
C ASP G 126 0.01 -32.46 -79.70
N GLY G 127 -1.29 -32.24 -79.57
CA GLY G 127 -1.99 -31.88 -78.39
C GLY G 127 -2.08 -30.38 -78.29
N THR G 128 -2.38 -29.94 -77.11
CA THR G 128 -1.66 -30.53 -76.01
C THR G 128 -2.45 -31.04 -74.84
N GLY G 129 -3.74 -30.73 -74.86
CA GLY G 129 -4.64 -30.66 -73.72
C GLY G 129 -5.22 -31.88 -73.06
N ASP G 130 -6.33 -32.40 -73.60
CA ASP G 130 -7.18 -33.33 -72.82
C ASP G 130 -6.58 -34.71 -72.63
N ILE G 131 -6.62 -35.18 -71.38
CA ILE G 131 -6.06 -36.46 -71.00
C ILE G 131 -7.20 -37.45 -70.77
N GLY G 132 -7.27 -38.42 -71.66
CA GLY G 132 -8.17 -39.53 -71.47
C GLY G 132 -7.38 -40.83 -71.49
N VAL G 133 -8.07 -41.94 -71.69
CA VAL G 133 -7.40 -43.21 -71.96
C VAL G 133 -7.39 -43.58 -73.46
N TYR G 134 -6.51 -44.49 -73.83
CA TYR G 134 -6.38 -44.97 -75.21
C TYR G 134 -5.55 -46.27 -75.25
N ASP G 135 -5.40 -46.85 -76.43
CA ASP G 135 -4.50 -47.99 -76.62
C ASP G 135 -3.05 -47.53 -76.50
N CYS G 136 -2.21 -48.37 -75.91
CA CYS G 136 -0.79 -48.05 -75.72
C CYS G 136 0.03 -48.27 -76.99
N GLN G 137 0.54 -47.17 -77.55
CA GLN G 137 1.25 -47.21 -78.83
C GLN G 137 2.59 -46.48 -78.82
N ASN G 138 3.24 -46.44 -77.65
CA ASN G 138 4.64 -46.02 -77.49
C ASN G 138 5.07 -44.66 -78.02
N LEU G 139 4.11 -43.79 -78.32
CA LEU G 139 4.44 -42.41 -78.67
C LEU G 139 4.84 -41.68 -77.40
N ASP G 140 5.78 -40.74 -77.53
CA ASP G 140 6.36 -40.06 -76.37
C ASP G 140 5.38 -39.14 -75.62
N ASP G 141 4.11 -39.13 -76.06
CA ASP G 141 3.08 -38.30 -75.42
C ASP G 141 2.19 -39.14 -74.48
N GLN G 142 2.35 -40.45 -74.56
CA GLN G 142 1.71 -41.36 -73.61
C GLN G 142 2.67 -41.68 -72.45
N TYR G 143 3.75 -40.89 -72.36
CA TYR G 143 4.75 -41.03 -71.29
C TYR G 143 4.75 -39.82 -70.38
N PHE G 144 4.67 -40.09 -69.08
CA PHE G 144 4.57 -39.05 -68.05
C PHE G 144 5.61 -39.25 -66.95
N TYR G 145 6.12 -38.17 -66.39
CA TYR G 145 7.02 -38.25 -65.24
C TYR G 145 6.62 -37.28 -64.14
N VAL G 146 6.83 -37.69 -62.90
CA VAL G 146 6.65 -36.79 -61.76
C VAL G 146 7.95 -36.04 -61.61
N ARG G 147 7.94 -34.74 -61.86
CA ARG G 147 9.19 -33.96 -61.88
C ARG G 147 9.81 -33.88 -60.50
N SER G 148 11.02 -34.38 -60.40
CA SER G 148 11.81 -34.26 -59.19
C SER G 148 12.73 -33.05 -59.27
N ARG G 149 13.01 -32.46 -58.12
CA ARG G 149 13.92 -31.33 -58.06
C ARG G 149 15.21 -31.70 -57.34
N GLY G 150 15.32 -32.96 -56.94
CA GLY G 150 16.37 -33.38 -56.02
C GLY G 150 15.94 -32.90 -54.66
N PRO G 151 16.79 -33.11 -53.62
CA PRO G 151 16.41 -32.58 -52.31
C PRO G 151 16.43 -31.07 -52.30
N GLU G 152 15.42 -30.57 -51.62
CA GLU G 152 15.46 -29.57 -50.56
C GLU G 152 16.81 -29.37 -49.85
N LEU G 153 17.44 -28.25 -50.15
CA LEU G 153 18.72 -27.85 -49.54
C LEU G 153 18.49 -26.81 -48.46
N PHE G 154 17.51 -25.92 -48.66
CA PHE G 154 17.21 -24.85 -47.69
C PHE G 154 15.74 -24.44 -47.73
N TYR G 155 15.25 -23.97 -46.60
CA TYR G 155 13.93 -23.39 -46.56
C TYR G 155 14.00 -22.24 -45.60
N GLY G 156 13.91 -21.01 -46.11
CA GLY G 156 14.00 -19.82 -45.29
C GLY G 156 13.84 -18.53 -46.04
N ARG G 157 14.08 -17.41 -45.36
CA ARG G 157 14.16 -16.13 -46.03
C ARG G 157 15.60 -15.84 -46.34
N LEU G 158 15.80 -14.83 -47.19
CA LEU G 158 17.15 -14.43 -47.58
C LEU G 158 17.44 -12.99 -47.17
N ARG G 159 18.28 -12.85 -46.13
CA ARG G 159 18.62 -11.55 -45.54
C ARG G 159 19.90 -11.02 -46.18
N ASN G 160 19.88 -9.77 -46.60
CA ASN G 160 21.00 -9.17 -47.34
C ASN G 160 22.14 -8.73 -46.44
N GLU G 161 23.37 -9.06 -46.83
CA GLU G 161 24.54 -8.75 -45.97
C GLU G 161 24.75 -7.25 -45.81
N LYS G 162 24.45 -6.49 -46.86
CA LYS G 162 24.74 -5.05 -46.83
C LYS G 162 23.72 -4.23 -46.05
N SER G 163 22.44 -4.58 -46.18
CA SER G 163 21.35 -3.78 -45.61
C SER G 163 20.52 -4.49 -44.54
N ASP G 164 20.69 -5.79 -44.39
CA ASP G 164 19.84 -6.58 -43.51
C ASP G 164 18.36 -6.49 -43.93
N LEU G 165 18.10 -6.13 -45.18
CA LEU G 165 16.75 -6.23 -45.72
C LEU G 165 16.51 -7.65 -46.25
N CYS G 166 15.25 -8.01 -46.44
CA CYS G 166 14.94 -9.37 -46.91
C CYS G 166 14.57 -9.39 -48.39
N LEU G 167 15.03 -10.44 -49.08
CA LEU G 167 14.64 -10.68 -50.46
C LEU G 167 13.13 -10.80 -50.48
N ASP G 168 12.48 -9.88 -51.17
CA ASP G 168 11.02 -9.70 -51.06
C ASP G 168 10.30 -9.69 -52.41
N VAL G 169 9.05 -10.20 -52.42
CA VAL G 169 8.17 -10.08 -53.57
C VAL G 169 7.11 -9.01 -53.32
N GLU G 170 6.78 -8.24 -54.36
CA GLU G 170 5.81 -7.16 -54.25
C GLU G 170 4.45 -7.70 -53.88
N GLY G 171 3.76 -6.97 -53.01
CA GLY G 171 2.48 -7.41 -52.47
C GLY G 171 2.71 -8.56 -51.51
N SER G 172 1.79 -9.52 -51.53
CA SER G 172 1.91 -10.74 -50.71
C SER G 172 1.31 -11.95 -51.39
N ASP G 173 1.04 -11.80 -52.68
CA ASP G 173 0.59 -12.88 -53.54
C ASP G 173 1.72 -13.88 -53.81
N GLY G 174 2.96 -13.38 -53.75
CA GLY G 174 4.14 -14.18 -54.11
C GLY G 174 4.44 -14.10 -55.60
N LYS G 175 3.70 -13.25 -56.31
CA LYS G 175 3.86 -13.10 -57.75
C LYS G 175 4.34 -11.71 -58.05
N GLY G 176 5.09 -11.59 -59.15
CA GLY G 176 5.51 -10.28 -59.65
C GLY G 176 6.97 -9.99 -59.40
N ASN G 177 7.27 -8.70 -59.22
CA ASN G 177 8.64 -8.22 -59.11
C ASN G 177 9.32 -8.69 -57.83
N VAL G 178 10.64 -8.89 -57.89
CA VAL G 178 11.41 -9.17 -56.70
C VAL G 178 12.28 -7.96 -56.38
N LEU G 179 12.22 -7.52 -55.13
CA LEU G 179 13.00 -6.38 -54.68
C LEU G 179 13.45 -6.55 -53.23
N MET G 180 14.29 -5.64 -52.77
CA MET G 180 14.69 -5.59 -51.36
C MET G 180 13.63 -4.82 -50.58
N TYR G 181 13.31 -5.33 -49.39
CA TYR G 181 12.32 -4.71 -48.54
C TYR G 181 12.49 -5.18 -47.11
N SER G 182 11.80 -4.52 -46.18
CA SER G 182 11.82 -4.90 -44.77
C SER G 182 11.39 -6.35 -44.53
N CYS G 183 12.06 -7.01 -43.58
CA CYS G 183 11.70 -8.37 -43.23
C CYS G 183 10.33 -8.39 -42.57
N GLU G 184 9.41 -9.08 -43.21
CA GLU G 184 8.06 -9.24 -42.69
C GLU G 184 7.82 -10.72 -42.56
N ASP G 185 7.13 -11.12 -41.50
CA ASP G 185 6.95 -12.55 -41.23
C ASP G 185 5.80 -13.12 -42.07
N ASN G 186 5.86 -12.90 -43.37
CA ASN G 186 4.88 -13.46 -44.30
C ASN G 186 5.50 -14.56 -45.13
N LEU G 187 4.62 -15.40 -45.66
CA LEU G 187 5.02 -16.58 -46.42
C LEU G 187 5.61 -16.18 -47.77
N ASP G 188 5.40 -14.92 -48.17
CA ASP G 188 5.85 -14.47 -49.49
C ASP G 188 7.34 -14.16 -49.56
N GLN G 189 8.00 -14.23 -48.41
CA GLN G 189 9.43 -13.96 -48.33
C GLN G 189 10.25 -15.20 -48.04
N TRP G 190 9.55 -16.33 -47.90
CA TRP G 190 10.16 -17.63 -47.70
C TRP G 190 10.36 -18.35 -49.02
N PHE G 191 11.54 -18.96 -49.18
CA PHE G 191 11.86 -19.70 -50.38
C PHE G 191 12.39 -21.09 -50.06
N ARG G 192 12.18 -22.01 -50.99
CA ARG G 192 12.77 -23.34 -50.93
C ARG G 192 13.80 -23.47 -52.03
N TYR G 193 15.00 -23.89 -51.66
CA TYR G 193 16.09 -24.03 -52.61
C TYR G 193 16.35 -25.50 -52.83
N TYR G 194 16.30 -25.94 -54.09
CA TYR G 194 16.47 -27.37 -54.42
C TYR G 194 17.80 -27.71 -55.10
N GLU G 195 18.15 -29.01 -55.03
CA GLU G 195 19.34 -29.57 -55.68
C GLU G 195 19.44 -29.18 -57.14
N ASN G 196 18.30 -29.07 -57.83
CA ASN G 196 18.27 -28.72 -59.25
C ASN G 196 18.57 -27.23 -59.50
N GLY G 197 18.70 -26.46 -58.42
CA GLY G 197 19.07 -25.06 -58.50
C GLY G 197 17.94 -24.06 -58.45
N GLU G 198 16.70 -24.56 -58.41
CA GLU G 198 15.54 -23.68 -58.39
C GLU G 198 15.28 -23.12 -57.01
N ILE G 199 14.90 -21.84 -56.99
CA ILE G 199 14.49 -21.16 -55.77
C ILE G 199 12.99 -20.92 -55.92
N VAL G 200 12.21 -21.65 -55.14
CA VAL G 200 10.75 -21.63 -55.27
C VAL G 200 10.12 -20.86 -54.12
N ASN G 201 9.29 -19.88 -54.49
CA ASN G 201 8.59 -19.05 -53.50
C ASN G 201 7.53 -19.84 -52.74
N ALA G 202 7.56 -19.73 -51.42
CA ALA G 202 6.69 -20.53 -50.54
C ALA G 202 5.23 -20.13 -50.60
N LYS G 203 4.95 -18.87 -50.98
CA LYS G 203 3.57 -18.41 -51.09
C LYS G 203 2.93 -18.81 -52.42
N SER G 204 3.60 -18.49 -53.53
CA SER G 204 3.06 -18.68 -54.86
C SER G 204 3.39 -20.05 -55.47
N GLY G 205 4.44 -20.70 -54.97
CA GLY G 205 4.89 -21.97 -55.52
C GLY G 205 5.59 -21.85 -56.88
N MET G 206 6.00 -20.63 -57.24
CA MET G 206 6.66 -20.36 -58.51
C MET G 206 8.13 -20.00 -58.32
N CYS G 207 8.88 -19.92 -59.43
CA CYS G 207 10.34 -19.81 -59.42
C CYS G 207 10.89 -18.40 -59.40
N LEU G 208 12.05 -18.24 -58.75
CA LEU G 208 12.85 -17.02 -58.87
C LEU G 208 13.42 -17.02 -60.27
N ASP G 209 12.99 -16.03 -61.05
CA ASP G 209 13.24 -15.99 -62.48
C ASP G 209 13.80 -14.65 -62.96
N VAL G 210 14.64 -14.72 -63.99
CA VAL G 210 15.19 -13.55 -64.66
C VAL G 210 14.42 -13.30 -65.97
N GLU G 211 14.24 -12.03 -66.29
CA GLU G 211 13.57 -11.58 -67.51
C GLU G 211 14.21 -12.19 -68.76
N GLY G 212 13.37 -12.58 -69.72
CA GLY G 212 13.85 -13.21 -70.97
C GLY G 212 14.43 -14.59 -70.74
N SER G 213 15.53 -14.90 -71.43
CA SER G 213 16.20 -16.21 -71.31
C SER G 213 17.72 -16.15 -71.10
N ASP G 214 18.30 -14.97 -71.31
CA ASP G 214 19.75 -14.76 -71.25
C ASP G 214 20.34 -14.95 -69.86
N GLY G 215 19.53 -14.68 -68.83
CA GLY G 215 19.99 -14.68 -67.45
C GLY G 215 20.49 -13.29 -67.07
N SER G 216 20.11 -12.30 -67.87
CA SER G 216 20.44 -10.89 -67.59
C SER G 216 19.20 -10.01 -67.64
N GLY G 217 19.01 -9.21 -66.59
CA GLY G 217 17.87 -8.29 -66.48
C GLY G 217 17.22 -8.28 -65.10
N ASN G 218 15.93 -7.94 -65.06
CA ASN G 218 15.18 -7.87 -63.81
C ASN G 218 14.76 -9.23 -63.30
N VAL G 219 14.62 -9.35 -61.98
CA VAL G 219 14.28 -10.63 -61.37
C VAL G 219 12.88 -10.53 -60.80
N GLY G 220 12.10 -11.60 -60.99
CA GLY G 220 10.77 -11.67 -60.43
C GLY G 220 10.38 -13.12 -60.19
N ILE G 221 9.10 -13.33 -59.87
CA ILE G 221 8.59 -14.68 -59.75
C ILE G 221 7.82 -15.03 -61.01
N TYR G 222 8.06 -16.23 -61.54
CA TYR G 222 7.46 -16.68 -62.80
C TYR G 222 7.38 -18.21 -62.83
N ARG G 223 6.53 -18.76 -63.70
CA ARG G 223 6.35 -20.22 -63.81
C ARG G 223 7.67 -20.97 -63.94
N CYS G 224 7.77 -22.14 -63.34
CA CYS G 224 8.99 -22.95 -63.41
C CYS G 224 9.03 -23.79 -64.69
N ASP G 225 9.68 -23.25 -65.72
CA ASP G 225 9.74 -23.92 -67.02
C ASP G 225 11.07 -24.63 -67.28
N ASP G 226 11.60 -25.29 -66.24
CA ASP G 226 12.84 -26.10 -66.32
C ASP G 226 13.97 -25.49 -67.18
N LEU G 227 13.99 -24.17 -67.29
CA LEU G 227 15.07 -23.47 -68.00
C LEU G 227 16.25 -23.17 -67.07
N ARG G 228 17.43 -23.01 -67.67
CA ARG G 228 18.68 -22.82 -66.92
C ARG G 228 18.79 -21.43 -66.31
N ASP G 229 18.00 -20.48 -66.84
CA ASP G 229 18.00 -19.10 -66.35
C ASP G 229 17.16 -18.95 -65.06
N GLN G 230 16.47 -20.02 -64.68
CA GLN G 230 15.73 -20.08 -63.42
C GLN G 230 16.45 -20.97 -62.42
N MET G 231 17.73 -21.25 -62.71
CA MET G 231 18.58 -22.08 -61.85
C MET G 231 19.78 -21.32 -61.31
N TRP G 232 20.06 -21.55 -60.04
CA TRP G 232 21.06 -20.78 -59.34
C TRP G 232 21.96 -21.72 -58.57
N SER G 233 23.24 -21.40 -58.55
CA SER G 233 24.21 -22.11 -57.73
C SER G 233 24.70 -21.19 -56.66
N ARG G 234 25.25 -21.78 -55.61
CA ARG G 234 25.64 -21.05 -54.43
C ARG G 234 27.13 -21.30 -54.22
N PRO G 235 27.99 -20.78 -55.13
CA PRO G 235 29.44 -21.06 -55.05
C PRO G 235 30.08 -20.57 -53.76
N ASN G 236 30.77 -21.50 -53.10
CA ASN G 236 31.44 -21.23 -51.84
C ASN G 236 32.44 -20.08 -51.98
N ALA G 237 32.93 -19.87 -53.20
CA ALA G 237 33.91 -18.83 -53.51
C ALA G 237 33.41 -17.42 -53.23
N TYR G 238 32.10 -17.20 -53.40
CA TYR G 238 31.49 -15.89 -53.21
C TYR G 238 30.74 -15.71 -51.90
N CYS G 239 30.99 -16.60 -50.95
CA CYS G 239 30.38 -16.51 -49.62
C CYS G 239 31.27 -15.74 -48.66
N ASN G 240 30.66 -15.20 -47.62
CA ASN G 240 31.37 -14.62 -46.51
C ASN G 240 30.61 -15.09 -45.28
N GLY G 241 31.11 -16.15 -44.66
CA GLY G 241 30.36 -16.84 -43.60
C GLY G 241 29.12 -17.46 -44.21
N ASP G 242 27.97 -17.16 -43.62
CA ASP G 242 26.69 -17.71 -44.07
C ASP G 242 25.98 -16.86 -45.14
N TYR G 243 26.60 -15.75 -45.52
CA TYR G 243 26.07 -14.87 -46.55
C TYR G 243 26.68 -15.23 -47.89
N CYS G 244 25.83 -15.60 -48.85
CA CYS G 244 26.31 -16.17 -50.10
C CYS G 244 25.65 -15.56 -51.31
N SER G 245 26.38 -15.58 -52.44
CA SER G 245 25.85 -15.08 -53.71
C SER G 245 25.15 -16.19 -54.44
N PHE G 246 24.16 -15.81 -55.23
CA PHE G 246 23.44 -16.75 -56.08
C PHE G 246 23.78 -16.52 -57.54
N LEU G 247 24.44 -17.52 -58.11
CA LEU G 247 24.99 -17.44 -59.45
C LEU G 247 24.01 -18.09 -60.43
N ASN G 248 23.56 -17.31 -61.42
CA ASN G 248 22.62 -17.78 -62.42
C ASN G 248 23.31 -18.79 -63.35
N LYS G 249 22.68 -19.95 -63.59
CA LYS G 249 23.31 -21.00 -64.41
C LYS G 249 23.42 -20.61 -65.88
N GLU G 250 22.53 -19.74 -66.35
CA GLU G 250 22.49 -19.38 -67.77
C GLU G 250 23.46 -18.27 -68.15
N SER G 251 23.86 -17.43 -67.20
CA SER G 251 24.64 -16.26 -67.55
C SER G 251 25.89 -16.06 -66.70
N ASN G 252 26.13 -16.98 -65.78
CA ASN G 252 27.17 -16.83 -64.75
C ASN G 252 27.16 -15.43 -64.11
N LYS G 253 25.98 -14.82 -64.04
CA LYS G 253 25.81 -13.55 -63.36
C LYS G 253 25.13 -13.72 -62.01
N CYS G 254 25.46 -12.85 -61.08
CA CYS G 254 24.98 -12.90 -59.70
C CYS G 254 23.61 -12.23 -59.50
N LEU G 255 22.86 -12.78 -58.55
CA LEU G 255 21.68 -12.13 -58.02
C LEU G 255 22.16 -10.88 -57.31
N ASP G 256 21.61 -9.75 -57.71
CA ASP G 256 22.17 -8.44 -57.37
C ASP G 256 21.11 -7.39 -57.05
N VAL G 257 21.47 -6.47 -56.18
CA VAL G 257 20.64 -5.33 -55.86
C VAL G 257 21.26 -4.11 -56.53
N SER G 258 20.42 -3.26 -57.09
CA SER G 258 20.90 -2.04 -57.77
C SER G 258 21.62 -1.13 -56.77
N GLY G 259 22.65 -0.45 -57.25
CA GLY G 259 23.49 0.38 -56.41
C GLY G 259 24.42 -0.44 -55.53
N ASP G 260 25.03 0.23 -54.55
CA ASP G 260 25.95 -0.43 -53.63
C ASP G 260 25.34 -0.71 -52.25
N GLN G 261 24.20 -0.09 -51.94
CA GLN G 261 23.65 -0.08 -50.57
C GLN G 261 22.64 -1.19 -50.25
N GLY G 262 22.42 -2.08 -51.20
CA GLY G 262 21.55 -3.23 -50.98
C GLY G 262 20.13 -2.86 -50.58
N THR G 263 19.60 -1.77 -51.15
CA THR G 263 18.24 -1.31 -50.86
C THR G 263 17.22 -1.24 -52.03
N GLY G 264 17.68 -1.21 -53.28
CA GLY G 264 16.75 -1.06 -54.42
C GLY G 264 16.03 -2.27 -55.00
N ASP G 265 15.97 -2.32 -56.33
CA ASP G 265 15.35 -3.41 -57.07
C ASP G 265 16.36 -4.54 -57.24
N VAL G 266 15.85 -5.75 -57.53
CA VAL G 266 16.69 -6.95 -57.66
C VAL G 266 16.72 -7.44 -59.11
N GLY G 267 17.93 -7.55 -59.65
CA GLY G 267 18.14 -8.18 -60.94
C GLY G 267 19.39 -9.04 -60.91
N THR G 268 19.96 -9.27 -62.09
CA THR G 268 21.26 -9.96 -62.19
C THR G 268 22.30 -8.95 -62.65
N TRP G 269 23.57 -9.26 -62.38
CA TRP G 269 24.68 -8.36 -62.69
C TRP G 269 25.97 -9.14 -62.54
N GLN G 270 27.08 -8.57 -63.01
CA GLN G 270 28.38 -9.21 -62.85
C GLN G 270 28.66 -9.46 -61.37
N CYS G 271 29.10 -10.68 -61.04
CA CYS G 271 29.54 -10.98 -59.69
C CYS G 271 30.73 -10.09 -59.33
N ASP G 272 30.48 -9.14 -58.42
CA ASP G 272 31.50 -8.16 -58.03
C ASP G 272 32.10 -8.41 -56.65
N GLY G 273 31.58 -9.40 -55.94
CA GLY G 273 32.09 -9.80 -54.62
C GLY G 273 31.82 -8.77 -53.54
N LEU G 274 30.71 -8.05 -53.67
CA LEU G 274 30.31 -7.00 -52.74
C LEU G 274 29.16 -7.42 -51.82
N PRO G 275 29.08 -6.83 -50.60
CA PRO G 275 28.13 -7.31 -49.60
C PRO G 275 26.69 -7.30 -50.08
N ASP G 276 26.36 -6.42 -51.02
CA ASP G 276 24.98 -6.29 -51.46
C ASP G 276 24.54 -7.40 -52.38
N GLN G 277 25.46 -8.28 -52.74
CA GLN G 277 25.13 -9.45 -53.55
C GLN G 277 25.13 -10.75 -52.75
N ARG G 278 25.16 -10.63 -51.42
CA ARG G 278 25.27 -11.78 -50.54
C ARG G 278 24.06 -11.90 -49.61
N PHE G 279 23.52 -13.12 -49.51
CA PHE G 279 22.32 -13.35 -48.73
C PHE G 279 22.51 -14.49 -47.74
N LYS G 280 21.98 -14.30 -46.53
CA LYS G 280 21.95 -15.36 -45.52
C LYS G 280 20.59 -16.02 -45.48
N TRP G 281 20.58 -17.35 -45.43
CA TRP G 281 19.37 -18.10 -45.12
C TRP G 281 19.03 -17.89 -43.66
N VAL G 282 17.84 -17.38 -43.39
CA VAL G 282 17.44 -17.12 -42.01
C VAL G 282 16.11 -17.78 -41.67
N PHE G 283 16.01 -18.25 -40.43
CA PHE G 283 14.89 -19.11 -40.06
C PHE G 283 14.02 -18.53 -38.96
N ASP G 284 14.35 -17.33 -38.51
CA ASP G 284 13.57 -16.67 -37.47
C ASP G 284 12.24 -16.11 -37.96
N ASP G 285 11.43 -15.61 -37.03
CA ASP G 285 10.19 -14.92 -37.37
C ASP G 285 10.31 -13.38 -37.21
N TRP G 286 11.53 -12.87 -37.22
CA TRP G 286 11.74 -11.47 -36.90
C TRP G 286 11.06 -10.51 -37.87
N GLU G 287 10.62 -9.38 -37.34
CA GLU G 287 10.13 -8.28 -38.18
C GLU G 287 10.92 -7.02 -37.82
N VAL G 288 10.79 -5.95 -38.61
CA VAL G 288 11.51 -4.69 -38.32
C VAL G 288 10.74 -3.80 -37.35
N PRO G 289 11.43 -2.89 -36.62
CA PRO G 289 10.74 -1.97 -35.71
C PRO G 289 9.92 -0.91 -36.45
N THR G 290 8.59 -1.02 -36.33
CA THR G 290 7.64 -0.12 -36.99
C THR G 290 7.18 1.02 -36.09
N ALA G 291 6.67 0.66 -34.91
CA ALA G 291 5.94 1.57 -34.04
C ALA G 291 6.79 2.73 -33.54
N THR G 292 6.15 3.86 -33.24
CA THR G 292 6.85 4.94 -32.55
C THR G 292 6.20 5.17 -31.18
N TRP G 293 7.04 5.42 -30.17
CA TRP G 293 6.57 5.58 -28.80
C TRP G 293 6.92 6.94 -28.23
N ASN G 294 6.02 7.50 -27.43
CA ASN G 294 6.34 8.69 -26.70
C ASN G 294 6.82 8.35 -25.31
N MET G 295 7.87 9.03 -24.86
CA MET G 295 8.31 8.89 -23.50
C MET G 295 7.42 9.69 -22.57
N VAL G 296 7.10 9.11 -21.43
CA VAL G 296 6.13 9.70 -20.53
C VAL G 296 6.80 10.05 -19.20
N GLY G 297 7.84 9.31 -18.83
CA GLY G 297 8.64 9.61 -17.63
C GLY G 297 9.82 8.67 -17.51
N CYS G 298 10.96 9.18 -17.04
CA CYS G 298 12.10 8.33 -16.72
C CYS G 298 12.51 8.50 -15.30
N ASP G 299 12.87 7.37 -14.68
CA ASP G 299 13.46 7.39 -13.35
C ASP G 299 14.73 6.59 -13.37
N GLN G 300 15.83 7.29 -13.13
CA GLN G 300 17.14 6.65 -13.13
C GLN G 300 17.28 5.71 -11.90
N ASN G 301 16.49 5.93 -10.87
CA ASN G 301 16.80 5.35 -9.59
C ASN G 301 15.61 4.72 -8.90
N GLY G 302 14.60 4.36 -9.67
CA GLY G 302 13.48 3.69 -9.09
C GLY G 302 12.30 3.55 -10.00
N LYS G 303 11.15 3.29 -9.39
CA LYS G 303 9.90 3.03 -10.09
C LYS G 303 9.34 4.24 -10.85
N VAL G 304 8.54 3.96 -11.86
CA VAL G 304 7.73 4.93 -12.56
C VAL G 304 6.36 4.28 -12.76
N SER G 305 5.30 4.97 -12.39
CA SER G 305 3.95 4.50 -12.74
C SER G 305 3.09 5.67 -13.17
N GLN G 306 1.99 5.40 -13.86
CA GLN G 306 1.08 6.46 -14.23
C GLN G 306 -0.38 6.11 -14.01
N GLN G 307 -1.19 7.15 -13.86
CA GLN G 307 -2.60 6.99 -13.79
C GLN G 307 -3.24 8.01 -14.76
N ILE G 308 -4.10 7.51 -15.64
CA ILE G 308 -4.84 8.26 -16.62
C ILE G 308 -6.34 8.27 -16.30
N SER G 309 -6.92 9.47 -16.20
CA SER G 309 -8.30 9.68 -15.75
C SER G 309 -9.12 10.50 -16.73
N ASN G 310 -10.38 10.12 -16.92
CA ASN G 310 -11.35 10.91 -17.66
C ASN G 310 -12.63 11.07 -16.87
N THR G 311 -13.13 12.30 -16.78
CA THR G 311 -14.39 12.56 -16.13
C THR G 311 -15.36 13.22 -17.12
N ILE G 312 -16.63 12.86 -17.03
CA ILE G 312 -17.68 13.48 -17.79
C ILE G 312 -18.75 13.80 -16.79
N SER G 313 -19.27 15.04 -16.79
CA SER G 313 -20.35 15.43 -15.86
C SER G 313 -21.41 16.31 -16.49
N PHE G 314 -22.63 16.15 -16.01
CA PHE G 314 -23.79 16.90 -16.46
C PHE G 314 -24.37 17.54 -15.22
N SER G 315 -24.70 18.82 -15.32
CA SER G 315 -25.34 19.52 -14.23
C SER G 315 -26.46 20.43 -14.75
N SER G 316 -27.46 20.71 -13.91
CA SER G 316 -28.47 21.70 -14.23
C SER G 316 -28.97 22.44 -12.99
N THR G 317 -29.19 23.74 -13.15
CA THR G 317 -29.69 24.59 -12.07
C THR G 317 -30.99 25.25 -12.46
N VAL G 318 -31.91 25.37 -11.51
CA VAL G 318 -33.19 26.06 -11.67
C VAL G 318 -33.27 27.15 -10.61
N THR G 319 -33.43 28.39 -11.07
CA THR G 319 -33.49 29.55 -10.18
C THR G 319 -34.82 30.31 -10.25
N ALA G 320 -35.42 30.55 -9.10
CA ALA G 320 -36.66 31.29 -9.01
C ALA G 320 -36.44 32.45 -8.08
N GLY G 321 -36.71 33.66 -8.56
CA GLY G 321 -36.50 34.88 -7.77
C GLY G 321 -37.67 35.85 -7.74
N VAL G 322 -37.77 36.63 -6.67
CA VAL G 322 -38.75 37.71 -6.58
C VAL G 322 -38.13 38.99 -6.03
N ALA G 323 -38.53 40.13 -6.59
CA ALA G 323 -38.00 41.44 -6.16
C ALA G 323 -39.08 42.50 -5.94
N VAL G 324 -38.85 43.34 -4.94
CA VAL G 324 -39.77 44.42 -4.58
C VAL G 324 -38.97 45.72 -4.54
N GLU G 325 -39.32 46.64 -5.43
CA GLU G 325 -38.67 47.95 -5.51
C GLU G 325 -39.63 49.08 -5.12
N VAL G 326 -39.32 49.81 -4.06
CA VAL G 326 -40.15 50.94 -3.67
C VAL G 326 -39.40 52.26 -3.68
N SER G 327 -39.48 52.95 -4.82
CA SER G 327 -38.79 54.23 -5.03
C SER G 327 -39.69 55.45 -4.88
N SER G 328 -39.08 56.62 -4.82
CA SER G 328 -39.80 57.88 -4.80
C SER G 328 -38.87 59.01 -5.22
N THR G 329 -39.44 60.09 -5.73
CA THR G 329 -38.62 61.23 -6.15
C THR G 329 -39.28 62.61 -5.90
N ILE G 330 -38.46 63.57 -5.49
CA ILE G 330 -38.88 64.96 -5.27
C ILE G 330 -38.15 65.88 -6.26
N GLU G 331 -38.93 66.51 -7.15
CA GLU G 331 -38.37 67.34 -8.22
C GLU G 331 -39.05 68.72 -8.28
N LYS G 332 -38.30 69.79 -8.01
CA LYS G 332 -38.84 71.15 -8.12
C LYS G 332 -38.18 71.94 -9.25
N GLY G 333 -39.03 72.45 -10.14
CA GLY G 333 -38.61 72.97 -11.44
C GLY G 333 -39.56 73.95 -12.11
N VAL G 334 -39.47 75.22 -11.71
CA VAL G 334 -40.09 76.33 -12.45
C VAL G 334 -39.05 77.42 -12.79
N ILE G 335 -39.23 78.02 -13.98
CA ILE G 335 -38.29 79.01 -14.54
C ILE G 335 -36.82 78.59 -14.39
N PHE G 336 -36.55 77.46 -15.04
CA PHE G 336 -35.48 77.23 -16.02
C PHE G 336 -34.52 76.06 -15.72
N ALA G 337 -34.02 76.02 -14.49
CA ALA G 337 -33.19 74.91 -14.02
C ALA G 337 -33.98 74.00 -13.08
N LYS G 338 -34.03 72.71 -13.43
CA LYS G 338 -34.76 71.71 -12.63
C LYS G 338 -33.81 70.82 -11.82
N ALA G 339 -34.22 70.43 -10.61
CA ALA G 339 -33.39 69.57 -9.73
C ALA G 339 -34.21 68.56 -8.92
N THR G 340 -33.83 67.29 -9.06
CA THR G 340 -34.49 66.18 -8.35
C THR G 340 -33.54 65.40 -7.42
N VAL G 341 -34.11 64.77 -6.38
CA VAL G 341 -33.43 63.73 -5.60
C VAL G 341 -34.32 62.50 -5.44
N SER G 342 -33.75 61.34 -5.75
CA SER G 342 -34.47 60.05 -5.70
C SER G 342 -33.94 59.11 -4.62
N VAL G 343 -34.86 58.40 -3.97
CA VAL G 343 -34.49 57.35 -3.02
C VAL G 343 -35.25 56.08 -3.37
N LYS G 344 -34.48 55.05 -3.72
CA LYS G 344 -35.00 53.74 -4.11
C LYS G 344 -34.60 52.68 -3.08
N VAL G 345 -35.53 51.79 -2.75
CA VAL G 345 -35.20 50.65 -1.89
C VAL G 345 -35.67 49.36 -2.55
N THR G 346 -34.72 48.43 -2.75
CA THR G 346 -35.01 47.12 -3.34
C THR G 346 -34.77 45.99 -2.34
N ALA G 347 -35.54 44.92 -2.47
CA ALA G 347 -35.37 43.74 -1.65
C ALA G 347 -35.64 42.49 -2.48
N SER G 348 -34.65 41.60 -2.57
CA SER G 348 -34.79 40.38 -3.37
C SER G 348 -34.61 39.08 -2.58
N LEU G 349 -35.21 38.00 -3.10
CA LEU G 349 -35.18 36.71 -2.47
C LEU G 349 -35.28 35.68 -3.59
N SER G 350 -34.21 34.93 -3.80
CA SER G 350 -34.21 33.87 -4.81
C SER G 350 -33.86 32.50 -4.20
N LYS G 351 -34.11 31.44 -4.96
CA LYS G 351 -33.76 30.09 -4.55
C LYS G 351 -33.42 29.22 -5.74
N ALA G 352 -32.19 28.73 -5.77
CA ALA G 352 -31.69 27.87 -6.84
C ALA G 352 -31.61 26.42 -6.41
N TRP G 353 -31.93 25.50 -7.32
CA TRP G 353 -31.79 24.07 -7.09
C TRP G 353 -30.85 23.47 -8.13
N THR G 354 -29.70 22.98 -7.72
CA THR G 354 -28.80 22.32 -8.66
C THR G 354 -28.73 20.84 -8.39
N ASN G 355 -28.77 20.05 -9.46
CA ASN G 355 -28.31 18.68 -9.33
C ASN G 355 -27.44 18.22 -10.47
N SER G 356 -26.49 17.35 -10.15
CA SER G 356 -25.46 16.97 -11.10
C SER G 356 -25.02 15.54 -10.90
N GLN G 357 -24.46 14.98 -11.95
CA GLN G 357 -23.88 13.66 -11.85
C GLN G 357 -22.66 13.56 -12.76
N SER G 358 -21.62 12.96 -12.23
CA SER G 358 -20.44 12.74 -13.03
C SER G 358 -20.03 11.29 -12.96
N GLY G 359 -19.10 10.93 -13.82
CA GLY G 359 -18.55 9.61 -13.85
C GLY G 359 -17.10 9.74 -14.26
N THR G 360 -16.25 9.01 -13.59
CA THR G 360 -14.87 9.05 -13.98
C THR G 360 -14.21 7.65 -14.00
N THR G 361 -13.30 7.45 -14.96
CA THR G 361 -12.53 6.23 -15.07
C THR G 361 -11.07 6.59 -14.85
N ALA G 362 -10.31 5.68 -14.27
CA ALA G 362 -8.91 5.93 -14.03
C ALA G 362 -8.14 4.64 -14.19
N ILE G 363 -7.28 4.60 -15.20
CA ILE G 363 -6.45 3.44 -15.39
C ILE G 363 -5.04 3.72 -14.87
N THR G 364 -4.46 2.76 -14.16
CA THR G 364 -3.12 2.96 -13.67
C THR G 364 -2.19 1.83 -14.14
N TYR G 365 -0.97 2.22 -14.58
CA TYR G 365 0.03 1.29 -15.12
C TYR G 365 1.30 1.38 -14.28
N THR G 366 1.96 0.27 -14.01
CA THR G 366 3.22 0.33 -13.27
C THR G 366 4.31 -0.40 -14.05
N CYS G 367 5.55 0.07 -13.96
CA CYS G 367 6.66 -0.57 -14.65
C CYS G 367 7.27 -1.58 -13.68
N ASP G 368 7.13 -2.86 -14.03
CA ASP G 368 7.54 -3.93 -13.15
C ASP G 368 8.71 -4.75 -13.66
N ASN G 369 8.84 -4.83 -14.98
CA ASN G 369 9.86 -5.68 -15.59
C ASN G 369 10.29 -5.15 -16.93
N TYR G 370 11.49 -5.50 -17.36
CA TYR G 370 11.91 -5.20 -18.72
C TYR G 370 11.44 -6.33 -19.65
N ASP G 371 11.61 -6.17 -20.97
CA ASP G 371 11.29 -7.27 -21.90
C ASP G 371 12.09 -8.56 -21.63
N SER G 372 13.28 -8.41 -21.06
CA SER G 372 14.14 -9.51 -20.69
C SER G 372 13.61 -10.27 -19.49
N ASP G 373 12.55 -9.74 -18.88
CA ASP G 373 11.89 -10.35 -17.70
C ASP G 373 12.56 -10.09 -16.33
N GLU G 374 13.65 -9.31 -16.27
CA GLU G 374 14.24 -8.90 -15.00
C GLU G 374 13.34 -7.88 -14.36
N GLU G 375 13.49 -7.68 -13.05
CA GLU G 375 12.70 -6.68 -12.34
C GLU G 375 13.13 -5.28 -12.76
N PHE G 376 12.16 -4.37 -12.87
CA PHE G 376 12.39 -2.97 -13.24
C PHE G 376 12.85 -2.27 -11.98
N THR G 377 14.03 -1.68 -12.01
CA THR G 377 14.51 -0.89 -10.88
C THR G 377 14.91 0.53 -11.33
N ARG G 378 14.75 0.80 -12.61
CA ARG G 378 15.02 2.09 -13.21
C ARG G 378 14.68 1.99 -14.69
N GLY G 379 14.55 3.15 -15.32
CA GLY G 379 14.26 3.22 -16.73
C GLY G 379 13.12 4.16 -17.03
N CYS G 380 12.51 3.95 -18.19
CA CYS G 380 11.54 4.89 -18.71
C CYS G 380 10.25 4.22 -19.04
N MET G 381 9.17 4.96 -18.94
CA MET G 381 7.89 4.44 -19.35
C MET G 381 7.47 5.07 -20.68
N TRP G 382 6.96 4.23 -21.58
CA TRP G 382 6.63 4.68 -22.93
C TRP G 382 5.16 4.41 -23.27
N GLN G 383 4.63 5.25 -24.15
CA GLN G 383 3.24 5.19 -24.52
C GLN G 383 3.18 5.13 -26.02
N LEU G 384 2.45 4.15 -26.57
CA LEU G 384 2.32 4.03 -28.03
C LEU G 384 1.76 5.30 -28.66
N ALA G 385 2.35 5.74 -29.77
CA ALA G 385 1.96 7.02 -30.37
C ALA G 385 0.61 7.04 -31.12
N ILE G 386 0.10 5.89 -31.55
CA ILE G 386 -1.17 5.88 -32.28
C ILE G 386 -2.32 6.29 -31.39
N GLU G 387 -3.11 7.26 -31.86
CA GLU G 387 -4.34 7.68 -31.17
C GLU G 387 -5.32 6.54 -31.33
N THR G 388 -6.23 6.39 -30.37
CA THR G 388 -6.95 5.13 -30.25
C THR G 388 -8.45 5.28 -30.02
N THR G 389 -9.18 4.25 -30.40
CA THR G 389 -10.64 4.25 -30.36
C THR G 389 -11.19 4.26 -28.92
N GLU G 390 -11.86 5.36 -28.56
CA GLU G 390 -12.40 5.54 -27.20
C GLU G 390 -13.45 4.50 -26.84
N VAL G 391 -13.42 4.06 -25.60
CA VAL G 391 -14.43 3.16 -25.11
C VAL G 391 -15.38 3.97 -24.22
N LYS G 392 -16.68 3.71 -24.38
CA LYS G 392 -17.72 4.35 -23.61
C LYS G 392 -18.55 3.32 -22.87
N SER G 393 -19.19 3.73 -21.77
CA SER G 393 -20.12 2.89 -21.06
C SER G 393 -21.18 3.77 -20.45
N GLY G 394 -22.32 3.86 -21.14
CA GLY G 394 -23.36 4.82 -20.82
C GLY G 394 -22.88 6.23 -21.10
N ASP G 395 -23.49 7.19 -20.42
CA ASP G 395 -23.34 8.59 -20.77
C ASP G 395 -22.14 9.28 -20.17
N LEU G 396 -21.66 8.77 -19.04
CA LEU G 396 -20.64 9.51 -18.30
C LEU G 396 -19.33 8.78 -17.96
N LEU G 397 -19.17 7.58 -18.52
CA LEU G 397 -17.91 6.85 -18.42
C LEU G 397 -17.20 6.76 -19.77
N VAL G 398 -15.95 7.24 -19.82
CA VAL G 398 -15.17 7.14 -21.04
C VAL G 398 -13.74 6.73 -20.72
N TRP G 399 -13.16 5.92 -21.59
CA TRP G 399 -11.76 5.52 -21.52
C TRP G 399 -11.11 5.97 -22.82
N ASN G 400 -9.84 6.32 -22.80
CA ASN G 400 -9.09 6.13 -24.03
C ASN G 400 -7.83 5.34 -23.82
N PRO G 401 -7.87 4.06 -24.26
CA PRO G 401 -6.90 3.03 -23.99
C PRO G 401 -5.51 3.47 -24.40
N GLN G 402 -4.52 3.13 -23.58
CA GLN G 402 -3.15 3.37 -23.93
C GLN G 402 -2.47 2.01 -23.97
N ILE G 403 -1.40 1.92 -24.75
CA ILE G 403 -0.51 0.80 -24.66
C ILE G 403 0.83 1.32 -24.20
N VAL G 404 1.24 0.84 -23.03
CA VAL G 404 2.40 1.29 -22.30
C VAL G 404 3.52 0.23 -22.32
N LYS G 405 4.77 0.71 -22.35
CA LYS G 405 5.95 -0.15 -22.38
C LYS G 405 6.98 0.45 -21.43
N CYS G 406 7.88 -0.37 -20.88
CA CYS G 406 8.95 0.15 -20.02
C CYS G 406 10.28 -0.40 -20.46
N THR G 407 11.32 0.44 -20.43
CA THR G 407 12.65 0.07 -20.90
C THR G 407 13.72 0.37 -19.88
N ARG G 408 14.91 -0.15 -20.09
CA ARG G 408 16.07 -0.06 -19.17
C ARG G 408 16.64 1.36 -19.11
N SER G 409 16.55 2.09 -20.22
CA SER G 409 17.18 3.40 -20.35
C SER G 409 16.29 4.26 -21.23
N ASN G 410 16.77 5.43 -21.62
CA ASN G 410 15.89 6.40 -22.28
C ASN G 410 16.07 6.50 -23.76
N THR G 411 16.67 5.47 -24.35
CA THR G 411 16.74 5.39 -25.81
C THR G 411 15.42 4.79 -26.33
N ALA G 412 14.82 5.47 -27.31
CA ALA G 412 13.44 5.18 -27.72
C ALA G 412 13.32 3.84 -28.39
N PRO G 413 12.34 3.04 -27.96
CA PRO G 413 12.06 1.75 -28.58
C PRO G 413 11.27 1.89 -29.87
N GLY G 414 11.32 0.87 -30.73
CA GLY G 414 10.67 0.92 -32.03
C GLY G 414 9.83 -0.32 -32.23
N CYS G 415 10.10 -1.35 -31.43
CA CYS G 415 9.37 -2.60 -31.54
C CYS G 415 7.87 -2.44 -31.33
N ALA G 416 7.09 -3.32 -31.96
CA ALA G 416 5.64 -3.27 -31.92
C ALA G 416 5.16 -3.70 -30.54
N PRO G 417 3.94 -3.28 -30.17
CA PRO G 417 3.35 -3.78 -28.94
C PRO G 417 3.48 -5.29 -28.85
N PHE G 418 3.85 -5.75 -27.67
CA PHE G 418 4.03 -7.17 -27.38
C PHE G 418 5.08 -7.84 -28.23
N THR G 419 6.14 -7.08 -28.45
CA THR G 419 7.24 -7.40 -29.33
C THR G 419 8.50 -6.86 -28.71
N LYS G 420 9.54 -7.69 -28.76
CA LYS G 420 10.75 -7.53 -27.99
C LYS G 420 11.94 -7.47 -28.97
N CYS G 421 13.04 -6.83 -28.57
CA CYS G 421 14.26 -6.87 -29.38
C CYS G 421 14.69 -8.30 -29.55
N ALA G 422 15.06 -8.63 -30.77
CA ALA G 422 15.49 -9.99 -31.10
C ALA G 422 17.02 -10.11 -31.16
N ASN G 423 17.68 -9.00 -31.42
CA ASN G 423 19.12 -8.96 -31.53
C ASN G 423 19.73 -7.84 -30.68
N GLU G 424 21.03 -7.97 -30.42
CA GLU G 424 21.78 -7.06 -29.55
C GLU G 424 21.52 -5.57 -29.78
N ASP G 425 21.50 -5.12 -31.03
CA ASP G 425 21.28 -3.70 -31.29
C ASP G 425 19.86 -3.37 -31.75
N CYS G 426 18.96 -4.33 -31.50
CA CYS G 426 17.52 -4.12 -31.65
C CYS G 426 17.05 -3.56 -33.02
N THR G 427 17.49 -4.20 -34.09
CA THR G 427 17.04 -3.84 -35.43
C THR G 427 16.00 -4.84 -35.91
N PHE G 428 15.79 -5.88 -35.10
CA PHE G 428 14.72 -6.85 -35.35
C PHE G 428 13.94 -7.09 -34.07
N CYS G 429 12.66 -7.43 -34.27
CA CYS G 429 11.73 -7.58 -33.18
C CYS G 429 11.10 -8.94 -33.29
N THR G 430 10.92 -9.60 -32.16
CA THR G 430 10.22 -10.91 -32.11
C THR G 430 9.09 -10.89 -31.08
N ASP G 431 8.15 -11.81 -31.23
CA ASP G 431 7.00 -11.87 -30.31
C ASP G 431 7.46 -12.13 -28.89
N ILE G 432 6.85 -11.42 -27.94
CA ILE G 432 7.32 -11.44 -26.56
C ILE G 432 6.99 -12.77 -25.86
#